data_7TJQ
#
_entry.id   7TJQ
#
_cell.length_a   1.00
_cell.length_b   1.00
_cell.length_c   1.00
_cell.angle_alpha   90.00
_cell.angle_beta   90.00
_cell.angle_gamma   90.00
#
_symmetry.space_group_name_H-M   'P 1'
#
loop_
_entity.id
_entity.type
_entity.pdbx_description
1 polymer 'SAN27-14 Fab heavy chain'
2 polymer 'SAN27-14 Fab light chain'
3 polymer 'Fusion glycoprotein F0'
4 polymer 'MPE8 Fab heavy chain'
5 polymer 'MPE8 Fab light chain'
6 branched 2-acetamido-2-deoxy-beta-D-glucopyranose-(1-4)-2-acetamido-2-deoxy-beta-D-glucopyranose
#
loop_
_entity_poly.entity_id
_entity_poly.type
_entity_poly.pdbx_seq_one_letter_code
_entity_poly.pdbx_strand_id
1 'polypeptide(L)'
;QVRLEQSGADVKKPGASVRVSCKASGYTFNGYYIHWVRQAPGQGLEWMGWINPYTGETNYAQTFRGRVTLTRDTSLKTLH
LDLISLRSGDTAIYYCARGNCSISGCYYSWLDHWGQGTLVTVSS
;
A,D,H
2 'polypeptide(L)'
;DIQMTQSPSTLSASVGDRVTITCRASQSINTWLAWYQQKPGKAPKLLIYEASSLERGVPSRFSGSGSGTGFTLTISSLQP
DDFATYFCQQYNTYPRTFGQGTKVEIKRTVAAPSV
;
B,E,L
3 'polypeptide(L)'
;MSWKVVIIFSLLITPQHGLKESYLEESCSTITEGYLSVLRTGWYTNVFTLEVGDVENLTCADGPSLIKTELDLTKSALRE
LRTVSADQLAREEQIENPRRRRFVLGAIACGVATAAAVTAGVAIAKCIRLESEVTAIKNCLKKTNECVSTLGCGVRVLAT
AVRELKDFVSKNLTRAINKNKCDIPDLKMAVSFSQFNRRFLNVVRQFSDNAGITPAISKDLMTDAELARAISNMPTSAGQ
IKLMLENRAMVRRKGFGILIGVYGSSVIYMVQLPIFGVIDTPCWIVKAAPSCSEKKGNYACLLREDQGWYCQNAGSTVYY
PCEKDCETRGDHVFCDTAAGINVAEQSKECNINISTTNYPCKVSCGRHPISMVALSPLGALVACYKGVSCSIGSNRVGII
KQLNKGCSYITNQDADTVTIDNTVYQLSKVEGEQHVIKGRPVSSSFDPVKFPQDQFNVALDQCFESIENSQALVDQSNRI
LSSAEKGNTGGGGSGYIPEAPRDGQAYVRKDGEWVLLSTFLGRSLEVLFQGPGHHHHHHHHSAWSHPQFEK
;
C,F,G
4 'polypeptide(L)'
;EVQLVESGGGLVKPGGSLRLSCAASGFTFSSYSMNWVRQAPGKGLEWVSSISASSSYSDYADSAKGRFTISRDNAKTSLF
LQMNSLRAEDTAIYFCARARATGYSSITPYFDIWGQGTLVTVSSASTKGPSVFPLAPSSKSTSGGTAALGCLVKDYFPEP
VTVSWNSGALTSGVHTFPAVLQSSGLYSLSSVVTVPSSSLGTQTYICNVNHKPSNTKVDKKVEPKSCDQS
;
I,J,N
5 'polypeptide(L)'
;VVTQPPSVSGAPGQRVTISCTGSSSNIGAGYDVHWYQQLPGTAPKLLIYDNNNRPSGVPDRFSASKSGTSASLAITGLQA
EDEADYYCQSYDRSLSGVFGTGTKVTVLGQPKAAPSVTLFPPSSEELQANKATLVCLISDFYPGAVTVAWKADSSPVKAG
VETTTPSKQSNNKYAASSYLSLTPEQWKSHKSYSCQVTHEGSTVEKTVAPTECS
;
K,M,O
#
loop_
_chem_comp.id
_chem_comp.type
_chem_comp.name
_chem_comp.formula
NAG D-saccharide, beta linking 2-acetamido-2-deoxy-beta-D-glucopyranose 'C8 H15 N O6'
#
# COMPACT_ATOMS: atom_id res chain seq x y z
N GLN A 1 27.28 -2.89 -43.77
CA GLN A 1 27.21 -1.44 -43.73
C GLN A 1 25.75 -0.98 -43.75
N VAL A 2 25.52 0.25 -43.29
CA VAL A 2 24.18 0.83 -43.32
C VAL A 2 23.78 1.07 -44.78
N ARG A 3 22.73 0.40 -45.22
CA ARG A 3 22.25 0.52 -46.60
C ARG A 3 20.74 0.71 -46.62
N LEU A 4 20.29 1.66 -47.45
CA LEU A 4 18.88 2.00 -47.65
C LEU A 4 18.52 1.71 -49.11
N GLU A 5 18.15 0.46 -49.39
CA GLU A 5 17.82 0.03 -50.75
C GLU A 5 16.43 0.54 -51.12
N GLN A 6 16.39 1.66 -51.86
CA GLN A 6 15.15 2.24 -52.33
C GLN A 6 14.59 1.53 -53.57
N SER A 7 13.30 1.71 -53.80
CA SER A 7 12.62 1.27 -55.01
C SER A 7 13.11 1.94 -56.27
N GLY A 8 13.14 1.19 -57.37
CA GLY A 8 13.35 1.75 -58.69
C GLY A 8 12.25 2.68 -59.15
N ALA A 9 12.49 3.30 -60.31
CA ALA A 9 11.63 4.34 -60.87
C ALA A 9 10.21 3.85 -61.13
N ASP A 10 9.29 4.81 -61.25
CA ASP A 10 7.97 4.57 -61.80
C ASP A 10 7.45 5.86 -62.42
N VAL A 11 6.37 5.72 -63.21
CA VAL A 11 5.74 6.84 -63.92
C VAL A 11 4.24 6.81 -63.66
N LYS A 12 3.65 7.99 -63.49
CA LYS A 12 2.25 8.13 -63.07
C LYS A 12 1.60 9.30 -63.78
N LYS A 13 0.26 9.26 -63.88
CA LYS A 13 -0.53 10.38 -64.37
C LYS A 13 -0.71 11.44 -63.28
N PRO A 14 -0.93 12.70 -63.65
CA PRO A 14 -1.42 13.67 -62.68
C PRO A 14 -2.76 13.25 -62.09
N GLY A 15 -2.92 13.49 -60.79
CA GLY A 15 -4.05 12.98 -60.03
C GLY A 15 -3.94 11.56 -59.53
N ALA A 16 -2.97 10.79 -60.01
CA ALA A 16 -2.70 9.46 -59.45
C ALA A 16 -1.96 9.57 -58.12
N SER A 17 -1.64 8.41 -57.55
CA SER A 17 -0.89 8.31 -56.31
C SER A 17 0.28 7.35 -56.51
N VAL A 18 1.33 7.52 -55.71
CA VAL A 18 2.55 6.72 -55.80
C VAL A 18 2.96 6.25 -54.41
N ARG A 19 3.38 4.98 -54.31
CA ARG A 19 3.93 4.43 -53.07
C ARG A 19 5.40 4.03 -53.27
N VAL A 20 6.29 4.92 -52.84
CA VAL A 20 7.73 4.66 -52.83
C VAL A 20 8.09 3.75 -51.66
N SER A 21 9.22 3.05 -51.78
CA SER A 21 9.68 2.11 -50.75
C SER A 21 11.16 2.29 -50.46
N CYS A 22 11.56 1.89 -49.25
CA CYS A 22 12.95 1.95 -48.79
C CYS A 22 13.21 0.81 -47.82
N LYS A 23 13.96 -0.20 -48.25
CA LYS A 23 14.38 -1.29 -47.39
C LYS A 23 15.61 -0.86 -46.58
N ALA A 24 15.48 -0.84 -45.26
CA ALA A 24 16.59 -0.56 -44.35
C ALA A 24 17.40 -1.81 -44.04
N SER A 25 18.70 -1.61 -43.76
CA SER A 25 19.56 -2.72 -43.36
C SER A 25 20.82 -2.18 -42.72
N GLY A 26 21.49 -3.06 -41.96
CA GLY A 26 22.76 -2.75 -41.33
C GLY A 26 22.71 -1.89 -40.08
N TYR A 27 21.52 -1.52 -39.62
CA TYR A 27 21.38 -0.68 -38.43
C TYR A 27 20.18 -1.16 -37.62
N THR A 28 20.21 -0.84 -36.33
CA THR A 28 19.10 -1.19 -35.43
C THR A 28 17.89 -0.36 -35.77
N PHE A 29 17.01 -0.96 -36.59
CA PHE A 29 16.00 -0.24 -37.36
C PHE A 29 15.18 0.73 -36.52
N ASN A 30 14.68 0.26 -35.37
CA ASN A 30 13.81 1.08 -34.53
C ASN A 30 14.51 2.28 -33.90
N GLY A 31 15.84 2.29 -33.88
CA GLY A 31 16.58 3.26 -33.10
C GLY A 31 16.89 4.59 -33.75
N TYR A 32 16.67 4.73 -35.06
CA TYR A 32 17.04 5.94 -35.78
C TYR A 32 15.91 6.38 -36.70
N TYR A 33 15.66 7.69 -36.75
CA TYR A 33 14.62 8.24 -37.60
C TYR A 33 14.99 8.06 -39.06
N ILE A 34 13.97 8.03 -39.92
CA ILE A 34 14.15 8.09 -41.36
C ILE A 34 13.46 9.32 -41.91
N HIS A 35 14.21 10.12 -42.66
CA HIS A 35 13.70 11.30 -43.33
C HIS A 35 13.49 11.00 -44.80
N TRP A 36 12.38 11.50 -45.34
CA TRP A 36 12.15 11.50 -46.78
C TRP A 36 12.30 12.92 -47.31
N VAL A 37 13.07 13.07 -48.39
CA VAL A 37 13.43 14.35 -48.96
C VAL A 37 13.38 14.23 -50.48
N ARG A 38 13.23 15.37 -51.14
CA ARG A 38 12.86 15.42 -52.55
C ARG A 38 13.81 16.35 -53.29
N GLN A 39 14.12 15.99 -54.54
CA GLN A 39 14.93 16.83 -55.43
C GLN A 39 14.27 16.91 -56.80
N ALA A 40 13.51 17.97 -57.04
CA ALA A 40 13.03 18.26 -58.40
C ALA A 40 14.21 18.66 -59.28
N PRO A 41 14.42 18.00 -60.41
CA PRO A 41 15.55 18.37 -61.28
C PRO A 41 15.54 19.86 -61.62
N GLY A 42 16.70 20.49 -61.45
CA GLY A 42 16.82 21.92 -61.58
C GLY A 42 16.50 22.72 -60.34
N GLN A 43 16.20 22.06 -59.22
CA GLN A 43 15.85 22.72 -57.97
C GLN A 43 16.62 22.10 -56.82
N GLY A 44 16.66 22.85 -55.71
CA GLY A 44 17.31 22.34 -54.51
C GLY A 44 16.51 21.26 -53.82
N LEU A 45 17.19 20.54 -52.93
CA LEU A 45 16.57 19.50 -52.13
C LEU A 45 15.44 20.06 -51.26
N GLU A 46 14.39 19.26 -51.10
CA GLU A 46 13.18 19.67 -50.42
C GLU A 46 12.77 18.56 -49.45
N TRP A 47 12.46 18.93 -48.21
CA TRP A 47 12.17 17.97 -47.16
C TRP A 47 10.69 17.60 -47.16
N MET A 48 10.40 16.30 -47.30
CA MET A 48 9.03 15.80 -47.19
C MET A 48 8.57 15.72 -45.74
N GLY A 49 9.36 15.08 -44.90
CA GLY A 49 8.94 14.68 -43.57
C GLY A 49 9.86 13.64 -43.00
N TRP A 50 9.53 13.21 -41.77
CA TRP A 50 10.24 12.10 -41.13
C TRP A 50 9.26 11.13 -40.50
N ILE A 51 9.72 9.90 -40.30
CA ILE A 51 9.00 8.87 -39.58
C ILE A 51 9.89 8.29 -38.49
N ASN A 52 9.34 8.13 -37.29
CA ASN A 52 9.96 7.35 -36.23
C ASN A 52 9.64 5.87 -36.41
N PRO A 53 10.63 5.03 -36.72
CA PRO A 53 10.33 3.62 -37.01
C PRO A 53 9.87 2.85 -35.79
N TYR A 54 10.22 3.27 -34.58
CA TYR A 54 9.77 2.57 -33.38
C TYR A 54 8.27 2.73 -33.18
N THR A 55 7.80 3.97 -33.05
CA THR A 55 6.40 4.28 -32.77
C THR A 55 5.57 4.49 -34.03
N GLY A 56 6.20 4.66 -35.19
CA GLY A 56 5.48 5.05 -36.38
C GLY A 56 5.00 6.47 -36.38
N GLU A 57 5.41 7.29 -35.41
CA GLU A 57 5.02 8.68 -35.39
C GLU A 57 5.70 9.43 -36.54
N THR A 58 5.04 10.46 -37.04
CA THR A 58 5.53 11.15 -38.23
C THR A 58 5.40 12.65 -38.06
N ASN A 59 6.19 13.37 -38.84
CA ASN A 59 5.98 14.78 -39.13
C ASN A 59 6.00 14.99 -40.63
N TYR A 60 5.06 15.80 -41.13
CA TYR A 60 5.02 16.15 -42.55
C TYR A 60 5.18 17.65 -42.71
N ALA A 61 5.93 18.04 -43.74
CA ALA A 61 6.07 19.46 -44.04
C ALA A 61 4.72 20.07 -44.36
N GLN A 62 4.58 21.36 -44.03
CA GLN A 62 3.33 22.07 -44.28
C GLN A 62 2.91 22.02 -45.75
N THR A 63 3.87 21.92 -46.67
CA THR A 63 3.58 21.87 -48.10
C THR A 63 3.17 20.50 -48.62
N PHE A 64 3.30 19.44 -47.81
CA PHE A 64 2.86 18.12 -48.23
C PHE A 64 1.80 17.51 -47.32
N ARG A 65 1.53 18.10 -46.15
CA ARG A 65 0.53 17.55 -45.24
C ARG A 65 -0.81 17.35 -45.92
N GLY A 66 -1.41 16.20 -45.65
CA GLY A 66 -2.62 15.74 -46.33
C GLY A 66 -2.42 14.98 -47.64
N ARG A 67 -1.44 15.40 -48.44
CA ARG A 67 -1.12 14.64 -49.64
C ARG A 67 -0.18 13.46 -49.36
N VAL A 68 0.85 13.65 -48.55
CA VAL A 68 1.76 12.58 -48.20
C VAL A 68 1.22 11.77 -47.03
N THR A 69 1.66 10.51 -46.93
CA THR A 69 1.58 9.73 -45.70
C THR A 69 2.74 8.74 -45.66
N LEU A 70 3.56 8.82 -44.61
CA LEU A 70 4.65 7.86 -44.40
C LEU A 70 4.17 6.65 -43.62
N THR A 71 4.92 5.55 -43.75
CA THR A 71 4.57 4.27 -43.14
C THR A 71 5.83 3.44 -43.01
N ARG A 72 5.81 2.46 -42.10
CA ARG A 72 6.87 1.47 -42.04
C ARG A 72 6.29 0.10 -41.67
N ASP A 73 7.01 -0.94 -42.07
CA ASP A 73 6.81 -2.31 -41.59
C ASP A 73 8.02 -2.73 -40.78
N THR A 74 7.83 -2.90 -39.47
CA THR A 74 8.93 -3.26 -38.57
C THR A 74 9.37 -4.70 -38.73
N SER A 75 8.56 -5.55 -39.35
CA SER A 75 8.98 -6.93 -39.60
C SER A 75 9.85 -7.03 -40.84
N LEU A 76 9.49 -6.32 -41.91
CA LEU A 76 10.29 -6.30 -43.12
C LEU A 76 11.42 -5.29 -43.07
N LYS A 77 11.56 -4.56 -41.97
CA LYS A 77 12.49 -3.43 -41.84
C LYS A 77 12.43 -2.50 -43.06
N THR A 78 11.22 -2.23 -43.53
CA THR A 78 11.01 -1.51 -44.78
C THR A 78 10.19 -0.26 -44.51
N LEU A 79 10.50 0.81 -45.23
CA LEU A 79 9.83 2.09 -45.10
C LEU A 79 9.17 2.48 -46.41
N HIS A 80 8.03 3.16 -46.34
CA HIS A 80 7.27 3.56 -47.51
C HIS A 80 6.82 5.01 -47.44
N LEU A 81 6.84 5.67 -48.59
CA LEU A 81 6.24 6.98 -48.78
C LEU A 81 5.05 6.86 -49.73
N ASP A 82 3.87 7.25 -49.25
CA ASP A 82 2.66 7.29 -50.06
C ASP A 82 2.29 8.75 -50.31
N LEU A 83 2.14 9.11 -51.58
CA LEU A 83 1.83 10.48 -51.96
C LEU A 83 0.64 10.50 -52.92
N ILE A 84 -0.35 11.33 -52.61
CA ILE A 84 -1.67 11.30 -53.24
C ILE A 84 -1.88 12.57 -54.07
N SER A 85 -2.62 12.42 -55.18
CA SER A 85 -2.98 13.53 -56.06
C SER A 85 -1.74 14.24 -56.61
N LEU A 86 -0.96 13.49 -57.38
CA LEU A 86 0.27 13.96 -57.98
C LEU A 86 0.01 15.09 -58.97
N ARG A 87 1.05 15.90 -59.17
CA ARG A 87 1.01 17.04 -60.09
C ARG A 87 2.27 17.00 -60.93
N SER A 88 2.26 17.75 -62.03
CA SER A 88 3.47 17.91 -62.84
C SER A 88 4.64 18.44 -62.02
N GLY A 89 4.38 19.31 -61.06
CA GLY A 89 5.38 19.81 -60.13
C GLY A 89 5.97 18.77 -59.18
N ASP A 90 5.38 17.59 -59.10
CA ASP A 90 5.94 16.49 -58.32
C ASP A 90 6.87 15.58 -59.12
N THR A 91 7.23 15.96 -60.35
CA THR A 91 8.34 15.31 -61.03
C THR A 91 9.64 15.54 -60.28
N ALA A 92 10.10 14.53 -59.54
CA ALA A 92 11.28 14.72 -58.71
C ALA A 92 11.90 13.38 -58.36
N ILE A 93 13.14 13.44 -57.88
CA ILE A 93 13.81 12.33 -57.21
C ILE A 93 13.48 12.35 -55.72
N TYR A 94 13.00 11.21 -55.21
CA TYR A 94 12.64 11.03 -53.81
C TYR A 94 13.68 10.20 -53.09
N TYR A 95 14.17 10.68 -51.95
CA TYR A 95 15.25 10.04 -51.21
C TYR A 95 14.81 9.65 -49.80
N CYS A 96 15.34 8.50 -49.37
CA CYS A 96 15.21 7.96 -48.02
C CYS A 96 16.52 8.19 -47.28
N ALA A 97 16.47 8.80 -46.09
CA ALA A 97 17.70 9.03 -45.36
C ALA A 97 17.56 8.81 -43.85
N ARG A 98 18.55 8.11 -43.29
CA ARG A 98 18.65 7.87 -41.85
C ARG A 98 19.08 9.14 -41.10
N GLY A 99 18.26 9.56 -40.14
CA GLY A 99 18.65 10.64 -39.25
C GLY A 99 19.67 10.22 -38.19
N ASN A 100 20.54 11.17 -37.83
CA ASN A 100 21.37 11.09 -36.64
C ASN A 100 21.36 12.45 -35.95
N CYS A 101 21.76 12.46 -34.67
CA CYS A 101 21.26 13.46 -33.73
C CYS A 101 22.37 14.33 -33.16
N SER A 102 22.08 15.62 -33.01
CA SER A 102 22.96 16.49 -32.25
C SER A 102 22.94 16.11 -30.77
N ILE A 103 24.04 16.43 -30.08
CA ILE A 103 24.04 16.38 -28.62
C ILE A 103 23.03 17.32 -28.01
N SER A 104 22.47 18.25 -28.78
CA SER A 104 21.31 19.04 -28.39
C SER A 104 20.01 18.23 -28.37
N GLY A 105 20.03 16.99 -28.81
CA GLY A 105 18.85 16.15 -28.92
C GLY A 105 18.37 16.00 -30.36
N CYS A 106 17.68 14.88 -30.60
CA CYS A 106 17.30 14.46 -31.95
C CYS A 106 16.33 15.39 -32.67
N TYR A 107 15.77 16.40 -31.99
CA TYR A 107 15.06 17.45 -32.72
C TYR A 107 16.01 18.11 -33.72
N TYR A 108 17.26 18.30 -33.33
CA TYR A 108 18.35 18.80 -34.16
C TYR A 108 19.03 17.60 -34.82
N SER A 109 18.57 17.21 -36.00
CA SER A 109 19.05 15.97 -36.61
C SER A 109 19.33 16.12 -38.09
N TRP A 110 20.48 15.56 -38.50
CA TRP A 110 20.95 15.52 -39.87
C TRP A 110 20.86 14.09 -40.42
N LEU A 111 21.18 13.95 -41.70
CA LEU A 111 20.88 12.75 -42.48
C LEU A 111 22.17 11.99 -42.81
N ASP A 112 22.55 11.04 -41.97
CA ASP A 112 23.81 10.32 -42.14
C ASP A 112 23.87 9.56 -43.46
N HIS A 113 22.85 8.76 -43.75
CA HIS A 113 22.87 7.78 -44.84
C HIS A 113 21.65 7.94 -45.73
N TRP A 114 21.84 7.80 -47.04
CA TRP A 114 20.81 8.07 -48.02
C TRP A 114 20.61 6.87 -48.94
N GLY A 115 19.36 6.72 -49.43
CA GLY A 115 19.04 5.70 -50.42
C GLY A 115 19.25 6.16 -51.85
N GLN A 116 19.29 5.18 -52.77
CA GLN A 116 19.33 5.51 -54.19
C GLN A 116 18.04 6.22 -54.57
N GLY A 117 18.10 7.50 -54.93
CA GLY A 117 16.88 8.25 -55.10
C GLY A 117 15.91 7.71 -56.14
N THR A 118 14.70 7.35 -55.72
CA THR A 118 13.65 6.94 -56.66
C THR A 118 13.16 8.16 -57.43
N LEU A 119 13.53 8.26 -58.70
CA LEU A 119 12.88 9.22 -59.59
C LEU A 119 11.45 8.78 -59.91
N VAL A 120 10.50 9.71 -59.79
CA VAL A 120 9.11 9.49 -60.16
C VAL A 120 8.68 10.54 -61.18
N THR A 121 8.07 10.10 -62.27
CA THR A 121 7.67 10.96 -63.37
C THR A 121 6.15 11.12 -63.38
N VAL A 122 5.68 12.37 -63.37
CA VAL A 122 4.27 12.70 -63.43
C VAL A 122 3.99 13.45 -64.72
N SER A 123 3.20 12.85 -65.60
CA SER A 123 2.94 13.42 -66.92
C SER A 123 1.59 12.94 -67.41
N SER A 124 0.97 13.75 -68.28
CA SER A 124 -0.02 13.26 -69.22
C SER A 124 0.54 12.19 -70.14
N ASP B 1 10.55 29.97 -41.59
CA ASP B 1 11.21 29.11 -42.56
C ASP B 1 12.59 29.69 -42.92
N ILE B 2 13.65 28.97 -42.57
CA ILE B 2 15.01 29.42 -42.86
C ILE B 2 15.31 29.18 -44.33
N GLN B 3 15.32 30.26 -45.12
CA GLN B 3 15.97 30.22 -46.43
C GLN B 3 17.47 30.10 -46.22
N MET B 4 18.09 29.07 -46.78
CA MET B 4 19.54 29.00 -46.88
C MET B 4 20.02 29.55 -48.21
N THR B 5 21.17 30.22 -48.21
CA THR B 5 21.73 30.83 -49.40
C THR B 5 23.19 30.44 -49.53
N GLN B 6 23.59 30.08 -50.75
CA GLN B 6 24.85 29.37 -50.96
C GLN B 6 25.58 29.98 -52.16
N SER B 7 26.89 30.16 -52.02
CA SER B 7 27.67 30.88 -53.02
C SER B 7 29.08 30.32 -53.06
N PRO B 8 29.77 30.42 -54.22
CA PRO B 8 29.21 30.78 -55.53
C PRO B 8 28.35 29.67 -56.12
N SER B 9 27.50 29.98 -57.09
CA SER B 9 26.59 28.99 -57.64
C SER B 9 27.33 27.87 -58.36
N THR B 10 28.49 28.17 -58.97
CA THR B 10 29.49 27.17 -59.32
C THR B 10 30.89 27.73 -59.07
N LEU B 11 31.85 26.82 -58.97
CA LEU B 11 33.22 27.15 -58.56
C LEU B 11 34.18 26.35 -59.43
N SER B 12 34.69 26.99 -60.48
CA SER B 12 35.75 26.39 -61.30
C SER B 12 37.03 26.27 -60.48
N ALA B 13 37.60 25.06 -60.48
CA ALA B 13 38.72 24.74 -59.60
C ALA B 13 39.66 23.75 -60.29
N SER B 14 40.86 23.63 -59.73
CA SER B 14 41.87 22.71 -60.24
C SER B 14 42.42 21.87 -59.09
N VAL B 15 42.93 20.69 -59.45
CA VAL B 15 43.50 19.78 -58.47
C VAL B 15 44.63 20.43 -57.69
N GLY B 16 44.66 20.19 -56.38
CA GLY B 16 45.59 20.79 -55.47
C GLY B 16 45.17 22.12 -54.87
N ASP B 17 44.31 22.86 -55.56
CA ASP B 17 43.93 24.19 -55.11
C ASP B 17 43.02 24.12 -53.87
N ARG B 18 42.97 25.24 -53.15
CA ARG B 18 42.16 25.38 -51.94
C ARG B 18 40.78 25.92 -52.29
N VAL B 19 39.84 25.01 -52.56
CA VAL B 19 38.44 25.37 -52.69
C VAL B 19 37.88 25.76 -51.33
N THR B 20 37.11 26.85 -51.31
CA THR B 20 36.29 27.19 -50.15
C THR B 20 34.92 27.70 -50.59
N ILE B 21 33.88 27.18 -49.92
CA ILE B 21 32.49 27.32 -50.31
C ILE B 21 31.74 27.95 -49.15
N THR B 22 30.82 28.87 -49.45
CA THR B 22 30.12 29.63 -48.42
C THR B 22 28.64 29.33 -48.44
N CYS B 23 28.03 29.21 -47.26
CA CYS B 23 26.59 29.13 -47.08
C CYS B 23 26.18 30.09 -45.98
N ARG B 24 25.14 30.89 -46.26
CA ARG B 24 24.60 31.84 -45.29
C ARG B 24 23.13 31.55 -45.03
N ALA B 25 22.80 31.39 -43.76
CA ALA B 25 21.42 31.27 -43.29
C ALA B 25 20.72 32.62 -43.33
N SER B 26 19.55 32.67 -42.70
CA SER B 26 18.79 33.89 -42.49
C SER B 26 18.41 34.06 -41.02
N GLN B 27 18.94 33.21 -40.15
CA GLN B 27 18.81 33.33 -38.71
C GLN B 27 19.99 32.60 -38.10
N SER B 28 20.28 32.90 -36.84
CA SER B 28 21.34 32.18 -36.15
C SER B 28 20.89 30.74 -35.94
N ILE B 29 21.41 29.84 -36.77
CA ILE B 29 21.14 28.41 -36.65
C ILE B 29 22.22 27.76 -35.77
N ASN B 30 22.91 28.57 -34.98
CA ASN B 30 24.06 28.15 -34.16
C ASN B 30 25.05 27.37 -35.04
N THR B 31 25.47 26.17 -34.64
CA THR B 31 26.28 25.28 -35.47
C THR B 31 25.45 24.21 -36.17
N TRP B 32 24.14 24.26 -36.10
CA TRP B 32 23.26 23.20 -36.59
C TRP B 32 23.18 23.24 -38.13
N LEU B 33 24.33 23.02 -38.76
CA LEU B 33 24.46 23.09 -40.21
C LEU B 33 25.35 21.96 -40.73
N ALA B 34 24.73 20.97 -41.34
CA ALA B 34 25.42 19.90 -42.05
C ALA B 34 25.88 20.35 -43.44
N TRP B 35 26.89 19.65 -43.95
CA TRP B 35 27.31 19.72 -45.34
C TRP B 35 27.27 18.35 -46.01
N TYR B 36 26.81 18.31 -47.26
CA TYR B 36 26.69 17.09 -48.03
C TYR B 36 27.40 17.25 -49.36
N GLN B 37 28.02 16.16 -49.83
CA GLN B 37 28.58 16.07 -51.16
C GLN B 37 27.67 15.19 -52.02
N GLN B 38 27.28 15.69 -53.18
CA GLN B 38 26.58 14.88 -54.17
C GLN B 38 27.37 14.81 -55.47
N LYS B 39 27.78 13.61 -55.84
CA LYS B 39 28.20 13.34 -57.20
C LYS B 39 26.97 13.11 -58.08
N PRO B 40 27.02 13.52 -59.35
CA PRO B 40 25.84 13.36 -60.22
C PRO B 40 25.44 11.89 -60.34
N GLY B 41 24.13 11.65 -60.26
CA GLY B 41 23.61 10.31 -60.33
C GLY B 41 23.80 9.47 -59.08
N LYS B 42 24.26 10.07 -57.99
CA LYS B 42 24.50 9.34 -56.75
C LYS B 42 23.78 10.03 -55.60
N ALA B 43 23.48 9.26 -54.56
CA ALA B 43 22.92 9.83 -53.34
C ALA B 43 23.95 10.70 -52.63
N PRO B 44 23.49 11.79 -52.00
CA PRO B 44 24.39 12.65 -51.22
C PRO B 44 25.08 11.90 -50.10
N LYS B 45 26.24 12.43 -49.69
CA LYS B 45 27.05 11.84 -48.63
C LYS B 45 27.43 12.92 -47.61
N LEU B 46 27.20 12.63 -46.34
CA LEU B 46 27.46 13.59 -45.28
C LEU B 46 28.95 13.79 -45.08
N LEU B 47 29.39 15.06 -45.15
CA LEU B 47 30.77 15.41 -44.85
C LEU B 47 30.93 15.99 -43.45
N ILE B 48 30.12 17.00 -43.11
CA ILE B 48 30.21 17.70 -41.84
C ILE B 48 28.80 17.75 -41.27
N TYR B 49 28.67 17.57 -39.95
CA TYR B 49 27.34 17.60 -39.33
C TYR B 49 27.16 18.83 -38.44
N GLU B 50 27.82 18.91 -37.29
CA GLU B 50 28.03 20.20 -36.67
C GLU B 50 29.07 20.94 -37.48
N ALA B 51 28.90 22.26 -37.61
CA ALA B 51 29.61 22.98 -38.67
C ALA B 51 31.12 22.80 -38.65
N SER B 52 31.72 22.43 -37.52
CA SER B 52 33.14 22.13 -37.46
C SER B 52 33.47 20.64 -37.49
N SER B 53 32.48 19.76 -37.37
CA SER B 53 32.71 18.34 -37.19
C SER B 53 33.08 17.69 -38.52
N LEU B 54 33.28 16.37 -38.48
CA LEU B 54 33.67 15.64 -39.68
C LEU B 54 33.19 14.20 -39.57
N GLU B 55 32.41 13.77 -40.56
CA GLU B 55 31.88 12.41 -40.58
C GLU B 55 33.02 11.38 -40.56
N ARG B 56 32.77 10.27 -39.85
CA ARG B 56 33.79 9.32 -39.47
C ARG B 56 34.66 8.89 -40.66
N GLY B 57 34.04 8.55 -41.78
CA GLY B 57 34.77 8.01 -42.91
C GLY B 57 35.38 8.99 -43.89
N VAL B 58 35.01 10.27 -43.85
CA VAL B 58 35.31 11.19 -44.95
C VAL B 58 36.72 11.74 -44.89
N PRO B 59 37.32 12.09 -46.04
CA PRO B 59 38.70 12.57 -46.06
C PRO B 59 38.91 13.81 -45.21
N SER B 60 40.01 13.81 -44.45
CA SER B 60 40.38 14.89 -43.55
C SER B 60 40.71 16.21 -44.26
N ARG B 61 40.84 16.21 -45.59
CA ARG B 61 41.03 17.45 -46.32
C ARG B 61 39.79 18.34 -46.34
N PHE B 62 38.60 17.77 -46.17
CA PHE B 62 37.41 18.59 -45.97
C PHE B 62 37.41 19.19 -44.58
N SER B 63 37.03 20.46 -44.47
CA SER B 63 36.99 21.13 -43.18
C SER B 63 35.93 22.22 -43.17
N GLY B 64 34.97 22.11 -42.25
CA GLY B 64 33.94 23.11 -42.09
C GLY B 64 34.32 24.19 -41.09
N SER B 65 33.77 25.39 -41.27
CA SER B 65 34.05 26.50 -40.40
C SER B 65 32.88 27.46 -40.35
N GLY B 66 32.82 28.24 -39.27
CA GLY B 66 31.80 29.24 -39.07
C GLY B 66 30.68 28.79 -38.13
N SER B 67 30.02 29.77 -37.54
CA SER B 67 28.92 29.57 -36.61
C SER B 67 27.96 30.75 -36.71
N GLY B 68 26.68 30.47 -36.45
CA GLY B 68 25.67 31.50 -36.44
C GLY B 68 24.91 31.67 -37.75
N THR B 69 25.18 32.75 -38.47
CA THR B 69 24.50 33.02 -39.73
C THR B 69 25.32 32.59 -40.95
N GLY B 70 26.64 32.64 -40.85
CA GLY B 70 27.51 32.34 -41.97
C GLY B 70 28.42 31.16 -41.70
N PHE B 71 28.66 30.35 -42.74
CA PHE B 71 29.38 29.09 -42.63
C PHE B 71 30.22 28.92 -43.89
N THR B 72 31.26 28.10 -43.80
CA THR B 72 32.01 27.72 -44.98
C THR B 72 32.40 26.25 -44.92
N LEU B 73 32.57 25.66 -46.10
CA LEU B 73 33.27 24.39 -46.29
C LEU B 73 34.53 24.64 -47.10
N THR B 74 35.66 24.12 -46.62
CA THR B 74 36.94 24.26 -47.30
C THR B 74 37.50 22.88 -47.64
N ILE B 75 38.16 22.79 -48.79
CA ILE B 75 38.92 21.60 -49.19
C ILE B 75 40.39 22.00 -49.22
N SER B 76 41.18 21.43 -48.32
CA SER B 76 42.52 21.95 -48.05
C SER B 76 43.47 21.76 -49.23
N SER B 77 43.34 20.67 -49.98
CA SER B 77 44.08 20.53 -51.24
C SER B 77 43.27 19.60 -52.14
N LEU B 78 42.49 20.20 -53.03
CA LEU B 78 41.48 19.47 -53.80
C LEU B 78 42.08 18.33 -54.60
N GLN B 79 41.37 17.21 -54.62
CA GLN B 79 41.74 16.00 -55.35
C GLN B 79 40.73 15.75 -56.46
N PRO B 80 41.12 15.04 -57.52
CA PRO B 80 40.17 14.76 -58.60
C PRO B 80 38.93 14.00 -58.16
N ASP B 81 39.00 13.33 -57.00
CA ASP B 81 37.82 12.73 -56.37
C ASP B 81 36.77 13.76 -55.97
N ASP B 82 37.17 14.99 -55.65
CA ASP B 82 36.31 15.94 -54.94
C ASP B 82 35.37 16.76 -55.82
N PHE B 83 35.53 16.75 -57.14
CA PHE B 83 34.64 17.53 -58.01
C PHE B 83 33.21 16.99 -57.95
N ALA B 84 32.29 17.78 -57.42
CA ALA B 84 30.95 17.33 -57.07
C ALA B 84 30.08 18.55 -56.81
N THR B 85 28.77 18.31 -56.70
CA THR B 85 27.86 19.27 -56.09
C THR B 85 27.95 19.19 -54.57
N TYR B 86 27.76 20.33 -53.92
CA TYR B 86 27.73 20.39 -52.46
C TYR B 86 26.47 21.12 -51.97
N PHE B 87 25.93 20.66 -50.84
CA PHE B 87 24.81 21.30 -50.18
C PHE B 87 25.14 21.54 -48.72
N CYS B 88 24.77 22.71 -48.21
CA CYS B 88 24.55 22.88 -46.78
C CYS B 88 23.11 22.50 -46.42
N GLN B 89 22.92 22.11 -45.16
CA GLN B 89 21.59 21.91 -44.60
C GLN B 89 21.52 22.46 -43.20
N GLN B 90 20.54 23.32 -42.93
CA GLN B 90 20.26 23.67 -41.55
C GLN B 90 19.35 22.60 -40.94
N TYR B 91 19.53 22.36 -39.64
CA TYR B 91 18.60 21.53 -38.90
C TYR B 91 18.17 22.17 -37.59
N ASN B 92 18.10 23.50 -37.53
CA ASN B 92 17.56 24.18 -36.35
C ASN B 92 16.04 24.23 -36.35
N THR B 93 15.40 24.04 -37.50
CA THR B 93 13.96 24.22 -37.63
C THR B 93 13.40 23.09 -38.47
N TYR B 94 12.10 22.91 -38.38
CA TYR B 94 11.35 22.19 -39.38
C TYR B 94 10.48 23.16 -40.17
N PRO B 95 10.51 23.09 -41.52
CA PRO B 95 11.17 22.08 -42.34
C PRO B 95 12.71 22.16 -42.35
N ARG B 96 13.35 21.02 -42.59
CA ARG B 96 14.74 21.03 -42.97
C ARG B 96 14.88 21.71 -44.32
N THR B 97 15.82 22.65 -44.43
CA THR B 97 16.03 23.37 -45.66
C THR B 97 17.48 23.27 -46.09
N PHE B 98 17.69 23.24 -47.39
CA PHE B 98 18.99 22.99 -47.99
C PHE B 98 19.40 24.19 -48.83
N GLY B 99 20.71 24.44 -48.91
CA GLY B 99 21.21 25.35 -49.91
C GLY B 99 20.86 24.90 -51.32
N GLN B 100 20.83 25.87 -52.24
CA GLN B 100 20.52 25.56 -53.63
C GLN B 100 21.58 24.68 -54.30
N GLY B 101 22.72 24.50 -53.69
CA GLY B 101 23.81 23.70 -54.23
C GLY B 101 24.88 24.55 -54.90
N THR B 102 26.11 24.05 -54.90
CA THR B 102 27.17 24.56 -55.75
C THR B 102 27.95 23.40 -56.36
N LYS B 103 28.24 23.50 -57.66
CA LYS B 103 29.05 22.50 -58.34
C LYS B 103 30.49 22.98 -58.42
N VAL B 104 31.40 22.23 -57.81
CA VAL B 104 32.83 22.40 -58.02
C VAL B 104 33.22 21.71 -59.32
N GLU B 105 33.70 22.49 -60.29
CA GLU B 105 33.90 22.05 -61.66
C GLU B 105 35.35 22.27 -62.06
N ILE B 106 35.85 21.43 -62.95
CA ILE B 106 37.25 21.48 -63.36
C ILE B 106 37.51 22.74 -64.17
N LYS B 107 38.48 23.53 -63.74
CA LYS B 107 39.05 24.62 -64.52
C LYS B 107 39.90 24.07 -65.65
N LEU C 19 -8.26 29.50 7.74
CA LEU C 19 -9.34 28.63 7.28
C LEU C 19 -10.68 29.08 7.85
N LYS C 20 -11.75 28.82 7.09
CA LYS C 20 -13.11 29.14 7.50
C LYS C 20 -13.97 27.91 7.29
N GLU C 21 -14.76 27.53 8.30
CA GLU C 21 -15.65 26.38 8.23
C GLU C 21 -17.09 26.80 8.50
N SER C 22 -17.97 26.52 7.56
CA SER C 22 -19.41 26.70 7.74
C SER C 22 -20.04 25.33 7.97
N TYR C 23 -20.66 25.17 9.13
CA TYR C 23 -21.59 24.08 9.36
C TYR C 23 -22.91 24.35 8.64
N LEU C 24 -23.47 23.31 8.04
CA LEU C 24 -24.65 23.41 7.18
C LEU C 24 -25.73 22.53 7.81
N GLU C 25 -26.47 23.12 8.74
CA GLU C 25 -27.41 22.36 9.56
C GLU C 25 -28.52 21.75 8.72
N GLU C 26 -28.82 22.35 7.57
CA GLU C 26 -29.81 21.80 6.66
C GLU C 26 -29.44 20.41 6.16
N SER C 27 -28.14 20.07 6.15
CA SER C 27 -27.75 18.77 5.63
C SER C 27 -26.55 18.17 6.38
N CYS C 28 -26.39 18.50 7.66
CA CYS C 28 -25.36 17.94 8.53
C CYS C 28 -23.99 17.82 7.84
N SER C 29 -23.53 18.93 7.27
CA SER C 29 -22.29 18.93 6.53
C SER C 29 -21.52 20.20 6.87
N THR C 30 -20.20 20.14 6.68
CA THR C 30 -19.37 21.32 6.76
C THR C 30 -18.66 21.56 5.44
N ILE C 31 -18.44 22.83 5.14
CA ILE C 31 -17.54 23.28 4.09
C ILE C 31 -16.43 24.08 4.74
N THR C 32 -15.20 23.60 4.64
CA THR C 32 -14.04 24.37 5.08
C THR C 32 -13.40 25.06 3.88
N GLU C 33 -13.40 26.38 3.91
CA GLU C 33 -12.88 27.22 2.85
C GLU C 33 -11.53 27.81 3.24
N GLY C 34 -10.88 28.43 2.26
CA GLY C 34 -9.66 29.17 2.47
C GLY C 34 -8.39 28.43 2.12
N TYR C 35 -8.48 27.27 1.50
CA TYR C 35 -7.32 26.59 0.95
C TYR C 35 -6.86 27.18 -0.37
N LEU C 36 -5.56 27.11 -0.60
CA LEU C 36 -4.92 27.59 -1.81
C LEU C 36 -4.54 26.38 -2.66
N SER C 37 -4.98 26.37 -3.91
CA SER C 37 -4.69 25.25 -4.80
C SER C 37 -3.22 25.18 -5.19
N VAL C 38 -2.75 23.94 -5.33
CA VAL C 38 -1.51 23.61 -6.02
C VAL C 38 -1.76 22.37 -6.87
N LEU C 39 -2.24 22.57 -8.10
CA LEU C 39 -2.78 21.49 -8.93
C LEU C 39 -1.80 21.13 -10.03
N ARG C 40 -1.48 19.84 -10.12
CA ARG C 40 -0.50 19.30 -11.05
C ARG C 40 -1.08 19.27 -12.46
N THR C 41 -0.65 20.22 -13.28
CA THR C 41 -1.10 20.35 -14.66
C THR C 41 -0.26 19.56 -15.65
N GLY C 42 1.01 19.29 -15.34
CA GLY C 42 1.90 18.71 -16.33
C GLY C 42 3.09 18.04 -15.67
N TRP C 43 3.99 17.54 -16.51
CA TRP C 43 5.16 16.82 -16.05
C TRP C 43 6.43 17.40 -16.65
N TYR C 44 7.50 17.38 -15.86
CA TYR C 44 8.83 17.75 -16.30
C TYR C 44 9.77 16.55 -16.08
N THR C 45 10.59 16.25 -17.08
CA THR C 45 11.40 15.04 -17.10
C THR C 45 12.85 15.39 -16.82
N ASN C 46 13.47 14.66 -15.91
CA ASN C 46 14.93 14.58 -15.82
C ASN C 46 15.33 13.16 -16.22
N VAL C 47 15.97 13.03 -17.37
CA VAL C 47 16.57 11.77 -17.79
C VAL C 47 17.92 11.60 -17.08
N PHE C 48 17.97 10.71 -16.09
CA PHE C 48 19.22 10.34 -15.46
C PHE C 48 19.93 9.26 -16.26
N THR C 49 21.20 9.50 -16.59
CA THR C 49 22.15 8.46 -16.95
C THR C 49 22.99 8.13 -15.72
N LEU C 50 22.88 6.90 -15.23
CA LEU C 50 23.77 6.39 -14.19
C LEU C 50 24.77 5.44 -14.82
N GLU C 51 26.06 5.73 -14.65
CA GLU C 51 27.14 5.00 -15.30
C GLU C 51 27.78 4.02 -14.34
N VAL C 52 27.73 2.73 -14.68
CA VAL C 52 28.35 1.69 -13.86
C VAL C 52 29.76 1.36 -14.33
N GLY C 53 30.02 1.41 -15.63
CA GLY C 53 31.31 1.08 -16.18
C GLY C 53 31.51 -0.41 -16.45
N ASP C 54 32.75 -0.75 -16.74
CA ASP C 54 33.14 -2.10 -17.17
C ASP C 54 33.26 -3.09 -16.01
N VAL C 55 32.32 -3.05 -15.07
CA VAL C 55 32.33 -3.99 -13.94
C VAL C 55 32.24 -5.42 -14.41
N GLU C 56 31.47 -5.68 -15.47
CA GLU C 56 31.38 -7.03 -16.04
C GLU C 56 32.66 -7.49 -16.73
N ASN C 57 33.58 -6.58 -17.05
CA ASN C 57 34.88 -6.96 -17.58
C ASN C 57 35.89 -7.28 -16.50
N LEU C 58 35.57 -6.99 -15.23
CA LEU C 58 36.41 -7.36 -14.10
C LEU C 58 36.09 -8.77 -13.59
N THR C 59 37.13 -9.45 -13.11
CA THR C 59 36.98 -10.79 -12.57
C THR C 59 38.01 -10.99 -11.44
N CYS C 60 37.68 -11.87 -10.51
CA CYS C 60 38.52 -12.17 -9.36
C CYS C 60 38.95 -13.63 -9.36
N ALA C 61 40.26 -13.86 -9.30
CA ALA C 61 40.83 -15.21 -9.24
C ALA C 61 41.02 -15.72 -7.82
N ASP C 62 41.12 -14.84 -6.83
CA ASP C 62 41.57 -15.23 -5.49
C ASP C 62 40.55 -16.02 -4.71
N GLY C 63 39.30 -16.11 -5.16
CA GLY C 63 38.26 -16.72 -4.37
C GLY C 63 37.75 -15.80 -3.28
N PRO C 64 37.85 -16.23 -2.01
CA PRO C 64 37.37 -15.40 -0.91
C PRO C 64 37.95 -13.99 -0.95
N SER C 65 37.06 -12.99 -1.01
CA SER C 65 37.47 -11.60 -1.12
C SER C 65 36.28 -10.70 -0.84
N LEU C 66 36.53 -9.61 -0.12
CA LEU C 66 35.52 -8.57 0.03
C LEU C 66 35.17 -7.93 -1.31
N ILE C 67 36.17 -7.65 -2.14
CA ILE C 67 35.94 -7.08 -3.46
C ILE C 67 35.07 -8.01 -4.30
N LYS C 68 35.40 -9.30 -4.32
CA LYS C 68 34.61 -10.23 -5.12
C LYS C 68 33.15 -10.24 -4.68
N THR C 69 32.90 -10.21 -3.38
CA THR C 69 31.52 -10.18 -2.89
C THR C 69 30.81 -8.91 -3.36
N GLU C 70 31.52 -7.78 -3.33
CA GLU C 70 30.93 -6.51 -3.76
C GLU C 70 30.81 -6.45 -5.27
N LEU C 71 31.82 -6.91 -5.99
CA LEU C 71 31.80 -6.91 -7.45
C LEU C 71 30.73 -7.84 -7.99
N ASP C 72 30.61 -9.05 -7.43
CA ASP C 72 29.55 -9.97 -7.85
C ASP C 72 28.16 -9.42 -7.56
N LEU C 73 28.00 -8.73 -6.43
CA LEU C 73 26.72 -8.07 -6.16
C LEU C 73 26.44 -6.94 -7.14
N THR C 74 27.46 -6.15 -7.48
CA THR C 74 27.29 -5.09 -8.47
C THR C 74 26.91 -5.64 -9.85
N LYS C 75 27.56 -6.72 -10.28
CA LYS C 75 27.24 -7.34 -11.57
C LYS C 75 25.84 -7.96 -11.59
N SER C 76 25.44 -8.63 -10.52
CA SER C 76 24.08 -9.18 -10.45
C SER C 76 23.02 -8.09 -10.56
N ALA C 77 23.21 -6.98 -9.86
CA ALA C 77 22.28 -5.85 -9.96
C ALA C 77 22.17 -5.32 -11.39
N LEU C 78 23.30 -5.24 -12.10
CA LEU C 78 23.25 -4.76 -13.47
C LEU C 78 22.51 -5.72 -14.41
N ARG C 79 22.74 -7.02 -14.27
CA ARG C 79 22.07 -8.00 -15.14
C ARG C 79 20.58 -8.19 -14.82
N GLU C 80 20.17 -8.10 -13.55
CA GLU C 80 18.74 -8.14 -13.26
C GLU C 80 18.04 -6.88 -13.77
N LEU C 81 18.70 -5.72 -13.69
CA LEU C 81 18.13 -4.52 -14.28
C LEU C 81 17.99 -4.61 -15.79
N ARG C 82 18.89 -5.35 -16.45
CA ARG C 82 18.71 -5.62 -17.88
C ARG C 82 17.43 -6.35 -18.19
N THR C 83 16.90 -7.12 -17.24
CA THR C 83 15.64 -7.84 -17.47
C THR C 83 14.42 -6.97 -17.24
N VAL C 84 14.48 -6.04 -16.30
CA VAL C 84 13.33 -5.19 -16.01
C VAL C 84 13.08 -4.23 -17.16
N SER C 85 11.83 -4.12 -17.57
CA SER C 85 11.37 -3.02 -18.42
C SER C 85 9.92 -2.74 -18.08
N ALA C 86 9.54 -1.46 -18.22
CA ALA C 86 8.21 -1.01 -17.84
C ALA C 86 7.11 -1.84 -18.49
N PHE C 103 -22.78 8.13 -10.06
CA PHE C 103 -21.73 7.11 -10.15
C PHE C 103 -20.75 7.24 -8.98
N VAL C 104 -20.04 6.15 -8.68
CA VAL C 104 -19.00 6.18 -7.66
C VAL C 104 -17.75 6.84 -8.25
N LEU C 105 -17.68 8.16 -8.15
CA LEU C 105 -16.68 8.93 -8.88
C LEU C 105 -15.25 8.72 -8.39
N GLY C 106 -15.07 8.25 -7.17
CA GLY C 106 -13.73 8.06 -6.64
C GLY C 106 -12.87 7.09 -7.41
N ALA C 107 -13.37 5.86 -7.57
CA ALA C 107 -12.68 4.85 -8.36
C ALA C 107 -12.51 5.29 -9.81
N ILE C 108 -13.51 5.97 -10.36
CA ILE C 108 -13.44 6.50 -11.72
C ILE C 108 -12.32 7.51 -11.87
N ALA C 109 -12.33 8.55 -11.04
CA ALA C 109 -11.34 9.61 -11.18
C ALA C 109 -9.93 9.15 -10.84
N CYS C 110 -9.75 8.45 -9.72
CA CYS C 110 -8.39 8.02 -9.35
C CYS C 110 -7.85 6.94 -10.27
N GLY C 111 -8.71 6.09 -10.83
CA GLY C 111 -8.28 5.22 -11.91
C GLY C 111 -7.81 5.98 -13.13
N VAL C 112 -8.61 6.94 -13.60
CA VAL C 112 -8.24 7.78 -14.73
C VAL C 112 -6.92 8.51 -14.48
N ALA C 113 -6.71 9.03 -13.27
CA ALA C 113 -5.44 9.70 -12.97
C ALA C 113 -4.26 8.75 -13.00
N THR C 114 -4.42 7.54 -12.47
CA THR C 114 -3.34 6.55 -12.53
C THR C 114 -2.99 6.20 -13.96
N ALA C 115 -3.99 5.93 -14.79
CA ALA C 115 -3.77 5.67 -16.21
C ALA C 115 -3.13 6.85 -16.92
N ALA C 116 -3.62 8.06 -16.67
CA ALA C 116 -3.08 9.25 -17.34
C ALA C 116 -1.62 9.49 -17.01
N ALA C 117 -1.24 9.38 -15.74
CA ALA C 117 0.14 9.61 -15.34
C ALA C 117 1.12 8.67 -16.04
N VAL C 118 0.87 7.36 -15.98
CA VAL C 118 1.77 6.41 -16.62
C VAL C 118 1.72 6.52 -18.14
N THR C 119 0.55 6.81 -18.72
CA THR C 119 0.47 7.00 -20.17
C THR C 119 1.27 8.21 -20.64
N ALA C 120 1.21 9.31 -19.90
CA ALA C 120 2.06 10.47 -20.18
C ALA C 120 3.54 10.14 -20.07
N GLY C 121 3.93 9.44 -19.00
CA GLY C 121 5.34 9.11 -18.81
C GLY C 121 5.90 8.14 -19.84
N VAL C 122 5.16 7.09 -20.15
CA VAL C 122 5.60 6.12 -21.17
C VAL C 122 5.73 6.75 -22.54
N ALA C 123 4.87 7.73 -22.86
CA ALA C 123 5.05 8.48 -24.11
C ALA C 123 6.42 9.13 -24.19
N ILE C 124 6.85 9.80 -23.13
CA ILE C 124 8.19 10.40 -23.12
C ILE C 124 9.27 9.33 -23.14
N ALA C 125 9.06 8.26 -22.38
CA ALA C 125 10.01 7.15 -22.36
C ALA C 125 10.26 6.57 -23.74
N LYS C 126 9.18 6.36 -24.50
CA LYS C 126 9.30 5.89 -25.88
C LYS C 126 10.00 6.88 -26.80
N CYS C 127 9.86 8.19 -26.56
CA CYS C 127 10.70 9.16 -27.27
C CYS C 127 12.17 8.97 -26.92
N ILE C 128 12.49 8.76 -25.64
CA ILE C 128 13.88 8.62 -25.21
C ILE C 128 14.48 7.31 -25.72
N ARG C 129 13.69 6.24 -25.73
CA ARG C 129 14.21 4.88 -25.88
C ARG C 129 15.08 4.68 -27.12
N LEU C 130 14.89 5.50 -28.15
CA LEU C 130 15.62 5.34 -29.41
C LEU C 130 17.14 5.38 -29.20
N GLU C 131 17.84 4.44 -29.83
CA GLU C 131 19.30 4.40 -29.76
C GLU C 131 19.95 5.73 -30.13
N SER C 132 19.46 6.38 -31.18
CA SER C 132 19.97 7.69 -31.58
C SER C 132 19.83 8.72 -30.47
N GLU C 133 18.75 8.64 -29.70
CA GLU C 133 18.50 9.63 -28.65
C GLU C 133 19.27 9.35 -27.38
N VAL C 134 19.33 8.09 -26.94
CA VAL C 134 20.20 7.75 -25.81
C VAL C 134 21.67 7.98 -26.15
N THR C 135 22.06 7.81 -27.41
CA THR C 135 23.38 8.26 -27.84
C THR C 135 23.53 9.78 -27.70
N ALA C 136 22.55 10.54 -28.18
CA ALA C 136 22.60 11.98 -28.04
C ALA C 136 22.70 12.42 -26.58
N ILE C 137 21.91 11.80 -25.70
CA ILE C 137 21.99 12.08 -24.28
C ILE C 137 23.38 11.75 -23.74
N LYS C 138 23.82 10.51 -23.96
CA LYS C 138 25.12 10.06 -23.47
C LYS C 138 26.27 10.91 -24.00
N ASN C 139 26.24 11.26 -25.29
CA ASN C 139 27.30 12.09 -25.86
C ASN C 139 27.29 13.52 -25.31
N CYS C 140 26.12 14.06 -25.01
CA CYS C 140 26.07 15.37 -24.36
C CYS C 140 26.73 15.33 -22.97
N LEU C 141 26.41 14.30 -22.19
CA LEU C 141 26.93 14.17 -20.83
C LEU C 141 28.39 13.73 -20.76
N LYS C 142 29.10 13.61 -21.88
CA LYS C 142 30.55 13.44 -21.81
C LYS C 142 31.24 14.72 -21.37
N LYS C 143 30.77 15.88 -21.84
CA LYS C 143 31.43 17.15 -21.57
C LYS C 143 31.01 17.77 -20.25
N THR C 144 29.90 17.31 -19.67
CA THR C 144 29.22 17.99 -18.57
C THR C 144 28.40 16.98 -17.80
N ASN C 145 28.15 17.28 -16.53
CA ASN C 145 27.26 16.46 -15.72
C ASN C 145 25.78 16.76 -15.96
N GLU C 146 25.45 17.87 -16.62
CA GLU C 146 24.07 18.23 -16.86
C GLU C 146 23.93 18.71 -18.30
N CYS C 147 22.82 18.33 -18.93
CA CYS C 147 22.52 18.74 -20.29
C CYS C 147 21.02 18.93 -20.41
N VAL C 148 20.60 19.77 -21.34
CA VAL C 148 19.21 19.83 -21.78
C VAL C 148 19.11 19.27 -23.18
N SER C 149 18.16 18.37 -23.39
CA SER C 149 17.92 17.73 -24.68
C SER C 149 16.52 18.08 -25.15
N THR C 150 16.41 18.57 -26.38
CA THR C 150 15.11 18.60 -27.07
C THR C 150 14.96 17.30 -27.86
N LEU C 151 14.14 16.40 -27.34
CA LEU C 151 13.92 15.11 -27.99
C LEU C 151 13.20 15.28 -29.30
N GLY C 152 13.37 14.29 -30.19
CA GLY C 152 12.85 14.40 -31.54
C GLY C 152 11.35 14.57 -31.59
N CYS C 153 10.65 14.07 -30.58
CA CYS C 153 9.20 14.26 -30.48
C CYS C 153 8.81 15.64 -29.95
N GLY C 154 9.79 16.51 -29.69
CA GLY C 154 9.56 17.89 -29.36
C GLY C 154 9.54 18.22 -27.88
N VAL C 155 9.45 17.21 -27.02
CA VAL C 155 9.52 17.42 -25.58
C VAL C 155 10.94 17.80 -25.20
N ARG C 156 11.08 18.78 -24.31
CA ARG C 156 12.35 19.28 -23.85
C ARG C 156 12.59 18.78 -22.44
N VAL C 157 13.68 18.04 -22.24
CA VAL C 157 13.97 17.36 -21.00
C VAL C 157 15.36 17.74 -20.51
N LEU C 158 15.51 17.80 -19.18
CA LEU C 158 16.82 17.83 -18.56
C LEU C 158 17.45 16.44 -18.58
N ALA C 159 18.77 16.41 -18.68
CA ALA C 159 19.54 15.17 -18.58
C ALA C 159 20.69 15.34 -17.59
N THR C 160 20.91 14.32 -16.76
CA THR C 160 21.85 14.37 -15.66
C THR C 160 22.68 13.09 -15.65
N ALA C 161 23.98 13.23 -15.46
CA ALA C 161 24.88 12.08 -15.33
C ALA C 161 25.16 11.78 -13.86
N VAL C 162 24.94 10.53 -13.47
CA VAL C 162 25.47 9.98 -12.23
C VAL C 162 26.71 9.16 -12.57
N ARG C 163 27.88 9.62 -12.12
CA ARG C 163 29.16 9.21 -12.66
C ARG C 163 30.12 8.61 -11.63
N GLU C 164 29.85 8.81 -10.34
CA GLU C 164 30.76 8.44 -9.27
C GLU C 164 31.20 6.98 -9.30
N LEU C 165 30.27 6.07 -9.61
CA LEU C 165 30.62 4.64 -9.66
C LEU C 165 31.54 4.29 -10.82
N LYS C 166 31.28 4.81 -12.03
CA LYS C 166 32.20 4.55 -13.13
C LYS C 166 33.59 5.11 -12.83
N ASP C 167 33.66 6.27 -12.19
CA ASP C 167 34.94 6.84 -11.80
C ASP C 167 35.69 5.93 -10.83
N PHE C 168 34.99 5.42 -9.81
CA PHE C 168 35.61 4.45 -8.91
C PHE C 168 36.06 3.20 -9.65
N VAL C 169 35.15 2.60 -10.44
CA VAL C 169 35.44 1.37 -11.15
C VAL C 169 36.66 1.52 -12.06
N SER C 170 36.72 2.63 -12.80
CA SER C 170 37.82 2.86 -13.73
C SER C 170 39.10 3.35 -13.07
N LYS C 171 39.02 4.41 -12.26
CA LYS C 171 40.24 5.06 -11.80
C LYS C 171 40.94 4.33 -10.65
N ASN C 172 40.19 3.61 -9.82
CA ASN C 172 40.78 2.99 -8.63
C ASN C 172 40.65 1.47 -8.66
N LEU C 173 39.43 0.94 -8.74
CA LEU C 173 39.22 -0.51 -8.62
C LEU C 173 39.96 -1.27 -9.72
N THR C 174 39.93 -0.77 -10.95
CA THR C 174 40.63 -1.46 -12.04
C THR C 174 42.14 -1.43 -11.86
N ARG C 175 42.67 -0.36 -11.25
CA ARG C 175 44.08 -0.31 -10.88
C ARG C 175 44.40 -1.23 -9.71
N ALA C 176 43.45 -1.40 -8.79
CA ALA C 176 43.65 -2.27 -7.64
C ALA C 176 43.60 -3.75 -8.01
N ILE C 177 42.63 -4.16 -8.82
CA ILE C 177 42.54 -5.53 -9.32
C ILE C 177 43.57 -5.78 -10.42
N ASN C 178 44.84 -5.77 -10.03
CA ASN C 178 45.93 -6.16 -10.93
C ASN C 178 46.04 -7.67 -11.03
N LYS C 179 46.28 -8.15 -12.24
CA LYS C 179 46.41 -9.59 -12.53
C LYS C 179 45.25 -10.41 -11.98
N ASN C 180 44.05 -9.83 -12.00
CA ASN C 180 42.83 -10.41 -11.45
C ASN C 180 42.93 -10.77 -9.97
N LYS C 181 43.91 -10.26 -9.24
CA LYS C 181 43.93 -10.43 -7.79
C LYS C 181 42.84 -9.57 -7.16
N CYS C 182 42.18 -10.11 -6.14
CA CYS C 182 41.12 -9.38 -5.47
C CYS C 182 41.15 -9.48 -3.95
N ASP C 183 41.97 -10.33 -3.37
CA ASP C 183 42.16 -10.36 -1.92
C ASP C 183 43.24 -9.38 -1.49
N ILE C 184 43.20 -8.17 -2.03
CA ILE C 184 44.20 -7.15 -1.78
C ILE C 184 44.15 -6.68 -0.33
N PRO C 185 45.29 -6.30 0.25
CA PRO C 185 45.31 -5.77 1.62
C PRO C 185 44.81 -4.34 1.75
N ASP C 186 44.64 -3.63 0.64
CA ASP C 186 44.06 -2.28 0.66
C ASP C 186 42.56 -2.30 0.94
N LEU C 187 42.22 -2.67 2.17
CA LEU C 187 40.84 -2.92 2.57
C LEU C 187 39.95 -1.69 2.37
N LYS C 188 40.53 -0.49 2.38
CA LYS C 188 39.80 0.72 2.03
C LYS C 188 39.13 0.65 0.67
N MET C 189 39.71 -0.07 -0.28
CA MET C 189 39.04 -0.27 -1.57
C MET C 189 37.69 -0.94 -1.40
N ALA C 190 37.65 -2.05 -0.65
CA ALA C 190 36.40 -2.80 -0.47
C ALA C 190 35.34 -1.99 0.26
N VAL C 191 35.71 -1.29 1.34
CA VAL C 191 34.75 -0.45 2.04
C VAL C 191 34.24 0.64 1.11
N SER C 192 35.14 1.31 0.40
CA SER C 192 34.73 2.36 -0.54
C SER C 192 33.76 1.82 -1.58
N PHE C 193 34.05 0.63 -2.12
CA PHE C 193 33.24 0.04 -3.18
C PHE C 193 31.79 -0.14 -2.71
N SER C 194 31.60 -0.59 -1.48
CA SER C 194 30.26 -0.74 -0.91
C SER C 194 29.56 0.59 -0.64
N GLN C 195 30.28 1.71 -0.66
CA GLN C 195 29.67 3.03 -0.63
C GLN C 195 29.23 3.53 -2.00
N PHE C 196 30.14 3.46 -2.98
CA PHE C 196 29.85 4.03 -4.30
C PHE C 196 28.71 3.31 -5.00
N ASN C 197 28.63 1.99 -4.84
CA ASN C 197 27.59 1.23 -5.53
C ASN C 197 26.23 1.29 -4.84
N ARG C 198 26.15 1.82 -3.61
CA ARG C 198 24.92 1.75 -2.84
C ARG C 198 23.74 2.40 -3.57
N ARG C 199 23.98 3.57 -4.17
CA ARG C 199 22.93 4.23 -4.96
C ARG C 199 22.44 3.36 -6.09
N PHE C 200 23.36 2.81 -6.87
CA PHE C 200 23.02 1.94 -7.98
C PHE C 200 22.18 0.75 -7.53
N LEU C 201 22.60 0.07 -6.46
CA LEU C 201 21.85 -1.07 -5.94
C LEU C 201 20.43 -0.70 -5.53
N ASN C 202 20.24 0.49 -4.97
CA ASN C 202 18.90 0.90 -4.55
C ASN C 202 18.00 1.26 -5.71
N VAL C 203 18.51 1.97 -6.71
CA VAL C 203 17.77 2.19 -7.94
C VAL C 203 17.37 0.87 -8.59
N VAL C 204 18.29 -0.08 -8.66
CA VAL C 204 17.97 -1.39 -9.20
C VAL C 204 16.87 -2.06 -8.38
N ARG C 205 17.03 -2.06 -7.06
CA ARG C 205 16.04 -2.66 -6.18
C ARG C 205 14.67 -2.01 -6.34
N GLN C 206 14.61 -0.69 -6.37
CA GLN C 206 13.34 0.01 -6.49
C GLN C 206 12.65 -0.24 -7.83
N PHE C 207 13.39 -0.16 -8.94
CA PHE C 207 12.83 -0.52 -10.23
C PHE C 207 12.52 -2.01 -10.37
N SER C 208 13.32 -2.87 -9.76
CA SER C 208 12.99 -4.30 -9.78
C SER C 208 11.67 -4.56 -9.06
N ASP C 209 11.52 -4.01 -7.86
CA ASP C 209 10.30 -4.23 -7.08
C ASP C 209 9.08 -3.61 -7.75
N ASN C 210 9.24 -2.50 -8.47
CA ASN C 210 8.11 -1.77 -9.02
C ASN C 210 7.95 -1.93 -10.52
N ALA C 211 8.52 -3.00 -11.09
CA ALA C 211 8.41 -3.30 -12.51
C ALA C 211 8.87 -2.15 -13.41
N GLY C 212 9.75 -1.30 -12.91
CA GLY C 212 10.22 -0.16 -13.66
C GLY C 212 9.45 1.15 -13.56
N ILE C 213 8.36 1.21 -12.78
CA ILE C 213 7.62 2.45 -12.58
C ILE C 213 7.53 2.67 -11.07
N THR C 214 8.53 3.35 -10.52
CA THR C 214 8.59 3.59 -9.09
C THR C 214 7.59 4.66 -8.66
N PRO C 215 6.75 4.40 -7.66
CA PRO C 215 5.60 5.27 -7.41
C PRO C 215 5.96 6.59 -6.74
N ALA C 216 7.17 6.72 -6.20
CA ALA C 216 7.67 7.98 -5.68
C ALA C 216 9.17 8.04 -5.92
N ILE C 217 9.71 9.26 -5.97
CA ILE C 217 11.08 9.49 -6.40
C ILE C 217 11.99 9.33 -5.19
N SER C 218 12.65 8.18 -5.08
CA SER C 218 13.56 7.92 -3.98
C SER C 218 14.75 8.88 -4.02
N LYS C 219 15.40 9.02 -2.85
CA LYS C 219 16.66 9.76 -2.78
C LYS C 219 17.74 9.10 -3.60
N ASP C 220 17.59 7.81 -3.89
CA ASP C 220 18.52 7.06 -4.73
C ASP C 220 18.34 7.39 -6.20
N LEU C 221 17.10 7.56 -6.64
CA LEU C 221 16.85 8.06 -7.98
C LEU C 221 17.37 9.49 -8.15
N MET C 222 17.07 10.35 -7.19
CA MET C 222 17.35 11.77 -7.37
C MET C 222 17.68 12.38 -6.03
N THR C 223 18.93 12.81 -5.87
CA THR C 223 19.38 13.45 -4.66
C THR C 223 18.68 14.80 -4.50
N ASP C 224 18.68 15.32 -3.27
CA ASP C 224 18.21 16.68 -3.05
C ASP C 224 19.04 17.68 -3.85
N ALA C 225 20.36 17.46 -3.93
CA ALA C 225 21.23 18.28 -4.77
C ALA C 225 20.87 18.21 -6.24
N GLU C 226 20.21 17.14 -6.69
CA GLU C 226 19.74 17.05 -8.06
C GLU C 226 18.31 17.57 -8.23
N LEU C 227 17.42 17.31 -7.27
CA LEU C 227 16.07 17.84 -7.34
C LEU C 227 16.07 19.37 -7.24
N ALA C 228 16.90 19.93 -6.36
CA ALA C 228 17.03 21.39 -6.30
C ALA C 228 17.53 21.95 -7.61
N ARG C 229 18.50 21.27 -8.24
CA ARG C 229 18.98 21.69 -9.55
C ARG C 229 17.89 21.60 -10.62
N ALA C 230 17.12 20.50 -10.61
CA ALA C 230 16.03 20.36 -11.57
C ALA C 230 14.95 21.41 -11.37
N ILE C 231 14.55 21.68 -10.12
CA ILE C 231 13.59 22.74 -9.84
C ILE C 231 14.10 24.09 -10.33
N SER C 232 15.39 24.37 -10.15
CA SER C 232 16.02 25.58 -10.63
C SER C 232 16.08 25.69 -12.16
N ASN C 233 15.73 24.63 -12.88
CA ASN C 233 16.04 24.49 -14.29
C ASN C 233 14.82 24.00 -15.04
N MET C 234 13.68 24.62 -14.74
CA MET C 234 12.37 24.08 -15.02
C MET C 234 11.44 25.22 -15.38
N PRO C 235 10.83 25.20 -16.56
CA PRO C 235 10.21 26.43 -17.09
C PRO C 235 8.93 26.80 -16.36
N THR C 236 9.10 27.45 -15.21
CA THR C 236 8.02 27.80 -14.31
C THR C 236 8.33 29.15 -13.69
N SER C 237 7.30 29.81 -13.15
CA SER C 237 7.52 31.07 -12.49
C SER C 237 8.16 30.87 -11.11
N ALA C 238 8.83 31.92 -10.65
CA ALA C 238 9.44 31.91 -9.31
C ALA C 238 8.42 31.67 -8.20
N GLY C 239 7.15 32.00 -8.44
CA GLY C 239 6.11 31.63 -7.51
C GLY C 239 6.00 30.13 -7.28
N GLN C 240 6.00 29.36 -8.37
CA GLN C 240 6.14 27.92 -8.26
C GLN C 240 7.52 27.51 -7.75
N ILE C 241 8.58 28.18 -8.20
CA ILE C 241 9.93 27.78 -7.81
C ILE C 241 10.09 27.82 -6.29
N LYS C 242 9.69 28.93 -5.67
CA LYS C 242 9.75 29.04 -4.21
C LYS C 242 8.93 27.97 -3.53
N LEU C 243 7.66 27.82 -3.95
CA LEU C 243 6.78 26.80 -3.42
C LEU C 243 7.32 25.38 -3.60
N MET C 244 7.91 25.08 -4.76
CA MET C 244 8.47 23.75 -4.99
C MET C 244 9.72 23.48 -4.15
N LEU C 245 10.57 24.49 -3.94
CA LEU C 245 11.71 24.30 -3.06
C LEU C 245 11.30 24.20 -1.59
N GLU C 246 10.26 24.93 -1.18
CA GLU C 246 9.73 24.77 0.17
C GLU C 246 9.07 23.41 0.38
N ASN C 247 8.32 22.94 -0.61
CA ASN C 247 7.55 21.68 -0.52
C ASN C 247 8.21 20.54 -1.28
N ARG C 248 9.55 20.44 -1.19
CA ARG C 248 10.29 19.44 -1.94
C ARG C 248 9.78 18.02 -1.72
N ALA C 249 9.32 17.71 -0.50
CA ALA C 249 8.75 16.39 -0.25
C ALA C 249 7.44 16.17 -1.00
N MET C 250 6.61 17.21 -1.13
CA MET C 250 5.39 17.08 -1.93
C MET C 250 5.70 16.97 -3.42
N VAL C 251 6.68 17.72 -3.90
CA VAL C 251 7.23 17.53 -5.24
C VAL C 251 7.70 16.09 -5.44
N ARG C 252 8.52 15.61 -4.50
CA ARG C 252 9.15 14.31 -4.61
C ARG C 252 8.13 13.16 -4.64
N ARG C 253 7.04 13.30 -3.91
CA ARG C 253 6.01 12.27 -3.86
C ARG C 253 4.94 12.37 -4.93
N LYS C 254 4.65 13.56 -5.46
CA LYS C 254 3.74 13.63 -6.61
C LYS C 254 4.39 13.13 -7.90
N GLY C 255 5.69 13.29 -8.05
CA GLY C 255 6.42 12.68 -9.14
C GLY C 255 6.57 11.15 -9.05
N PHE C 256 7.24 10.61 -10.07
CA PHE C 256 7.52 9.18 -10.17
C PHE C 256 8.71 8.98 -11.11
N GLY C 257 9.16 7.73 -11.20
CA GLY C 257 10.23 7.35 -12.12
C GLY C 257 9.85 6.24 -13.08
N ILE C 258 10.46 6.27 -14.27
CA ILE C 258 10.39 5.17 -15.23
C ILE C 258 11.81 4.77 -15.61
N LEU C 259 12.08 3.47 -15.58
CA LEU C 259 13.29 2.89 -16.16
C LEU C 259 13.20 2.84 -17.68
N ILE C 260 14.16 3.49 -18.36
CA ILE C 260 14.25 3.38 -19.81
C ILE C 260 14.94 2.09 -20.23
N GLY C 261 16.07 1.78 -19.59
CA GLY C 261 16.76 0.53 -19.85
C GLY C 261 18.21 0.64 -19.49
N VAL C 262 18.94 -0.44 -19.76
CA VAL C 262 20.38 -0.53 -19.58
C VAL C 262 21.06 -0.56 -20.93
N TYR C 263 22.12 0.25 -21.10
CA TYR C 263 22.75 0.46 -22.40
C TYR C 263 24.25 0.28 -22.25
N GLY C 264 24.69 -0.97 -22.27
CA GLY C 264 26.05 -1.34 -21.96
C GLY C 264 26.41 -1.14 -20.49
N SER C 265 27.32 -0.21 -20.24
CA SER C 265 27.81 0.08 -18.90
C SER C 265 27.03 1.18 -18.20
N SER C 266 25.78 1.43 -18.62
CA SER C 266 25.03 2.53 -18.06
C SER C 266 23.55 2.17 -17.99
N VAL C 267 22.87 2.74 -17.01
CA VAL C 267 21.43 2.61 -16.85
C VAL C 267 20.79 3.96 -17.12
N ILE C 268 19.76 3.96 -17.97
CA ILE C 268 19.00 5.16 -18.28
C ILE C 268 17.64 5.03 -17.62
N TYR C 269 17.28 6.01 -16.80
CA TYR C 269 15.95 6.12 -16.24
C TYR C 269 15.54 7.58 -16.24
N MET C 270 14.25 7.81 -16.17
CA MET C 270 13.69 9.15 -16.12
C MET C 270 12.90 9.36 -14.85
N VAL C 271 13.05 10.55 -14.28
CA VAL C 271 12.21 11.03 -13.19
C VAL C 271 11.24 12.05 -13.75
N GLN C 272 9.97 11.90 -13.40
CA GLN C 272 8.93 12.86 -13.73
C GLN C 272 8.66 13.78 -12.55
N LEU C 273 8.83 15.08 -12.75
CA LEU C 273 8.49 16.07 -11.72
C LEU C 273 7.18 16.77 -12.05
N PRO C 274 6.37 17.07 -11.04
CA PRO C 274 5.10 17.79 -11.26
C PRO C 274 5.31 19.26 -11.63
N ILE C 275 4.69 19.68 -12.72
CA ILE C 275 4.41 21.09 -13.00
C ILE C 275 3.08 21.49 -12.36
N PHE C 276 3.14 22.43 -11.42
CA PHE C 276 1.96 22.93 -10.71
C PHE C 276 1.47 24.23 -11.37
N GLY C 277 0.80 24.07 -12.51
CA GLY C 277 0.40 25.19 -13.35
C GLY C 277 -0.89 25.90 -12.95
N VAL C 278 -1.69 25.32 -12.08
CA VAL C 278 -2.78 26.04 -11.41
C VAL C 278 -2.42 26.18 -9.94
N ILE C 279 -2.38 27.42 -9.47
CA ILE C 279 -1.90 27.76 -8.13
C ILE C 279 -2.76 28.88 -7.57
N ASP C 280 -2.88 28.91 -6.25
CA ASP C 280 -3.52 29.99 -5.49
C ASP C 280 -5.00 30.20 -5.82
N THR C 281 -5.64 29.28 -6.54
CA THR C 281 -7.09 29.39 -6.72
C THR C 281 -7.84 28.85 -5.50
N PRO C 282 -9.09 29.29 -5.30
CA PRO C 282 -9.88 28.80 -4.17
C PRO C 282 -10.16 27.31 -4.21
N CYS C 283 -10.06 26.67 -3.03
CA CYS C 283 -10.44 25.28 -2.85
C CYS C 283 -11.15 25.12 -1.51
N TRP C 284 -12.07 24.15 -1.45
CA TRP C 284 -12.79 23.85 -0.22
C TRP C 284 -13.01 22.34 -0.10
N ILE C 285 -13.17 21.88 1.14
CA ILE C 285 -13.47 20.49 1.46
C ILE C 285 -14.86 20.40 2.08
N VAL C 286 -15.69 19.52 1.55
CA VAL C 286 -16.94 19.13 2.19
C VAL C 286 -16.75 17.82 2.94
N LYS C 287 -17.16 17.82 4.20
CA LYS C 287 -17.38 16.59 4.97
C LYS C 287 -18.82 16.57 5.47
N ALA C 288 -19.38 15.37 5.60
CA ALA C 288 -20.79 15.24 6.00
C ALA C 288 -20.97 14.01 6.87
N ALA C 289 -22.00 14.06 7.71
CA ALA C 289 -22.39 12.97 8.60
C ALA C 289 -23.87 12.68 8.45
N PRO C 290 -24.30 11.47 8.82
CA PRO C 290 -25.72 11.09 8.68
C PRO C 290 -26.69 12.01 9.39
N SER C 291 -27.57 12.63 8.62
CA SER C 291 -28.67 13.44 9.12
C SER C 291 -29.95 12.61 9.19
N CYS C 292 -30.49 12.41 10.40
CA CYS C 292 -31.67 11.57 10.56
C CYS C 292 -32.75 12.25 11.40
N SER C 293 -33.98 11.77 11.21
CA SER C 293 -35.17 12.29 11.88
C SER C 293 -36.14 11.14 12.09
N GLU C 294 -36.98 11.25 13.12
CA GLU C 294 -37.93 10.20 13.49
C GLU C 294 -39.34 10.59 13.06
N LYS C 295 -39.94 9.78 12.18
CA LYS C 295 -41.21 10.15 11.57
C LYS C 295 -42.39 9.49 12.28
N LYS C 296 -42.68 8.24 11.93
CA LYS C 296 -43.68 7.41 12.60
C LYS C 296 -43.08 6.66 13.78
N GLY C 297 -42.19 7.32 14.51
CA GLY C 297 -41.30 6.67 15.44
C GLY C 297 -40.16 5.93 14.77
N ASN C 298 -40.02 6.04 13.45
CA ASN C 298 -39.00 5.32 12.70
C ASN C 298 -38.11 6.34 11.99
N TYR C 299 -36.83 6.01 11.85
CA TYR C 299 -35.85 6.95 11.32
C TYR C 299 -35.90 7.05 9.80
N ALA C 300 -35.90 8.29 9.31
CA ALA C 300 -35.47 8.65 7.97
C ALA C 300 -34.08 9.30 8.06
N CYS C 301 -33.18 8.93 7.16
CA CYS C 301 -31.84 9.47 7.15
C CYS C 301 -31.45 9.91 5.76
N LEU C 302 -30.53 10.87 5.69
CA LEU C 302 -29.77 11.14 4.47
C LEU C 302 -28.30 11.35 4.81
N LEU C 303 -27.45 11.04 3.84
CA LEU C 303 -26.04 11.40 3.87
C LEU C 303 -25.68 12.03 2.54
N ARG C 304 -24.99 13.18 2.57
CA ARG C 304 -24.39 13.73 1.36
C ARG C 304 -23.23 12.88 0.86
N GLU C 305 -23.27 12.55 -0.43
CA GLU C 305 -22.28 11.71 -1.08
C GLU C 305 -21.23 12.53 -1.83
N ASP C 306 -21.44 13.82 -2.01
CA ASP C 306 -20.55 14.73 -2.73
C ASP C 306 -19.43 15.28 -1.85
N GLN C 307 -18.98 14.49 -0.89
CA GLN C 307 -17.91 14.87 0.01
C GLN C 307 -16.55 14.87 -0.71
N GLY C 308 -15.61 15.58 -0.09
CA GLY C 308 -14.25 15.69 -0.58
C GLY C 308 -13.89 17.07 -1.08
N TRP C 309 -12.80 17.13 -1.84
CA TRP C 309 -12.19 18.38 -2.25
C TRP C 309 -12.80 18.95 -3.52
N TYR C 310 -12.90 20.28 -3.54
CA TYR C 310 -13.34 21.04 -4.70
C TYR C 310 -12.36 22.19 -4.89
N CYS C 311 -12.14 22.58 -6.15
CA CYS C 311 -11.37 23.76 -6.47
C CYS C 311 -11.99 24.48 -7.66
N GLN C 312 -11.61 25.74 -7.82
CA GLN C 312 -11.86 26.48 -9.05
C GLN C 312 -10.64 26.45 -9.95
N ASN C 313 -10.85 26.08 -11.21
CA ASN C 313 -9.83 26.17 -12.24
C ASN C 313 -10.40 26.95 -13.42
N ALA C 314 -9.75 28.05 -13.78
CA ALA C 314 -10.01 28.80 -15.00
C ALA C 314 -11.50 28.93 -15.30
N GLY C 315 -12.23 29.43 -14.32
CA GLY C 315 -13.64 29.71 -14.51
C GLY C 315 -14.51 28.48 -14.49
N SER C 316 -14.02 27.39 -13.92
CA SER C 316 -14.80 26.17 -13.74
C SER C 316 -14.49 25.59 -12.38
N THR C 317 -15.44 24.83 -11.85
CA THR C 317 -15.30 24.16 -10.56
C THR C 317 -15.04 22.69 -10.84
N VAL C 318 -14.06 22.14 -10.14
CA VAL C 318 -13.60 20.78 -10.37
C VAL C 318 -13.60 20.03 -9.04
N TYR C 319 -14.14 18.82 -9.07
CA TYR C 319 -14.31 17.98 -7.91
C TYR C 319 -13.27 16.87 -7.93
N TYR C 320 -12.67 16.61 -6.77
CA TYR C 320 -11.60 15.63 -6.64
C TYR C 320 -12.06 14.48 -5.75
N PRO C 321 -12.75 13.48 -6.31
CA PRO C 321 -13.63 12.63 -5.50
C PRO C 321 -12.94 11.54 -4.71
N CYS C 322 -11.62 11.45 -4.73
CA CYS C 322 -10.93 10.32 -4.10
C CYS C 322 -9.84 10.79 -3.14
N GLU C 323 -9.67 10.02 -2.06
CA GLU C 323 -8.83 10.43 -0.93
C GLU C 323 -7.35 10.30 -1.22
N LYS C 324 -6.97 9.54 -2.23
CA LYS C 324 -5.57 9.23 -2.53
C LYS C 324 -4.86 10.35 -3.28
N ASP C 325 -5.58 11.37 -3.76
CA ASP C 325 -4.93 12.48 -4.43
C ASP C 325 -4.66 13.71 -3.55
N CYS C 326 -5.70 14.45 -3.18
CA CYS C 326 -5.50 15.80 -2.66
C CYS C 326 -4.88 15.85 -1.28
N GLU C 327 -3.60 15.51 -1.20
CA GLU C 327 -2.77 15.78 -0.04
C GLU C 327 -2.71 17.28 0.24
N THR C 328 -2.63 17.63 1.53
CA THR C 328 -2.76 19.01 1.95
C THR C 328 -1.70 19.34 3.00
N ARG C 329 -1.08 20.51 2.84
CA ARG C 329 -0.15 21.06 3.81
C ARG C 329 -0.51 22.52 4.07
N GLY C 330 -0.82 22.83 5.31
CA GLY C 330 -1.31 24.15 5.66
C GLY C 330 -2.54 24.53 4.87
N ASP C 331 -2.50 25.71 4.26
CA ASP C 331 -3.56 26.12 3.35
C ASP C 331 -3.43 25.54 1.96
N HIS C 332 -2.28 24.99 1.61
CA HIS C 332 -2.04 24.50 0.26
C HIS C 332 -2.57 23.07 0.10
N VAL C 333 -3.48 22.89 -0.84
CA VAL C 333 -4.03 21.58 -1.20
C VAL C 333 -3.46 21.17 -2.55
N PHE C 334 -2.85 19.99 -2.59
CA PHE C 334 -2.06 19.54 -3.73
C PHE C 334 -2.80 18.40 -4.43
N CYS C 335 -3.22 18.62 -5.67
CA CYS C 335 -4.04 17.63 -6.36
C CYS C 335 -3.52 17.42 -7.78
N ASP C 336 -3.71 16.21 -8.29
CA ASP C 336 -3.62 15.93 -9.71
C ASP C 336 -4.84 16.47 -10.46
N THR C 337 -4.62 17.34 -11.43
CA THR C 337 -5.72 17.82 -12.26
C THR C 337 -6.39 16.69 -13.04
N ALA C 338 -5.63 15.68 -13.44
CA ALA C 338 -6.22 14.49 -14.07
C ALA C 338 -7.19 13.76 -13.15
N ALA C 339 -7.01 13.86 -11.84
CA ALA C 339 -7.95 13.27 -10.89
C ALA C 339 -9.20 14.10 -10.68
N GLY C 340 -9.37 15.21 -11.38
CA GLY C 340 -10.55 16.02 -11.21
C GLY C 340 -11.71 15.65 -12.12
N ILE C 341 -12.92 15.79 -11.59
CA ILE C 341 -14.15 15.74 -12.35
C ILE C 341 -14.76 17.15 -12.36
N ASN C 342 -15.01 17.67 -13.56
CA ASN C 342 -15.63 18.98 -13.66
C ASN C 342 -17.09 18.89 -13.24
N VAL C 343 -17.51 19.85 -12.42
CA VAL C 343 -18.86 19.89 -11.87
C VAL C 343 -19.40 21.30 -12.01
N ALA C 344 -20.69 21.41 -12.30
CA ALA C 344 -21.30 22.72 -12.52
C ALA C 344 -21.10 23.64 -11.33
N GLU C 345 -20.90 24.93 -11.63
CA GLU C 345 -20.77 25.94 -10.58
C GLU C 345 -21.97 25.96 -9.65
N GLN C 346 -23.14 25.60 -10.15
CA GLN C 346 -24.35 25.53 -9.34
C GLN C 346 -24.30 24.44 -8.26
N SER C 347 -23.39 23.49 -8.35
CA SER C 347 -23.22 22.52 -7.26
C SER C 347 -22.95 23.17 -5.91
N LYS C 348 -22.48 24.42 -5.88
CA LYS C 348 -22.41 25.18 -4.63
C LYS C 348 -23.77 25.32 -3.95
N GLU C 349 -24.87 25.25 -4.69
CA GLU C 349 -26.21 25.27 -4.10
C GLU C 349 -26.55 24.03 -3.29
N CYS C 350 -25.79 22.94 -3.42
CA CYS C 350 -25.92 21.85 -2.46
C CYS C 350 -25.30 22.18 -1.11
N ASN C 351 -24.55 23.27 -1.02
CA ASN C 351 -24.06 23.79 0.25
C ASN C 351 -24.95 24.91 0.77
N ILE C 352 -25.17 25.95 -0.04
CA ILE C 352 -26.05 27.06 0.29
C ILE C 352 -27.46 26.71 -0.17
N ASN C 353 -28.28 26.23 0.77
CA ASN C 353 -29.71 25.94 0.55
C ASN C 353 -29.96 24.77 -0.40
N ILE C 354 -29.49 23.59 0.00
CA ILE C 354 -29.72 22.32 -0.70
C ILE C 354 -31.20 21.94 -0.79
N SER C 355 -32.03 22.44 0.13
CA SER C 355 -33.46 22.13 0.08
C SER C 355 -34.19 22.82 -1.08
N THR C 356 -33.79 24.02 -1.48
CA THR C 356 -34.50 24.72 -2.54
C THR C 356 -33.94 24.47 -3.94
N THR C 357 -32.68 24.10 -4.07
CA THR C 357 -32.05 24.03 -5.38
C THR C 357 -32.68 22.94 -6.23
N ASN C 358 -32.78 23.21 -7.53
CA ASN C 358 -33.17 22.25 -8.54
C ASN C 358 -32.00 21.44 -9.07
N TYR C 359 -30.77 21.80 -8.71
CA TYR C 359 -29.62 20.99 -9.04
C TYR C 359 -29.68 19.64 -8.32
N PRO C 360 -29.36 18.55 -9.00
CA PRO C 360 -29.44 17.19 -8.41
C PRO C 360 -28.30 16.88 -7.45
N CYS C 361 -28.48 17.32 -6.21
CA CYS C 361 -27.52 17.07 -5.14
C CYS C 361 -27.47 15.58 -4.82
N LYS C 362 -26.28 15.00 -4.91
CA LYS C 362 -26.12 13.55 -4.70
C LYS C 362 -26.13 13.20 -3.23
N VAL C 363 -26.99 12.25 -2.86
CA VAL C 363 -27.16 11.80 -1.49
C VAL C 363 -27.29 10.28 -1.49
N SER C 364 -27.11 9.70 -0.31
CA SER C 364 -27.70 8.41 0.02
C SER C 364 -28.68 8.59 1.15
N CYS C 365 -29.79 7.86 1.08
CA CYS C 365 -30.82 7.94 2.09
C CYS C 365 -31.32 6.56 2.47
N GLY C 366 -31.98 6.48 3.62
CA GLY C 366 -32.49 5.22 4.10
C GLY C 366 -32.79 5.25 5.58
N ARG C 367 -33.07 4.06 6.10
CA ARG C 367 -33.53 3.84 7.47
C ARG C 367 -32.40 3.37 8.37
N HIS C 368 -31.28 4.07 8.33
CA HIS C 368 -30.00 3.54 8.81
C HIS C 368 -29.26 4.58 9.65
N PRO C 369 -29.73 4.83 10.88
CA PRO C 369 -29.18 5.91 11.72
C PRO C 369 -27.82 5.59 12.35
N ILE C 370 -26.76 5.72 11.56
CA ILE C 370 -25.40 5.54 12.04
C ILE C 370 -24.94 6.77 12.82
N SER C 371 -24.76 6.61 14.13
CA SER C 371 -24.08 7.59 14.97
C SER C 371 -22.57 7.57 14.73
N MET C 372 -21.95 8.74 14.50
CA MET C 372 -20.52 8.78 14.24
C MET C 372 -20.01 10.20 14.38
N VAL C 373 -18.68 10.32 14.43
CA VAL C 373 -17.96 11.59 14.48
C VAL C 373 -17.20 11.79 13.18
N ALA C 374 -17.63 12.75 12.36
CA ALA C 374 -16.87 13.21 11.21
C ALA C 374 -15.94 14.35 11.62
N LEU C 375 -14.72 14.00 12.00
CA LEU C 375 -13.68 14.99 12.30
C LEU C 375 -13.38 15.86 11.07
N SER C 376 -13.33 17.16 11.28
CA SER C 376 -13.23 18.18 10.25
C SER C 376 -12.16 19.18 10.66
N PRO C 377 -11.64 19.97 9.71
CA PRO C 377 -10.49 20.84 10.00
C PRO C 377 -10.65 21.71 11.24
N LEU C 378 -11.83 22.30 11.45
CA LEU C 378 -12.06 23.24 12.54
C LEU C 378 -13.08 22.75 13.56
N GLY C 379 -13.42 21.46 13.54
CA GLY C 379 -14.43 20.94 14.44
C GLY C 379 -14.79 19.51 14.08
N ALA C 380 -15.90 19.04 14.67
CA ALA C 380 -16.40 17.70 14.39
C ALA C 380 -17.90 17.72 14.19
N LEU C 381 -18.35 17.09 13.09
CA LEU C 381 -19.74 16.71 12.95
C LEU C 381 -20.00 15.47 13.79
N VAL C 382 -20.86 15.60 14.80
CA VAL C 382 -21.23 14.48 15.66
C VAL C 382 -22.67 14.13 15.41
N ALA C 383 -22.90 12.95 14.85
CA ALA C 383 -24.23 12.37 14.76
C ALA C 383 -24.39 11.40 15.93
N CYS C 384 -25.45 11.57 16.70
CA CYS C 384 -25.85 10.55 17.65
C CYS C 384 -27.36 10.41 17.66
N TYR C 385 -27.82 9.16 17.72
CA TYR C 385 -29.21 8.79 17.54
C TYR C 385 -29.57 7.73 18.56
N LYS C 386 -30.88 7.48 18.69
CA LYS C 386 -31.44 6.72 19.80
C LYS C 386 -30.66 5.45 20.07
N GLY C 387 -30.37 5.21 21.35
CA GLY C 387 -29.60 4.08 21.78
C GLY C 387 -28.11 4.31 21.91
N VAL C 388 -27.61 5.47 21.51
CA VAL C 388 -26.18 5.78 21.59
C VAL C 388 -26.00 7.09 22.35
N SER C 389 -25.03 7.12 23.27
CA SER C 389 -24.77 8.27 24.11
C SER C 389 -23.57 9.06 23.60
N CYS C 390 -23.71 10.39 23.60
CA CYS C 390 -22.76 11.27 22.94
C CYS C 390 -22.45 12.46 23.83
N SER C 391 -21.15 12.76 23.98
CA SER C 391 -20.67 13.72 24.95
C SER C 391 -19.50 14.50 24.36
N ILE C 392 -19.27 15.68 24.92
CA ILE C 392 -18.05 16.43 24.67
C ILE C 392 -17.40 16.78 26.00
N GLY C 393 -16.07 16.84 26.00
CA GLY C 393 -15.35 17.10 27.23
C GLY C 393 -14.01 17.74 26.96
N SER C 394 -13.45 18.32 28.03
CA SER C 394 -12.09 18.81 28.05
C SER C 394 -11.30 18.06 29.11
N ASN C 395 -10.00 17.85 28.83
CA ASN C 395 -9.16 17.06 29.71
C ASN C 395 -9.12 17.59 31.14
N ARG C 396 -9.20 18.91 31.30
CA ARG C 396 -9.23 19.53 32.63
C ARG C 396 -10.64 19.73 33.16
N VAL C 397 -11.58 20.13 32.32
CA VAL C 397 -12.95 20.36 32.77
C VAL C 397 -13.65 19.05 33.08
N GLY C 398 -13.36 17.99 32.32
CA GLY C 398 -14.25 16.85 32.23
C GLY C 398 -15.34 17.05 31.20
N ILE C 399 -16.50 16.43 31.44
CA ILE C 399 -17.60 16.53 30.50
C ILE C 399 -18.12 17.96 30.45
N ILE C 400 -17.98 18.60 29.29
CA ILE C 400 -18.48 19.95 29.06
C ILE C 400 -19.98 19.95 28.82
N LYS C 401 -20.48 18.98 28.05
CA LYS C 401 -21.90 18.89 27.71
C LYS C 401 -22.23 17.47 27.27
N GLN C 402 -23.50 17.09 27.42
CA GLN C 402 -24.05 15.89 26.81
C GLN C 402 -24.95 16.28 25.63
N LEU C 403 -24.68 15.68 24.47
CA LEU C 403 -25.25 16.19 23.23
C LEU C 403 -26.66 15.65 22.99
N ASN C 404 -27.49 16.50 22.40
CA ASN C 404 -28.83 16.11 21.97
C ASN C 404 -28.76 15.11 20.82
N LYS C 405 -29.79 14.28 20.73
CA LYS C 405 -29.93 13.40 19.57
C LYS C 405 -30.13 14.23 18.32
N GLY C 406 -29.40 13.89 17.26
CA GLY C 406 -29.29 14.75 16.10
C GLY C 406 -27.85 14.89 15.67
N CYS C 407 -27.60 15.89 14.83
CA CYS C 407 -26.25 16.33 14.52
C CYS C 407 -25.87 17.54 15.35
N SER C 408 -24.64 17.54 15.83
CA SER C 408 -24.06 18.72 16.47
C SER C 408 -22.71 18.98 15.83
N TYR C 409 -22.47 20.22 15.43
CA TYR C 409 -21.14 20.65 15.05
C TYR C 409 -20.44 21.18 16.29
N ILE C 410 -19.48 20.41 16.79
CA ILE C 410 -18.64 20.80 17.91
C ILE C 410 -17.41 21.52 17.36
N THR C 411 -17.38 22.84 17.49
CA THR C 411 -16.19 23.56 17.05
C THR C 411 -15.01 23.17 17.94
N ASN C 412 -13.83 23.16 17.35
CA ASN C 412 -12.71 22.62 18.11
C ASN C 412 -12.21 23.53 19.21
N GLN C 413 -12.91 24.62 19.50
CA GLN C 413 -12.74 25.35 20.74
C GLN C 413 -13.76 24.98 21.80
N ASP C 414 -14.89 24.38 21.41
CA ASP C 414 -15.91 23.98 22.38
C ASP C 414 -15.43 22.84 23.28
N ALA C 415 -14.53 21.99 22.80
CA ALA C 415 -14.10 20.85 23.59
C ALA C 415 -12.78 20.33 23.06
N ASP C 416 -12.09 19.56 23.90
CA ASP C 416 -10.93 18.79 23.47
C ASP C 416 -11.29 17.44 22.89
N THR C 417 -12.42 16.85 23.28
CA THR C 417 -12.79 15.52 22.84
C THR C 417 -14.29 15.40 22.63
N VAL C 418 -14.67 14.48 21.75
CA VAL C 418 -16.03 13.97 21.66
C VAL C 418 -15.99 12.50 22.03
N THR C 419 -16.93 12.08 22.86
CA THR C 419 -17.08 10.67 23.21
C THR C 419 -18.37 10.12 22.61
N ILE C 420 -18.26 8.98 21.93
CA ILE C 420 -19.40 8.20 21.47
C ILE C 420 -19.20 6.78 21.99
N ASP C 421 -20.24 6.22 22.61
CA ASP C 421 -20.26 4.84 23.09
C ASP C 421 -19.11 4.50 24.03
N ASN C 422 -18.52 5.51 24.66
CA ASN C 422 -17.24 5.50 25.39
C ASN C 422 -16.00 5.42 24.50
N THR C 423 -16.15 5.39 23.17
CA THR C 423 -15.01 5.71 22.30
C THR C 423 -14.73 7.20 22.33
N VAL C 424 -13.49 7.57 22.63
CA VAL C 424 -13.07 8.97 22.73
C VAL C 424 -12.39 9.39 21.44
N TYR C 425 -12.91 10.46 20.84
CA TYR C 425 -12.34 11.11 19.66
C TYR C 425 -11.70 12.44 20.03
N GLN C 426 -10.46 12.65 19.61
CA GLN C 426 -9.75 13.90 19.86
C GLN C 426 -10.06 14.91 18.75
N LEU C 427 -10.31 16.15 19.15
CA LEU C 427 -10.48 17.26 18.23
C LEU C 427 -9.17 17.94 17.86
N SER C 428 -9.14 18.54 16.68
CA SER C 428 -7.96 19.28 16.21
C SER C 428 -7.74 20.54 17.02
N LYS C 429 -6.47 20.88 17.24
CA LYS C 429 -6.12 22.14 17.92
C LYS C 429 -6.21 23.36 17.02
N VAL C 430 -6.20 23.18 15.69
CA VAL C 430 -6.03 24.30 14.77
C VAL C 430 -7.23 25.26 14.83
N GLU C 431 -6.94 26.55 14.86
CA GLU C 431 -7.92 27.61 14.99
C GLU C 431 -8.35 28.17 13.63
N GLY C 432 -9.51 28.80 13.63
CA GLY C 432 -10.06 29.40 12.42
C GLY C 432 -11.44 29.96 12.70
N GLU C 433 -12.04 30.55 11.68
CA GLU C 433 -13.44 30.96 11.77
C GLU C 433 -14.36 29.75 11.67
N GLN C 434 -15.37 29.71 12.53
CA GLN C 434 -16.45 28.73 12.44
C GLN C 434 -17.79 29.43 12.38
N HIS C 435 -18.65 28.97 11.47
CA HIS C 435 -19.95 29.59 11.23
C HIS C 435 -21.01 28.50 11.15
N VAL C 436 -22.27 28.87 11.42
CA VAL C 436 -23.40 27.98 11.34
C VAL C 436 -24.47 28.57 10.43
N ILE C 437 -24.69 27.95 9.27
CA ILE C 437 -25.81 28.26 8.40
C ILE C 437 -27.05 27.51 8.90
N LYS C 438 -27.80 28.17 9.78
CA LYS C 438 -28.97 27.57 10.40
C LYS C 438 -30.02 27.18 9.37
N GLY C 439 -30.72 26.07 9.66
CA GLY C 439 -31.85 25.63 8.87
C GLY C 439 -32.35 24.25 9.28
N ARG C 440 -33.66 24.08 9.24
CA ARG C 440 -34.30 22.80 9.56
C ARG C 440 -33.79 21.69 8.66
N PRO C 441 -33.27 20.59 9.22
CA PRO C 441 -32.74 19.50 8.39
C PRO C 441 -33.73 19.02 7.32
N VAL C 442 -33.19 18.68 6.16
CA VAL C 442 -34.00 18.10 5.08
C VAL C 442 -34.70 16.84 5.56
N SER C 443 -33.98 15.98 6.28
CA SER C 443 -34.55 14.76 6.82
C SER C 443 -35.78 15.00 7.67
N SER C 444 -35.90 16.18 8.27
CA SER C 444 -37.08 16.55 9.03
C SER C 444 -38.12 17.30 8.20
N SER C 445 -37.68 18.21 7.34
CA SER C 445 -38.59 19.09 6.64
C SER C 445 -39.30 18.41 5.47
N PHE C 446 -38.76 17.33 4.95
CA PHE C 446 -39.43 16.58 3.89
C PHE C 446 -39.72 15.16 4.35
N ASP C 447 -40.82 14.62 3.86
CA ASP C 447 -41.22 13.25 4.16
C ASP C 447 -40.39 12.25 3.34
N PRO C 448 -39.99 11.13 3.94
CA PRO C 448 -39.29 10.10 3.16
C PRO C 448 -40.20 9.46 2.13
N VAL C 449 -39.61 9.07 1.01
CA VAL C 449 -40.35 8.35 -0.02
C VAL C 449 -40.78 6.99 0.50
N LYS C 450 -42.04 6.65 0.27
CA LYS C 450 -42.59 5.42 0.84
C LYS C 450 -41.84 4.19 0.35
N PHE C 451 -41.53 4.14 -0.95
CA PHE C 451 -40.72 3.07 -1.52
C PHE C 451 -40.07 3.54 -2.82
N PRO C 452 -38.84 3.11 -3.13
CA PRO C 452 -37.85 2.46 -2.26
C PRO C 452 -37.19 3.47 -1.33
N GLN C 453 -37.28 3.22 -0.02
CA GLN C 453 -36.80 4.21 0.94
C GLN C 453 -35.28 4.23 1.03
N ASP C 454 -34.64 3.06 1.13
CA ASP C 454 -33.19 3.00 1.05
C ASP C 454 -32.70 3.14 -0.38
N GLN C 455 -31.80 4.09 -0.60
CA GLN C 455 -31.24 4.37 -1.92
C GLN C 455 -29.80 4.85 -1.76
N PHE C 456 -28.98 4.57 -2.76
CA PHE C 456 -27.55 4.85 -2.71
C PHE C 456 -27.12 5.73 -3.87
N ASN C 457 -26.42 6.82 -3.56
CA ASN C 457 -25.88 7.76 -4.54
C ASN C 457 -26.95 8.26 -5.50
N VAL C 458 -28.11 8.59 -4.97
CA VAL C 458 -29.22 9.10 -5.76
C VAL C 458 -29.28 10.62 -5.62
N ALA C 459 -30.02 11.26 -6.51
CA ALA C 459 -30.32 12.67 -6.36
C ALA C 459 -31.39 12.88 -5.29
N LEU C 460 -31.31 14.02 -4.60
CA LEU C 460 -32.11 14.24 -3.40
C LEU C 460 -33.61 14.26 -3.68
N ASP C 461 -34.03 14.73 -4.86
CA ASP C 461 -35.45 14.72 -5.16
C ASP C 461 -36.03 13.31 -5.21
N GLN C 462 -35.17 12.31 -5.30
CA GLN C 462 -35.57 10.91 -5.34
C GLN C 462 -35.69 10.28 -3.95
N CYS C 463 -35.06 10.88 -2.94
CA CYS C 463 -35.21 10.39 -1.57
C CYS C 463 -36.46 10.94 -0.88
N PHE C 464 -36.84 12.18 -1.17
CA PHE C 464 -37.80 12.88 -0.33
C PHE C 464 -38.90 13.47 -1.19
N GLU C 465 -40.15 13.26 -0.78
CA GLU C 465 -41.31 13.67 -1.55
C GLU C 465 -41.54 15.18 -1.43
N GLN D 1 16.79 41.52 25.79
CA GLN D 1 16.39 40.72 26.95
C GLN D 1 14.89 40.42 26.91
N VAL D 2 14.47 39.40 27.65
CA VAL D 2 13.05 39.10 27.78
C VAL D 2 12.35 40.22 28.53
N ARG D 3 11.37 40.86 27.90
CA ARG D 3 10.56 41.88 28.53
C ARG D 3 9.08 41.67 28.21
N LEU D 4 8.24 41.86 29.23
CA LEU D 4 6.80 41.67 29.13
C LEU D 4 6.09 43.00 29.40
N GLU D 5 6.12 43.90 28.43
CA GLU D 5 5.58 45.25 28.62
C GLU D 5 4.06 45.21 28.69
N GLN D 6 3.49 45.42 29.87
CA GLN D 6 2.05 45.44 30.04
C GLN D 6 1.45 46.82 29.73
N SER D 7 0.13 46.82 29.53
CA SER D 7 -0.69 48.02 29.49
C SER D 7 -0.63 48.84 30.78
N GLY D 8 -0.68 50.17 30.61
CA GLY D 8 -0.94 51.06 31.72
C GLY D 8 -2.31 50.84 32.37
N ALA D 9 -2.45 51.39 33.57
CA ALA D 9 -3.61 51.21 34.43
C ALA D 9 -4.89 51.79 33.82
N ASP D 10 -6.03 51.34 34.36
CA ASP D 10 -7.32 51.95 34.07
C ASP D 10 -8.27 51.70 35.24
N VAL D 11 -9.43 52.38 35.20
CA VAL D 11 -10.44 52.30 36.24
C VAL D 11 -11.78 51.92 35.63
N LYS D 12 -12.57 51.13 36.37
CA LYS D 12 -13.86 50.65 35.90
C LYS D 12 -14.88 50.67 37.03
N LYS D 13 -16.16 50.66 36.66
CA LYS D 13 -17.26 50.44 37.59
C LYS D 13 -17.46 48.95 37.86
N PRO D 14 -18.03 48.60 39.01
CA PRO D 14 -18.48 47.21 39.20
C PRO D 14 -19.52 46.82 38.16
N GLY D 15 -19.46 45.55 37.75
CA GLY D 15 -20.25 45.06 36.64
C GLY D 15 -19.68 45.31 35.26
N ALA D 16 -18.70 46.19 35.12
CA ALA D 16 -18.03 46.40 33.84
C ALA D 16 -17.00 45.29 33.58
N SER D 17 -16.27 45.44 32.48
CA SER D 17 -15.24 44.50 32.08
C SER D 17 -13.96 45.26 31.76
N VAL D 18 -12.82 44.59 31.91
CA VAL D 18 -11.51 45.18 31.67
C VAL D 18 -10.68 44.25 30.80
N ARG D 19 -9.98 44.83 29.82
CA ARG D 19 -9.09 44.08 28.93
C ARG D 19 -7.64 44.54 29.11
N VAL D 20 -6.91 43.81 29.94
CA VAL D 20 -5.48 44.03 30.16
C VAL D 20 -4.69 43.43 29.01
N SER D 21 -3.46 43.91 28.82
CA SER D 21 -2.60 43.43 27.73
C SER D 21 -1.16 43.30 28.20
N CYS D 22 -0.43 42.41 27.50
CA CYS D 22 1.00 42.19 27.69
C CYS D 22 1.67 42.03 26.33
N LYS D 23 2.79 42.71 26.13
CA LYS D 23 3.57 42.59 24.90
C LYS D 23 4.83 41.77 25.19
N ALA D 24 4.98 40.66 24.48
CA ALA D 24 6.15 39.80 24.61
C ALA D 24 7.31 40.28 23.75
N SER D 25 8.52 40.01 24.22
CA SER D 25 9.72 40.31 23.46
C SER D 25 10.89 39.50 24.00
N GLY D 26 11.90 39.31 23.15
CA GLY D 26 13.15 38.70 23.55
C GLY D 26 13.19 37.18 23.60
N TYR D 27 12.10 36.51 23.23
CA TYR D 27 12.10 35.05 23.22
C TYR D 27 11.20 34.56 22.09
N THR D 28 11.37 33.28 21.74
CA THR D 28 10.48 32.64 20.78
C THR D 28 9.08 32.51 21.36
N PHE D 29 8.21 33.43 20.94
CA PHE D 29 6.91 33.65 21.60
C PHE D 29 6.09 32.38 21.73
N ASN D 30 5.99 31.60 20.66
CA ASN D 30 5.18 30.38 20.64
C ASN D 30 5.62 29.35 21.68
N GLY D 31 6.86 29.42 22.17
CA GLY D 31 7.44 28.32 22.90
C GLY D 31 7.21 28.26 24.39
N TYR D 32 6.58 29.27 24.99
CA TYR D 32 6.51 29.37 26.44
C TYR D 32 5.12 29.78 26.88
N TYR D 33 4.62 29.13 27.93
CA TYR D 33 3.34 29.49 28.51
C TYR D 33 3.44 30.85 29.17
N ILE D 34 2.38 31.64 29.07
CA ILE D 34 2.27 32.89 29.81
C ILE D 34 1.22 32.71 30.90
N HIS D 35 1.60 32.97 32.13
CA HIS D 35 0.73 32.91 33.29
C HIS D 35 0.28 34.32 33.66
N TRP D 36 -1.00 34.49 33.93
CA TRP D 36 -1.52 35.72 34.50
C TRP D 36 -1.83 35.49 35.97
N VAL D 37 -1.34 36.39 36.82
CA VAL D 37 -1.48 36.30 38.26
C VAL D 37 -1.85 37.67 38.81
N ARG D 38 -2.37 37.68 40.04
CA ARG D 38 -3.07 38.81 40.58
C ARG D 38 -2.56 39.09 41.99
N GLN D 39 -2.44 40.36 42.34
CA GLN D 39 -2.06 40.78 43.69
C GLN D 39 -3.05 41.84 44.19
N ALA D 40 -3.99 41.43 45.04
CA ALA D 40 -4.88 42.37 45.69
C ALA D 40 -4.18 43.03 46.87
N PRO D 41 -4.03 44.35 46.88
CA PRO D 41 -3.29 45.00 47.96
C PRO D 41 -3.80 44.59 49.33
N GLY D 42 -2.87 44.18 50.20
CA GLY D 42 -3.21 43.60 51.48
C GLY D 42 -3.40 42.09 51.46
N GLN D 43 -3.22 41.45 50.31
CA GLN D 43 -3.35 40.01 50.18
C GLN D 43 -2.19 39.46 49.36
N GLY D 44 -2.01 38.14 49.44
CA GLY D 44 -0.96 37.49 48.68
C GLY D 44 -1.28 37.40 47.19
N LEU D 45 -0.25 37.01 46.44
CA LEU D 45 -0.40 36.75 45.01
C LEU D 45 -1.38 35.63 44.74
N GLU D 46 -2.15 35.79 43.66
CA GLU D 46 -3.25 34.88 43.31
C GLU D 46 -3.16 34.62 41.82
N TRP D 47 -3.30 33.35 41.43
CA TRP D 47 -3.10 32.94 40.05
C TRP D 47 -4.40 32.91 39.27
N MET D 48 -4.44 33.64 38.15
CA MET D 48 -5.61 33.67 37.27
C MET D 48 -5.71 32.40 36.43
N GLY D 49 -4.61 32.06 35.76
CA GLY D 49 -4.65 31.12 34.66
C GLY D 49 -3.38 31.20 33.85
N TRP D 50 -3.33 30.38 32.80
CA TRP D 50 -2.26 30.45 31.82
C TRP D 50 -2.83 30.29 30.41
N ILE D 51 -2.03 30.72 29.44
CA ILE D 51 -2.34 30.54 28.02
C ILE D 51 -1.12 29.95 27.32
N ASN D 52 -1.37 28.97 26.45
CA ASN D 52 -0.35 28.49 25.52
C ASN D 52 -0.37 29.32 24.25
N PRO D 53 0.67 30.10 23.94
CA PRO D 53 0.64 30.93 22.72
C PRO D 53 0.70 30.13 21.45
N TYR D 54 1.20 28.89 21.49
CA TYR D 54 1.31 28.08 20.27
C TYR D 54 -0.05 27.63 19.78
N THR D 55 -0.97 27.36 20.69
CA THR D 55 -2.26 26.77 20.38
C THR D 55 -3.44 27.60 20.88
N GLY D 56 -3.20 28.60 21.72
CA GLY D 56 -4.25 29.32 22.40
C GLY D 56 -4.99 28.52 23.45
N GLU D 57 -4.47 27.35 23.81
CA GLU D 57 -5.08 26.57 24.88
C GLU D 57 -4.91 27.30 26.20
N THR D 58 -5.92 27.24 27.06
CA THR D 58 -5.93 27.99 28.30
C THR D 58 -6.35 27.12 29.47
N ASN D 59 -5.82 27.46 30.63
CA ASN D 59 -6.30 26.96 31.92
C ASN D 59 -6.71 28.16 32.78
N TYR D 60 -7.83 28.04 33.47
CA TYR D 60 -8.28 29.06 34.40
C TYR D 60 -8.51 28.46 35.78
N ALA D 61 -8.20 29.23 36.81
CA ALA D 61 -8.51 28.81 38.16
C ALA D 61 -10.02 28.68 38.34
N GLN D 62 -10.42 27.78 39.22
CA GLN D 62 -11.84 27.58 39.51
C GLN D 62 -12.53 28.86 39.97
N THR D 63 -11.80 29.74 40.67
CA THR D 63 -12.31 31.02 41.12
C THR D 63 -12.36 32.10 40.04
N PHE D 64 -12.00 31.80 38.79
CA PHE D 64 -12.20 32.75 37.71
C PHE D 64 -12.91 32.18 36.48
N ARG D 65 -13.08 30.87 36.39
CA ARG D 65 -13.86 30.29 35.31
C ARG D 65 -15.27 30.89 35.26
N GLY D 66 -15.71 31.24 34.05
CA GLY D 66 -16.93 31.98 33.85
C GLY D 66 -16.82 33.48 33.88
N ARG D 67 -15.64 34.01 34.19
CA ARG D 67 -15.48 35.46 34.15
C ARG D 67 -14.25 35.90 33.36
N VAL D 68 -13.10 35.24 33.55
CA VAL D 68 -11.90 35.57 32.79
C VAL D 68 -11.97 34.93 31.41
N THR D 69 -11.24 35.52 30.47
CA THR D 69 -10.86 34.85 29.22
C THR D 69 -9.51 35.39 28.75
N LEU D 70 -8.52 34.52 28.66
CA LEU D 70 -7.21 34.85 28.09
C LEU D 70 -7.19 34.71 26.57
N THR D 71 -6.26 35.43 25.94
CA THR D 71 -6.21 35.52 24.49
C THR D 71 -4.79 35.95 24.11
N ARG D 72 -4.39 35.67 22.86
CA ARG D 72 -3.14 36.19 22.33
C ARG D 72 -3.29 36.49 20.85
N ASP D 73 -2.42 37.38 20.35
CA ASP D 73 -2.21 37.61 18.92
C ASP D 73 -0.79 37.19 18.58
N THR D 74 -0.65 36.16 17.75
CA THR D 74 0.65 35.64 17.38
C THR D 74 1.36 36.50 16.33
N SER D 75 0.63 37.34 15.60
CA SER D 75 1.28 38.27 14.69
C SER D 75 1.90 39.44 15.45
N LEU D 76 1.24 39.90 16.50
CA LEU D 76 1.68 41.06 17.25
C LEU D 76 2.53 40.68 18.46
N LYS D 77 2.78 39.38 18.66
CA LYS D 77 3.41 38.85 19.85
C LYS D 77 2.87 39.46 21.13
N THR D 78 1.55 39.60 21.21
CA THR D 78 0.89 40.34 22.27
C THR D 78 -0.12 39.44 22.96
N LEU D 79 -0.30 39.64 24.26
CA LEU D 79 -1.17 38.82 25.09
C LEU D 79 -2.22 39.71 25.74
N HIS D 80 -3.40 39.13 26.04
CA HIS D 80 -4.47 39.88 26.66
C HIS D 80 -5.20 39.06 27.72
N LEU D 81 -5.61 39.73 28.79
CA LEU D 81 -6.54 39.21 29.79
C LEU D 81 -7.83 40.03 29.74
N ASP D 82 -8.95 39.35 29.49
CA ASP D 82 -10.27 39.96 29.56
C ASP D 82 -11.01 39.40 30.77
N LEU D 83 -11.42 40.28 31.68
CA LEU D 83 -12.16 39.89 32.87
C LEU D 83 -13.54 40.55 32.89
N ILE D 84 -14.58 39.73 32.86
CA ILE D 84 -15.99 40.13 32.76
C ILE D 84 -16.60 40.30 34.14
N SER D 85 -17.56 41.23 34.25
CA SER D 85 -18.41 41.42 35.43
C SER D 85 -17.57 41.59 36.70
N LEU D 86 -16.88 42.73 36.73
CA LEU D 86 -15.96 43.07 37.80
C LEU D 86 -16.68 43.31 39.11
N ARG D 87 -15.92 43.21 40.20
CA ARG D 87 -16.42 43.39 41.56
C ARG D 87 -15.42 44.27 42.30
N SER D 88 -15.87 44.85 43.42
CA SER D 88 -14.97 45.61 44.28
C SER D 88 -13.77 44.77 44.73
N GLY D 89 -13.99 43.48 44.97
CA GLY D 89 -12.92 42.55 45.33
C GLY D 89 -11.92 42.25 44.23
N ASP D 90 -12.17 42.70 43.01
CA ASP D 90 -11.21 42.56 41.91
C ASP D 90 -10.23 43.71 41.81
N THR D 91 -10.23 44.64 42.76
CA THR D 91 -9.19 45.67 42.85
C THR D 91 -7.82 45.06 43.12
N ALA D 92 -6.96 45.00 42.10
CA ALA D 92 -5.69 44.30 42.24
C ALA D 92 -4.74 44.72 41.12
N ILE D 93 -3.47 44.34 41.30
CA ILE D 93 -2.46 44.37 40.25
C ILE D 93 -2.41 43.03 39.53
N TYR D 94 -2.48 43.07 38.20
CA TYR D 94 -2.51 41.90 37.33
C TYR D 94 -1.19 41.78 36.57
N TYR D 95 -0.50 40.65 36.73
CA TYR D 95 0.84 40.44 36.20
C TYR D 95 0.86 39.39 35.09
N CYS D 96 1.51 39.74 33.98
CA CYS D 96 1.93 38.81 32.94
C CYS D 96 3.22 38.13 33.38
N ALA D 97 3.30 36.81 33.25
CA ALA D 97 4.57 36.14 33.52
C ALA D 97 4.84 34.95 32.60
N ARG D 98 6.07 34.88 32.10
CA ARG D 98 6.54 33.76 31.28
C ARG D 98 6.83 32.53 32.13
N GLY D 99 6.10 31.44 31.87
CA GLY D 99 6.39 30.18 32.51
C GLY D 99 7.64 29.49 31.96
N ASN D 100 8.35 28.79 32.84
CA ASN D 100 9.42 27.88 32.47
C ASN D 100 9.29 26.60 33.29
N CYS D 101 9.93 25.53 32.82
CA CYS D 101 9.46 24.18 33.08
C CYS D 101 10.43 23.38 33.93
N SER D 102 9.90 22.61 34.87
CA SER D 102 10.68 21.57 35.53
C SER D 102 11.10 20.50 34.53
N ILE D 103 12.23 19.85 34.81
CA ILE D 103 12.56 18.61 34.11
C ILE D 103 11.50 17.53 34.30
N SER D 104 10.59 17.72 35.27
CA SER D 104 9.42 16.87 35.45
C SER D 104 8.37 17.06 34.36
N GLY D 105 8.52 18.07 33.52
CA GLY D 105 7.59 18.46 32.48
C GLY D 105 6.90 19.76 32.80
N CYS D 106 6.50 20.47 31.75
CA CYS D 106 5.94 21.82 31.86
C CYS D 106 4.64 21.91 32.65
N TYR D 107 4.01 20.79 32.99
CA TYR D 107 2.93 20.84 33.97
C TYR D 107 3.43 21.46 35.27
N TYR D 108 4.67 21.15 35.64
CA TYR D 108 5.36 21.70 36.79
C TYR D 108 6.15 22.92 36.31
N SER D 109 5.51 24.09 36.31
CA SER D 109 6.13 25.27 35.71
C SER D 109 6.05 26.48 36.64
N TRP D 110 7.19 27.18 36.77
CA TRP D 110 7.34 28.42 37.50
C TRP D 110 7.48 29.59 36.54
N LEU D 111 7.50 30.80 37.09
CA LEU D 111 7.30 32.04 36.34
C LEU D 111 8.62 32.82 36.29
N ASP D 112 9.40 32.62 35.22
CA ASP D 112 10.72 33.23 35.11
C ASP D 112 10.67 34.75 35.09
N HIS D 113 9.94 35.32 34.14
CA HIS D 113 9.94 36.76 33.88
C HIS D 113 8.53 37.33 34.03
N TRP D 114 8.45 38.52 34.61
CA TRP D 114 7.18 39.14 34.94
C TRP D 114 7.07 40.51 34.30
N GLY D 115 5.84 40.88 33.93
CA GLY D 115 5.58 42.22 33.45
C GLY D 115 5.36 43.19 34.58
N GLN D 116 5.50 44.48 34.29
CA GLN D 116 5.09 45.50 35.24
C GLN D 116 3.58 45.46 35.38
N GLY D 117 3.10 45.05 36.55
CA GLY D 117 1.69 44.73 36.69
C GLY D 117 0.74 45.88 36.47
N THR D 118 -0.23 45.72 35.58
CA THR D 118 -1.30 46.70 35.43
C THR D 118 -2.20 46.65 36.67
N LEU D 119 -2.18 47.71 37.46
CA LEU D 119 -3.21 47.91 38.47
C LEU D 119 -4.53 48.33 37.83
N VAL D 120 -5.64 47.78 38.32
CA VAL D 120 -6.97 48.17 37.90
C VAL D 120 -7.82 48.46 39.13
N THR D 121 -8.63 49.51 39.05
CA THR D 121 -9.48 49.95 40.14
C THR D 121 -10.95 49.73 39.79
N VAL D 122 -11.66 49.03 40.66
CA VAL D 122 -13.11 48.82 40.52
C VAL D 122 -13.81 49.54 41.67
N SER D 123 -14.62 50.53 41.33
CA SER D 123 -15.28 51.35 42.34
C SER D 123 -16.57 51.91 41.76
N SER D 124 -17.51 52.22 42.64
CA SER D 124 -18.55 53.20 42.35
C SER D 124 -17.96 54.58 42.07
N ASP E 1 -6.25 21.88 46.56
CA ASP E 1 -5.69 23.23 46.68
C ASP E 1 -4.67 23.27 47.81
N ILE E 2 -3.39 23.44 47.46
CA ILE E 2 -2.33 23.50 48.45
C ILE E 2 -2.36 24.84 49.17
N GLN E 3 -2.86 24.85 50.41
CA GLN E 3 -2.65 26.00 51.30
C GLN E 3 -1.17 26.18 51.57
N MET E 4 -0.70 27.43 51.45
CA MET E 4 0.71 27.77 51.60
C MET E 4 0.90 28.70 52.79
N THR E 5 2.00 28.51 53.53
CA THR E 5 2.25 29.24 54.75
C THR E 5 3.71 29.65 54.82
N GLN E 6 3.97 30.84 55.35
CA GLN E 6 5.28 31.46 55.30
C GLN E 6 5.56 32.17 56.62
N SER E 7 6.81 32.10 57.08
CA SER E 7 7.18 32.66 58.37
C SER E 7 8.62 33.15 58.34
N PRO E 8 8.97 34.17 59.13
CA PRO E 8 8.05 35.06 59.86
C PRO E 8 7.32 36.02 58.94
N SER E 9 6.32 36.74 59.46
CA SER E 9 5.57 37.67 58.64
C SER E 9 6.42 38.85 58.19
N THR E 10 7.31 39.33 59.06
CA THR E 10 8.40 40.23 58.68
C THR E 10 9.66 39.88 59.47
N LEU E 11 10.80 40.30 58.94
CA LEU E 11 12.10 39.90 59.47
C LEU E 11 13.01 41.13 59.49
N SER E 12 13.13 41.77 60.65
CA SER E 12 14.09 42.84 60.85
C SER E 12 15.51 42.29 60.78
N ALA E 13 16.38 42.93 59.99
CA ALA E 13 17.69 42.41 59.71
C ALA E 13 18.66 43.54 59.41
N SER E 14 19.95 43.23 59.50
CA SER E 14 21.03 44.18 59.27
C SER E 14 21.95 43.67 58.18
N VAL E 15 22.66 44.60 57.54
CA VAL E 15 23.62 44.24 56.52
C VAL E 15 24.69 43.31 57.08
N GLY E 16 25.02 42.27 56.30
CA GLY E 16 25.94 41.23 56.71
C GLY E 16 25.35 40.09 57.51
N ASP E 17 24.14 40.25 58.03
CA ASP E 17 23.51 39.18 58.80
C ASP E 17 23.06 38.05 57.88
N ARG E 18 22.91 36.87 58.48
CA ARG E 18 22.40 35.68 57.80
C ARG E 18 20.89 35.56 57.99
N VAL E 19 20.15 36.15 57.05
CA VAL E 19 18.70 35.97 56.98
C VAL E 19 18.37 34.56 56.52
N THR E 20 17.41 33.91 57.20
CA THR E 20 16.82 32.68 56.70
C THR E 20 15.30 32.67 56.90
N ILE E 21 14.60 32.24 55.85
CA ILE E 21 13.15 32.41 55.69
C ILE E 21 12.56 31.04 55.42
N THR E 22 11.36 30.79 55.95
CA THR E 22 10.75 29.46 55.89
C THR E 22 9.38 29.49 55.21
N CYS E 23 9.07 28.43 54.46
CA CYS E 23 7.78 28.21 53.82
C CYS E 23 7.36 26.75 54.02
N ARG E 24 6.06 26.53 54.26
CA ARG E 24 5.52 25.19 54.49
C ARG E 24 4.15 25.05 53.83
N ALA E 25 3.79 23.81 53.49
CA ALA E 25 2.63 23.56 52.63
C ALA E 25 1.76 22.43 53.21
N SER E 26 0.54 22.36 52.69
CA SER E 26 -0.43 21.34 53.09
C SER E 26 0.01 19.92 52.73
N GLN E 27 0.83 19.75 51.69
CA GLN E 27 1.25 18.43 51.25
C GLN E 27 2.72 18.47 50.84
N SER E 28 3.31 17.28 50.74
CA SER E 28 4.66 17.18 50.17
C SER E 28 4.60 17.55 48.70
N ILE E 29 5.16 18.71 48.36
CA ILE E 29 5.22 19.19 46.99
C ILE E 29 6.57 18.82 46.36
N ASN E 30 7.23 17.82 46.92
CA ASN E 30 8.59 17.41 46.52
C ASN E 30 9.51 18.64 46.50
N THR E 31 10.28 18.86 45.43
CA THR E 31 11.07 20.07 45.27
C THR E 31 10.38 21.17 44.48
N TRP E 32 9.12 21.01 44.11
CA TRP E 32 8.45 21.91 43.19
C TRP E 32 8.04 23.23 43.86
N LEU E 33 9.00 23.91 44.47
CA LEU E 33 8.77 25.19 45.15
C LEU E 33 9.78 26.23 44.72
N ALA E 34 9.31 27.26 44.03
CA ALA E 34 10.09 28.44 43.65
C ALA E 34 10.08 29.52 44.73
N TRP E 35 11.05 30.43 44.61
CA TRP E 35 11.16 31.63 45.43
C TRP E 35 11.32 32.87 44.57
N TYR E 36 10.60 33.93 44.95
CA TYR E 36 10.60 35.20 44.22
C TYR E 36 10.90 36.34 45.18
N GLN E 37 11.68 37.31 44.69
CA GLN E 37 11.93 38.56 45.41
C GLN E 37 11.11 39.67 44.78
N GLN E 38 10.41 40.45 45.59
CA GLN E 38 9.72 41.65 45.14
C GLN E 38 10.19 42.88 45.92
N LYS E 39 10.79 43.82 45.21
CA LYS E 39 10.91 45.19 45.68
C LYS E 39 9.58 45.93 45.50
N PRO E 40 9.21 46.80 46.43
CA PRO E 40 7.84 47.32 46.46
C PRO E 40 7.44 48.01 45.16
N GLY E 41 6.28 47.62 44.64
CA GLY E 41 5.75 48.13 43.38
C GLY E 41 6.42 47.63 42.13
N LYS E 42 7.58 47.00 42.22
CA LYS E 42 8.22 46.39 41.07
C LYS E 42 7.65 44.99 40.82
N ALA E 43 7.91 44.48 39.61
CA ALA E 43 7.57 43.10 39.32
C ALA E 43 8.47 42.15 40.10
N PRO E 44 7.93 41.05 40.61
CA PRO E 44 8.75 40.03 41.26
C PRO E 44 9.80 39.45 40.32
N LYS E 45 10.85 38.90 40.91
CA LYS E 45 11.96 38.32 40.18
C LYS E 45 12.33 36.97 40.78
N LEU E 46 12.49 35.96 39.92
CA LEU E 46 12.75 34.60 40.34
C LEU E 46 14.16 34.47 40.92
N LEU E 47 14.26 33.97 42.14
CA LEU E 47 15.55 33.65 42.73
C LEU E 47 15.90 32.17 42.62
N ILE E 48 15.00 31.29 43.07
CA ILE E 48 15.27 29.86 43.07
C ILE E 48 14.08 29.16 42.44
N TYR E 49 14.35 28.20 41.54
CA TYR E 49 13.26 27.54 40.84
C TYR E 49 12.91 26.21 41.48
N GLU E 50 13.68 25.16 41.21
CA GLU E 50 13.64 24.01 42.10
C GLU E 50 14.38 24.37 43.38
N ALA E 51 13.86 23.88 44.50
CA ALA E 51 14.09 24.50 45.81
C ALA E 51 15.55 24.74 46.21
N SER E 52 16.50 24.14 45.49
CA SER E 52 17.91 24.39 45.76
C SER E 52 18.66 25.12 44.65
N SER E 53 18.01 25.41 43.52
CA SER E 53 18.69 25.77 42.29
C SER E 53 18.46 27.24 41.93
N LEU E 54 19.54 27.96 41.73
CA LEU E 54 19.48 29.40 41.48
C LEU E 54 19.14 29.72 40.03
N GLU E 55 18.34 30.77 39.85
CA GLU E 55 18.18 31.38 38.54
C GLU E 55 19.48 31.97 38.04
N ARG E 56 19.69 31.87 36.72
CA ARG E 56 21.00 31.99 36.09
C ARG E 56 21.76 33.21 36.58
N GLY E 57 21.12 34.38 36.61
CA GLY E 57 21.81 35.61 36.92
C GLY E 57 21.90 36.03 38.38
N VAL E 58 21.15 35.40 39.28
CA VAL E 58 20.90 35.97 40.60
C VAL E 58 22.12 35.89 41.51
N PRO E 59 22.24 36.81 42.48
CA PRO E 59 23.39 36.80 43.40
C PRO E 59 23.50 35.49 44.19
N SER E 60 24.69 34.90 44.16
CA SER E 60 24.95 33.59 44.75
C SER E 60 24.88 33.57 46.28
N ARG E 61 24.72 34.72 46.93
CA ARG E 61 24.46 34.73 48.37
C ARG E 61 23.09 34.17 48.74
N PHE E 62 22.14 34.23 47.82
CA PHE E 62 20.87 33.53 48.02
C PHE E 62 21.06 32.04 47.90
N SER E 63 20.40 31.28 48.79
CA SER E 63 20.53 29.83 48.80
C SER E 63 19.26 29.20 49.33
N GLY E 64 18.63 28.36 48.50
CA GLY E 64 17.44 27.62 48.91
C GLY E 64 17.78 26.24 49.45
N SER E 65 16.98 25.78 50.41
CA SER E 65 17.19 24.46 50.98
C SER E 65 15.89 23.89 51.55
N GLY E 66 15.82 22.57 51.60
CA GLY E 66 14.67 21.83 52.06
C GLY E 66 13.86 21.23 50.92
N SER E 67 13.11 20.19 51.27
CA SER E 67 12.31 19.43 50.32
C SER E 67 11.09 18.86 51.02
N GLY E 68 10.03 18.64 50.26
CA GLY E 68 8.84 17.96 50.76
C GLY E 68 7.79 18.95 51.27
N THR E 69 7.56 18.94 52.59
CA THR E 69 6.53 19.76 53.22
C THR E 69 7.03 21.14 53.64
N GLY E 70 8.32 21.28 53.89
CA GLY E 70 8.86 22.54 54.37
C GLY E 70 10.19 22.87 53.72
N PHE E 71 10.46 24.17 53.60
CA PHE E 71 11.50 24.71 52.75
C PHE E 71 12.07 25.95 53.42
N THR E 72 13.26 26.36 52.97
CA THR E 72 13.88 27.59 53.44
C THR E 72 14.51 28.34 52.29
N LEU E 73 14.56 29.67 52.43
CA LEU E 73 15.46 30.53 51.67
C LEU E 73 16.42 31.21 52.63
N THR E 74 17.70 31.19 52.30
CA THR E 74 18.74 31.77 53.14
C THR E 74 19.55 32.78 52.34
N ILE E 75 19.98 33.85 53.01
CA ILE E 75 20.88 34.85 52.45
C ILE E 75 22.16 34.82 53.26
N SER E 76 23.27 34.45 52.61
CA SER E 76 24.49 34.11 53.34
C SER E 76 25.19 35.34 53.92
N SER E 77 25.06 36.51 53.29
CA SER E 77 25.60 37.74 53.86
C SER E 77 24.80 38.90 53.28
N LEU E 78 23.75 39.30 53.98
CA LEU E 78 22.75 40.20 53.42
C LEU E 78 23.35 41.55 53.06
N GLN E 79 23.12 41.97 51.83
CA GLN E 79 23.57 43.25 51.30
C GLN E 79 22.41 44.24 51.33
N PRO E 80 22.72 45.55 51.34
CA PRO E 80 21.63 46.55 51.33
C PRO E 80 20.74 46.47 50.09
N ASP E 81 21.17 45.77 49.05
CA ASP E 81 20.32 45.46 47.90
C ASP E 81 19.19 44.51 48.24
N ASP E 82 19.39 43.60 49.20
CA ASP E 82 18.50 42.46 49.40
C ASP E 82 17.23 42.75 50.18
N PHE E 83 17.09 43.91 50.82
CA PHE E 83 15.86 44.22 51.55
C PHE E 83 14.64 44.32 50.65
N ALA E 84 13.72 43.37 50.79
CA ALA E 84 12.61 43.19 49.85
C ALA E 84 11.56 42.31 50.49
N THR E 85 10.40 42.22 49.83
CA THR E 85 9.43 41.17 50.11
C THR E 85 9.81 39.90 49.37
N TYR E 86 9.57 38.74 50.00
CA TYR E 86 9.87 37.45 49.41
C TYR E 86 8.64 36.55 49.41
N PHE E 87 8.46 35.80 48.33
CA PHE E 87 7.34 34.89 48.16
C PHE E 87 7.86 33.51 47.76
N CYS E 88 7.36 32.46 48.41
CA CYS E 88 7.44 31.11 47.86
C CYS E 88 6.24 30.84 46.95
N GLN E 89 6.44 29.95 45.99
CA GLN E 89 5.37 29.41 45.17
C GLN E 89 5.50 27.89 45.05
N GLN E 90 4.41 27.18 45.27
CA GLN E 90 4.34 25.80 44.82
C GLN E 90 3.92 25.74 43.36
N TYR E 91 4.46 24.79 42.63
CA TYR E 91 3.96 24.48 41.29
C TYR E 91 3.69 23.00 41.10
N ASN E 92 3.29 22.29 42.16
CA ASN E 92 2.88 20.90 42.04
C ASN E 92 1.42 20.73 41.67
N THR E 93 0.59 21.77 41.84
CA THR E 93 -0.84 21.66 41.63
C THR E 93 -1.32 22.90 40.91
N TYR E 94 -2.50 22.79 40.33
CA TYR E 94 -3.31 23.93 39.94
C TYR E 94 -4.51 24.07 40.85
N PRO E 95 -4.78 25.28 41.36
CA PRO E 95 -4.07 26.53 41.07
C PRO E 95 -2.66 26.63 41.64
N ARG E 96 -1.83 27.44 40.99
CA ARG E 96 -0.57 27.86 41.61
C ARG E 96 -0.88 28.71 42.83
N THR E 97 -0.30 28.37 43.96
CA THR E 97 -0.52 29.10 45.19
C THR E 97 0.80 29.63 45.73
N PHE E 98 0.72 30.79 46.36
CA PHE E 98 1.90 31.52 46.82
C PHE E 98 1.83 31.66 48.33
N GLY E 99 3.00 31.73 48.96
CA GLY E 99 3.07 32.18 50.33
C GLY E 99 2.55 33.61 50.48
N GLN E 100 2.09 33.92 51.68
CA GLN E 100 1.55 35.27 51.93
C GLN E 100 2.61 36.35 51.79
N GLY E 101 3.88 36.00 51.79
CA GLY E 101 4.98 36.93 51.72
C GLY E 101 5.63 37.18 53.07
N THR E 102 6.93 37.51 53.03
CA THR E 102 7.65 38.06 54.17
C THR E 102 8.48 39.25 53.73
N LYS E 103 8.46 40.33 54.54
CA LYS E 103 9.25 41.52 54.23
C LYS E 103 10.49 41.55 55.10
N VAL E 104 11.65 41.55 54.46
CA VAL E 104 12.93 41.74 55.13
C VAL E 104 13.21 43.24 55.24
N GLU E 105 13.35 43.73 56.47
CA GLU E 105 13.34 45.15 56.77
C GLU E 105 14.56 45.49 57.62
N ILE E 106 15.04 46.72 57.47
CA ILE E 106 16.27 47.14 58.12
C ILE E 106 16.07 47.23 59.63
N LYS E 107 16.95 46.56 60.37
CA LYS E 107 17.08 46.72 61.82
C LYS E 107 17.82 48.01 62.13
N LEU F 19 -3.06 -6.26 -30.87
CA LEU F 19 -4.30 -6.02 -30.14
C LEU F 19 -5.35 -5.42 -31.06
N LYS F 20 -6.63 -5.64 -30.72
CA LYS F 20 -7.74 -5.10 -31.48
C LYS F 20 -8.73 -4.47 -30.51
N GLU F 21 -9.19 -3.26 -30.82
CA GLU F 21 -10.17 -2.54 -30.01
C GLU F 21 -11.42 -2.20 -30.81
N SER F 22 -12.57 -2.61 -30.30
CA SER F 22 -13.85 -2.19 -30.84
C SER F 22 -14.45 -1.15 -29.93
N TYR F 23 -14.72 0.04 -30.47
CA TYR F 23 -15.62 0.99 -29.84
C TYR F 23 -17.06 0.56 -30.03
N LEU F 24 -17.84 0.60 -28.95
CA LEU F 24 -19.22 0.14 -28.94
C LEU F 24 -20.12 1.35 -28.74
N GLU F 25 -20.49 1.99 -29.84
CA GLU F 25 -21.22 3.26 -29.79
C GLU F 25 -22.59 3.11 -29.14
N GLU F 26 -23.16 1.90 -29.18
CA GLU F 26 -24.42 1.63 -28.51
C GLU F 26 -24.34 1.86 -27.01
N SER F 27 -23.15 1.75 -26.40
CA SER F 27 -23.05 1.84 -24.95
C SER F 27 -21.76 2.50 -24.48
N CYS F 28 -21.16 3.35 -25.31
CA CYS F 28 -19.95 4.13 -24.98
C CYS F 28 -18.92 3.31 -24.22
N SER F 29 -18.50 2.20 -24.83
CA SER F 29 -17.55 1.30 -24.22
C SER F 29 -16.62 0.78 -25.30
N THR F 30 -15.44 0.36 -24.88
CA THR F 30 -14.51 -0.31 -25.78
C THR F 30 -14.19 -1.70 -25.24
N ILE F 31 -14.01 -2.64 -26.16
CA ILE F 31 -13.47 -3.96 -25.87
C ILE F 31 -12.15 -4.09 -26.64
N THR F 32 -11.06 -4.27 -25.91
CA THR F 32 -9.77 -4.54 -26.53
C THR F 32 -9.46 -6.03 -26.44
N GLU F 33 -9.24 -6.65 -27.59
CA GLU F 33 -9.04 -8.08 -27.72
C GLU F 33 -7.60 -8.39 -28.13
N GLY F 34 -7.27 -9.67 -28.11
CA GLY F 34 -5.98 -10.15 -28.53
C GLY F 34 -5.00 -10.45 -27.42
N TYR F 35 -5.38 -10.23 -26.17
CA TYR F 35 -4.54 -10.62 -25.05
C TYR F 35 -4.50 -12.13 -24.83
N LEU F 36 -3.36 -12.60 -24.34
CA LEU F 36 -3.10 -14.02 -24.12
C LEU F 36 -3.07 -14.26 -22.62
N SER F 37 -3.84 -15.24 -22.16
CA SER F 37 -3.95 -15.49 -20.73
C SER F 37 -2.67 -16.08 -20.15
N VAL F 38 -2.39 -15.70 -18.91
CA VAL F 38 -1.46 -16.40 -18.03
C VAL F 38 -2.10 -16.43 -16.64
N LEU F 39 -2.91 -17.44 -16.38
CA LEU F 39 -3.80 -17.47 -15.22
C LEU F 39 -3.28 -18.47 -14.21
N ARG F 40 -3.13 -18.01 -12.96
CA ARG F 40 -2.47 -18.73 -11.88
C ARG F 40 -3.43 -19.75 -11.28
N THR F 41 -3.14 -21.02 -11.53
CA THR F 41 -3.98 -22.15 -11.14
C THR F 41 -3.53 -22.83 -9.85
N GLY F 42 -2.27 -22.68 -9.45
CA GLY F 42 -1.77 -23.42 -8.31
C GLY F 42 -0.48 -22.82 -7.80
N TRP F 43 0.13 -23.51 -6.84
CA TRP F 43 1.30 -23.03 -6.13
C TRP F 43 2.37 -24.12 -6.07
N TYR F 44 3.61 -23.73 -6.36
CA TYR F 44 4.79 -24.56 -6.17
C TYR F 44 5.55 -24.03 -4.96
N THR F 45 5.95 -24.93 -4.07
CA THR F 45 6.58 -24.55 -2.81
C THR F 45 8.07 -24.87 -2.85
N ASN F 46 8.89 -23.88 -2.53
CA ASN F 46 10.28 -24.10 -2.16
C ASN F 46 10.43 -23.78 -0.67
N VAL F 47 10.73 -24.80 0.12
CA VAL F 47 11.06 -24.62 1.53
C VAL F 47 12.54 -24.26 1.64
N PHE F 48 12.83 -23.00 1.90
CA PHE F 48 14.17 -22.58 2.27
C PHE F 48 14.49 -22.94 3.71
N THR F 49 15.65 -23.54 3.93
CA THR F 49 16.34 -23.52 5.22
C THR F 49 17.51 -22.57 5.13
N LEU F 50 17.49 -21.52 5.96
CA LEU F 50 18.63 -20.61 6.12
C LEU F 50 19.27 -20.88 7.48
N GLU F 51 20.57 -21.18 7.48
CA GLU F 51 21.28 -21.58 8.67
C GLU F 51 22.13 -20.44 9.21
N VAL F 52 21.89 -20.05 10.46
CA VAL F 52 22.67 -19.01 11.13
C VAL F 52 23.81 -19.59 11.95
N GLY F 53 23.59 -20.74 12.55
CA GLY F 53 24.60 -21.37 13.40
C GLY F 53 24.65 -20.82 14.81
N ASP F 54 25.68 -21.27 15.54
CA ASP F 54 25.82 -21.04 16.97
C ASP F 54 26.24 -19.62 17.34
N VAL F 55 25.68 -18.62 16.66
CA VAL F 55 25.96 -17.23 16.97
C VAL F 55 25.61 -16.89 18.42
N GLU F 56 24.52 -17.45 18.93
CA GLU F 56 24.13 -17.22 20.32
C GLU F 56 25.03 -17.93 21.33
N ASN F 57 25.91 -18.82 20.89
CA ASN F 57 26.92 -19.41 21.76
C ASN F 57 28.22 -18.62 21.74
N LEU F 58 28.39 -17.70 20.80
CA LEU F 58 29.50 -16.77 20.77
C LEU F 58 29.23 -15.54 21.64
N THR F 59 30.28 -15.06 22.31
CA THR F 59 30.17 -13.89 23.17
C THR F 59 31.47 -13.10 23.11
N CYS F 60 31.36 -11.79 23.31
CA CYS F 60 32.49 -10.86 23.22
C CYS F 60 32.76 -10.22 24.58
N ALA F 61 34.00 -10.37 25.05
CA ALA F 61 34.44 -9.80 26.32
C ALA F 61 35.03 -8.39 26.20
N ASP F 62 35.50 -7.99 25.03
CA ASP F 62 36.33 -6.80 24.90
C ASP F 62 35.55 -5.49 24.97
N GLY F 63 34.23 -5.53 25.01
CA GLY F 63 33.45 -4.32 24.93
C GLY F 63 33.42 -3.77 23.52
N PRO F 64 33.88 -2.52 23.34
CA PRO F 64 33.84 -1.90 22.00
C PRO F 64 34.47 -2.79 20.94
N SER F 65 33.70 -3.12 19.92
CA SER F 65 34.17 -3.99 18.84
C SER F 65 33.20 -3.92 17.68
N LEU F 66 33.74 -3.91 16.46
CA LEU F 66 32.91 -4.05 15.27
C LEU F 66 32.25 -5.43 15.17
N ILE F 67 32.99 -6.49 15.52
CA ILE F 67 32.40 -7.82 15.57
C ILE F 67 31.25 -7.88 16.58
N LYS F 68 31.46 -7.33 17.77
CA LYS F 68 30.40 -7.37 18.78
C LYS F 68 29.14 -6.68 18.29
N THR F 69 29.29 -5.52 17.65
CA THR F 69 28.12 -4.83 17.11
C THR F 69 27.40 -5.67 16.07
N GLU F 70 28.16 -6.33 15.19
CA GLU F 70 27.56 -7.19 14.17
C GLU F 70 26.99 -8.47 14.76
N LEU F 71 27.71 -9.07 15.71
CA LEU F 71 27.23 -10.29 16.36
C LEU F 71 25.98 -10.04 17.20
N ASP F 72 25.93 -8.91 17.92
CA ASP F 72 24.73 -8.57 18.67
C ASP F 72 23.54 -8.30 17.76
N LEU F 73 23.76 -7.63 16.64
CA LEU F 73 22.68 -7.44 15.67
C LEU F 73 22.22 -8.76 15.06
N THR F 74 23.16 -9.66 14.77
CA THR F 74 22.80 -10.99 14.29
C THR F 74 21.96 -11.77 15.30
N LYS F 75 22.38 -11.76 16.57
CA LYS F 75 21.63 -12.44 17.62
C LYS F 75 20.25 -11.83 17.85
N SER F 76 20.17 -10.49 17.88
CA SER F 76 18.87 -9.81 18.02
C SER F 76 17.90 -10.19 16.92
N ALA F 77 18.37 -10.20 15.67
CA ALA F 77 17.53 -10.61 14.55
C ALA F 77 17.02 -12.04 14.70
N LEU F 78 17.84 -12.95 15.23
CA LEU F 78 17.39 -14.33 15.43
C LEU F 78 16.33 -14.43 16.52
N ARG F 79 16.51 -13.75 17.64
CA ARG F 79 15.53 -13.78 18.72
C ARG F 79 14.21 -13.13 18.33
N GLU F 80 14.24 -12.01 17.61
CA GLU F 80 12.99 -11.40 17.18
C GLU F 80 12.23 -12.28 16.20
N LEU F 81 12.94 -12.97 15.30
CA LEU F 81 12.28 -13.91 14.41
C LEU F 81 11.65 -15.08 15.14
N ARG F 82 12.24 -15.51 16.26
CA ARG F 82 11.60 -16.52 17.10
C ARG F 82 10.22 -16.08 17.59
N THR F 83 10.00 -14.77 17.72
CA THR F 83 8.69 -14.29 18.16
C THR F 83 7.67 -14.25 17.05
N VAL F 84 8.10 -14.07 15.82
CA VAL F 84 7.17 -13.90 14.71
C VAL F 84 6.63 -15.25 14.27
N SER F 85 5.32 -15.30 14.03
CA SER F 85 4.70 -16.42 13.34
C SER F 85 3.47 -15.91 12.61
N ALA F 86 3.11 -16.60 11.53
CA ALA F 86 1.96 -16.23 10.72
C ALA F 86 0.70 -16.07 11.56
N PHE F 103 -24.10 -7.08 -7.48
CA PHE F 103 -23.20 -6.86 -6.36
C PHE F 103 -21.90 -6.21 -6.80
N VAL F 104 -21.21 -5.56 -5.85
CA VAL F 104 -19.92 -4.95 -6.12
C VAL F 104 -18.86 -6.05 -6.10
N LEU F 105 -18.65 -6.69 -7.26
CA LEU F 105 -17.88 -7.92 -7.32
C LEU F 105 -16.39 -7.72 -7.06
N GLY F 106 -15.87 -6.51 -7.27
CA GLY F 106 -14.44 -6.28 -7.11
C GLY F 106 -13.93 -6.60 -5.72
N ALA F 107 -14.60 -6.09 -4.69
CA ALA F 107 -14.24 -6.39 -3.32
C ALA F 107 -14.38 -7.88 -3.01
N ILE F 108 -15.51 -8.48 -3.41
CA ILE F 108 -15.76 -9.89 -3.11
C ILE F 108 -14.76 -10.80 -3.83
N ALA F 109 -14.42 -10.50 -5.09
CA ALA F 109 -13.45 -11.32 -5.80
C ALA F 109 -12.05 -11.23 -5.20
N CYS F 110 -11.58 -10.03 -4.83
CA CYS F 110 -10.23 -9.93 -4.29
C CYS F 110 -10.12 -10.35 -2.83
N GLY F 111 -11.17 -10.20 -2.04
CA GLY F 111 -11.18 -10.83 -0.73
C GLY F 111 -11.06 -12.34 -0.82
N VAL F 112 -11.86 -12.96 -1.67
CA VAL F 112 -11.76 -14.41 -1.93
C VAL F 112 -10.36 -14.79 -2.37
N ALA F 113 -9.78 -14.02 -3.31
CA ALA F 113 -8.43 -14.33 -3.78
C ALA F 113 -7.39 -14.23 -2.68
N THR F 114 -7.46 -13.20 -1.84
CA THR F 114 -6.52 -13.07 -0.73
C THR F 114 -6.67 -14.23 0.26
N ALA F 115 -7.91 -14.54 0.65
CA ALA F 115 -8.16 -15.66 1.54
C ALA F 115 -7.69 -16.98 0.96
N ALA F 116 -7.94 -17.22 -0.32
CA ALA F 116 -7.52 -18.46 -0.96
C ALA F 116 -6.01 -18.63 -0.95
N ALA F 117 -5.27 -17.60 -1.32
CA ALA F 117 -3.82 -17.67 -1.33
C ALA F 117 -3.23 -18.01 0.03
N VAL F 118 -3.60 -17.25 1.07
CA VAL F 118 -3.05 -17.52 2.40
C VAL F 118 -3.54 -18.85 2.95
N THR F 119 -4.80 -19.24 2.68
CA THR F 119 -5.29 -20.52 3.19
C THR F 119 -4.57 -21.70 2.54
N ALA F 120 -4.32 -21.63 1.24
CA ALA F 120 -3.50 -22.65 0.58
C ALA F 120 -2.08 -22.68 1.11
N GLY F 121 -1.44 -21.50 1.24
CA GLY F 121 -0.09 -21.44 1.75
C GLY F 121 0.06 -21.94 3.18
N VAL F 122 -0.85 -21.52 4.06
CA VAL F 122 -0.84 -22.00 5.44
C VAL F 122 -1.10 -23.51 5.51
N ALA F 123 -1.99 -24.02 4.65
CA ALA F 123 -2.21 -25.46 4.62
C ALA F 123 -0.93 -26.25 4.35
N ILE F 124 -0.08 -25.76 3.45
CA ILE F 124 1.22 -26.41 3.27
C ILE F 124 2.12 -26.14 4.47
N ALA F 125 2.14 -24.90 4.95
CA ALA F 125 2.96 -24.53 6.10
C ALA F 125 2.67 -25.42 7.31
N LYS F 126 1.39 -25.61 7.62
CA LYS F 126 0.96 -26.56 8.63
C LYS F 126 1.56 -27.94 8.43
N CYS F 127 1.62 -28.41 7.19
CA CYS F 127 2.22 -29.71 6.90
C CYS F 127 3.72 -29.74 7.19
N ILE F 128 4.45 -28.68 6.82
CA ILE F 128 5.89 -28.65 7.06
C ILE F 128 6.27 -28.44 8.53
N ARG F 129 5.36 -27.88 9.35
CA ARG F 129 5.71 -27.52 10.72
C ARG F 129 6.15 -28.71 11.56
N LEU F 130 5.70 -29.92 11.24
CA LEU F 130 5.98 -31.07 12.09
C LEU F 130 7.48 -31.27 12.29
N GLU F 131 7.85 -31.54 13.55
CA GLU F 131 9.26 -31.69 13.92
C GLU F 131 9.95 -32.79 13.13
N SER F 132 9.25 -33.91 12.91
CA SER F 132 9.78 -34.96 12.06
C SER F 132 9.98 -34.50 10.62
N GLU F 133 9.15 -33.57 10.15
CA GLU F 133 9.27 -33.10 8.78
C GLU F 133 10.40 -32.10 8.60
N VAL F 134 10.53 -31.13 9.50
CA VAL F 134 11.68 -30.23 9.46
C VAL F 134 12.99 -30.98 9.72
N THR F 135 12.96 -32.00 10.55
CA THR F 135 14.12 -32.89 10.65
C THR F 135 14.42 -33.56 9.31
N ALA F 136 13.40 -34.07 8.63
CA ALA F 136 13.62 -34.71 7.33
C ALA F 136 14.22 -33.73 6.32
N ILE F 137 13.68 -32.51 6.24
CA ILE F 137 14.24 -31.50 5.34
C ILE F 137 15.67 -31.17 5.72
N LYS F 138 15.90 -30.87 6.99
CA LYS F 138 17.25 -30.52 7.46
C LYS F 138 18.24 -31.64 7.21
N ASN F 139 17.85 -32.89 7.47
CA ASN F 139 18.74 -34.02 7.22
C ASN F 139 18.97 -34.25 5.73
N CYS F 140 18.01 -33.92 4.89
CA CYS F 140 18.23 -34.02 3.45
C CYS F 140 19.26 -33.00 2.99
N LEU F 141 19.09 -31.74 3.36
CA LEU F 141 20.01 -30.65 3.02
C LEU F 141 21.34 -30.74 3.74
N LYS F 142 21.55 -31.73 4.59
CA LYS F 142 22.85 -31.92 5.25
C LYS F 142 23.91 -32.43 4.29
N LYS F 143 23.51 -33.04 3.18
CA LYS F 143 24.43 -33.62 2.22
C LYS F 143 24.39 -32.92 0.87
N THR F 144 23.51 -31.94 0.70
CA THR F 144 23.27 -31.28 -0.58
C THR F 144 22.65 -29.92 -0.31
N ASN F 145 22.89 -28.98 -1.21
CA ASN F 145 22.24 -27.68 -1.13
C ASN F 145 20.80 -27.69 -1.60
N GLU F 146 20.36 -28.74 -2.28
CA GLU F 146 19.02 -28.79 -2.83
C GLU F 146 18.44 -30.17 -2.58
N CYS F 147 17.15 -30.22 -2.27
CA CYS F 147 16.46 -31.47 -2.01
C CYS F 147 15.03 -31.34 -2.51
N VAL F 148 14.45 -32.46 -2.92
CA VAL F 148 13.00 -32.56 -3.12
C VAL F 148 12.42 -33.47 -2.06
N SER F 149 11.42 -32.98 -1.35
CA SER F 149 10.75 -33.73 -0.29
C SER F 149 9.29 -33.89 -0.65
N THR F 150 8.74 -35.08 -0.41
CA THR F 150 7.30 -35.29 -0.42
C THR F 150 6.79 -35.29 1.01
N LEU F 151 6.04 -34.25 1.36
CA LEU F 151 5.50 -34.13 2.70
C LEU F 151 4.44 -35.20 2.94
N GLY F 152 4.13 -35.45 4.21
CA GLY F 152 3.12 -36.43 4.56
C GLY F 152 1.76 -36.14 3.96
N CYS F 153 1.49 -34.88 3.62
CA CYS F 153 0.30 -34.46 2.91
C CYS F 153 0.28 -34.93 1.46
N GLY F 154 1.36 -35.52 0.98
CA GLY F 154 1.49 -35.95 -0.40
C GLY F 154 1.89 -34.86 -1.36
N VAL F 155 1.90 -33.60 -0.93
CA VAL F 155 2.46 -32.52 -1.72
C VAL F 155 3.98 -32.66 -1.71
N ARG F 156 4.59 -32.61 -2.88
CA ARG F 156 6.05 -32.59 -2.96
C ARG F 156 6.53 -31.18 -3.20
N VAL F 157 7.52 -30.78 -2.41
CA VAL F 157 8.07 -29.44 -2.35
C VAL F 157 9.56 -29.51 -2.65
N LEU F 158 10.08 -28.48 -3.28
CA LEU F 158 11.52 -28.28 -3.33
C LEU F 158 12.01 -27.76 -1.97
N ALA F 159 13.25 -28.10 -1.64
CA ALA F 159 13.92 -27.56 -0.47
C ALA F 159 15.32 -27.07 -0.82
N THR F 160 15.70 -25.93 -0.26
CA THR F 160 16.94 -25.26 -0.59
C THR F 160 17.62 -24.82 0.69
N ALA F 161 18.91 -25.10 0.82
CA ALA F 161 19.71 -24.58 1.92
C ALA F 161 20.30 -23.22 1.56
N VAL F 162 20.30 -22.33 2.54
CA VAL F 162 21.18 -21.16 2.56
C VAL F 162 22.16 -21.33 3.71
N ARG F 163 23.45 -21.42 3.39
CA ARG F 163 24.45 -21.93 4.31
C ARG F 163 25.63 -21.00 4.53
N GLU F 164 25.79 -19.96 3.70
CA GLU F 164 26.95 -19.09 3.74
C GLU F 164 27.21 -18.47 5.11
N LEU F 165 26.15 -18.07 5.81
CA LEU F 165 26.34 -17.48 7.14
C LEU F 165 26.79 -18.51 8.18
N LYS F 166 26.24 -19.72 8.16
CA LYS F 166 26.73 -20.74 9.08
C LYS F 166 28.19 -21.08 8.82
N ASP F 167 28.56 -21.20 7.55
CA ASP F 167 29.95 -21.45 7.19
C ASP F 167 30.87 -20.35 7.72
N PHE F 168 30.48 -19.08 7.54
CA PHE F 168 31.24 -17.99 8.13
C PHE F 168 31.33 -18.09 9.63
N VAL F 169 30.18 -18.24 10.30
CA VAL F 169 30.14 -18.31 11.76
C VAL F 169 31.01 -19.47 12.27
N SER F 170 30.89 -20.63 11.64
CA SER F 170 31.60 -21.81 12.11
C SER F 170 33.06 -21.86 11.68
N LYS F 171 33.34 -21.63 10.39
CA LYS F 171 34.70 -21.87 9.89
C LYS F 171 35.67 -20.73 10.14
N ASN F 172 35.19 -19.49 10.22
CA ASN F 172 36.07 -18.33 10.36
C ASN F 172 35.86 -17.58 11.67
N LEU F 173 34.65 -17.12 11.94
CA LEU F 173 34.42 -16.25 13.09
C LEU F 173 34.69 -16.97 14.41
N THR F 174 34.30 -18.25 14.50
CA THR F 174 34.57 -19.02 15.70
C THR F 174 36.07 -19.28 15.89
N ARG F 175 36.84 -19.23 14.80
CA ARG F 175 38.30 -19.30 14.88
C ARG F 175 38.91 -17.96 15.28
N ALA F 176 38.33 -16.86 14.79
CA ALA F 176 38.80 -15.52 15.14
C ALA F 176 38.53 -15.19 16.61
N ILE F 177 37.32 -15.46 17.09
CA ILE F 177 36.97 -15.21 18.49
C ILE F 177 37.55 -16.29 19.39
N ASN F 178 38.83 -16.15 19.72
CA ASN F 178 39.51 -16.98 20.71
C ASN F 178 39.58 -16.25 22.05
N LYS F 179 39.37 -17.00 23.12
CA LYS F 179 39.29 -16.46 24.48
C LYS F 179 38.27 -15.33 24.60
N ASN F 180 37.17 -15.44 23.85
CA ASN F 180 36.12 -14.42 23.75
C ASN F 180 36.64 -13.05 23.34
N LYS F 181 37.86 -12.95 22.79
CA LYS F 181 38.35 -11.68 22.27
C LYS F 181 37.62 -11.34 20.98
N CYS F 182 37.20 -10.08 20.84
CA CYS F 182 36.45 -9.63 19.67
C CYS F 182 36.93 -8.31 19.09
N ASP F 183 37.74 -7.54 19.81
CA ASP F 183 38.34 -6.35 19.23
C ASP F 183 39.61 -6.72 18.46
N ILE F 184 39.50 -7.73 17.60
CA ILE F 184 40.65 -8.26 16.87
C ILE F 184 41.14 -7.28 15.82
N PRO F 185 42.42 -7.33 15.46
CA PRO F 185 42.94 -6.45 14.39
C PRO F 185 42.56 -6.89 12.99
N ASP F 186 42.09 -8.12 12.80
CA ASP F 186 41.70 -8.64 11.49
C ASP F 186 40.39 -8.03 11.00
N LEU F 187 40.46 -6.75 10.63
CA LEU F 187 39.29 -5.95 10.28
C LEU F 187 38.49 -6.55 9.12
N LYS F 188 39.14 -7.33 8.27
CA LYS F 188 38.43 -8.07 7.22
C LYS F 188 37.31 -8.94 7.76
N MET F 189 37.47 -9.49 8.97
CA MET F 189 36.42 -10.29 9.57
C MET F 189 35.12 -9.50 9.76
N ALA F 190 35.22 -8.33 10.40
CA ALA F 190 34.02 -7.53 10.66
C ALA F 190 33.33 -7.08 9.37
N VAL F 191 34.09 -6.65 8.36
CA VAL F 191 33.45 -6.27 7.10
C VAL F 191 32.81 -7.48 6.43
N SER F 192 33.50 -8.62 6.41
CA SER F 192 32.91 -9.84 5.85
C SER F 192 31.63 -10.21 6.57
N PHE F 193 31.63 -10.12 7.90
CA PHE F 193 30.48 -10.49 8.70
C PHE F 193 29.26 -9.67 8.32
N SER F 194 29.43 -8.36 8.14
CA SER F 194 28.35 -7.50 7.67
C SER F 194 27.90 -7.82 6.25
N GLN F 195 28.72 -8.48 5.44
CA GLN F 195 28.28 -8.93 4.12
C GLN F 195 27.47 -10.23 4.18
N PHE F 196 27.94 -11.21 4.93
CA PHE F 196 27.27 -12.51 4.95
C PHE F 196 25.91 -12.45 5.64
N ASN F 197 25.79 -11.68 6.71
CA ASN F 197 24.54 -11.64 7.47
C ASN F 197 23.47 -10.76 6.83
N ARG F 198 23.80 -9.99 5.80
CA ARG F 198 22.85 -9.01 5.25
C ARG F 198 21.56 -9.67 4.76
N ARG F 199 21.68 -10.82 4.10
CA ARG F 199 20.49 -11.56 3.66
C ARG F 199 19.61 -11.96 4.84
N PHE F 200 20.22 -12.57 5.86
CA PHE F 200 19.48 -13.00 7.05
C PHE F 200 18.73 -11.83 7.69
N LEU F 201 19.40 -10.70 7.89
CA LEU F 201 18.75 -9.51 8.45
C LEU F 201 17.58 -9.04 7.62
N ASN F 202 17.64 -9.17 6.29
CA ASN F 202 16.55 -8.70 5.45
C ASN F 202 15.35 -9.64 5.45
N VAL F 203 15.59 -10.95 5.42
CA VAL F 203 14.51 -11.93 5.62
C VAL F 203 13.82 -11.71 6.95
N VAL F 204 14.60 -11.51 8.02
CA VAL F 204 14.02 -11.22 9.33
C VAL F 204 13.19 -9.95 9.28
N ARG F 205 13.75 -8.89 8.72
CA ARG F 205 13.04 -7.61 8.63
C ARG F 205 11.73 -7.75 7.85
N GLN F 206 11.77 -8.41 6.70
CA GLN F 206 10.57 -8.56 5.87
C GLN F 206 9.49 -9.39 6.56
N PHE F 207 9.85 -10.56 7.11
CA PHE F 207 8.87 -11.33 7.88
C PHE F 207 8.44 -10.64 9.17
N SER F 208 9.34 -9.93 9.84
CA SER F 208 8.93 -9.20 11.05
C SER F 208 7.91 -8.13 10.72
N ASP F 209 8.15 -7.36 9.66
CA ASP F 209 7.22 -6.30 9.27
C ASP F 209 5.90 -6.85 8.76
N ASN F 210 5.91 -8.00 8.07
CA ASN F 210 4.72 -8.53 7.44
C ASN F 210 4.10 -9.70 8.20
N ALA F 211 4.40 -9.83 9.49
CA ALA F 211 3.85 -10.87 10.35
C ALA F 211 4.08 -12.29 9.80
N GLY F 212 5.14 -12.48 9.03
CA GLY F 212 5.45 -13.78 8.46
C GLY F 212 4.84 -14.12 7.11
N ILE F 213 3.97 -13.28 6.56
CA ILE F 213 3.41 -13.52 5.22
C ILE F 213 3.75 -12.30 4.38
N THR F 214 4.87 -12.38 3.67
CA THR F 214 5.32 -11.28 2.85
C THR F 214 4.45 -11.14 1.60
N PRO F 215 4.32 -9.92 1.07
CA PRO F 215 3.41 -9.71 -0.07
C PRO F 215 4.03 -10.09 -1.39
N ALA F 216 5.36 -10.10 -1.48
CA ALA F 216 6.08 -10.47 -2.69
C ALA F 216 7.42 -11.07 -2.27
N ILE F 217 8.02 -11.84 -3.17
CA ILE F 217 9.22 -12.63 -2.87
C ILE F 217 10.44 -11.73 -3.08
N SER F 218 11.02 -11.24 -2.00
CA SER F 218 12.20 -10.40 -2.09
C SER F 218 13.40 -11.18 -2.63
N LYS F 219 14.37 -10.42 -3.16
CA LYS F 219 15.65 -11.00 -3.55
C LYS F 219 16.38 -11.61 -2.37
N ASP F 220 16.05 -11.16 -1.15
CA ASP F 220 16.61 -11.71 0.07
C ASP F 220 16.01 -13.06 0.42
N LEU F 221 14.71 -13.22 0.21
CA LEU F 221 14.10 -14.54 0.39
C LEU F 221 14.62 -15.53 -0.65
N MET F 222 14.64 -15.12 -1.92
CA MET F 222 15.00 -16.03 -2.99
C MET F 222 15.81 -15.28 -4.04
N THR F 223 17.08 -15.63 -4.15
CA THR F 223 17.92 -15.04 -5.19
C THR F 223 17.40 -15.44 -6.56
N ASP F 224 17.77 -14.65 -7.57
CA ASP F 224 17.48 -15.04 -8.96
C ASP F 224 18.13 -16.37 -9.30
N ALA F 225 19.35 -16.61 -8.81
CA ALA F 225 20.00 -17.91 -8.96
C ALA F 225 19.19 -19.05 -8.34
N GLU F 226 18.35 -18.76 -7.35
CA GLU F 226 17.46 -19.77 -6.80
C GLU F 226 16.11 -19.83 -7.49
N LEU F 227 15.57 -18.70 -7.93
CA LEU F 227 14.30 -18.72 -8.65
C LEU F 227 14.43 -19.41 -9.99
N ALA F 228 15.54 -19.19 -10.70
CA ALA F 228 15.79 -19.91 -11.94
C ALA F 228 15.87 -21.41 -11.70
N ARG F 229 16.49 -21.81 -10.59
CA ARG F 229 16.54 -23.23 -10.23
C ARG F 229 15.16 -23.77 -9.88
N ALA F 230 14.38 -23.02 -9.09
CA ALA F 230 13.02 -23.43 -8.78
C ALA F 230 12.16 -23.54 -10.03
N ILE F 231 12.22 -22.55 -10.92
CA ILE F 231 11.45 -22.60 -12.17
C ILE F 231 11.80 -23.85 -12.97
N SER F 232 13.08 -24.17 -13.09
CA SER F 232 13.49 -25.39 -13.77
C SER F 232 12.90 -26.63 -13.13
N ASN F 233 12.76 -26.66 -11.82
CA ASN F 233 12.29 -27.85 -11.13
C ASN F 233 10.78 -27.98 -11.11
N MET F 234 10.06 -26.96 -11.53
CA MET F 234 8.61 -26.98 -11.45
C MET F 234 8.04 -28.11 -12.32
N PRO F 235 6.96 -28.74 -11.88
CA PRO F 235 6.27 -29.77 -12.66
C PRO F 235 5.37 -29.16 -13.74
N THR F 236 5.99 -28.49 -14.70
CA THR F 236 5.29 -27.67 -15.66
C THR F 236 5.87 -27.91 -17.05
N SER F 237 5.10 -27.55 -18.08
CA SER F 237 5.57 -27.68 -19.44
C SER F 237 6.59 -26.59 -19.79
N ALA F 238 7.39 -26.86 -20.82
CA ALA F 238 8.41 -25.93 -21.28
C ALA F 238 7.83 -24.63 -21.82
N GLY F 239 6.56 -24.63 -22.25
CA GLY F 239 5.91 -23.38 -22.58
C GLY F 239 5.85 -22.41 -21.41
N GLN F 240 5.35 -22.87 -20.26
CA GLN F 240 5.43 -22.08 -19.04
C GLN F 240 6.87 -21.82 -18.61
N ILE F 241 7.79 -22.76 -18.85
CA ILE F 241 9.18 -22.51 -18.47
C ILE F 241 9.75 -21.32 -19.22
N LYS F 242 9.57 -21.29 -20.53
CA LYS F 242 10.01 -20.13 -21.31
C LYS F 242 9.34 -18.85 -20.83
N LEU F 243 8.02 -18.90 -20.65
CA LEU F 243 7.25 -17.79 -20.11
C LEU F 243 7.73 -17.34 -18.73
N MET F 244 7.96 -18.27 -17.82
CA MET F 244 8.30 -17.91 -16.44
C MET F 244 9.73 -17.38 -16.30
N LEU F 245 10.68 -17.91 -17.09
CA LEU F 245 12.03 -17.36 -17.09
C LEU F 245 12.09 -15.96 -17.71
N GLU F 246 11.31 -15.73 -18.77
CA GLU F 246 11.24 -14.38 -19.34
C GLU F 246 10.53 -13.40 -18.40
N ASN F 247 9.40 -13.80 -17.82
CA ASN F 247 8.60 -12.94 -16.94
C ASN F 247 8.93 -13.12 -15.47
N ARG F 248 10.22 -13.29 -15.13
CA ARG F 248 10.63 -13.59 -13.77
C ARG F 248 10.08 -12.60 -12.75
N ALA F 249 10.03 -11.32 -13.09
CA ALA F 249 9.46 -10.34 -12.17
C ALA F 249 7.97 -10.57 -11.92
N MET F 250 7.24 -11.01 -12.94
CA MET F 250 5.83 -11.32 -12.73
C MET F 250 5.64 -12.57 -11.87
N VAL F 251 6.47 -13.58 -12.09
CA VAL F 251 6.55 -14.73 -11.18
C VAL F 251 6.84 -14.28 -9.76
N ARG F 252 7.89 -13.48 -9.59
CA ARG F 252 8.33 -13.05 -8.27
C ARG F 252 7.30 -12.19 -7.54
N ARG F 253 6.48 -11.44 -8.28
CA ARG F 253 5.45 -10.60 -7.68
C ARG F 253 4.12 -11.31 -7.43
N LYS F 254 3.75 -12.30 -8.24
CA LYS F 254 2.55 -13.07 -7.92
C LYS F 254 2.74 -14.02 -6.74
N GLY F 255 3.94 -14.55 -6.53
CA GLY F 255 4.24 -15.34 -5.35
C GLY F 255 4.28 -14.58 -4.04
N PHE F 256 4.54 -15.34 -2.97
CA PHE F 256 4.66 -14.81 -1.61
C PHE F 256 5.48 -15.76 -0.76
N GLY F 257 5.86 -15.29 0.42
CA GLY F 257 6.53 -16.11 1.43
C GLY F 257 5.69 -16.35 2.68
N ILE F 258 5.89 -17.52 3.29
CA ILE F 258 5.41 -17.80 4.65
C ILE F 258 6.60 -18.26 5.51
N LEU F 259 6.75 -17.63 6.66
CA LEU F 259 7.69 -18.07 7.71
C LEU F 259 7.17 -19.30 8.44
N ILE F 260 7.96 -20.37 8.47
CA ILE F 260 7.62 -21.56 9.23
C ILE F 260 8.07 -21.45 10.69
N GLY F 261 9.30 -21.03 10.93
CA GLY F 261 9.78 -20.85 12.27
C GLY F 261 11.28 -20.93 12.33
N VAL F 262 11.80 -20.84 13.55
CA VAL F 262 13.22 -21.00 13.85
C VAL F 262 13.45 -22.33 14.56
N TYR F 263 14.49 -23.05 14.13
CA TYR F 263 14.75 -24.42 14.56
C TYR F 263 16.25 -24.63 14.70
N GLY F 264 16.73 -24.60 15.94
CA GLY F 264 18.11 -24.96 16.25
C GLY F 264 19.18 -24.14 15.53
N SER F 265 19.04 -22.82 15.57
CA SER F 265 19.88 -21.88 14.85
C SER F 265 19.75 -22.00 13.34
N SER F 266 18.62 -22.52 12.86
CA SER F 266 18.24 -22.41 11.47
C SER F 266 16.85 -21.82 11.39
N VAL F 267 16.59 -21.06 10.33
CA VAL F 267 15.30 -20.41 10.12
C VAL F 267 14.66 -21.01 8.87
N ILE F 268 13.42 -21.48 9.03
CA ILE F 268 12.71 -22.20 7.97
C ILE F 268 11.63 -21.28 7.44
N TYR F 269 11.59 -21.11 6.12
CA TYR F 269 10.51 -20.38 5.49
C TYR F 269 10.24 -21.03 4.14
N MET F 270 9.05 -20.78 3.62
CA MET F 270 8.64 -21.27 2.32
C MET F 270 8.34 -20.11 1.39
N VAL F 271 8.71 -20.30 0.13
CA VAL F 271 8.37 -19.39 -0.96
C VAL F 271 7.34 -20.09 -1.84
N GLN F 272 6.23 -19.40 -2.08
CA GLN F 272 5.15 -19.90 -2.93
C GLN F 272 5.28 -19.30 -4.32
N LEU F 273 5.49 -20.16 -5.32
CA LEU F 273 5.61 -19.74 -6.71
C LEU F 273 4.36 -20.10 -7.51
N PRO F 274 3.91 -19.20 -8.38
CA PRO F 274 2.71 -19.48 -9.18
C PRO F 274 2.90 -20.57 -10.22
N ILE F 275 1.89 -21.44 -10.34
CA ILE F 275 1.72 -22.33 -11.48
C ILE F 275 0.69 -21.74 -12.42
N PHE F 276 1.08 -21.53 -13.67
CA PHE F 276 0.24 -20.92 -14.70
C PHE F 276 -0.35 -21.97 -15.64
N GLY F 277 -1.31 -22.73 -15.10
CA GLY F 277 -1.89 -23.87 -15.79
C GLY F 277 -2.92 -23.56 -16.85
N VAL F 278 -3.42 -22.33 -16.93
CA VAL F 278 -4.18 -21.85 -18.08
C VAL F 278 -3.35 -20.77 -18.76
N ILE F 279 -3.06 -20.98 -20.04
CA ILE F 279 -2.17 -20.12 -20.80
C ILE F 279 -2.73 -19.96 -22.21
N ASP F 280 -2.41 -18.82 -22.83
CA ASP F 280 -2.66 -18.56 -24.24
C ASP F 280 -4.14 -18.52 -24.66
N THR F 281 -5.07 -18.61 -23.71
CA THR F 281 -6.47 -18.50 -24.05
C THR F 281 -6.86 -17.03 -24.27
N PRO F 282 -7.97 -16.78 -24.98
CA PRO F 282 -8.39 -15.40 -25.24
C PRO F 282 -8.76 -14.63 -23.98
N CYS F 283 -8.33 -13.38 -23.92
CA CYS F 283 -8.73 -12.43 -22.90
C CYS F 283 -9.01 -11.08 -23.53
N TRP F 284 -9.97 -10.34 -22.94
CA TRP F 284 -10.29 -9.00 -23.42
C TRP F 284 -10.64 -8.11 -22.24
N ILE F 285 -10.36 -6.81 -22.40
CA ILE F 285 -10.65 -5.79 -21.39
C ILE F 285 -11.75 -4.88 -21.88
N VAL F 286 -12.76 -4.68 -21.05
CA VAL F 286 -13.83 -3.71 -21.28
C VAL F 286 -13.57 -2.46 -20.42
N LYS F 287 -13.56 -1.30 -21.08
CA LYS F 287 -13.59 -0.01 -20.42
C LYS F 287 -14.77 0.78 -20.96
N ALA F 288 -15.39 1.61 -20.11
CA ALA F 288 -16.58 2.34 -20.49
C ALA F 288 -16.59 3.73 -19.88
N ALA F 289 -17.33 4.63 -20.51
CA ALA F 289 -17.54 5.99 -20.02
C ALA F 289 -19.01 6.34 -20.15
N PRO F 290 -19.47 7.37 -19.43
CA PRO F 290 -20.91 7.67 -19.36
C PRO F 290 -21.53 8.09 -20.70
N SER F 291 -22.47 7.28 -21.18
CA SER F 291 -23.34 7.63 -22.29
C SER F 291 -24.54 8.43 -21.79
N CYS F 292 -24.60 9.71 -22.15
CA CYS F 292 -25.72 10.56 -21.73
C CYS F 292 -26.42 11.21 -22.92
N SER F 293 -27.71 11.49 -22.74
CA SER F 293 -28.52 12.14 -23.76
C SER F 293 -29.55 13.04 -23.09
N GLU F 294 -29.95 14.09 -23.80
CA GLU F 294 -30.88 15.10 -23.29
C GLU F 294 -32.24 14.95 -23.96
N LYS F 295 -33.30 14.93 -23.16
CA LYS F 295 -34.62 15.17 -23.72
C LYS F 295 -35.49 15.90 -22.70
N LYS F 296 -36.40 16.73 -23.23
CA LYS F 296 -37.05 17.80 -22.46
C LYS F 296 -36.03 18.67 -21.73
N GLY F 297 -34.83 18.78 -22.30
CA GLY F 297 -33.75 19.53 -21.69
C GLY F 297 -33.06 18.89 -20.51
N ASN F 298 -33.34 17.62 -20.19
CA ASN F 298 -32.76 16.99 -19.01
C ASN F 298 -32.04 15.71 -19.41
N TYR F 299 -30.94 15.42 -18.70
CA TYR F 299 -30.08 14.31 -19.06
C TYR F 299 -30.59 12.96 -18.57
N ALA F 300 -30.45 11.95 -19.42
CA ALA F 300 -30.46 10.54 -19.05
C ALA F 300 -29.07 9.97 -19.33
N CYS F 301 -28.46 9.37 -18.32
CA CYS F 301 -27.14 8.77 -18.47
C CYS F 301 -27.18 7.28 -18.15
N LEU F 302 -26.31 6.51 -18.80
CA LEU F 302 -25.95 5.18 -18.33
C LEU F 302 -24.44 5.01 -18.35
N LEU F 303 -23.94 4.22 -17.40
CA LEU F 303 -22.57 3.75 -17.39
C LEU F 303 -22.56 2.25 -17.17
N ARG F 304 -21.81 1.53 -18.00
CA ARG F 304 -21.58 0.10 -17.77
C ARG F 304 -20.72 -0.15 -16.53
N GLU F 305 -21.15 -1.13 -15.72
CA GLU F 305 -20.47 -1.49 -14.48
C GLU F 305 -19.67 -2.78 -14.58
N ASP F 306 -19.77 -3.49 -15.70
CA ASP F 306 -19.12 -4.77 -15.94
C ASP F 306 -17.72 -4.63 -16.54
N GLN F 307 -17.03 -3.54 -16.23
CA GLN F 307 -15.72 -3.22 -16.75
C GLN F 307 -14.63 -4.08 -16.11
N GLY F 308 -13.49 -4.11 -16.79
CA GLY F 308 -12.33 -4.89 -16.39
C GLY F 308 -12.07 -6.07 -17.30
N TRP F 309 -11.35 -7.05 -16.76
CA TRP F 309 -10.81 -8.14 -17.56
C TRP F 309 -11.75 -9.33 -17.66
N TYR F 310 -11.80 -9.92 -18.84
CA TYR F 310 -12.46 -11.20 -19.08
C TYR F 310 -11.47 -12.14 -19.74
N CYS F 311 -11.62 -13.43 -19.45
CA CYS F 311 -10.87 -14.47 -20.14
C CYS F 311 -11.77 -15.66 -20.37
N GLN F 312 -11.33 -16.56 -21.24
CA GLN F 312 -11.92 -17.89 -21.39
C GLN F 312 -11.04 -18.95 -20.75
N ASN F 313 -11.64 -19.76 -19.88
CA ASN F 313 -10.97 -20.89 -19.25
C ASN F 313 -11.84 -22.12 -19.43
N ALA F 314 -11.29 -23.14 -20.10
CA ALA F 314 -11.94 -24.43 -20.25
C ALA F 314 -13.40 -24.28 -20.68
N GLY F 315 -13.61 -23.43 -21.69
CA GLY F 315 -14.92 -23.20 -22.26
C GLY F 315 -15.82 -22.33 -21.43
N SER F 316 -15.45 -22.07 -20.18
CA SER F 316 -16.13 -21.05 -19.39
C SER F 316 -15.52 -19.68 -19.67
N THR F 317 -16.36 -18.65 -19.52
CA THR F 317 -15.92 -17.27 -19.57
C THR F 317 -15.86 -16.76 -18.14
N VAL F 318 -14.78 -16.07 -17.79
CA VAL F 318 -14.50 -15.73 -16.41
C VAL F 318 -14.13 -14.25 -16.33
N TYR F 319 -14.72 -13.57 -15.36
CA TYR F 319 -14.59 -12.13 -15.16
C TYR F 319 -13.70 -11.87 -13.96
N TYR F 320 -12.80 -10.90 -14.10
CA TYR F 320 -11.82 -10.57 -13.07
C TYR F 320 -12.07 -9.15 -12.57
N PRO F 321 -13.07 -8.96 -11.70
CA PRO F 321 -13.51 -7.59 -11.40
C PRO F 321 -12.56 -6.82 -10.50
N CYS F 322 -11.62 -7.50 -9.84
CA CYS F 322 -10.66 -6.81 -9.00
C CYS F 322 -9.65 -6.03 -9.84
N GLU F 323 -9.44 -4.76 -9.47
CA GLU F 323 -8.46 -3.93 -10.15
C GLU F 323 -7.03 -4.30 -9.82
N LYS F 324 -6.80 -4.95 -8.67
CA LYS F 324 -5.46 -5.20 -8.16
C LYS F 324 -4.84 -6.50 -8.68
N ASP F 325 -5.63 -7.44 -9.19
CA ASP F 325 -5.06 -8.71 -9.64
C ASP F 325 -4.43 -8.64 -11.04
N CYS F 326 -5.25 -8.58 -12.09
CA CYS F 326 -4.73 -8.77 -13.44
C CYS F 326 -3.71 -7.72 -13.82
N GLU F 327 -2.50 -8.18 -14.15
CA GLU F 327 -1.37 -7.35 -14.55
C GLU F 327 -1.01 -7.72 -15.98
N THR F 328 -0.62 -6.74 -16.78
CA THR F 328 -0.43 -6.94 -18.21
C THR F 328 1.02 -6.68 -18.59
N ARG F 329 1.54 -7.52 -19.48
CA ARG F 329 2.81 -7.27 -20.16
C ARG F 329 2.63 -7.66 -21.62
N GLY F 330 2.57 -6.65 -22.48
CA GLY F 330 2.23 -6.86 -23.87
C GLY F 330 0.89 -7.54 -24.04
N ASP F 331 0.86 -8.63 -24.82
CA ASP F 331 -0.37 -9.41 -24.97
C ASP F 331 -0.69 -10.26 -23.75
N HIS F 332 0.29 -10.58 -22.92
CA HIS F 332 0.07 -11.49 -21.81
C HIS F 332 -0.58 -10.76 -20.64
N VAL F 333 -1.72 -11.25 -20.20
CA VAL F 333 -2.42 -10.73 -19.02
C VAL F 333 -2.39 -11.78 -17.92
N PHE F 334 -1.88 -11.39 -16.75
CA PHE F 334 -1.54 -12.31 -15.67
C PHE F 334 -2.54 -12.13 -14.54
N CYS F 335 -3.31 -13.17 -14.23
CA CYS F 335 -4.35 -13.05 -13.22
C CYS F 335 -4.33 -14.28 -12.31
N ASP F 336 -4.74 -14.08 -11.06
CA ASP F 336 -5.16 -15.16 -10.19
C ASP F 336 -6.50 -15.74 -10.62
N THR F 337 -6.55 -17.05 -10.83
CA THR F 337 -7.83 -17.71 -11.10
C THR F 337 -8.79 -17.61 -9.92
N ALA F 338 -8.27 -17.59 -8.69
CA ALA F 338 -9.13 -17.39 -7.52
C ALA F 338 -9.83 -16.05 -7.53
N ALA F 339 -9.24 -15.04 -8.16
CA ALA F 339 -9.90 -13.74 -8.31
C ALA F 339 -10.94 -13.71 -9.42
N GLY F 340 -11.14 -14.80 -10.14
CA GLY F 340 -12.13 -14.83 -11.20
C GLY F 340 -13.53 -15.17 -10.71
N ILE F 341 -14.51 -14.50 -11.32
CA ILE F 341 -15.93 -14.81 -11.15
C ILE F 341 -16.44 -15.37 -12.47
N ASN F 342 -17.04 -16.55 -12.42
CA ASN F 342 -17.57 -17.17 -13.63
C ASN F 342 -18.80 -16.42 -14.10
N VAL F 343 -18.86 -16.13 -15.40
CA VAL F 343 -19.93 -15.36 -16.00
C VAL F 343 -20.38 -16.07 -17.26
N ALA F 344 -21.68 -16.03 -17.53
CA ALA F 344 -22.21 -16.66 -18.73
C ALA F 344 -21.54 -16.13 -19.98
N GLU F 345 -21.29 -17.01 -20.94
CA GLU F 345 -20.78 -16.61 -22.24
C GLU F 345 -21.70 -15.62 -22.94
N GLN F 346 -23.00 -15.71 -22.69
CA GLN F 346 -23.96 -14.73 -23.20
C GLN F 346 -23.72 -13.31 -22.73
N SER F 347 -22.91 -13.11 -21.68
CA SER F 347 -22.53 -11.74 -21.32
C SER F 347 -21.81 -11.01 -22.43
N LYS F 348 -21.22 -11.73 -23.39
CA LYS F 348 -20.71 -11.10 -24.61
C LYS F 348 -21.78 -10.38 -25.42
N GLU F 349 -23.05 -10.73 -25.25
CA GLU F 349 -24.14 -9.98 -25.88
C GLU F 349 -24.23 -8.54 -25.38
N CYS F 350 -23.79 -8.27 -24.15
CA CYS F 350 -23.67 -6.88 -23.72
C CYS F 350 -22.62 -6.11 -24.50
N ASN F 351 -21.76 -6.79 -25.26
CA ASN F 351 -20.80 -6.12 -26.13
C ASN F 351 -21.26 -6.01 -27.58
N ILE F 352 -22.42 -6.57 -27.94
CA ILE F 352 -22.82 -6.54 -29.35
C ILE F 352 -24.30 -6.19 -29.52
N ASN F 353 -25.11 -6.47 -28.51
CA ASN F 353 -26.56 -6.27 -28.63
C ASN F 353 -27.16 -5.87 -27.29
N ILE F 354 -26.46 -4.99 -26.56
CA ILE F 354 -26.89 -4.55 -25.23
C ILE F 354 -28.26 -3.89 -25.26
N SER F 355 -28.64 -3.30 -26.39
CA SER F 355 -30.00 -2.77 -26.55
C SER F 355 -31.07 -3.86 -26.42
N THR F 356 -30.81 -5.06 -26.95
CA THR F 356 -31.89 -6.02 -27.16
C THR F 356 -31.68 -7.36 -26.46
N THR F 357 -30.49 -7.65 -25.95
CA THR F 357 -30.27 -8.90 -25.25
C THR F 357 -31.16 -9.01 -24.02
N ASN F 358 -31.65 -10.23 -23.76
CA ASN F 358 -32.35 -10.55 -22.54
C ASN F 358 -31.41 -10.80 -21.36
N TYR F 359 -30.12 -10.79 -21.59
CA TYR F 359 -29.16 -10.90 -20.50
C TYR F 359 -29.18 -9.63 -19.64
N PRO F 360 -29.11 -9.78 -18.31
CA PRO F 360 -29.06 -8.60 -17.43
C PRO F 360 -27.72 -7.89 -17.46
N CYS F 361 -27.51 -7.06 -18.47
CA CYS F 361 -26.31 -6.24 -18.57
C CYS F 361 -26.28 -5.23 -17.44
N LYS F 362 -25.22 -5.27 -16.64
CA LYS F 362 -25.14 -4.46 -15.42
C LYS F 362 -24.69 -3.04 -15.73
N VAL F 363 -25.49 -2.07 -15.30
CA VAL F 363 -25.25 -0.65 -15.57
C VAL F 363 -25.55 0.12 -14.30
N SER F 364 -24.99 1.33 -14.21
CA SER F 364 -25.55 2.38 -13.38
C SER F 364 -26.13 3.46 -14.28
N CYS F 365 -27.22 4.07 -13.84
CA CYS F 365 -27.88 5.11 -14.61
C CYS F 365 -28.35 6.23 -13.71
N GLY F 366 -28.59 7.39 -14.31
CA GLY F 366 -29.08 8.53 -13.55
C GLY F 366 -28.91 9.83 -14.31
N ARG F 367 -29.08 10.91 -13.56
CA ARG F 367 -29.10 12.28 -14.07
C ARG F 367 -27.78 12.98 -13.82
N HIS F 368 -26.69 12.35 -14.22
CA HIS F 368 -25.35 12.65 -13.70
C HIS F 368 -24.33 12.67 -14.82
N PRO F 369 -24.38 13.68 -15.69
CA PRO F 369 -23.51 13.74 -16.88
C PRO F 369 -22.06 14.13 -16.57
N ILE F 370 -21.29 13.14 -16.10
CA ILE F 370 -19.87 13.31 -15.81
C ILE F 370 -19.07 13.31 -17.11
N SER F 371 -18.52 14.46 -17.48
CA SER F 371 -17.52 14.54 -18.53
C SER F 371 -16.18 13.96 -18.05
N MET F 372 -15.61 13.03 -18.83
CA MET F 372 -14.36 12.41 -18.43
C MET F 372 -13.70 11.73 -19.64
N VAL F 373 -12.43 11.38 -19.44
CA VAL F 373 -11.64 10.60 -20.40
C VAL F 373 -11.37 9.22 -19.81
N ALA F 374 -11.87 8.18 -20.46
CA ALA F 374 -11.46 6.81 -20.17
C ALA F 374 -10.36 6.39 -21.15
N LEU F 375 -9.12 6.49 -20.71
CA LEU F 375 -7.98 6.01 -21.48
C LEU F 375 -8.03 4.49 -21.65
N SER F 376 -7.76 4.04 -22.87
CA SER F 376 -7.92 2.65 -23.27
C SER F 376 -6.70 2.26 -24.08
N PRO F 377 -6.44 0.96 -24.24
CA PRO F 377 -5.17 0.53 -24.86
C PRO F 377 -4.86 1.19 -26.20
N LEU F 378 -5.85 1.30 -27.08
CA LEU F 378 -5.65 1.84 -28.42
C LEU F 378 -6.33 3.19 -28.64
N GLY F 379 -6.77 3.87 -27.59
CA GLY F 379 -7.50 5.10 -27.77
C GLY F 379 -8.08 5.59 -26.46
N ALA F 380 -9.00 6.55 -26.58
CA ALA F 380 -9.66 7.16 -25.43
C ALA F 380 -11.15 7.27 -25.67
N LEU F 381 -11.94 6.89 -24.67
CA LEU F 381 -13.35 7.25 -24.59
C LEU F 381 -13.45 8.64 -23.98
N VAL F 382 -13.86 9.63 -24.78
CA VAL F 382 -13.98 11.00 -24.32
C VAL F 382 -15.46 11.35 -24.21
N ALA F 383 -15.96 11.40 -22.97
CA ALA F 383 -17.31 11.90 -22.70
C ALA F 383 -17.21 13.39 -22.39
N CYS F 384 -17.90 14.20 -23.16
CA CYS F 384 -18.04 15.61 -22.82
C CYS F 384 -19.49 16.06 -23.03
N TYR F 385 -19.98 16.84 -22.07
CA TYR F 385 -21.39 17.20 -21.96
C TYR F 385 -21.50 18.66 -21.59
N LYS F 386 -22.74 19.14 -21.55
CA LYS F 386 -23.05 20.56 -21.44
C LYS F 386 -22.21 21.24 -20.38
N GLY F 387 -21.63 22.39 -20.76
CA GLY F 387 -20.81 23.20 -19.89
C GLY F 387 -19.34 22.85 -19.87
N VAL F 388 -18.93 21.76 -20.53
CA VAL F 388 -17.53 21.34 -20.54
C VAL F 388 -17.04 21.28 -21.98
N SER F 389 -15.92 21.95 -22.24
CA SER F 389 -15.29 21.95 -23.56
C SER F 389 -14.33 20.78 -23.70
N CYS F 390 -14.28 20.20 -24.90
CA CYS F 390 -13.51 19.00 -25.17
C CYS F 390 -12.82 19.08 -26.53
N SER F 391 -11.53 18.79 -26.55
CA SER F 391 -10.68 19.02 -27.71
C SER F 391 -9.63 17.93 -27.80
N ILE F 392 -9.09 17.73 -29.00
CA ILE F 392 -7.97 16.83 -29.24
C ILE F 392 -6.91 17.60 -30.03
N GLY F 393 -5.66 17.18 -29.85
CA GLY F 393 -4.58 17.92 -30.48
C GLY F 393 -3.31 17.11 -30.56
N SER F 394 -2.31 17.71 -31.21
CA SER F 394 -0.99 17.11 -31.36
C SER F 394 0.10 18.12 -31.05
N ASN F 395 1.18 17.63 -30.45
CA ASN F 395 2.31 18.46 -30.03
C ASN F 395 2.92 19.27 -31.16
N ARG F 396 2.68 18.88 -32.41
CA ARG F 396 3.27 19.54 -33.58
C ARG F 396 2.24 20.09 -34.56
N VAL F 397 0.96 20.10 -34.20
CA VAL F 397 -0.11 20.49 -35.12
C VAL F 397 -1.05 21.45 -34.41
N GLY F 398 -1.15 21.34 -33.09
CA GLY F 398 -2.10 22.12 -32.33
C GLY F 398 -3.43 21.44 -32.12
N ILE F 399 -4.52 22.20 -32.01
CA ILE F 399 -5.83 21.59 -31.87
C ILE F 399 -6.23 20.99 -33.21
N ILE F 400 -6.35 19.66 -33.23
CA ILE F 400 -6.75 18.94 -34.43
C ILE F 400 -8.26 19.01 -34.65
N LYS F 401 -9.04 18.89 -33.57
CA LYS F 401 -10.49 18.91 -33.68
C LYS F 401 -11.11 19.36 -32.36
N GLN F 402 -12.32 19.93 -32.46
CA GLN F 402 -13.18 20.16 -31.31
C GLN F 402 -14.31 19.13 -31.31
N LEU F 403 -14.52 18.47 -30.17
CA LEU F 403 -15.39 17.30 -30.14
C LEU F 403 -16.84 17.70 -29.90
N ASN F 404 -17.74 16.95 -30.51
CA ASN F 404 -19.17 17.08 -30.25
C ASN F 404 -19.53 16.60 -28.85
N LYS F 405 -20.61 17.14 -28.31
CA LYS F 405 -21.15 16.61 -27.06
C LYS F 405 -21.63 15.19 -27.27
N GLY F 406 -21.35 14.34 -26.29
CA GLY F 406 -21.52 12.91 -26.45
C GLY F 406 -20.25 12.16 -26.10
N CYS F 407 -20.20 10.90 -26.52
CA CYS F 407 -19.00 10.09 -26.43
C CYS F 407 -18.27 10.08 -27.77
N SER F 408 -17.00 10.46 -27.75
CA SER F 408 -16.12 10.30 -28.89
C SER F 408 -15.06 9.27 -28.54
N TYR F 409 -14.94 8.22 -29.34
CA TYR F 409 -13.77 7.37 -29.27
C TYR F 409 -12.66 7.97 -30.12
N ILE F 410 -11.66 8.53 -29.46
CA ILE F 410 -10.50 9.10 -30.12
C ILE F 410 -9.43 8.01 -30.20
N THR F 411 -9.22 7.47 -31.40
CA THR F 411 -8.16 6.48 -31.55
C THR F 411 -6.82 7.14 -31.30
N ASN F 412 -5.88 6.38 -30.79
CA ASN F 412 -4.59 6.97 -30.46
C ASN F 412 -3.75 7.34 -31.68
N GLN F 413 -4.22 7.07 -32.89
CA GLN F 413 -3.65 7.67 -34.08
C GLN F 413 -4.29 9.00 -34.44
N ASP F 414 -5.53 9.25 -34.01
CA ASP F 414 -6.20 10.51 -34.33
C ASP F 414 -5.48 11.71 -33.74
N ALA F 415 -4.94 11.57 -32.53
CA ALA F 415 -4.33 12.71 -31.85
C ALA F 415 -3.34 12.21 -30.82
N ASP F 416 -2.42 13.11 -30.44
CA ASP F 416 -1.54 12.84 -29.31
C ASP F 416 -2.21 13.07 -27.97
N THR F 417 -3.18 13.99 -27.89
CA THR F 417 -3.73 14.41 -26.61
C THR F 417 -5.23 14.66 -26.72
N VAL F 418 -5.89 14.59 -25.57
CA VAL F 418 -7.25 15.06 -25.39
C VAL F 418 -7.23 16.10 -24.29
N THR F 419 -7.98 17.17 -24.47
CA THR F 419 -8.12 18.20 -23.46
C THR F 419 -9.57 18.27 -22.99
N ILE F 420 -9.76 18.19 -21.68
CA ILE F 420 -11.06 18.41 -21.06
C ILE F 420 -10.90 19.47 -19.98
N ASP F 421 -11.76 20.49 -20.01
CA ASP F 421 -11.78 21.59 -19.05
C ASP F 421 -10.44 22.33 -18.97
N ASN F 422 -9.58 22.19 -19.97
CA ASN F 422 -8.16 22.55 -20.03
C ASN F 422 -7.23 21.58 -19.29
N THR F 423 -7.73 20.51 -18.67
CA THR F 423 -6.86 19.39 -18.30
C THR F 423 -6.47 18.60 -19.55
N VAL F 424 -5.18 18.30 -19.68
CA VAL F 424 -4.64 17.64 -20.87
C VAL F 424 -4.31 16.19 -20.54
N TYR F 425 -4.87 15.28 -21.34
CA TYR F 425 -4.64 13.84 -21.25
C TYR F 425 -3.84 13.38 -22.45
N GLN F 426 -2.79 12.61 -22.21
CA GLN F 426 -1.92 12.11 -23.26
C GLN F 426 -2.31 10.67 -23.62
N LEU F 427 -2.45 10.39 -24.91
CA LEU F 427 -2.84 9.07 -25.40
C LEU F 427 -1.66 8.13 -25.56
N SER F 428 -1.96 6.83 -25.55
CA SER F 428 -0.96 5.79 -25.71
C SER F 428 -0.37 5.78 -27.13
N LYS F 429 0.91 5.44 -27.23
CA LYS F 429 1.57 5.30 -28.53
C LYS F 429 1.35 3.94 -29.19
N VAL F 430 0.85 2.94 -28.47
CA VAL F 430 0.77 1.58 -29.00
C VAL F 430 -0.19 1.51 -30.17
N GLU F 431 0.26 0.89 -31.26
CA GLU F 431 -0.54 0.69 -32.47
C GLU F 431 -1.37 -0.58 -32.39
N GLY F 432 -2.43 -0.62 -33.21
CA GLY F 432 -3.30 -1.78 -33.30
C GLY F 432 -4.52 -1.43 -34.11
N GLU F 433 -5.29 -2.46 -34.44
CA GLU F 433 -6.54 -2.26 -35.16
C GLU F 433 -7.59 -1.62 -34.26
N GLN F 434 -8.23 -0.56 -34.75
CA GLN F 434 -9.37 0.07 -34.10
C GLN F 434 -10.61 -0.03 -34.96
N HIS F 435 -11.69 -0.54 -34.40
CA HIS F 435 -12.96 -0.77 -35.10
C HIS F 435 -14.09 -0.05 -34.36
N VAL F 436 -15.12 0.33 -35.10
CA VAL F 436 -16.27 1.03 -34.55
C VAL F 436 -17.55 0.25 -34.89
N ILE F 437 -18.22 -0.25 -33.86
CA ILE F 437 -19.53 -0.90 -34.00
C ILE F 437 -20.58 0.20 -33.84
N LYS F 438 -20.96 0.81 -34.96
CA LYS F 438 -21.90 1.92 -34.97
C LYS F 438 -23.26 1.49 -34.42
N GLY F 439 -23.94 2.45 -33.80
CA GLY F 439 -25.31 2.26 -33.35
C GLY F 439 -25.80 3.37 -32.45
N ARG F 440 -27.10 3.64 -32.52
CA ARG F 440 -27.74 4.68 -31.70
C ARG F 440 -27.51 4.41 -30.22
N PRO F 441 -26.93 5.36 -29.48
CA PRO F 441 -26.73 5.17 -28.03
C PRO F 441 -28.01 4.78 -27.31
N VAL F 442 -27.89 3.80 -26.41
CA VAL F 442 -29.04 3.31 -25.67
C VAL F 442 -29.73 4.44 -24.91
N SER F 443 -28.95 5.31 -24.29
CA SER F 443 -29.48 6.46 -23.56
C SER F 443 -30.34 7.37 -24.43
N SER F 444 -30.15 7.35 -25.74
CA SER F 444 -31.03 8.04 -26.68
C SER F 444 -32.19 7.17 -27.12
N SER F 445 -31.96 5.87 -27.29
CA SER F 445 -32.97 4.99 -27.85
C SER F 445 -34.13 4.73 -26.89
N PHE F 446 -33.90 4.78 -25.59
CA PHE F 446 -34.95 4.50 -24.61
C PHE F 446 -35.11 5.67 -23.66
N ASP F 447 -36.34 5.82 -23.15
CA ASP F 447 -36.65 6.80 -22.12
C ASP F 447 -36.13 6.35 -20.75
N PRO F 448 -35.61 7.27 -19.95
CA PRO F 448 -35.31 6.92 -18.56
C PRO F 448 -36.58 6.62 -17.77
N VAL F 449 -36.46 5.64 -16.87
CA VAL F 449 -37.57 5.33 -15.98
C VAL F 449 -37.88 6.54 -15.10
N LYS F 450 -39.15 6.90 -15.04
CA LYS F 450 -39.54 8.15 -14.41
C LYS F 450 -39.14 8.17 -12.94
N PHE F 451 -39.30 7.05 -12.25
CA PHE F 451 -38.81 6.85 -10.89
C PHE F 451 -38.53 5.38 -10.63
N PRO F 452 -37.47 5.05 -9.88
CA PRO F 452 -36.33 5.87 -9.47
C PRO F 452 -35.33 6.04 -10.59
N GLN F 453 -35.10 7.28 -11.00
CA GLN F 453 -34.33 7.54 -12.21
C GLN F 453 -32.84 7.23 -12.01
N ASP F 454 -32.30 7.51 -10.83
CA ASP F 454 -30.92 7.16 -10.52
C ASP F 454 -30.82 5.82 -9.83
N GLN F 455 -29.98 4.94 -10.36
CA GLN F 455 -29.83 3.58 -9.86
C GLN F 455 -28.38 3.14 -10.01
N PHE F 456 -27.93 2.30 -9.07
CA PHE F 456 -26.55 1.84 -8.99
C PHE F 456 -26.44 0.34 -9.24
N ASN F 457 -25.61 -0.02 -10.21
CA ASN F 457 -25.26 -1.41 -10.52
C ASN F 457 -26.50 -2.29 -10.73
N VAL F 458 -27.48 -1.75 -11.44
CA VAL F 458 -28.70 -2.47 -11.76
C VAL F 458 -28.59 -3.05 -13.17
N ALA F 459 -29.47 -4.00 -13.48
CA ALA F 459 -29.61 -4.48 -14.85
C ALA F 459 -30.30 -3.45 -15.73
N LEU F 460 -29.90 -3.42 -17.00
CA LEU F 460 -30.26 -2.32 -17.89
C LEU F 460 -31.77 -2.20 -18.09
N ASP F 461 -32.51 -3.30 -18.10
CA ASP F 461 -33.96 -3.21 -18.25
C ASP F 461 -34.62 -2.43 -17.12
N GLN F 462 -33.92 -2.25 -16.01
CA GLN F 462 -34.42 -1.52 -14.86
C GLN F 462 -34.16 -0.02 -14.93
N CYS F 463 -33.22 0.41 -15.77
CA CYS F 463 -33.02 1.83 -16.01
C CYS F 463 -33.97 2.41 -17.04
N PHE F 464 -34.26 1.68 -18.12
CA PHE F 464 -34.90 2.27 -19.29
C PHE F 464 -36.23 1.58 -19.58
N GLU F 465 -37.27 2.40 -19.78
CA GLU F 465 -38.63 1.91 -19.88
C GLU F 465 -38.88 1.21 -21.21
N LEU G 19 -12.88 -21.93 18.45
CA LEU G 19 -13.84 -21.15 17.68
C LEU G 19 -15.12 -21.93 17.46
N LYS G 20 -16.21 -21.23 17.17
CA LYS G 20 -17.50 -21.86 16.92
C LYS G 20 -18.18 -21.16 15.74
N GLU G 21 -18.55 -21.93 14.73
CA GLU G 21 -19.16 -21.40 13.51
C GLU G 21 -20.56 -21.96 13.32
N SER G 22 -21.54 -21.06 13.12
CA SER G 22 -22.89 -21.44 12.74
C SER G 22 -23.10 -21.05 11.29
N TYR G 23 -23.43 -22.02 10.46
CA TYR G 23 -24.01 -21.75 9.15
C TYR G 23 -25.48 -21.42 9.28
N LEU G 24 -25.91 -20.39 8.56
CA LEU G 24 -27.26 -19.83 8.69
C LEU G 24 -27.95 -20.02 7.34
N GLU G 25 -28.61 -21.16 7.18
CA GLU G 25 -29.15 -21.57 5.88
C GLU G 25 -30.22 -20.61 5.38
N GLU G 26 -30.85 -19.87 6.29
CA GLU G 26 -31.86 -18.88 5.93
C GLU G 26 -31.29 -17.76 5.09
N SER G 27 -29.98 -17.52 5.14
CA SER G 27 -29.41 -16.38 4.44
C SER G 27 -27.99 -16.64 3.91
N CYS G 28 -27.60 -17.89 3.71
CA CYS G 28 -26.30 -18.27 3.17
C CYS G 28 -25.15 -17.47 3.79
N SER G 29 -25.08 -17.51 5.12
CA SER G 29 -24.10 -16.76 5.86
C SER G 29 -23.57 -17.64 6.98
N THR G 30 -22.35 -17.35 7.43
CA THR G 30 -21.82 -17.95 8.63
C THR G 30 -21.50 -16.88 9.67
N ILE G 31 -21.66 -17.26 10.93
CA ILE G 31 -21.17 -16.51 12.07
C ILE G 31 -20.15 -17.39 12.79
N THR G 32 -18.90 -16.93 12.85
CA THR G 32 -17.87 -17.61 13.62
C THR G 32 -17.66 -16.85 14.92
N GLU G 33 -17.84 -17.56 16.04
CA GLU G 33 -17.77 -17.02 17.39
C GLU G 33 -16.56 -17.58 18.14
N GLY G 34 -16.40 -17.09 19.36
CA GLY G 34 -15.32 -17.51 20.23
C GLY G 34 -14.10 -16.61 20.22
N TYR G 35 -14.10 -15.52 19.48
CA TYR G 35 -12.98 -14.60 19.47
C TYR G 35 -12.99 -13.66 20.68
N LEU G 36 -11.80 -13.27 21.11
CA LEU G 36 -11.59 -12.45 22.29
C LEU G 36 -11.07 -11.09 21.83
N SER G 37 -11.77 -10.03 22.23
CA SER G 37 -11.42 -8.69 21.79
C SER G 37 -10.08 -8.23 22.35
N VAL G 38 -9.38 -7.44 21.55
CA VAL G 38 -8.27 -6.60 21.99
C VAL G 38 -8.40 -5.27 21.25
N LEU G 39 -9.18 -4.34 21.81
CA LEU G 39 -9.60 -3.13 21.10
C LEU G 39 -8.86 -1.92 21.63
N ARG G 40 -8.28 -1.17 20.69
CA ARG G 40 -7.43 -0.01 20.98
C ARG G 40 -8.29 1.18 21.37
N THR G 41 -8.15 1.60 22.63
CA THR G 41 -8.95 2.65 23.24
C THR G 41 -8.22 3.98 23.37
N GLY G 42 -6.89 3.98 23.34
CA GLY G 42 -6.12 5.17 23.64
C GLY G 42 -4.69 4.98 23.20
N TRP G 43 -3.87 5.98 23.52
CA TRP G 43 -2.48 5.99 23.07
C TRP G 43 -1.54 6.33 24.22
N TYR G 44 -0.42 5.62 24.27
CA TYR G 44 0.70 5.91 25.15
C TYR G 44 1.84 6.47 24.31
N THR G 45 2.39 7.62 24.71
CA THR G 45 3.42 8.30 23.94
C THR G 45 4.79 8.05 24.55
N ASN G 46 5.76 7.72 23.69
CA ASN G 46 7.17 7.78 24.03
C ASN G 46 7.81 8.84 23.15
N VAL G 47 8.25 9.95 23.76
CA VAL G 47 9.01 10.97 23.06
C VAL G 47 10.48 10.52 23.04
N PHE G 48 10.91 9.96 21.92
CA PHE G 48 12.33 9.74 21.67
C PHE G 48 13.05 11.04 21.37
N THR G 49 14.19 11.24 22.04
CA THR G 49 15.23 12.15 21.58
C THR G 49 16.37 11.33 20.98
N LEU G 50 16.73 11.64 19.74
CA LEU G 50 17.92 11.08 19.11
C LEU G 50 18.96 12.18 18.93
N GLU G 51 20.13 11.99 19.54
CA GLU G 51 21.20 12.99 19.54
C GLU G 51 22.24 12.66 18.47
N VAL G 52 22.37 13.55 17.48
CA VAL G 52 23.37 13.37 16.44
C VAL G 52 24.70 14.03 16.79
N GLY G 53 24.67 15.14 17.52
CA GLY G 53 25.86 15.84 17.94
C GLY G 53 26.34 16.89 16.96
N ASP G 54 27.57 17.33 17.20
CA ASP G 54 28.19 18.41 16.42
C ASP G 54 28.76 17.96 15.08
N VAL G 55 28.05 17.08 14.38
CA VAL G 55 28.49 16.60 13.07
C VAL G 55 28.63 17.74 12.06
N GLU G 56 27.81 18.78 12.18
CA GLU G 56 27.90 19.93 11.28
C GLU G 56 29.12 20.81 11.53
N ASN G 57 29.71 20.75 12.73
CA ASN G 57 30.97 21.46 12.97
C ASN G 57 32.17 20.72 12.41
N LEU G 58 32.07 19.40 12.25
CA LEU G 58 33.14 18.62 11.65
C LEU G 58 33.20 18.82 10.14
N THR G 59 34.43 18.90 9.62
CA THR G 59 34.68 19.07 8.19
C THR G 59 35.97 18.37 7.81
N CYS G 60 36.05 17.96 6.54
CA CYS G 60 37.19 17.21 6.02
C CYS G 60 37.94 18.01 4.97
N ALA G 61 39.25 18.19 5.19
CA ALA G 61 40.13 18.83 4.22
C ALA G 61 40.77 17.85 3.23
N ASP G 62 40.88 16.57 3.59
CA ASP G 62 41.71 15.64 2.85
C ASP G 62 41.13 15.24 1.50
N GLY G 63 39.91 15.63 1.17
CA GLY G 63 39.27 15.16 -0.04
C GLY G 63 38.78 13.74 0.10
N PRO G 64 39.16 12.86 -0.83
CA PRO G 64 38.68 11.48 -0.80
C PRO G 64 38.90 10.81 0.55
N SER G 65 37.80 10.40 1.19
CA SER G 65 37.87 9.76 2.50
C SER G 65 36.59 8.97 2.73
N LEU G 66 36.72 7.86 3.43
CA LEU G 66 35.56 7.12 3.91
C LEU G 66 34.83 7.89 5.00
N ILE G 67 35.57 8.51 5.92
CA ILE G 67 34.94 9.34 6.95
C ILE G 67 34.18 10.51 6.32
N LYS G 68 34.77 11.17 5.32
CA LYS G 68 34.08 12.26 4.65
C LYS G 68 32.78 11.80 4.01
N THR G 69 32.80 10.64 3.35
CA THR G 69 31.57 10.14 2.72
C THR G 69 30.50 9.85 3.77
N GLU G 70 30.89 9.24 4.89
CA GLU G 70 29.93 8.96 5.96
C GLU G 70 29.48 10.22 6.67
N LEU G 71 30.41 11.16 6.88
CA LEU G 71 30.07 12.42 7.53
C LEU G 71 29.15 13.27 6.67
N ASP G 72 29.44 13.38 5.38
CA ASP G 72 28.55 14.09 4.47
C ASP G 72 27.18 13.46 4.38
N LEU G 73 27.10 12.12 4.40
CA LEU G 73 25.80 11.46 4.44
C LEU G 73 25.06 11.75 5.74
N THR G 74 25.78 11.76 6.87
CA THR G 74 25.16 12.10 8.15
C THR G 74 24.63 13.53 8.16
N LYS G 75 25.45 14.49 7.71
CA LYS G 75 25.00 15.88 7.64
C LYS G 75 23.82 16.08 6.71
N SER G 76 23.86 15.47 5.52
CA SER G 76 22.74 15.60 4.58
C SER G 76 21.43 15.08 5.14
N ALA G 77 21.47 13.91 5.79
CA ALA G 77 20.28 13.38 6.46
C ALA G 77 19.73 14.33 7.51
N LEU G 78 20.61 15.00 8.25
CA LEU G 78 20.15 15.97 9.24
C LEU G 78 19.50 17.19 8.59
N ARG G 79 20.11 17.72 7.53
CA ARG G 79 19.55 18.89 6.84
C ARG G 79 18.20 18.59 6.19
N GLU G 80 18.04 17.43 5.56
CA GLU G 80 16.74 17.10 4.97
C GLU G 80 15.68 16.90 6.05
N LEU G 81 16.02 16.25 7.17
CA LEU G 81 15.07 16.08 8.25
C LEU G 81 14.66 17.42 8.87
N ARG G 82 15.54 18.41 8.87
CA ARG G 82 15.16 19.75 9.30
C ARG G 82 14.01 20.31 8.48
N THR G 83 13.85 19.87 7.23
CA THR G 83 12.78 20.39 6.37
C THR G 83 11.48 19.61 6.50
N VAL G 84 11.55 18.34 6.87
CA VAL G 84 10.35 17.53 7.02
C VAL G 84 9.58 17.97 8.26
N SER G 85 8.27 18.14 8.11
CA SER G 85 7.36 18.30 9.24
C SER G 85 6.01 17.73 8.84
N ALA G 86 5.30 17.21 9.84
CA ALA G 86 4.02 16.55 9.60
C ALA G 86 3.03 17.48 8.91
N PHE G 103 -25.63 2.73 4.00
CA PHE G 103 -24.38 3.38 3.61
C PHE G 103 -23.24 2.38 3.50
N VAL G 104 -22.23 2.73 2.70
CA VAL G 104 -21.00 1.96 2.59
C VAL G 104 -20.12 2.27 3.80
N LEU G 105 -20.43 1.62 4.93
CA LEU G 105 -19.84 1.99 6.20
C LEU G 105 -18.33 1.75 6.25
N GLY G 106 -17.81 0.88 5.37
CA GLY G 106 -16.37 0.64 5.36
C GLY G 106 -15.54 1.89 5.15
N ALA G 107 -15.83 2.64 4.10
CA ALA G 107 -15.12 3.89 3.83
C ALA G 107 -15.28 4.89 4.97
N ILE G 108 -16.50 5.07 5.46
CA ILE G 108 -16.75 6.04 6.52
C ILE G 108 -16.04 5.65 7.81
N ALA G 109 -16.06 4.36 8.16
CA ALA G 109 -15.35 3.90 9.36
C ALA G 109 -13.83 4.04 9.21
N CYS G 110 -13.27 3.61 8.07
CA CYS G 110 -11.82 3.67 7.90
C CYS G 110 -11.32 5.11 7.92
N GLY G 111 -12.03 6.01 7.26
CA GLY G 111 -11.66 7.42 7.29
C GLY G 111 -11.72 8.04 8.68
N VAL G 112 -12.81 7.80 9.40
CA VAL G 112 -12.94 8.28 10.77
C VAL G 112 -11.79 7.78 11.65
N ALA G 113 -11.42 6.51 11.52
CA ALA G 113 -10.31 5.98 12.29
C ALA G 113 -8.98 6.63 11.91
N THR G 114 -8.74 6.81 10.60
CA THR G 114 -7.51 7.45 10.15
C THR G 114 -7.40 8.90 10.65
N ALA G 115 -8.49 9.67 10.50
CA ALA G 115 -8.52 11.03 11.02
C ALA G 115 -8.35 11.08 12.53
N ALA G 116 -9.02 10.18 13.25
CA ALA G 116 -8.94 10.17 14.71
C ALA G 116 -7.52 9.90 15.21
N ALA G 117 -6.83 8.93 14.63
CA ALA G 117 -5.47 8.62 15.06
C ALA G 117 -4.51 9.78 14.87
N VAL G 118 -4.47 10.35 13.66
CA VAL G 118 -3.56 11.47 13.42
C VAL G 118 -3.96 12.71 14.21
N THR G 119 -5.25 12.96 14.37
CA THR G 119 -5.70 14.08 15.20
C THR G 119 -5.30 13.87 16.66
N ALA G 120 -5.43 12.66 17.17
CA ALA G 120 -4.94 12.35 18.52
C ALA G 120 -3.44 12.55 18.65
N GLY G 121 -2.66 12.03 17.71
CA GLY G 121 -1.22 12.14 17.79
C GLY G 121 -0.68 13.55 17.63
N VAL G 122 -1.24 14.31 16.68
CA VAL G 122 -0.83 15.69 16.47
C VAL G 122 -1.18 16.57 17.67
N ALA G 123 -2.28 16.29 18.37
CA ALA G 123 -2.55 16.99 19.62
C ALA G 123 -1.39 16.85 20.62
N ILE G 124 -0.83 15.65 20.75
CA ILE G 124 0.33 15.50 21.62
C ILE G 124 1.53 16.23 21.02
N ALA G 125 1.75 16.09 19.71
CA ALA G 125 2.89 16.73 19.06
C ALA G 125 2.89 18.23 19.27
N LYS G 126 1.74 18.88 19.06
CA LYS G 126 1.60 20.30 19.33
C LYS G 126 2.01 20.67 20.75
N CYS G 127 1.67 19.81 21.72
CA CYS G 127 2.01 20.04 23.12
C CYS G 127 3.50 19.80 23.40
N ILE G 128 4.09 18.76 22.82
CA ILE G 128 5.53 18.52 22.95
C ILE G 128 6.35 19.61 22.27
N ARG G 129 5.88 20.14 21.13
CA ARG G 129 6.71 20.95 20.25
C ARG G 129 7.18 22.27 20.86
N LEU G 130 6.59 22.72 21.96
CA LEU G 130 7.03 23.96 22.59
C LEU G 130 8.50 23.89 23.01
N GLU G 131 9.23 24.98 22.75
CA GLU G 131 10.64 25.07 23.12
C GLU G 131 10.88 24.76 24.60
N SER G 132 10.04 25.31 25.47
CA SER G 132 10.19 25.06 26.90
C SER G 132 10.04 23.58 27.23
N GLU G 133 9.20 22.87 26.49
CA GLU G 133 8.98 21.46 26.77
C GLU G 133 10.08 20.57 26.18
N VAL G 134 10.50 20.82 24.94
CA VAL G 134 11.65 20.10 24.40
C VAL G 134 12.91 20.38 25.21
N THR G 135 13.03 21.58 25.78
CA THR G 135 14.09 21.83 26.75
C THR G 135 13.91 20.95 27.98
N ALA G 136 12.71 20.91 28.55
CA ALA G 136 12.46 20.07 29.71
C ALA G 136 12.74 18.59 29.44
N ILE G 137 12.33 18.09 28.27
CA ILE G 137 12.63 16.71 27.89
C ILE G 137 14.14 16.52 27.76
N LYS G 138 14.80 17.38 26.99
CA LYS G 138 16.24 17.27 26.78
C LYS G 138 17.02 17.39 28.09
N ASN G 139 16.65 18.33 28.96
CA ASN G 139 17.35 18.48 30.23
C ASN G 139 17.12 17.29 31.15
N CYS G 140 15.93 16.70 31.14
CA CYS G 140 15.70 15.49 31.92
C CYS G 140 16.62 14.37 31.47
N LEU G 141 16.72 14.15 30.17
CA LEU G 141 17.56 13.11 29.59
C LEU G 141 19.06 13.43 29.63
N LYS G 142 19.52 14.47 30.32
CA LYS G 142 20.95 14.62 30.55
C LYS G 142 21.46 13.66 31.61
N LYS G 143 20.71 13.49 32.70
CA LYS G 143 21.14 12.67 33.82
C LYS G 143 20.81 11.20 33.63
N THR G 144 20.02 10.85 32.62
CA THR G 144 19.42 9.54 32.50
C THR G 144 19.06 9.30 31.04
N ASN G 145 19.00 8.03 30.65
CA ASN G 145 18.52 7.66 29.33
C ASN G 145 17.00 7.55 29.24
N GLU G 146 16.29 7.66 30.36
CA GLU G 146 14.85 7.52 30.36
C GLU G 146 14.25 8.52 31.32
N CYS G 147 13.11 9.09 30.94
CA CYS G 147 12.42 10.08 31.75
C CYS G 147 10.92 9.89 31.55
N VAL G 148 10.14 10.30 32.54
CA VAL G 148 8.70 10.50 32.36
C VAL G 148 8.39 11.97 32.60
N SER G 149 7.72 12.58 31.63
CA SER G 149 7.37 14.00 31.68
C SER G 149 5.85 14.15 31.65
N THR G 150 5.31 14.91 32.59
CA THR G 150 3.94 15.38 32.51
C THR G 150 3.90 16.68 31.73
N LEU G 151 3.42 16.61 30.49
CA LEU G 151 3.35 17.80 29.65
C LEU G 151 2.28 18.76 30.17
N GLY G 152 2.38 20.02 29.74
CA GLY G 152 1.43 21.03 30.19
C GLY G 152 0.01 20.76 29.78
N CYS G 153 -0.20 20.00 28.70
CA CYS G 153 -1.50 19.47 28.32
C CYS G 153 -2.00 18.37 29.24
N GLY G 154 -1.26 18.05 30.30
CA GLY G 154 -1.68 17.12 31.32
C GLY G 154 -1.41 15.66 31.03
N VAL G 155 -1.17 15.29 29.78
CA VAL G 155 -0.77 13.94 29.45
C VAL G 155 0.65 13.71 29.97
N ARG G 156 0.89 12.55 30.55
CA ARG G 156 2.25 12.14 30.88
C ARG G 156 2.77 11.19 29.80
N VAL G 157 3.98 11.45 29.35
CA VAL G 157 4.62 10.72 28.28
C VAL G 157 5.94 10.17 28.80
N LEU G 158 6.31 8.99 28.31
CA LEU G 158 7.67 8.52 28.45
C LEU G 158 8.58 9.31 27.51
N ALA G 159 9.84 9.47 27.91
CA ALA G 159 10.86 10.01 27.03
C ALA G 159 12.14 9.19 27.12
N THR G 160 12.77 8.97 25.96
CA THR G 160 13.87 8.03 25.83
C THR G 160 14.97 8.72 25.04
N ALA G 161 16.21 8.60 25.52
CA ALA G 161 17.37 9.16 24.83
C ALA G 161 18.04 8.10 23.97
N VAL G 162 18.18 8.38 22.68
CA VAL G 162 19.10 7.66 21.81
C VAL G 162 20.36 8.50 21.68
N ARG G 163 21.48 7.96 22.17
CA ARG G 163 22.67 8.74 22.45
C ARG G 163 23.95 8.19 21.82
N GLU G 164 23.92 6.95 21.35
CA GLU G 164 25.12 6.27 20.86
C GLU G 164 25.85 7.03 19.76
N LEU G 165 25.10 7.64 18.84
CA LEU G 165 25.74 8.43 17.78
C LEU G 165 26.43 9.68 18.30
N LYS G 166 25.82 10.42 19.23
CA LYS G 166 26.51 11.57 19.79
C LYS G 166 27.77 11.15 20.55
N ASP G 167 27.70 10.07 21.31
CA ASP G 167 28.88 9.55 21.99
C ASP G 167 29.99 9.23 21.00
N PHE G 168 29.66 8.59 19.88
CA PHE G 168 30.66 8.33 18.84
C PHE G 168 31.23 9.62 18.27
N VAL G 169 30.35 10.54 17.86
CA VAL G 169 30.78 11.79 17.23
C VAL G 169 31.68 12.58 18.17
N SER G 170 31.28 12.70 19.43
CA SER G 170 32.05 13.48 20.39
C SER G 170 33.29 12.76 20.91
N LYS G 171 33.15 11.54 21.40
CA LYS G 171 34.24 10.90 22.13
C LYS G 171 35.32 10.31 21.23
N ASN G 172 34.99 9.93 19.99
CA ASN G 172 35.93 9.25 19.12
C ASN G 172 36.19 9.99 17.82
N LEU G 173 35.15 10.28 17.04
CA LEU G 173 35.35 10.86 15.71
C LEU G 173 35.99 12.24 15.79
N THR G 174 35.60 13.04 16.77
CA THR G 174 36.22 14.36 16.94
C THR G 174 37.68 14.26 17.33
N ARG G 175 38.04 13.21 18.08
CA ARG G 175 39.45 12.94 18.38
C ARG G 175 40.20 12.44 17.15
N ALA G 176 39.54 11.65 16.30
CA ALA G 176 40.15 11.16 15.07
C ALA G 176 40.39 12.29 14.06
N ILE G 177 39.38 13.11 13.80
CA ILE G 177 39.51 14.25 12.89
C ILE G 177 40.25 15.40 13.54
N ASN G 178 41.55 15.23 13.72
CA ASN G 178 42.44 16.31 14.14
C ASN G 178 42.91 17.12 12.93
N LYS G 179 43.03 18.43 13.12
CA LYS G 179 43.44 19.36 12.07
C LYS G 179 42.62 19.22 10.79
N ASN G 180 41.34 18.88 10.95
CA ASN G 180 40.41 18.57 9.86
C ASN G 180 40.90 17.45 8.94
N LYS G 181 41.84 16.63 9.39
CA LYS G 181 42.21 15.46 8.61
C LYS G 181 41.12 14.41 8.69
N CYS G 182 40.87 13.72 7.57
CA CYS G 182 39.82 12.71 7.51
C CYS G 182 40.24 11.42 6.81
N ASP G 183 41.40 11.38 6.16
CA ASP G 183 41.97 10.13 5.68
C ASP G 183 42.69 9.42 6.81
N ILE G 184 41.99 9.22 7.93
CA ILE G 184 42.59 8.54 9.10
C ILE G 184 42.96 7.10 8.73
N PRO G 185 44.19 6.67 8.97
CA PRO G 185 44.57 5.28 8.69
C PRO G 185 43.88 4.25 9.58
N ASP G 186 43.41 4.63 10.76
CA ASP G 186 42.64 3.74 11.63
C ASP G 186 41.25 3.51 11.04
N LEU G 187 41.22 2.65 10.02
CA LEU G 187 40.02 2.36 9.23
C LEU G 187 38.84 1.86 10.06
N LYS G 188 39.10 1.35 11.27
CA LYS G 188 38.04 1.00 12.21
C LYS G 188 37.08 2.15 12.47
N MET G 189 37.57 3.39 12.44
CA MET G 189 36.71 4.55 12.65
C MET G 189 35.60 4.63 11.61
N ALA G 190 35.96 4.51 10.33
CA ALA G 190 34.99 4.59 9.25
C ALA G 190 33.95 3.49 9.32
N VAL G 191 34.37 2.24 9.56
CA VAL G 191 33.40 1.16 9.68
C VAL G 191 32.49 1.38 10.89
N SER G 192 33.06 1.78 12.03
CA SER G 192 32.25 2.09 13.21
C SER G 192 31.21 3.17 12.89
N PHE G 193 31.64 4.23 12.21
CA PHE G 193 30.75 5.35 11.92
C PHE G 193 29.56 4.89 11.09
N SER G 194 29.79 4.06 10.09
CA SER G 194 28.69 3.48 9.31
C SER G 194 27.76 2.62 10.15
N GLN G 195 28.25 2.04 11.24
CA GLN G 195 27.37 1.27 12.13
C GLN G 195 26.53 2.15 13.06
N PHE G 196 27.16 3.12 13.71
CA PHE G 196 26.43 3.93 14.68
C PHE G 196 25.39 4.83 14.03
N ASN G 197 25.64 5.33 12.82
CA ASN G 197 24.71 6.23 12.17
C ASN G 197 23.57 5.54 11.43
N ARG G 198 23.62 4.21 11.27
CA ARG G 198 22.60 3.50 10.51
C ARG G 198 21.19 3.80 11.01
N ARG G 199 20.98 3.79 12.33
CA ARG G 199 19.67 4.06 12.89
C ARG G 199 19.17 5.45 12.53
N PHE G 200 20.02 6.46 12.71
CA PHE G 200 19.66 7.84 12.37
C PHE G 200 19.20 7.95 10.93
N LEU G 201 19.98 7.38 10.00
CA LEU G 201 19.63 7.44 8.58
C LEU G 201 18.29 6.78 8.27
N ASN G 202 17.95 5.70 8.98
CA ASN G 202 16.68 5.02 8.73
C ASN G 202 15.48 5.76 9.30
N VAL G 203 15.60 6.32 10.50
CA VAL G 203 14.56 7.22 11.01
C VAL G 203 14.34 8.40 10.06
N VAL G 204 15.42 9.02 9.60
CA VAL G 204 15.31 10.10 8.63
C VAL G 204 14.60 9.62 7.37
N ARG G 205 15.03 8.47 6.85
CA ARG G 205 14.45 7.94 5.62
C ARG G 205 12.96 7.66 5.77
N GLN G 206 12.58 6.99 6.86
CA GLN G 206 11.18 6.66 7.08
C GLN G 206 10.31 7.91 7.27
N PHE G 207 10.77 8.88 8.06
CA PHE G 207 10.04 10.14 8.18
C PHE G 207 10.09 10.98 6.92
N SER G 208 11.19 10.96 6.16
CA SER G 208 11.24 11.70 4.92
C SER G 208 10.23 11.14 3.91
N ASP G 209 10.25 9.83 3.71
CA ASP G 209 9.34 9.20 2.76
C ASP G 209 7.88 9.43 3.14
N ASN G 210 7.57 9.31 4.42
CA ASN G 210 6.19 9.44 4.89
C ASN G 210 5.79 10.86 5.24
N ALA G 211 6.69 11.83 5.09
CA ALA G 211 6.47 13.22 5.48
C ALA G 211 6.05 13.36 6.94
N GLY G 212 6.69 12.60 7.82
CA GLY G 212 6.61 12.82 9.25
C GLY G 212 5.63 11.98 10.02
N ILE G 213 4.81 11.15 9.37
CA ILE G 213 3.88 10.26 10.05
C ILE G 213 4.08 8.87 9.48
N THR G 214 4.85 8.05 10.17
CA THR G 214 5.14 6.69 9.71
C THR G 214 3.96 5.77 10.01
N PRO G 215 3.67 4.82 9.13
CA PRO G 215 2.44 4.02 9.28
C PRO G 215 2.60 2.89 10.28
N ALA G 216 3.83 2.54 10.62
CA ALA G 216 4.12 1.52 11.62
C ALA G 216 5.45 1.86 12.28
N ILE G 217 5.67 1.32 13.48
CA ILE G 217 6.80 1.72 14.31
C ILE G 217 7.98 0.82 13.93
N SER G 218 8.89 1.36 13.12
CA SER G 218 10.04 0.59 12.67
C SER G 218 10.96 0.22 13.83
N LYS G 219 11.80 -0.80 13.59
CA LYS G 219 12.86 -1.17 14.52
C LYS G 219 13.85 -0.04 14.69
N ASP G 220 13.96 0.85 13.70
CA ASP G 220 14.84 2.00 13.74
C ASP G 220 14.27 3.11 14.61
N LEU G 221 12.96 3.29 14.56
CA LEU G 221 12.30 4.18 15.52
C LEU G 221 12.39 3.62 16.93
N MET G 222 12.13 2.33 17.12
CA MET G 222 12.01 1.80 18.47
C MET G 222 12.52 0.37 18.48
N THR G 223 13.63 0.16 19.19
CA THR G 223 14.20 -1.17 19.37
C THR G 223 13.24 -2.02 20.20
N ASP G 224 13.40 -3.34 20.10
CA ASP G 224 12.62 -4.24 20.95
C ASP G 224 12.87 -3.97 22.43
N ALA G 225 14.13 -3.70 22.79
CA ALA G 225 14.44 -3.35 24.17
C ALA G 225 13.71 -2.09 24.62
N GLU G 226 13.63 -1.09 23.74
CA GLU G 226 12.92 0.14 24.07
C GLU G 226 11.41 -0.09 24.12
N LEU G 227 10.86 -0.89 23.19
CA LEU G 227 9.44 -1.22 23.24
C LEU G 227 9.08 -2.02 24.49
N ALA G 228 9.90 -3.01 24.84
CA ALA G 228 9.64 -3.76 26.06
C ALA G 228 9.69 -2.86 27.29
N ARG G 229 10.66 -1.94 27.32
CA ARG G 229 10.72 -0.96 28.40
C ARG G 229 9.48 -0.08 28.43
N ALA G 230 9.06 0.43 27.27
CA ALA G 230 7.85 1.23 27.20
C ALA G 230 6.61 0.45 27.64
N ILE G 231 6.47 -0.80 27.21
CA ILE G 231 5.36 -1.63 27.64
C ILE G 231 5.35 -1.80 29.16
N SER G 232 6.50 -2.05 29.76
CA SER G 232 6.59 -2.13 31.21
C SER G 232 6.08 -0.87 31.89
N ASN G 233 6.38 0.30 31.32
CA ASN G 233 6.01 1.57 31.93
C ASN G 233 4.56 1.92 31.67
N MET G 234 3.95 1.26 30.70
CA MET G 234 2.63 1.63 30.23
C MET G 234 1.63 1.54 31.36
N PRO G 235 0.82 2.57 31.58
CA PRO G 235 -0.11 2.61 32.73
C PRO G 235 -1.32 1.72 32.53
N THR G 236 -1.09 0.41 32.64
CA THR G 236 -2.02 -0.61 32.19
C THR G 236 -1.94 -1.81 33.13
N SER G 237 -2.96 -2.65 33.09
CA SER G 237 -2.97 -3.83 33.94
C SER G 237 -1.99 -4.90 33.42
N ALA G 238 -1.59 -5.78 34.34
CA ALA G 238 -0.67 -6.87 34.02
C ALA G 238 -1.22 -7.83 32.98
N GLY G 239 -2.55 -7.89 32.81
CA GLY G 239 -3.14 -8.62 31.70
C GLY G 239 -2.75 -8.10 30.34
N GLN G 240 -2.99 -6.81 30.10
CA GLN G 240 -2.49 -6.17 28.89
C GLN G 240 -0.97 -6.21 28.80
N ILE G 241 -0.25 -6.15 29.93
CA ILE G 241 1.20 -6.26 29.88
C ILE G 241 1.63 -7.58 29.27
N LYS G 242 1.13 -8.70 29.81
CA LYS G 242 1.47 -10.00 29.24
C LYS G 242 1.04 -10.10 27.78
N LEU G 243 -0.20 -9.67 27.50
CA LEU G 243 -0.72 -9.62 26.13
C LEU G 243 0.16 -8.82 25.18
N MET G 244 0.54 -7.60 25.58
CA MET G 244 1.33 -6.73 24.71
C MET G 244 2.76 -7.21 24.51
N LEU G 245 3.35 -7.87 25.51
CA LEU G 245 4.69 -8.43 25.31
C LEU G 245 4.69 -9.64 24.39
N GLU G 246 3.68 -10.51 24.50
CA GLU G 246 3.55 -11.61 23.56
C GLU G 246 3.21 -11.14 22.15
N ASN G 247 2.33 -10.15 22.03
CA ASN G 247 1.88 -9.62 20.74
C ASN G 247 2.61 -8.36 20.33
N ARG G 248 3.92 -8.30 20.59
CA ARG G 248 4.72 -7.10 20.32
C ARG G 248 4.59 -6.63 18.87
N ALA G 249 4.50 -7.57 17.93
CA ALA G 249 4.30 -7.17 16.53
C ALA G 249 2.96 -6.50 16.30
N MET G 250 1.90 -6.99 16.95
CA MET G 250 0.60 -6.36 16.82
C MET G 250 0.58 -4.98 17.48
N VAL G 251 1.24 -4.84 18.63
CA VAL G 251 1.51 -3.53 19.23
C VAL G 251 2.25 -2.64 18.24
N ARG G 252 3.34 -3.16 17.68
CA ARG G 252 4.21 -2.37 16.81
C ARG G 252 3.54 -1.96 15.50
N ARG G 253 2.59 -2.75 15.02
CA ARG G 253 1.87 -2.43 13.79
C ARG G 253 0.64 -1.55 13.99
N LYS G 254 -0.06 -1.64 15.12
CA LYS G 254 -1.15 -0.72 15.36
C LYS G 254 -0.69 0.70 15.67
N GLY G 255 0.47 0.85 16.32
CA GLY G 255 1.04 2.15 16.58
C GLY G 255 1.62 2.86 15.37
N PHE G 256 2.11 4.08 15.63
CA PHE G 256 2.65 4.95 14.60
C PHE G 256 3.64 5.92 15.24
N GLY G 257 4.41 6.60 14.40
CA GLY G 257 5.30 7.66 14.84
C GLY G 257 4.97 9.00 14.21
N ILE G 258 5.30 10.08 14.94
CA ILE G 258 5.26 11.44 14.42
C ILE G 258 6.61 12.11 14.72
N LEU G 259 7.18 12.75 13.70
CA LEU G 259 8.34 13.63 13.86
C LEU G 259 7.95 14.97 14.47
N ILE G 260 8.59 15.32 15.59
CA ILE G 260 8.39 16.64 16.18
C ILE G 260 9.24 17.70 15.48
N GLY G 261 10.48 17.38 15.18
CA GLY G 261 11.37 18.31 14.51
C GLY G 261 12.81 18.02 14.86
N VAL G 262 13.69 18.91 14.39
CA VAL G 262 15.12 18.85 14.67
C VAL G 262 15.51 20.10 15.46
N TYR G 263 16.30 19.91 16.52
CA TYR G 263 16.59 20.94 17.52
C TYR G 263 18.11 20.98 17.75
N GLY G 264 18.79 21.71 16.89
CA GLY G 264 20.24 21.69 16.84
C GLY G 264 20.78 20.32 16.50
N SER G 265 21.57 19.77 17.42
CA SER G 265 22.22 18.48 17.26
C SER G 265 21.30 17.30 17.56
N SER G 266 19.99 17.46 17.56
CA SER G 266 19.12 16.37 17.96
C SER G 266 17.82 16.41 17.18
N VAL G 267 17.22 15.23 17.04
CA VAL G 267 15.91 15.05 16.43
C VAL G 267 14.96 14.53 17.49
N ILE G 268 13.75 15.10 17.52
CA ILE G 268 12.70 14.66 18.43
C ILE G 268 11.60 14.00 17.61
N TYR G 269 11.25 12.78 17.97
CA TYR G 269 10.08 12.12 17.41
C TYR G 269 9.33 11.40 18.53
N MET G 270 8.02 11.33 18.38
CA MET G 270 7.18 10.54 19.25
C MET G 270 6.72 9.26 18.57
N VAL G 271 6.81 8.16 19.30
CA VAL G 271 6.13 6.91 19.00
C VAL G 271 4.83 6.84 19.79
N GLN G 272 3.77 6.38 19.14
CA GLN G 272 2.47 6.16 19.75
C GLN G 272 2.20 4.67 19.89
N LEU G 273 2.03 4.21 21.13
CA LEU G 273 1.70 2.81 21.40
C LEU G 273 0.24 2.63 21.78
N PRO G 274 -0.40 1.58 21.26
CA PRO G 274 -1.83 1.32 21.51
C PRO G 274 -2.13 0.87 22.95
N ILE G 275 -2.95 1.64 23.64
CA ILE G 275 -3.62 1.17 24.86
C ILE G 275 -4.82 0.30 24.50
N PHE G 276 -4.82 -0.94 24.96
CA PHE G 276 -5.88 -1.91 24.69
C PHE G 276 -6.86 -2.02 25.87
N GLY G 277 -7.69 -1.00 26.01
CA GLY G 277 -8.56 -0.87 27.18
C GLY G 277 -9.84 -1.67 27.16
N VAL G 278 -10.23 -2.26 26.03
CA VAL G 278 -11.27 -3.28 26.00
C VAL G 278 -10.62 -4.60 25.58
N ILE G 279 -10.74 -5.61 26.44
CA ILE G 279 -10.09 -6.90 26.25
C ILE G 279 -11.06 -8.01 26.63
N ASP G 280 -10.88 -9.17 26.00
CA ASP G 280 -11.56 -10.42 26.34
C ASP G 280 -13.09 -10.39 26.18
N THR G 281 -13.66 -9.34 25.60
CA THR G 281 -15.09 -9.34 25.35
C THR G 281 -15.43 -10.19 24.12
N PRO G 282 -16.66 -10.70 24.03
CA PRO G 282 -17.06 -11.52 22.89
C PRO G 282 -16.99 -10.76 21.57
N CYS G 283 -16.43 -11.42 20.55
CA CYS G 283 -16.42 -10.91 19.19
C CYS G 283 -16.75 -12.02 18.21
N TRP G 284 -17.36 -11.66 17.08
CA TRP G 284 -17.71 -12.63 16.06
C TRP G 284 -17.58 -12.00 14.67
N ILE G 285 -17.35 -12.84 13.67
CA ILE G 285 -17.26 -12.43 12.27
C ILE G 285 -18.39 -13.06 11.49
N VAL G 286 -19.08 -12.25 10.69
CA VAL G 286 -20.04 -12.73 9.70
C VAL G 286 -19.42 -12.72 8.32
N LYS G 287 -19.55 -13.83 7.61
CA LYS G 287 -19.27 -13.90 6.17
C LYS G 287 -20.51 -14.43 5.46
N ALA G 288 -20.69 -14.01 4.21
CA ALA G 288 -21.88 -14.40 3.46
C ALA G 288 -21.55 -14.58 1.98
N ALA G 289 -22.35 -15.40 1.31
CA ALA G 289 -22.28 -15.63 -0.12
C ALA G 289 -23.67 -15.50 -0.73
N PRO G 290 -23.76 -15.25 -2.04
CA PRO G 290 -25.07 -14.97 -2.66
C PRO G 290 -26.04 -16.14 -2.57
N SER G 291 -27.14 -15.91 -1.86
CA SER G 291 -28.28 -16.84 -1.81
C SER G 291 -29.23 -16.54 -2.96
N CYS G 292 -29.36 -17.48 -3.91
CA CYS G 292 -30.24 -17.29 -5.06
C CYS G 292 -31.22 -18.44 -5.20
N SER G 293 -32.36 -18.15 -5.83
CA SER G 293 -33.44 -19.10 -6.07
C SER G 293 -34.10 -18.78 -7.40
N GLU G 294 -34.68 -19.81 -8.03
CA GLU G 294 -35.25 -19.69 -9.37
C GLU G 294 -36.77 -19.65 -9.30
N LYS G 295 -37.37 -18.56 -9.79
CA LYS G 295 -38.79 -18.33 -9.60
C LYS G 295 -39.60 -18.79 -10.81
N LYS G 296 -39.77 -17.89 -11.79
CA LYS G 296 -40.36 -18.24 -13.08
C LYS G 296 -39.28 -18.68 -14.07
N GLY G 297 -38.34 -19.49 -13.59
CA GLY G 297 -37.09 -19.74 -14.26
C GLY G 297 -36.08 -18.63 -14.14
N ASN G 298 -36.49 -17.44 -13.71
CA ASN G 298 -35.57 -16.34 -13.43
C ASN G 298 -35.04 -16.45 -12.01
N TYR G 299 -33.79 -16.04 -11.82
CA TYR G 299 -33.19 -16.01 -10.48
C TYR G 299 -33.63 -14.79 -9.69
N ALA G 300 -33.91 -15.03 -8.41
CA ALA G 300 -33.88 -14.01 -7.36
C ALA G 300 -32.70 -14.28 -6.46
N CYS G 301 -31.92 -13.25 -6.14
CA CYS G 301 -30.75 -13.39 -5.29
C CYS G 301 -30.83 -12.39 -4.15
N LEU G 302 -30.18 -12.73 -3.04
CA LEU G 302 -29.82 -11.75 -2.03
C LEU G 302 -28.42 -12.03 -1.53
N LEU G 303 -27.73 -10.96 -1.15
CA LEU G 303 -26.46 -11.03 -0.43
C LEU G 303 -26.56 -10.17 0.82
N ARG G 304 -26.22 -10.74 1.97
CA ARG G 304 -26.02 -9.94 3.17
C ARG G 304 -24.78 -9.05 3.04
N GLU G 305 -24.94 -7.77 3.39
CA GLU G 305 -23.88 -6.78 3.28
C GLU G 305 -23.35 -6.33 4.64
N ASP G 306 -23.88 -6.86 5.74
CA ASP G 306 -23.43 -6.57 7.09
C ASP G 306 -22.28 -7.45 7.52
N GLN G 307 -21.51 -7.95 6.57
CA GLN G 307 -20.38 -8.83 6.83
C GLN G 307 -19.27 -8.12 7.58
N GLY G 308 -18.38 -8.90 8.16
CA GLY G 308 -17.24 -8.43 8.92
C GLY G 308 -17.40 -8.63 10.42
N TRP G 309 -16.56 -7.91 11.16
CA TRP G 309 -16.37 -8.14 12.58
C TRP G 309 -17.37 -7.39 13.45
N TYR G 310 -17.77 -8.02 14.54
CA TYR G 310 -18.61 -7.44 15.57
C TYR G 310 -18.00 -7.74 16.93
N CYS G 311 -18.19 -6.84 17.89
CA CYS G 311 -17.83 -7.12 19.27
C CYS G 311 -18.86 -6.52 20.21
N GLN G 312 -18.92 -7.06 21.42
CA GLN G 312 -19.56 -6.40 22.55
C GLN G 312 -18.57 -5.50 23.26
N ASN G 313 -18.89 -4.21 23.35
CA ASN G 313 -18.19 -3.29 24.24
C ASN G 313 -19.19 -2.71 25.24
N ALA G 314 -18.97 -2.97 26.52
CA ALA G 314 -19.61 -2.28 27.63
C ALA G 314 -21.11 -2.11 27.41
N GLY G 315 -21.77 -3.21 27.10
CA GLY G 315 -23.21 -3.23 26.99
C GLY G 315 -23.71 -2.67 25.68
N SER G 316 -22.83 -2.52 24.70
CA SER G 316 -23.19 -2.16 23.35
C SER G 316 -22.50 -3.11 22.40
N THR G 317 -23.13 -3.37 21.26
CA THR G 317 -22.52 -4.13 20.19
C THR G 317 -21.99 -3.14 19.18
N VAL G 318 -20.78 -3.40 18.69
CA VAL G 318 -20.06 -2.47 17.84
C VAL G 318 -19.58 -3.21 16.61
N TYR G 319 -19.81 -2.62 15.44
CA TYR G 319 -19.53 -3.23 14.16
C TYR G 319 -18.29 -2.56 13.57
N TYR G 320 -17.41 -3.37 13.01
CA TYR G 320 -16.14 -2.89 12.47
C TYR G 320 -16.09 -3.11 10.96
N PRO G 321 -16.80 -2.29 10.18
CA PRO G 321 -16.91 -2.55 8.75
C PRO G 321 -15.63 -2.29 7.99
N CYS G 322 -14.71 -1.52 8.57
CA CYS G 322 -13.45 -1.20 7.92
C CYS G 322 -12.62 -2.47 7.69
N GLU G 323 -12.50 -2.86 6.41
CA GLU G 323 -11.92 -4.16 6.07
C GLU G 323 -10.44 -4.26 6.40
N LYS G 324 -9.77 -3.14 6.62
CA LYS G 324 -8.34 -3.09 6.90
C LYS G 324 -8.00 -3.11 8.39
N ASP G 325 -8.94 -2.83 9.28
CA ASP G 325 -8.62 -2.67 10.70
C ASP G 325 -8.46 -4.00 11.45
N CYS G 326 -9.56 -4.70 11.69
CA CYS G 326 -9.51 -5.84 12.62
C CYS G 326 -8.58 -6.93 12.12
N GLU G 327 -7.56 -7.23 12.92
CA GLU G 327 -6.56 -8.26 12.62
C GLU G 327 -6.67 -9.35 13.67
N THR G 328 -6.53 -10.60 13.25
CA THR G 328 -6.73 -11.74 14.14
C THR G 328 -5.40 -12.44 14.41
N ARG G 329 -5.16 -12.77 15.67
CA ARG G 329 -4.18 -13.79 16.05
C ARG G 329 -4.84 -14.78 17.00
N GLY G 330 -4.95 -16.02 16.56
CA GLY G 330 -5.65 -17.04 17.33
C GLY G 330 -7.09 -16.67 17.58
N ASP G 331 -7.49 -16.70 18.85
CA ASP G 331 -8.81 -16.20 19.24
C ASP G 331 -8.86 -14.68 19.39
N HIS G 332 -7.71 -14.02 19.50
CA HIS G 332 -7.69 -12.59 19.74
C HIS G 332 -7.89 -11.82 18.45
N VAL G 333 -8.87 -10.93 18.45
CA VAL G 333 -9.14 -10.02 17.33
C VAL G 333 -8.83 -8.59 17.77
N PHE G 334 -7.95 -7.94 17.00
CA PHE G 334 -7.35 -6.67 17.36
C PHE G 334 -7.93 -5.57 16.49
N CYS G 335 -8.62 -4.59 17.09
CA CYS G 335 -9.29 -3.58 16.31
C CYS G 335 -9.09 -2.21 16.96
N ASP G 336 -9.17 -1.17 16.12
CA ASP G 336 -9.33 0.21 16.59
C ASP G 336 -10.77 0.46 17.00
N THR G 337 -10.98 0.93 18.23
CA THR G 337 -12.32 1.34 18.64
C THR G 337 -12.83 2.52 17.84
N ALA G 338 -11.94 3.41 17.39
CA ALA G 338 -12.34 4.52 16.54
C ALA G 338 -12.90 4.06 15.20
N ALA G 339 -12.50 2.89 14.72
CA ALA G 339 -13.08 2.32 13.52
C ALA G 339 -14.40 1.60 13.75
N GLY G 340 -14.89 1.57 14.99
CA GLY G 340 -16.16 0.92 15.25
C GLY G 340 -17.36 1.80 14.96
N ILE G 341 -18.43 1.14 14.51
CA ILE G 341 -19.75 1.74 14.36
C ILE G 341 -20.69 1.04 15.31
N ASN G 342 -21.35 1.80 16.18
CA ASN G 342 -22.26 1.20 17.13
C ASN G 342 -23.52 0.71 16.42
N VAL G 343 -23.88 -0.54 16.66
CA VAL G 343 -24.99 -1.20 16.00
C VAL G 343 -25.88 -1.80 17.07
N ALA G 344 -27.19 -1.70 16.89
CA ALA G 344 -28.12 -2.15 17.91
C ALA G 344 -27.90 -3.62 18.25
N GLU G 345 -28.08 -3.95 19.53
CA GLU G 345 -28.02 -5.33 20.00
C GLU G 345 -28.99 -6.23 19.23
N GLN G 346 -30.12 -5.68 18.80
CA GLN G 346 -31.09 -6.42 18.00
C GLN G 346 -30.55 -6.88 16.66
N SER G 347 -29.49 -6.28 16.13
CA SER G 347 -28.92 -6.74 14.86
C SER G 347 -28.52 -8.21 14.88
N LYS G 348 -28.32 -8.80 16.05
CA LYS G 348 -28.18 -10.25 16.16
C LYS G 348 -29.38 -11.02 15.62
N GLU G 349 -30.56 -10.39 15.59
CA GLU G 349 -31.73 -11.00 14.95
C GLU G 349 -31.56 -11.21 13.46
N CYS G 350 -30.66 -10.48 12.79
CA CYS G 350 -30.33 -10.82 11.41
C CYS G 350 -29.54 -12.12 11.29
N ASN G 351 -29.01 -12.63 12.40
CA ASN G 351 -28.44 -13.97 12.42
C ASN G 351 -29.44 -15.03 12.88
N ILE G 352 -30.34 -14.68 13.79
CA ILE G 352 -31.26 -15.65 14.37
C ILE G 352 -32.52 -15.83 13.51
N ASN G 353 -33.10 -14.75 13.00
CA ASN G 353 -34.42 -14.80 12.37
C ASN G 353 -34.61 -13.68 11.36
N ILE G 354 -33.66 -13.56 10.44
CA ILE G 354 -33.68 -12.54 9.38
C ILE G 354 -34.96 -12.54 8.56
N SER G 355 -35.63 -13.69 8.45
CA SER G 355 -36.91 -13.76 7.74
C SER G 355 -38.05 -13.03 8.46
N THR G 356 -37.98 -12.91 9.79
CA THR G 356 -39.10 -12.38 10.55
C THR G 356 -38.79 -11.14 11.38
N THR G 357 -37.51 -10.84 11.63
CA THR G 357 -37.17 -9.66 12.40
C THR G 357 -37.64 -8.38 11.74
N ASN G 358 -38.12 -7.45 12.56
CA ASN G 358 -38.48 -6.10 12.16
C ASN G 358 -37.27 -5.19 12.04
N TYR G 359 -36.12 -5.60 12.55
CA TYR G 359 -34.89 -4.85 12.35
C TYR G 359 -34.51 -4.78 10.87
N PRO G 360 -34.02 -3.63 10.40
CA PRO G 360 -33.63 -3.50 8.99
C PRO G 360 -32.33 -4.20 8.64
N CYS G 361 -32.39 -5.51 8.39
CA CYS G 361 -31.23 -6.27 7.97
C CYS G 361 -30.75 -5.83 6.59
N LYS G 362 -29.52 -5.33 6.52
CA LYS G 362 -28.98 -4.74 5.30
C LYS G 362 -28.54 -5.83 4.32
N VAL G 363 -29.08 -5.77 3.10
CA VAL G 363 -28.82 -6.74 2.05
C VAL G 363 -28.61 -6.00 0.75
N SER G 364 -28.02 -6.70 -0.21
CA SER G 364 -28.19 -6.38 -1.63
C SER G 364 -28.89 -7.54 -2.31
N CYS G 365 -29.74 -7.21 -3.26
CA CYS G 365 -30.56 -8.21 -3.94
C CYS G 365 -30.64 -7.90 -5.43
N GLY G 366 -31.00 -8.91 -6.21
CA GLY G 366 -31.08 -8.73 -7.64
C GLY G 366 -31.15 -10.05 -8.38
N ARG G 367 -30.87 -9.96 -9.68
CA ARG G 367 -31.01 -11.04 -10.64
C ARG G 367 -29.65 -11.52 -11.10
N HIS G 368 -28.76 -11.78 -10.15
CA HIS G 368 -27.31 -11.80 -10.38
C HIS G 368 -26.69 -12.99 -9.69
N PRO G 369 -26.89 -14.20 -10.25
CA PRO G 369 -26.43 -15.42 -9.60
C PRO G 369 -24.92 -15.65 -9.68
N ILE G 370 -24.16 -14.91 -8.88
CA ILE G 370 -22.70 -15.07 -8.79
C ILE G 370 -22.36 -16.29 -7.95
N SER G 371 -21.86 -17.33 -8.61
CA SER G 371 -21.29 -18.50 -7.95
C SER G 371 -19.88 -18.20 -7.41
N MET G 372 -19.65 -18.51 -6.14
CA MET G 372 -18.35 -18.22 -5.53
C MET G 372 -18.16 -19.03 -4.26
N VAL G 373 -16.91 -19.05 -3.78
CA VAL G 373 -16.52 -19.66 -2.51
C VAL G 373 -16.19 -18.56 -1.51
N ALA G 374 -16.99 -18.45 -0.44
CA ALA G 374 -16.64 -17.61 0.71
C ALA G 374 -15.92 -18.43 1.78
N LEU G 375 -14.59 -18.47 1.68
CA LEU G 375 -13.76 -19.12 2.69
C LEU G 375 -13.95 -18.49 4.07
N SER G 376 -14.14 -19.33 5.08
CA SER G 376 -14.49 -18.91 6.43
C SER G 376 -13.62 -19.69 7.40
N PRO G 377 -13.52 -19.23 8.66
CA PRO G 377 -12.55 -19.83 9.59
C PRO G 377 -12.66 -21.34 9.71
N LEU G 378 -13.88 -21.88 9.74
CA LEU G 378 -14.10 -23.31 9.98
C LEU G 378 -14.80 -24.00 8.81
N GLY G 379 -14.68 -23.46 7.61
CA GLY G 379 -15.32 -24.04 6.44
C GLY G 379 -15.42 -23.04 5.32
N ALA G 380 -16.28 -23.35 4.34
CA ALA G 380 -16.54 -22.43 3.24
C ALA G 380 -18.02 -22.43 2.88
N LEU G 381 -18.52 -21.23 2.57
CA LEU G 381 -19.76 -21.09 1.84
C LEU G 381 -19.49 -21.27 0.36
N VAL G 382 -20.25 -22.14 -0.29
CA VAL G 382 -20.03 -22.48 -1.68
C VAL G 382 -21.34 -22.29 -2.44
N ALA G 383 -21.48 -21.15 -3.11
CA ALA G 383 -22.63 -20.88 -3.95
C ALA G 383 -22.31 -21.36 -5.35
N CYS G 384 -23.14 -22.24 -5.90
CA CYS G 384 -23.05 -22.56 -7.31
C CYS G 384 -24.44 -22.64 -7.92
N TYR G 385 -24.55 -22.12 -9.13
CA TYR G 385 -25.82 -21.90 -9.80
C TYR G 385 -25.69 -22.29 -11.27
N LYS G 386 -26.81 -22.22 -11.98
CA LYS G 386 -26.96 -22.83 -13.30
C LYS G 386 -25.77 -22.56 -14.20
N GLY G 387 -25.24 -23.63 -14.80
CA GLY G 387 -24.13 -23.57 -15.70
C GLY G 387 -22.75 -23.62 -15.08
N VAL G 388 -22.65 -23.58 -13.75
CA VAL G 388 -21.36 -23.66 -13.06
C VAL G 388 -21.30 -24.97 -12.28
N SER G 389 -20.24 -25.75 -12.51
CA SER G 389 -20.01 -26.99 -11.79
C SER G 389 -19.24 -26.74 -10.49
N CYS G 390 -19.60 -27.49 -9.46
CA CYS G 390 -19.12 -27.25 -8.10
C CYS G 390 -18.90 -28.56 -7.37
N SER G 391 -17.69 -28.76 -6.85
CA SER G 391 -17.25 -30.03 -6.30
C SER G 391 -16.43 -29.79 -5.06
N ILE G 392 -16.31 -30.83 -4.23
CA ILE G 392 -15.39 -30.86 -3.11
C ILE G 392 -14.58 -32.14 -3.21
N GLY G 393 -13.36 -32.10 -2.69
CA GLY G 393 -12.47 -33.23 -2.80
C GLY G 393 -11.47 -33.30 -1.67
N SER G 394 -10.68 -34.38 -1.68
CA SER G 394 -9.51 -34.52 -0.82
C SER G 394 -8.36 -35.07 -1.65
N ASN G 395 -7.15 -34.67 -1.27
CA ASN G 395 -5.95 -35.06 -2.02
C ASN G 395 -5.83 -36.58 -2.18
N ARG G 396 -6.22 -37.33 -1.17
CA ARG G 396 -6.15 -38.79 -1.21
C ARG G 396 -7.43 -39.45 -1.70
N VAL G 397 -8.58 -38.89 -1.39
CA VAL G 397 -9.84 -39.49 -1.82
C VAL G 397 -10.14 -39.17 -3.28
N GLY G 398 -9.75 -37.98 -3.75
CA GLY G 398 -10.30 -37.43 -4.98
C GLY G 398 -11.58 -36.65 -4.78
N ILE G 399 -12.50 -36.69 -5.73
CA ILE G 399 -13.77 -35.99 -5.56
C ILE G 399 -14.58 -36.69 -4.47
N ILE G 400 -14.78 -36.00 -3.35
CA ILE G 400 -15.63 -36.51 -2.27
C ILE G 400 -17.10 -36.41 -2.64
N LYS G 401 -17.52 -35.28 -3.21
CA LYS G 401 -18.91 -35.06 -3.56
C LYS G 401 -19.03 -34.02 -4.66
N GLN G 402 -20.10 -34.10 -5.44
CA GLN G 402 -20.52 -33.05 -6.35
C GLN G 402 -21.69 -32.30 -5.74
N LEU G 403 -21.58 -30.98 -5.66
CA LEU G 403 -22.51 -30.17 -4.89
C LEU G 403 -23.79 -29.87 -5.67
N ASN G 404 -24.89 -29.80 -4.94
CA ASN G 404 -26.17 -29.35 -5.48
C ASN G 404 -26.14 -27.85 -5.73
N LYS G 405 -26.99 -27.40 -6.65
CA LYS G 405 -27.14 -25.97 -6.88
C LYS G 405 -27.77 -25.32 -5.66
N GLY G 406 -27.31 -24.10 -5.36
CA GLY G 406 -27.63 -23.48 -4.08
C GLY G 406 -26.39 -23.14 -3.28
N CYS G 407 -26.55 -22.92 -1.98
CA CYS G 407 -25.43 -22.70 -1.09
C CYS G 407 -25.18 -23.97 -0.29
N SER G 408 -23.95 -24.47 -0.34
CA SER G 408 -23.49 -25.52 0.55
C SER G 408 -22.48 -24.93 1.52
N TYR G 409 -22.69 -25.14 2.81
CA TYR G 409 -21.63 -24.95 3.78
C TYR G 409 -20.79 -26.21 3.84
N ILE G 410 -19.54 -26.11 3.41
CA ILE G 410 -18.59 -27.22 3.46
C ILE G 410 -17.68 -26.99 4.65
N THR G 411 -17.85 -27.76 5.72
CA THR G 411 -16.95 -27.63 6.85
C THR G 411 -15.56 -28.05 6.44
N ASN G 412 -14.56 -27.47 7.08
CA ASN G 412 -13.20 -27.79 6.68
C ASN G 412 -12.76 -29.17 7.10
N GLN G 413 -13.67 -29.98 7.63
CA GLN G 413 -13.46 -31.40 7.80
C GLN G 413 -14.09 -32.24 6.69
N ASP G 414 -15.08 -31.71 5.98
CA ASP G 414 -15.70 -32.44 4.88
C ASP G 414 -14.77 -32.58 3.68
N ALA G 415 -13.82 -31.67 3.50
CA ALA G 415 -12.99 -31.71 2.32
C ALA G 415 -11.69 -30.96 2.58
N ASP G 416 -10.68 -31.29 1.78
CA ASP G 416 -9.50 -30.43 1.67
C ASP G 416 -9.71 -29.25 0.74
N THR G 417 -10.54 -29.41 -0.30
CA THR G 417 -10.67 -28.39 -1.33
C THR G 417 -12.11 -28.28 -1.82
N VAL G 418 -12.42 -27.12 -2.38
CA VAL G 418 -13.63 -26.89 -3.15
C VAL G 418 -13.19 -26.48 -4.54
N THR G 419 -13.82 -27.07 -5.55
CA THR G 419 -13.55 -26.72 -6.94
C THR G 419 -14.76 -26.05 -7.57
N ILE G 420 -14.54 -24.86 -8.10
CA ILE G 420 -15.53 -24.15 -8.91
C ILE G 420 -14.92 -23.90 -10.28
N ASP G 421 -15.62 -24.29 -11.34
CA ASP G 421 -15.23 -24.05 -12.73
C ASP G 421 -13.84 -24.60 -13.08
N ASN G 422 -13.34 -25.56 -12.30
CA ASN G 422 -11.96 -26.04 -12.24
C ASN G 422 -10.98 -25.10 -11.53
N THR G 423 -11.42 -23.96 -11.02
CA THR G 423 -10.63 -23.25 -10.02
C THR G 423 -10.70 -24.00 -8.69
N VAL G 424 -9.54 -24.31 -8.11
CA VAL G 424 -9.47 -25.06 -6.88
C VAL G 424 -9.22 -24.12 -5.70
N TYR G 425 -10.13 -24.17 -4.74
CA TYR G 425 -10.05 -23.40 -3.49
C TYR G 425 -9.74 -24.36 -2.35
N GLN G 426 -8.80 -24.00 -1.49
CA GLN G 426 -8.32 -24.89 -0.43
C GLN G 426 -8.85 -24.42 0.92
N LEU G 427 -9.39 -25.35 1.70
CA LEU G 427 -10.02 -25.04 2.98
C LEU G 427 -9.01 -24.99 4.12
N SER G 428 -9.40 -24.31 5.19
CA SER G 428 -8.58 -24.20 6.38
C SER G 428 -8.36 -25.57 7.02
N LYS G 429 -7.32 -25.67 7.84
CA LYS G 429 -7.08 -26.85 8.66
C LYS G 429 -7.40 -26.64 10.14
N VAL G 430 -7.74 -25.42 10.55
CA VAL G 430 -8.10 -25.17 11.95
C VAL G 430 -9.41 -25.88 12.28
N GLU G 431 -9.56 -26.27 13.54
CA GLU G 431 -10.66 -27.12 13.98
C GLU G 431 -11.48 -26.43 15.07
N GLY G 432 -12.78 -26.71 15.05
CA GLY G 432 -13.71 -26.13 15.98
C GLY G 432 -15.12 -26.61 15.67
N GLU G 433 -16.05 -26.27 16.55
CA GLU G 433 -17.44 -26.65 16.38
C GLU G 433 -18.03 -25.99 15.14
N GLN G 434 -18.74 -26.77 14.33
CA GLN G 434 -19.52 -26.28 13.21
C GLN G 434 -20.99 -26.65 13.40
N HIS G 435 -21.88 -25.67 13.27
CA HIS G 435 -23.31 -25.88 13.49
C HIS G 435 -24.09 -25.32 12.30
N VAL G 436 -25.26 -25.89 12.05
CA VAL G 436 -26.17 -25.45 11.00
C VAL G 436 -27.50 -25.05 11.62
N ILE G 437 -27.84 -23.77 11.52
CA ILE G 437 -29.18 -23.28 11.84
C ILE G 437 -30.03 -23.42 10.59
N LYS G 438 -30.72 -24.55 10.48
CA LYS G 438 -31.52 -24.88 9.31
C LYS G 438 -32.66 -23.89 9.12
N GLY G 439 -33.04 -23.71 7.85
CA GLY G 439 -34.23 -22.96 7.49
C GLY G 439 -34.32 -22.64 6.01
N ARG G 440 -35.54 -22.61 5.50
CA ARG G 440 -35.78 -22.31 4.09
C ARG G 440 -35.21 -20.94 3.73
N PRO G 441 -34.38 -20.86 2.69
CA PRO G 441 -33.79 -19.57 2.30
C PRO G 441 -34.83 -18.49 2.07
N VAL G 442 -34.48 -17.27 2.48
CA VAL G 442 -35.34 -16.10 2.23
C VAL G 442 -35.58 -15.92 0.74
N SER G 443 -34.54 -16.08 -0.07
CA SER G 443 -34.66 -15.95 -1.52
C SER G 443 -35.68 -16.91 -2.12
N SER G 444 -35.98 -18.01 -1.44
CA SER G 444 -37.01 -18.94 -1.88
C SER G 444 -38.36 -18.65 -1.24
N SER G 445 -38.38 -18.36 0.06
CA SER G 445 -39.61 -18.26 0.82
C SER G 445 -40.35 -16.94 0.60
N PHE G 446 -39.69 -15.92 0.08
CA PHE G 446 -40.34 -14.66 -0.25
C PHE G 446 -40.15 -14.33 -1.72
N ASP G 447 -41.14 -13.67 -2.30
CA ASP G 447 -41.11 -13.28 -3.70
C ASP G 447 -40.34 -11.96 -3.88
N PRO G 448 -39.53 -11.86 -4.93
CA PRO G 448 -38.84 -10.61 -5.19
C PRO G 448 -39.79 -9.50 -5.61
N VAL G 449 -39.45 -8.27 -5.24
CA VAL G 449 -40.24 -7.12 -5.66
C VAL G 449 -40.13 -6.94 -7.17
N LYS G 450 -41.27 -6.74 -7.82
CA LYS G 450 -41.30 -6.69 -9.27
C LYS G 450 -40.41 -5.58 -9.82
N PHE G 451 -40.44 -4.41 -9.17
CA PHE G 451 -39.55 -3.31 -9.54
C PHE G 451 -39.36 -2.39 -8.35
N PRO G 452 -38.16 -1.80 -8.15
CA PRO G 452 -36.86 -2.15 -8.72
C PRO G 452 -36.29 -3.43 -8.12
N GLN G 453 -36.05 -4.44 -8.94
CA GLN G 453 -35.65 -5.73 -8.40
C GLN G 453 -34.21 -5.74 -7.92
N ASP G 454 -33.30 -5.15 -8.69
CA ASP G 454 -31.92 -4.98 -8.24
C ASP G 454 -31.78 -3.76 -7.34
N GLN G 455 -31.19 -3.98 -6.16
CA GLN G 455 -31.02 -2.95 -5.15
C GLN G 455 -29.74 -3.23 -4.38
N PHE G 456 -29.14 -2.17 -3.84
CA PHE G 456 -27.85 -2.25 -3.17
C PHE G 456 -27.89 -1.60 -1.79
N ASN G 457 -27.36 -2.31 -0.80
CA ASN G 457 -27.35 -1.89 0.60
C ASN G 457 -28.71 -1.44 1.12
N VAL G 458 -29.76 -2.19 0.75
CA VAL G 458 -31.11 -1.88 1.17
C VAL G 458 -31.49 -2.78 2.33
N ALA G 459 -32.48 -2.35 3.10
CA ALA G 459 -33.12 -3.22 4.08
C ALA G 459 -33.98 -4.29 3.41
N LEU G 460 -34.01 -5.46 4.01
CA LEU G 460 -34.52 -6.66 3.34
C LEU G 460 -36.00 -6.55 2.99
N ASP G 461 -36.79 -5.82 3.79
CA ASP G 461 -38.20 -5.65 3.46
C ASP G 461 -38.39 -4.90 2.14
N GLN G 462 -37.34 -4.24 1.65
CA GLN G 462 -37.39 -3.53 0.37
C GLN G 462 -37.09 -4.45 -0.82
N CYS G 463 -36.39 -5.56 -0.60
CA CYS G 463 -36.16 -6.53 -1.66
C CYS G 463 -37.35 -7.47 -1.86
N PHE G 464 -37.93 -7.99 -0.80
CA PHE G 464 -38.87 -9.10 -0.90
C PHE G 464 -40.23 -8.70 -0.35
N GLU G 465 -41.26 -8.88 -1.17
CA GLU G 465 -42.59 -8.38 -0.86
C GLU G 465 -43.23 -9.19 0.27
N GLN H 1 11.94 -41.58 28.30
CA GLN H 1 12.08 -42.08 26.94
C GLN H 1 10.74 -42.07 26.22
N VAL H 2 10.77 -42.24 24.91
CA VAL H 2 9.55 -42.28 24.10
C VAL H 2 8.72 -43.49 24.50
N ARG H 3 7.59 -43.25 25.17
CA ARG H 3 6.67 -44.30 25.56
C ARG H 3 5.31 -44.05 24.93
N LEU H 4 4.85 -45.02 24.14
CA LEU H 4 3.44 -45.14 23.78
C LEU H 4 2.82 -46.24 24.63
N GLU H 5 1.73 -45.90 25.35
CA GLU H 5 1.08 -46.86 26.24
C GLU H 5 -0.40 -46.96 25.88
N GLN H 6 -0.85 -48.17 25.53
CA GLN H 6 -2.22 -48.40 25.11
C GLN H 6 -3.10 -48.86 26.26
N SER H 7 -4.41 -48.77 26.05
CA SER H 7 -5.39 -49.41 26.92
C SER H 7 -5.30 -50.93 26.90
N GLY H 8 -5.65 -51.54 28.02
CA GLY H 8 -5.78 -52.98 28.10
C GLY H 8 -6.87 -53.54 27.18
N ALA H 9 -6.78 -54.85 26.98
CA ALA H 9 -7.67 -55.59 26.09
C ALA H 9 -9.14 -55.48 26.51
N ASP H 10 -10.03 -55.69 25.55
CA ASP H 10 -11.45 -55.82 25.83
C ASP H 10 -12.09 -56.72 24.77
N VAL H 11 -13.30 -57.19 25.08
CA VAL H 11 -14.05 -58.14 24.25
C VAL H 11 -15.37 -57.51 23.82
N LYS H 12 -15.79 -57.80 22.59
CA LYS H 12 -17.00 -57.24 22.01
C LYS H 12 -17.72 -58.30 21.19
N LYS H 13 -19.04 -58.09 21.02
CA LYS H 13 -19.85 -58.95 20.17
C LYS H 13 -19.62 -58.63 18.70
N PRO H 14 -19.84 -59.59 17.80
CA PRO H 14 -19.92 -59.25 16.38
C PRO H 14 -21.00 -58.20 16.11
N GLY H 15 -20.66 -57.22 15.28
CA GLY H 15 -21.52 -56.09 15.01
C GLY H 15 -21.39 -54.92 15.97
N ALA H 16 -20.70 -55.09 17.09
CA ALA H 16 -20.42 -53.97 17.99
C ALA H 16 -19.31 -53.08 17.43
N SER H 17 -18.92 -52.08 18.22
CA SER H 17 -17.82 -51.18 17.89
C SER H 17 -16.89 -51.07 19.09
N VAL H 18 -15.60 -50.85 18.80
CA VAL H 18 -14.57 -50.80 19.83
C VAL H 18 -13.77 -49.50 19.71
N ARG H 19 -13.49 -48.88 20.86
CA ARG H 19 -12.64 -47.69 20.94
C ARG H 19 -11.38 -48.00 21.73
N VAL H 20 -10.22 -47.77 21.12
CA VAL H 20 -8.91 -48.10 21.67
C VAL H 20 -8.15 -46.80 21.93
N SER H 21 -7.35 -46.78 22.99
CA SER H 21 -6.63 -45.59 23.42
C SER H 21 -5.12 -45.82 23.36
N CYS H 22 -4.38 -44.74 23.09
CA CYS H 22 -2.91 -44.73 23.12
C CYS H 22 -2.41 -43.43 23.73
N LYS H 23 -2.01 -43.47 24.99
CA LYS H 23 -1.26 -42.38 25.60
C LYS H 23 0.11 -42.24 24.94
N ALA H 24 0.52 -40.99 24.69
CA ALA H 24 1.83 -40.69 24.13
C ALA H 24 2.63 -39.77 25.04
N SER H 25 3.94 -40.03 25.16
CA SER H 25 4.75 -39.32 26.13
C SER H 25 6.22 -39.44 25.74
N GLY H 26 7.03 -38.51 26.27
CA GLY H 26 8.46 -38.49 26.03
C GLY H 26 8.91 -37.85 24.74
N TYR H 27 7.99 -37.27 23.96
CA TYR H 27 8.37 -36.57 22.74
C TYR H 27 7.41 -35.41 22.49
N THR H 28 7.81 -34.52 21.60
CA THR H 28 6.97 -33.41 21.16
C THR H 28 5.78 -33.96 20.37
N PHE H 29 4.65 -34.12 21.08
CA PHE H 29 3.50 -34.87 20.61
C PHE H 29 3.05 -34.48 19.21
N ASN H 30 2.89 -33.18 18.97
CA ASN H 30 2.36 -32.68 17.70
C ASN H 30 3.26 -32.96 16.51
N GLY H 31 4.51 -33.36 16.72
CA GLY H 31 5.48 -33.41 15.65
C GLY H 31 5.59 -34.71 14.89
N TYR H 32 4.87 -35.76 15.27
CA TYR H 32 5.07 -37.07 14.64
C TYR H 32 3.75 -37.74 14.31
N TYR H 33 3.63 -38.19 13.07
CA TYR H 33 2.48 -38.97 12.64
C TYR H 33 2.41 -40.26 13.44
N ILE H 34 1.23 -40.60 13.94
CA ILE H 34 1.03 -41.85 14.67
C ILE H 34 0.28 -42.83 13.77
N HIS H 35 0.86 -44.00 13.58
CA HIS H 35 0.29 -45.06 12.76
C HIS H 35 -0.38 -46.10 13.64
N TRP H 36 -1.56 -46.55 13.22
CA TRP H 36 -2.21 -47.69 13.83
C TRP H 36 -2.10 -48.88 12.87
N VAL H 37 -1.71 -50.03 13.42
CA VAL H 37 -1.51 -51.25 12.65
C VAL H 37 -2.08 -52.43 13.43
N ARG H 38 -2.34 -53.50 12.71
CA ARG H 38 -3.13 -54.63 13.19
C ARG H 38 -2.34 -55.92 12.96
N GLN H 39 -2.46 -56.85 13.89
CA GLN H 39 -1.91 -58.20 13.73
C GLN H 39 -2.96 -59.23 14.12
N ALA H 40 -3.67 -59.76 13.13
CA ALA H 40 -4.63 -60.83 13.38
C ALA H 40 -3.89 -62.15 13.59
N PRO H 41 -3.98 -62.78 14.76
CA PRO H 41 -3.15 -63.95 15.04
C PRO H 41 -3.28 -65.02 13.97
N GLY H 42 -2.14 -65.48 13.46
CA GLY H 42 -2.10 -66.34 12.30
C GLY H 42 -1.96 -65.60 10.99
N GLN H 43 -1.90 -64.28 11.00
CA GLN H 43 -1.73 -63.46 9.82
C GLN H 43 -0.68 -62.38 10.07
N GLY H 44 -0.16 -61.81 8.99
CA GLY H 44 0.84 -60.77 9.09
C GLY H 44 0.29 -59.46 9.59
N LEU H 45 1.23 -58.55 9.89
CA LEU H 45 0.89 -57.19 10.27
C LEU H 45 0.13 -56.47 9.16
N GLU H 46 -0.85 -55.67 9.55
CA GLU H 46 -1.76 -55.02 8.62
C GLU H 46 -1.94 -53.58 9.07
N TRP H 47 -1.79 -52.64 8.14
CA TRP H 47 -1.82 -51.21 8.46
C TRP H 47 -3.25 -50.68 8.43
N MET H 48 -3.66 -50.05 9.54
CA MET H 48 -4.97 -49.39 9.61
C MET H 48 -4.95 -48.05 8.89
N GLY H 49 -3.97 -47.22 9.20
CA GLY H 49 -4.02 -45.81 8.88
C GLY H 49 -3.05 -45.03 9.75
N TRP H 50 -3.08 -43.71 9.58
CA TRP H 50 -2.35 -42.83 10.48
C TRP H 50 -3.17 -41.57 10.79
N ILE H 51 -2.78 -40.88 11.86
CA ILE H 51 -3.29 -39.57 12.20
C ILE H 51 -2.13 -38.60 12.37
N ASN H 52 -2.26 -37.41 11.79
CA ASN H 52 -1.37 -36.30 12.11
C ASN H 52 -1.86 -35.61 13.38
N PRO H 53 -1.10 -35.67 14.48
CA PRO H 53 -1.57 -35.07 15.74
C PRO H 53 -1.61 -33.56 15.74
N TYR H 54 -0.83 -32.91 14.88
CA TYR H 54 -0.82 -31.44 14.84
C TYR H 54 -2.14 -30.90 14.32
N THR H 55 -2.65 -31.49 13.23
CA THR H 55 -3.81 -31.00 12.52
C THR H 55 -5.03 -31.92 12.64
N GLY H 56 -4.83 -33.16 13.10
CA GLY H 56 -5.86 -34.18 13.07
C GLY H 56 -6.18 -34.71 11.70
N GLU H 57 -5.36 -34.41 10.70
CA GLU H 57 -5.51 -35.03 9.40
C GLU H 57 -5.28 -36.53 9.53
N THR H 58 -6.00 -37.31 8.72
CA THR H 58 -5.92 -38.76 8.82
C THR H 58 -5.85 -39.38 7.44
N ASN H 59 -5.29 -40.58 7.40
CA ASN H 59 -5.29 -41.44 6.23
C ASN H 59 -5.75 -42.81 6.66
N TYR H 60 -6.65 -43.43 5.90
CA TYR H 60 -7.12 -44.77 6.20
C TYR H 60 -6.90 -45.70 5.02
N ALA H 61 -6.56 -46.95 5.33
CA ALA H 61 -6.45 -47.98 4.31
C ALA H 61 -7.79 -48.17 3.61
N GLN H 62 -7.71 -48.52 2.32
CA GLN H 62 -8.91 -48.80 1.53
C GLN H 62 -9.80 -49.86 2.17
N THR H 63 -9.21 -50.82 2.88
CA THR H 63 -9.94 -51.90 3.52
C THR H 63 -10.62 -51.51 4.83
N PHE H 64 -10.30 -50.36 5.42
CA PHE H 64 -11.00 -49.90 6.61
C PHE H 64 -11.72 -48.57 6.45
N ARG H 65 -11.54 -47.87 5.34
CA ARG H 65 -12.33 -46.67 5.07
C ARG H 65 -13.83 -46.98 5.12
N GLY H 66 -14.56 -46.12 5.83
CA GLY H 66 -15.96 -46.35 6.11
C GLY H 66 -16.26 -47.08 7.40
N ARG H 67 -15.25 -47.58 8.09
CA ARG H 67 -15.50 -48.19 9.39
C ARG H 67 -14.57 -47.71 10.49
N VAL H 68 -13.30 -47.45 10.17
CA VAL H 68 -12.38 -46.88 11.15
C VAL H 68 -12.61 -45.37 11.28
N THR H 69 -12.23 -44.84 12.45
CA THR H 69 -12.05 -43.40 12.63
C THR H 69 -10.99 -43.16 13.69
N LEU H 70 -9.88 -42.53 13.30
CA LEU H 70 -8.84 -42.10 14.22
C LEU H 70 -9.14 -40.71 14.80
N THR H 71 -8.54 -40.45 15.97
CA THR H 71 -8.83 -39.23 16.74
C THR H 71 -7.67 -39.00 17.71
N ARG H 72 -7.53 -37.77 18.19
CA ARG H 72 -6.58 -37.49 19.27
C ARG H 72 -7.10 -36.36 20.15
N ASP H 73 -6.63 -36.35 21.39
CA ASP H 73 -6.76 -35.21 22.31
C ASP H 73 -5.38 -34.62 22.57
N THR H 74 -5.18 -33.39 22.10
CA THR H 74 -3.90 -32.71 22.26
C THR H 74 -3.65 -32.20 23.68
N SER H 75 -4.69 -32.03 24.49
CA SER H 75 -4.48 -31.67 25.88
C SER H 75 -4.03 -32.86 26.70
N LEU H 76 -4.58 -34.04 26.41
CA LEU H 76 -4.23 -35.27 27.11
C LEU H 76 -3.06 -35.98 26.45
N LYS H 77 -2.54 -35.44 25.34
CA LYS H 77 -1.52 -36.08 24.52
C LYS H 77 -1.82 -37.55 24.28
N THR H 78 -3.07 -37.85 23.93
CA THR H 78 -3.58 -39.21 23.87
C THR H 78 -4.26 -39.45 22.53
N LEU H 79 -4.09 -40.64 21.97
CA LEU H 79 -4.58 -40.97 20.65
C LEU H 79 -5.57 -42.13 20.75
N HIS H 80 -6.55 -42.15 19.83
CA HIS H 80 -7.61 -43.14 19.87
C HIS H 80 -7.91 -43.73 18.49
N LEU H 81 -8.23 -45.02 18.47
CA LEU H 81 -8.80 -45.71 17.32
C LEU H 81 -10.22 -46.15 17.63
N ASP H 82 -11.16 -45.81 16.74
CA ASP H 82 -12.53 -46.31 16.80
C ASP H 82 -12.80 -47.13 15.54
N LEU H 83 -13.29 -48.36 15.72
CA LEU H 83 -13.65 -49.22 14.60
C LEU H 83 -15.09 -49.70 14.72
N ILE H 84 -15.89 -49.38 13.69
CA ILE H 84 -17.34 -49.60 13.63
C ILE H 84 -17.67 -50.99 13.09
N SER H 85 -18.78 -51.55 13.59
CA SER H 85 -19.44 -52.72 13.01
C SER H 85 -18.49 -53.90 12.81
N LEU H 86 -17.93 -54.36 13.92
CA LEU H 86 -16.85 -55.32 13.92
C LEU H 86 -17.29 -56.67 13.35
N ARG H 87 -16.49 -57.20 12.43
CA ARG H 87 -16.61 -58.58 12.00
C ARG H 87 -15.90 -59.48 13.01
N SER H 88 -16.30 -60.77 13.03
CA SER H 88 -15.55 -61.75 13.81
C SER H 88 -14.09 -61.80 13.41
N GLY H 89 -13.80 -61.63 12.11
CA GLY H 89 -12.44 -61.55 11.60
C GLY H 89 -11.69 -60.28 11.95
N ASP H 90 -12.33 -59.30 12.58
CA ASP H 90 -11.63 -58.16 13.15
C ASP H 90 -11.06 -58.43 14.54
N THR H 91 -11.18 -59.64 15.07
CA THR H 91 -10.39 -60.05 16.23
C THR H 91 -8.90 -60.00 15.91
N ALA H 92 -8.16 -59.11 16.57
CA ALA H 92 -6.73 -58.95 16.29
C ALA H 92 -6.09 -58.13 17.40
N ILE H 93 -4.76 -58.14 17.41
CA ILE H 93 -3.96 -57.16 18.14
C ILE H 93 -3.89 -55.86 17.36
N TYR H 94 -4.10 -54.74 18.06
CA TYR H 94 -4.00 -53.40 17.50
C TYR H 94 -2.84 -52.63 18.13
N TYR H 95 -1.95 -52.10 17.29
CA TYR H 95 -0.74 -51.42 17.75
C TYR H 95 -0.73 -49.95 17.34
N CYS H 96 -0.20 -49.13 18.25
CA CYS H 96 0.03 -47.70 18.07
C CYS H 96 1.52 -47.47 17.85
N ALA H 97 1.88 -46.75 16.77
CA ALA H 97 3.29 -46.53 16.52
C ALA H 97 3.60 -45.13 16.01
N ARG H 98 4.70 -44.56 16.53
CA ARG H 98 5.24 -43.27 16.13
C ARG H 98 5.96 -43.36 14.78
N GLY H 99 5.44 -42.67 13.77
CA GLY H 99 6.09 -42.59 12.47
C GLY H 99 7.21 -41.56 12.37
N ASN H 100 8.44 -42.02 12.13
CA ASN H 100 9.56 -41.18 11.75
C ASN H 100 9.80 -41.27 10.24
N CYS H 101 10.67 -40.38 9.73
CA CYS H 101 10.54 -39.96 8.33
C CYS H 101 11.84 -40.14 7.56
N SER H 102 11.72 -40.56 6.31
CA SER H 102 12.85 -40.55 5.40
C SER H 102 13.28 -39.12 5.08
N ILE H 103 14.55 -38.97 4.71
CA ILE H 103 15.01 -37.73 4.12
C ILE H 103 14.34 -37.42 2.79
N SER H 104 13.66 -38.41 2.20
CA SER H 104 12.75 -38.19 1.07
C SER H 104 11.46 -37.51 1.49
N GLY H 105 11.24 -37.27 2.78
CA GLY H 105 10.05 -36.65 3.31
C GLY H 105 9.12 -37.66 3.96
N CYS H 106 8.30 -37.16 4.88
CA CYS H 106 7.47 -38.00 5.74
C CYS H 106 6.40 -38.81 5.00
N TYR H 107 6.19 -38.59 3.70
CA TYR H 107 5.40 -39.53 2.93
C TYR H 107 6.00 -40.93 3.03
N TYR H 108 7.33 -41.00 2.98
CA TYR H 108 8.13 -42.21 3.16
C TYR H 108 8.47 -42.31 4.64
N SER H 109 7.66 -43.05 5.41
CA SER H 109 7.77 -42.99 6.86
C SER H 109 7.63 -44.37 7.49
N TRP H 110 8.43 -44.60 8.53
CA TRP H 110 8.55 -45.88 9.20
C TRP H 110 8.30 -45.70 10.70
N LEU H 111 7.99 -46.81 11.36
CA LEU H 111 7.37 -46.82 12.69
C LEU H 111 8.45 -47.02 13.77
N ASP H 112 9.02 -45.91 14.23
CA ASP H 112 10.12 -45.95 15.20
C ASP H 112 9.74 -46.69 16.49
N HIS H 113 8.64 -46.31 17.12
CA HIS H 113 8.29 -46.76 18.47
C HIS H 113 6.85 -47.23 18.53
N TRP H 114 6.62 -48.33 19.23
CA TRP H 114 5.34 -48.99 19.22
C TRP H 114 4.78 -49.11 20.63
N GLY H 115 3.46 -49.01 20.74
CA GLY H 115 2.76 -49.32 21.98
C GLY H 115 2.58 -50.80 22.18
N GLN H 116 2.41 -51.20 23.44
CA GLN H 116 2.06 -52.59 23.70
C GLN H 116 0.64 -52.84 23.19
N GLY H 117 0.51 -53.76 22.24
CA GLY H 117 -0.71 -53.89 21.47
C GLY H 117 -1.89 -54.34 22.30
N THR H 118 -2.91 -53.49 22.43
CA THR H 118 -4.24 -53.96 22.80
C THR H 118 -4.66 -55.07 21.86
N LEU H 119 -5.27 -56.12 22.40
CA LEU H 119 -5.98 -57.11 21.60
C LEU H 119 -7.48 -56.99 21.80
N VAL H 120 -8.22 -57.04 20.71
CA VAL H 120 -9.68 -57.02 20.70
C VAL H 120 -10.19 -58.38 20.27
N THR H 121 -11.15 -58.93 21.01
CA THR H 121 -11.77 -60.20 20.70
C THR H 121 -13.22 -59.96 20.29
N VAL H 122 -13.57 -60.41 19.09
CA VAL H 122 -14.90 -60.18 18.52
C VAL H 122 -15.62 -61.51 18.35
N SER H 123 -16.43 -61.89 19.35
CA SER H 123 -17.02 -63.22 19.37
C SER H 123 -18.35 -63.17 20.12
N SER H 124 -19.22 -64.13 19.80
CA SER H 124 -20.56 -64.20 20.40
C SER H 124 -20.51 -64.69 21.84
N GLU I 1 -24.41 -32.43 -28.70
CA GLU I 1 -23.30 -33.24 -28.23
C GLU I 1 -21.96 -32.65 -28.66
N VAL I 2 -20.99 -32.69 -27.76
CA VAL I 2 -19.62 -32.29 -28.08
C VAL I 2 -18.97 -33.38 -28.93
N GLN I 3 -18.50 -33.01 -30.12
CA GLN I 3 -17.95 -33.97 -31.06
C GLN I 3 -16.67 -33.45 -31.69
N LEU I 4 -15.66 -34.31 -31.77
CA LEU I 4 -14.49 -34.16 -32.61
C LEU I 4 -14.54 -35.19 -33.73
N VAL I 5 -14.25 -34.75 -34.96
CA VAL I 5 -14.46 -35.61 -36.14
C VAL I 5 -13.28 -35.46 -37.09
N GLU I 6 -12.39 -36.45 -37.08
CA GLU I 6 -11.23 -36.50 -37.95
C GLU I 6 -11.58 -36.80 -39.40
N SER I 7 -10.72 -36.34 -40.30
CA SER I 7 -10.88 -36.56 -41.73
C SER I 7 -9.51 -36.42 -42.39
N GLY I 8 -9.41 -36.91 -43.62
CA GLY I 8 -8.17 -36.88 -44.37
C GLY I 8 -7.27 -38.08 -44.20
N GLY I 9 -7.61 -39.02 -43.33
CA GLY I 9 -6.87 -40.27 -43.26
C GLY I 9 -7.02 -41.11 -44.51
N GLY I 10 -5.96 -41.86 -44.82
CA GLY I 10 -5.96 -42.65 -46.03
C GLY I 10 -4.64 -43.35 -46.27
N LEU I 11 -4.46 -43.81 -47.50
CA LEU I 11 -3.27 -44.56 -47.89
C LEU I 11 -2.21 -43.63 -48.49
N VAL I 12 -0.97 -43.80 -48.06
CA VAL I 12 0.16 -43.01 -48.53
C VAL I 12 1.35 -43.93 -48.74
N LYS I 13 2.13 -43.65 -49.77
CA LYS I 13 3.42 -44.30 -49.96
C LYS I 13 4.45 -43.70 -49.01
N PRO I 14 5.44 -44.49 -48.59
CA PRO I 14 6.55 -43.92 -47.80
C PRO I 14 7.17 -42.72 -48.50
N GLY I 15 7.61 -41.76 -47.68
CA GLY I 15 8.03 -40.46 -48.16
C GLY I 15 6.89 -39.52 -48.51
N GLY I 16 5.67 -40.03 -48.62
CA GLY I 16 4.54 -39.20 -48.98
C GLY I 16 4.11 -38.27 -47.87
N SER I 17 3.13 -37.44 -48.20
CA SER I 17 2.62 -36.44 -47.29
C SER I 17 1.10 -36.54 -47.23
N LEU I 18 0.55 -36.25 -46.04
CA LEU I 18 -0.88 -36.27 -45.83
C LEU I 18 -1.23 -35.17 -44.84
N ARG I 19 -2.45 -34.66 -44.95
CA ARG I 19 -2.92 -33.59 -44.06
C ARG I 19 -4.22 -34.02 -43.40
N LEU I 20 -4.13 -34.35 -42.12
CA LEU I 20 -5.30 -34.67 -41.30
C LEU I 20 -6.03 -33.40 -40.89
N SER I 21 -7.33 -33.53 -40.70
CA SER I 21 -8.20 -32.39 -40.42
C SER I 21 -9.33 -32.85 -39.52
N CYS I 22 -9.35 -32.34 -38.29
CA CYS I 22 -10.34 -32.70 -37.29
C CYS I 22 -11.26 -31.51 -37.04
N ALA I 23 -12.54 -31.67 -37.40
CA ALA I 23 -13.56 -30.69 -37.11
C ALA I 23 -13.97 -30.79 -35.65
N ALA I 24 -13.95 -29.67 -34.95
CA ALA I 24 -14.48 -29.55 -33.59
C ALA I 24 -15.85 -28.88 -33.60
N SER I 25 -16.74 -29.37 -32.75
CA SER I 25 -18.10 -28.85 -32.69
C SER I 25 -18.66 -29.01 -31.29
N GLY I 26 -19.61 -28.14 -30.95
CA GLY I 26 -20.29 -28.17 -29.68
C GLY I 26 -19.57 -27.55 -28.49
N PHE I 27 -18.33 -27.09 -28.66
CA PHE I 27 -17.61 -26.43 -27.59
C PHE I 27 -16.90 -25.18 -28.12
N THR I 28 -16.58 -24.27 -27.21
CA THR I 28 -15.86 -23.03 -27.52
C THR I 28 -14.38 -23.34 -27.78
N PHE I 29 -14.15 -23.82 -28.99
CA PHE I 29 -12.87 -24.39 -29.41
C PHE I 29 -11.66 -23.51 -29.09
N SER I 30 -11.79 -22.19 -29.26
CA SER I 30 -10.70 -21.28 -28.94
C SER I 30 -10.27 -21.29 -27.48
N SER I 31 -11.08 -21.81 -26.58
CA SER I 31 -10.73 -21.89 -25.16
C SER I 31 -9.80 -23.05 -24.82
N TYR I 32 -9.60 -24.01 -25.72
CA TYR I 32 -8.98 -25.28 -25.33
C TYR I 32 -7.70 -25.52 -26.12
N SER I 33 -6.72 -26.11 -25.43
CA SER I 33 -5.60 -26.75 -26.11
C SER I 33 -6.05 -28.03 -26.77
N MET I 34 -5.41 -28.36 -27.89
CA MET I 34 -5.82 -29.48 -28.73
C MET I 34 -4.61 -30.32 -29.09
N ASN I 35 -4.79 -31.64 -29.14
CA ASN I 35 -3.70 -32.58 -29.31
C ASN I 35 -4.05 -33.63 -30.37
N TRP I 36 -3.00 -34.22 -30.93
CA TRP I 36 -3.10 -35.44 -31.74
C TRP I 36 -2.45 -36.61 -31.01
N VAL I 37 -3.18 -37.72 -30.92
CA VAL I 37 -2.70 -38.95 -30.32
C VAL I 37 -2.91 -40.07 -31.33
N ARG I 38 -1.90 -40.93 -31.51
CA ARG I 38 -1.97 -41.98 -32.52
C ARG I 38 -1.83 -43.35 -31.88
N GLN I 39 -2.45 -44.34 -32.53
CA GLN I 39 -2.42 -45.73 -32.08
C GLN I 39 -2.03 -46.63 -33.24
N ALA I 40 -0.84 -47.21 -33.19
CA ALA I 40 -0.46 -48.20 -34.18
C ALA I 40 -1.29 -49.46 -34.00
N PRO I 41 -1.63 -50.15 -35.08
CA PRO I 41 -2.52 -51.32 -34.98
C PRO I 41 -1.97 -52.36 -34.01
N GLY I 42 -2.79 -52.70 -33.01
CA GLY I 42 -2.36 -53.62 -31.98
C GLY I 42 -1.40 -53.06 -30.96
N LYS I 43 -1.09 -51.78 -31.03
CA LYS I 43 -0.20 -51.12 -30.09
C LYS I 43 -0.96 -50.12 -29.22
N GLY I 44 -0.25 -49.50 -28.29
CA GLY I 44 -0.81 -48.48 -27.43
C GLY I 44 -0.79 -47.09 -28.05
N LEU I 45 -1.28 -46.14 -27.25
CA LEU I 45 -1.36 -44.74 -27.67
C LEU I 45 0.00 -44.07 -27.61
N GLU I 46 0.38 -43.42 -28.71
CA GLU I 46 1.53 -42.52 -28.76
C GLU I 46 1.02 -41.09 -28.91
N TRP I 47 1.49 -40.20 -28.03
CA TRP I 47 1.23 -38.78 -28.22
C TRP I 47 2.02 -38.25 -29.40
N VAL I 48 1.37 -37.46 -30.25
CA VAL I 48 1.98 -36.96 -31.48
C VAL I 48 2.33 -35.47 -31.39
N SER I 49 1.35 -34.62 -31.07
CA SER I 49 1.61 -33.19 -31.01
C SER I 49 0.53 -32.47 -30.22
N SER I 50 0.85 -31.24 -29.83
CA SER I 50 -0.01 -30.37 -29.04
C SER I 50 0.04 -28.97 -29.63
N ILE I 51 -1.11 -28.30 -29.65
CA ILE I 51 -1.18 -26.88 -30.00
C ILE I 51 -1.97 -26.15 -28.92
N SER I 52 -1.46 -25.00 -28.48
CA SER I 52 -2.14 -24.19 -27.49
C SER I 52 -3.35 -23.46 -28.09
N ALA I 53 -4.11 -22.86 -27.18
CA ALA I 53 -5.42 -22.28 -27.50
C ALA I 53 -5.34 -21.25 -28.63
N SER I 54 -4.36 -20.34 -28.57
CA SER I 54 -4.17 -19.36 -29.64
C SER I 54 -2.99 -19.68 -30.55
N SER I 55 -2.56 -20.93 -30.59
CA SER I 55 -1.45 -21.42 -31.39
C SER I 55 -0.10 -20.82 -31.00
N SER I 56 0.00 -20.11 -29.89
CA SER I 56 1.26 -19.47 -29.54
C SER I 56 2.32 -20.48 -29.14
N TYR I 57 1.94 -21.69 -28.76
CA TYR I 57 2.87 -22.75 -28.39
C TYR I 57 2.49 -24.04 -29.10
N SER I 58 3.51 -24.79 -29.52
CA SER I 58 3.29 -26.12 -30.06
C SER I 58 4.48 -27.01 -29.75
N ASP I 59 4.21 -28.29 -29.59
CA ASP I 59 5.21 -29.30 -29.27
C ASP I 59 4.92 -30.55 -30.06
N TYR I 60 5.96 -31.34 -30.32
CA TYR I 60 5.86 -32.56 -31.10
C TYR I 60 6.68 -33.65 -30.41
N ALA I 61 6.23 -34.89 -30.56
CA ALA I 61 7.08 -36.01 -30.19
C ALA I 61 8.33 -36.08 -31.06
N ASP I 62 9.34 -36.78 -30.55
CA ASP I 62 10.61 -36.88 -31.27
C ASP I 62 10.49 -37.59 -32.60
N SER I 63 9.48 -38.46 -32.78
CA SER I 63 9.22 -39.05 -34.08
C SER I 63 8.57 -38.07 -35.04
N ALA I 64 7.80 -37.12 -34.53
CA ALA I 64 7.08 -36.15 -35.34
C ALA I 64 7.86 -34.86 -35.59
N LYS I 65 8.77 -34.51 -34.69
CA LYS I 65 9.43 -33.21 -34.75
C LYS I 65 10.12 -32.99 -36.08
N GLY I 66 9.92 -31.81 -36.67
CA GLY I 66 10.38 -31.48 -38.00
C GLY I 66 9.58 -32.10 -39.12
N ARG I 67 9.23 -33.38 -38.99
CA ARG I 67 8.45 -34.04 -40.03
C ARG I 67 7.03 -33.52 -40.09
N PHE I 68 6.35 -33.45 -38.95
CA PHE I 68 4.95 -33.06 -38.89
C PHE I 68 4.80 -31.60 -38.47
N THR I 69 3.61 -31.06 -38.69
CA THR I 69 3.30 -29.67 -38.32
C THR I 69 1.83 -29.58 -37.96
N ILE I 70 1.56 -29.21 -36.71
CA ILE I 70 0.21 -29.01 -36.20
C ILE I 70 -0.21 -27.56 -36.40
N SER I 71 -1.49 -27.35 -36.68
CA SER I 71 -2.04 -26.01 -36.83
C SER I 71 -3.53 -26.07 -36.52
N ARG I 72 -4.11 -24.90 -36.26
CA ARG I 72 -5.54 -24.82 -35.98
C ARG I 72 -6.12 -23.56 -36.57
N ASP I 73 -7.37 -23.65 -36.99
CA ASP I 73 -8.20 -22.50 -37.36
C ASP I 73 -9.30 -22.39 -36.32
N ASN I 74 -9.26 -21.33 -35.51
CA ASN I 74 -10.25 -21.15 -34.46
C ASN I 74 -11.60 -20.65 -34.99
N ALA I 75 -11.63 -20.08 -36.18
CA ALA I 75 -12.89 -19.58 -36.73
C ALA I 75 -13.70 -20.68 -37.40
N LYS I 76 -13.06 -21.55 -38.18
CA LYS I 76 -13.70 -22.75 -38.71
C LYS I 76 -13.67 -23.91 -37.72
N THR I 77 -13.22 -23.67 -36.49
CA THR I 77 -13.10 -24.67 -35.43
C THR I 77 -12.56 -26.01 -35.94
N SER I 78 -11.38 -25.93 -36.56
CA SER I 78 -10.77 -27.10 -37.17
C SER I 78 -9.31 -27.21 -36.75
N LEU I 79 -8.90 -28.42 -36.41
CA LEU I 79 -7.52 -28.76 -36.08
C LEU I 79 -6.90 -29.54 -37.22
N PHE I 80 -5.66 -29.21 -37.57
CA PHE I 80 -5.00 -29.83 -38.71
C PHE I 80 -3.64 -30.38 -38.29
N LEU I 81 -3.19 -31.40 -39.03
CA LEU I 81 -1.83 -31.93 -38.92
C LEU I 81 -1.29 -32.21 -40.31
N GLN I 82 -0.39 -31.35 -40.78
CA GLN I 82 0.45 -31.70 -41.92
C GLN I 82 1.48 -32.73 -41.51
N MET I 83 1.51 -33.86 -42.22
CA MET I 83 2.56 -34.88 -42.05
C MET I 83 3.38 -34.99 -43.33
N ASN I 84 4.65 -34.60 -43.25
CA ASN I 84 5.61 -34.87 -44.31
C ASN I 84 6.43 -36.12 -43.97
N SER I 85 7.11 -36.65 -44.98
CA SER I 85 8.10 -37.71 -44.82
C SER I 85 7.55 -38.89 -44.04
N LEU I 86 6.34 -39.31 -44.40
CA LEU I 86 5.68 -40.41 -43.72
C LEU I 86 6.44 -41.72 -43.90
N ARG I 87 6.28 -42.61 -42.93
CA ARG I 87 7.02 -43.86 -42.84
C ARG I 87 6.06 -44.96 -42.44
N ALA I 88 6.48 -46.22 -42.65
CA ALA I 88 5.69 -47.35 -42.19
C ALA I 88 5.38 -47.28 -40.71
N GLU I 89 6.34 -46.84 -39.89
CA GLU I 89 6.11 -46.63 -38.47
C GLU I 89 5.04 -45.58 -38.18
N ASP I 90 4.69 -44.74 -39.14
CA ASP I 90 3.59 -43.80 -38.99
C ASP I 90 2.21 -44.37 -39.30
N THR I 91 2.12 -45.63 -39.73
CA THR I 91 0.82 -46.28 -39.85
C THR I 91 0.12 -46.42 -38.51
N ALA I 92 -0.95 -45.65 -38.31
CA ALA I 92 -1.66 -45.63 -37.03
C ALA I 92 -3.04 -45.00 -37.25
N ILE I 93 -3.95 -45.26 -36.31
CA ILE I 93 -5.09 -44.37 -36.13
C ILE I 93 -4.61 -43.10 -35.47
N TYR I 94 -5.06 -41.95 -35.97
CA TYR I 94 -4.80 -40.66 -35.33
C TYR I 94 -6.08 -40.09 -34.73
N PHE I 95 -6.05 -39.84 -33.43
CA PHE I 95 -7.15 -39.20 -32.70
C PHE I 95 -6.82 -37.75 -32.42
N CYS I 96 -7.74 -36.84 -32.73
CA CYS I 96 -7.69 -35.54 -32.10
C CYS I 96 -8.36 -35.64 -30.74
N ALA I 97 -7.75 -35.01 -29.74
CA ALA I 97 -8.31 -35.02 -28.40
C ALA I 97 -8.19 -33.65 -27.75
N ARG I 98 -9.30 -33.20 -27.16
CA ARG I 98 -9.31 -31.92 -26.44
C ARG I 98 -8.49 -32.05 -25.17
N ALA I 99 -7.51 -31.18 -25.01
CA ALA I 99 -6.62 -31.22 -23.86
C ALA I 99 -7.13 -30.28 -22.78
N ARG I 100 -6.97 -30.70 -21.53
CA ARG I 100 -7.47 -29.93 -20.40
C ARG I 100 -6.56 -30.18 -19.22
N ALA I 101 -6.30 -29.14 -18.42
CA ALA I 101 -5.47 -29.28 -17.25
C ALA I 101 -6.05 -28.51 -16.07
N THR I 102 -6.12 -29.17 -14.92
CA THR I 102 -6.27 -28.50 -13.62
C THR I 102 -4.87 -28.26 -13.07
N GLY I 103 -4.33 -27.07 -13.31
CA GLY I 103 -2.97 -26.76 -12.93
C GLY I 103 -2.75 -26.53 -11.45
N TYR I 104 -3.42 -27.30 -10.59
CA TYR I 104 -3.27 -27.12 -9.15
C TYR I 104 -1.98 -27.77 -8.64
N SER I 105 -1.85 -29.08 -8.82
CA SER I 105 -0.63 -29.77 -8.42
C SER I 105 0.45 -29.67 -9.49
N SER I 106 0.07 -29.80 -10.76
CA SER I 106 1.01 -29.77 -11.87
C SER I 106 0.24 -29.44 -13.13
N ILE I 107 0.98 -29.07 -14.17
CA ILE I 107 0.41 -28.91 -15.51
C ILE I 107 0.77 -30.16 -16.31
N THR I 108 -0.10 -31.16 -16.24
CA THR I 108 -0.11 -32.24 -17.23
C THR I 108 -1.53 -32.36 -17.78
N PRO I 109 -1.74 -32.21 -19.08
CA PRO I 109 -3.11 -32.23 -19.60
C PRO I 109 -3.66 -33.65 -19.59
N TYR I 110 -4.89 -33.80 -19.09
CA TYR I 110 -5.67 -34.93 -19.54
C TYR I 110 -6.37 -34.61 -20.86
N PHE I 111 -6.80 -35.66 -21.54
CA PHE I 111 -7.52 -35.57 -22.80
C PHE I 111 -8.95 -36.00 -22.56
N ASP I 112 -9.88 -35.05 -22.59
CA ASP I 112 -11.22 -35.31 -22.07
C ASP I 112 -12.19 -35.78 -23.16
N ILE I 113 -12.35 -35.01 -24.23
CA ILE I 113 -13.16 -35.38 -25.38
C ILE I 113 -12.24 -35.89 -26.48
N TRP I 114 -12.55 -37.07 -27.02
CA TRP I 114 -11.75 -37.70 -28.06
C TRP I 114 -12.58 -37.86 -29.33
N GLY I 115 -11.92 -37.66 -30.47
CA GLY I 115 -12.56 -37.84 -31.76
C GLY I 115 -12.78 -39.29 -32.11
N GLN I 116 -13.30 -39.49 -33.33
CA GLN I 116 -13.62 -40.84 -33.79
C GLN I 116 -12.37 -41.62 -34.16
N GLY I 117 -11.30 -40.92 -34.51
CA GLY I 117 -10.12 -41.52 -35.11
C GLY I 117 -10.22 -41.72 -36.60
N THR I 118 -9.20 -41.29 -37.33
CA THR I 118 -9.03 -41.57 -38.75
C THR I 118 -7.76 -42.40 -38.96
N LEU I 119 -7.82 -43.35 -39.88
CA LEU I 119 -6.76 -44.34 -40.05
C LEU I 119 -5.83 -43.92 -41.18
N VAL I 120 -4.53 -43.91 -40.89
CA VAL I 120 -3.48 -43.65 -41.88
C VAL I 120 -2.71 -44.93 -42.12
N THR I 121 -2.65 -45.37 -43.38
CA THR I 121 -1.83 -46.50 -43.79
C THR I 121 -0.68 -46.02 -44.64
N VAL I 122 0.54 -46.43 -44.29
CA VAL I 122 1.75 -46.08 -45.03
C VAL I 122 2.45 -47.37 -45.44
N SER I 123 2.37 -47.71 -46.73
CA SER I 123 2.93 -48.95 -47.23
C SER I 123 3.27 -48.78 -48.70
N SER I 124 4.28 -49.54 -49.14
CA SER I 124 4.70 -49.51 -50.55
C SER I 124 3.71 -50.27 -51.42
N GLU J 1 -21.83 39.32 -21.96
CA GLU J 1 -20.45 39.30 -22.46
C GLU J 1 -19.46 39.38 -21.30
N VAL J 2 -18.38 38.62 -21.41
CA VAL J 2 -17.27 38.71 -20.46
C VAL J 2 -16.48 39.98 -20.75
N GLN J 3 -16.40 40.88 -19.76
CA GLN J 3 -15.84 42.20 -19.98
C GLN J 3 -14.91 42.60 -18.84
N LEU J 4 -13.76 43.15 -19.20
CA LEU J 4 -12.90 43.92 -18.32
C LEU J 4 -12.98 45.38 -18.73
N VAL J 5 -13.11 46.29 -17.77
CA VAL J 5 -13.32 47.71 -18.07
C VAL J 5 -12.46 48.56 -17.15
N GLU J 6 -11.43 49.18 -17.71
CA GLU J 6 -10.50 50.03 -16.98
C GLU J 6 -11.10 51.39 -16.66
N SER J 7 -10.58 52.00 -15.59
CA SER J 7 -11.04 53.31 -15.15
C SER J 7 -9.95 53.93 -14.29
N GLY J 8 -10.08 55.24 -14.05
CA GLY J 8 -9.15 55.96 -13.20
C GLY J 8 -7.88 56.43 -13.87
N GLY J 9 -7.68 56.13 -15.14
CA GLY J 9 -6.57 56.71 -15.87
C GLY J 9 -6.82 58.15 -16.31
N GLY J 10 -5.73 58.90 -16.45
CA GLY J 10 -5.83 60.31 -16.79
C GLY J 10 -4.50 61.04 -16.87
N LEU J 11 -4.52 62.35 -16.62
CA LEU J 11 -3.34 63.19 -16.75
C LEU J 11 -2.72 63.46 -15.38
N VAL J 12 -1.41 63.20 -15.27
CA VAL J 12 -0.64 63.48 -14.06
C VAL J 12 0.72 64.03 -14.46
N LYS J 13 1.37 64.69 -13.51
CA LYS J 13 2.69 65.24 -13.68
C LYS J 13 3.76 64.24 -13.29
N PRO J 14 5.00 64.42 -13.75
CA PRO J 14 6.11 63.61 -13.23
C PRO J 14 6.18 63.70 -11.70
N GLY J 15 6.57 62.58 -11.10
CA GLY J 15 6.45 62.41 -9.66
C GLY J 15 5.05 62.11 -9.19
N GLY J 16 4.07 62.14 -10.08
CA GLY J 16 2.70 61.96 -9.69
C GLY J 16 2.37 60.55 -9.27
N SER J 17 1.19 60.41 -8.70
CA SER J 17 0.66 59.11 -8.31
C SER J 17 -0.76 58.99 -8.83
N LEU J 18 -1.13 57.78 -9.23
CA LEU J 18 -2.43 57.50 -9.82
C LEU J 18 -2.81 56.07 -9.48
N ARG J 19 -4.12 55.82 -9.43
CA ARG J 19 -4.62 54.48 -9.12
C ARG J 19 -5.61 54.03 -10.19
N LEU J 20 -5.19 53.08 -11.02
CA LEU J 20 -6.08 52.46 -12.00
C LEU J 20 -6.97 51.42 -11.34
N SER J 21 -8.23 51.39 -11.75
CA SER J 21 -9.17 50.37 -11.33
C SER J 21 -9.81 49.74 -12.56
N CYS J 22 -9.72 48.42 -12.67
CA CYS J 22 -10.34 47.65 -13.74
C CYS J 22 -11.43 46.78 -13.14
N ALA J 23 -12.69 47.08 -13.50
CA ALA J 23 -13.82 46.27 -13.09
C ALA J 23 -13.90 45.02 -13.96
N ALA J 24 -13.90 43.86 -13.33
CA ALA J 24 -14.18 42.59 -14.00
C ALA J 24 -15.65 42.22 -13.88
N SER J 25 -16.19 41.65 -14.95
CA SER J 25 -17.59 41.25 -14.95
C SER J 25 -17.78 40.07 -15.90
N GLY J 26 -18.80 39.26 -15.60
CA GLY J 26 -19.18 38.13 -16.40
C GLY J 26 -18.43 36.83 -16.19
N PHE J 27 -17.40 36.82 -15.34
CA PHE J 27 -16.66 35.60 -15.07
C PHE J 27 -16.34 35.49 -13.59
N THR J 28 -16.03 34.26 -13.16
CA THR J 28 -15.63 33.94 -11.79
C THR J 28 -14.23 34.48 -11.50
N PHE J 29 -14.18 35.77 -11.17
CA PHE J 29 -12.95 36.53 -11.06
C PHE J 29 -11.95 35.93 -10.06
N SER J 30 -12.45 35.36 -8.96
CA SER J 30 -11.60 34.69 -7.99
C SER J 30 -10.80 33.52 -8.55
N SER J 31 -11.17 32.99 -9.71
CA SER J 31 -10.46 31.85 -10.29
C SER J 31 -9.24 32.22 -11.12
N TYR J 32 -9.09 33.47 -11.52
CA TYR J 32 -8.12 33.82 -12.56
C TYR J 32 -7.03 34.72 -12.02
N SER J 33 -5.82 34.50 -12.51
CA SER J 33 -4.76 35.48 -12.40
C SER J 33 -5.04 36.69 -13.29
N MET J 34 -4.55 37.84 -12.88
CA MET J 34 -4.85 39.09 -13.54
C MET J 34 -3.56 39.89 -13.73
N ASN J 35 -3.42 40.49 -14.90
CA ASN J 35 -2.21 41.22 -15.28
C ASN J 35 -2.58 42.61 -15.78
N TRP J 36 -1.63 43.54 -15.60
CA TRP J 36 -1.65 44.82 -16.28
C TRP J 36 -0.60 44.87 -17.38
N VAL J 37 -1.02 45.27 -18.57
CA VAL J 37 -0.14 45.44 -19.72
C VAL J 37 -0.29 46.87 -20.22
N ARG J 38 0.83 47.50 -20.58
CA ARG J 38 0.79 48.86 -21.07
C ARG J 38 1.36 48.96 -22.47
N GLN J 39 0.89 49.96 -23.21
CA GLN J 39 1.35 50.24 -24.56
C GLN J 39 1.69 51.72 -24.68
N ALA J 40 2.98 52.03 -24.76
CA ALA J 40 3.39 53.40 -25.03
C ALA J 40 2.92 53.79 -26.43
N PRO J 41 2.49 55.03 -26.63
CA PRO J 41 1.89 55.40 -27.93
C PRO J 41 2.86 55.15 -29.07
N GLY J 42 2.40 54.42 -30.08
CA GLY J 42 3.25 54.04 -31.19
C GLY J 42 4.26 52.96 -30.88
N LYS J 43 4.20 52.34 -29.71
CA LYS J 43 5.13 51.30 -29.31
C LYS J 43 4.40 50.00 -29.01
N GLY J 44 5.17 48.97 -28.62
CA GLY J 44 4.63 47.66 -28.34
C GLY J 44 4.13 47.48 -26.91
N LEU J 45 3.56 46.30 -26.67
CA LEU J 45 3.08 45.92 -25.36
C LEU J 45 4.23 45.68 -24.38
N GLU J 46 4.16 46.32 -23.23
CA GLU J 46 5.02 46.03 -22.08
C GLU J 46 4.19 45.41 -20.97
N TRP J 47 4.64 44.25 -20.47
CA TRP J 47 4.03 43.69 -19.27
C TRP J 47 4.38 44.54 -18.05
N VAL J 48 3.36 44.90 -17.27
CA VAL J 48 3.55 45.76 -16.10
C VAL J 48 3.59 45.00 -14.79
N SER J 49 2.55 44.21 -14.50
CA SER J 49 2.51 43.45 -13.27
C SER J 49 1.47 42.34 -13.35
N SER J 50 1.57 41.40 -12.41
CA SER J 50 0.73 40.22 -12.32
C SER J 50 0.30 40.03 -10.87
N ILE J 51 -0.95 39.61 -10.67
CA ILE J 51 -1.42 39.18 -9.35
C ILE J 51 -2.13 37.84 -9.49
N SER J 52 -1.83 36.92 -8.57
CA SER J 52 -2.43 35.60 -8.56
C SER J 52 -3.86 35.63 -8.03
N ALA J 53 -4.54 34.50 -8.22
CA ALA J 53 -5.99 34.41 -8.04
C ALA J 53 -6.44 34.81 -6.64
N SER J 54 -5.73 34.38 -5.61
CA SER J 54 -6.03 34.79 -4.24
C SER J 54 -5.03 35.78 -3.66
N SER J 55 -4.37 36.55 -4.52
CA SER J 55 -3.43 37.60 -4.17
C SER J 55 -2.17 37.11 -3.47
N SER J 56 -1.95 35.80 -3.39
CA SER J 56 -0.81 35.29 -2.63
C SER J 56 0.51 35.54 -3.33
N TYR J 57 0.49 35.86 -4.62
CA TYR J 57 1.70 36.14 -5.38
C TYR J 57 1.50 37.38 -6.24
N SER J 58 2.56 38.18 -6.37
CA SER J 58 2.57 39.29 -7.30
C SER J 58 3.99 39.53 -7.79
N ASP J 59 4.09 39.98 -9.04
CA ASP J 59 5.36 40.27 -9.67
C ASP J 59 5.21 41.52 -10.52
N TYR J 60 6.33 42.19 -10.76
CA TYR J 60 6.35 43.46 -11.49
C TYR J 60 7.52 43.46 -12.46
N ALA J 61 7.39 44.26 -13.51
CA ALA J 61 8.55 44.61 -14.33
C ALA J 61 9.56 45.42 -13.53
N ASP J 62 10.81 45.41 -14.00
CA ASP J 62 11.86 46.19 -13.35
C ASP J 62 11.59 47.69 -13.40
N SER J 63 10.82 48.16 -14.39
CA SER J 63 10.37 49.55 -14.41
C SER J 63 9.34 49.84 -13.34
N ALA J 64 8.51 48.86 -12.99
CA ALA J 64 7.42 49.04 -12.04
C ALA J 64 7.80 48.64 -10.62
N LYS J 65 8.76 47.73 -10.46
CA LYS J 65 9.10 47.19 -9.15
C LYS J 65 9.45 48.29 -8.17
N GLY J 66 8.86 48.19 -6.98
CA GLY J 66 8.95 49.20 -5.93
C GLY J 66 8.09 50.43 -6.16
N ARG J 67 7.94 50.85 -7.41
CA ARG J 67 7.13 52.03 -7.72
C ARG J 67 5.65 51.73 -7.69
N PHE J 68 5.22 50.67 -8.36
CA PHE J 68 3.81 50.32 -8.49
C PHE J 68 3.40 49.30 -7.43
N THR J 69 2.09 49.14 -7.28
CA THR J 69 1.54 48.10 -6.41
C THR J 69 0.24 47.60 -7.02
N ILE J 70 0.17 46.29 -7.27
CA ILE J 70 -1.00 45.62 -7.81
C ILE J 70 -1.76 44.93 -6.68
N SER J 71 -3.09 45.05 -6.73
CA SER J 71 -3.94 44.45 -5.72
C SER J 71 -5.29 44.18 -6.34
N ARG J 72 -6.09 43.36 -5.66
CA ARG J 72 -7.40 42.99 -6.20
C ARG J 72 -8.39 42.84 -5.05
N ASP J 73 -9.67 43.10 -5.36
CA ASP J 73 -10.79 42.74 -4.51
C ASP J 73 -11.61 41.68 -5.25
N ASN J 74 -11.65 40.48 -4.68
CA ASN J 74 -12.40 39.38 -5.30
C ASN J 74 -13.91 39.48 -5.08
N ALA J 75 -14.37 40.23 -4.07
CA ALA J 75 -15.80 40.37 -3.84
C ALA J 75 -16.42 41.45 -4.74
N LYS J 76 -15.78 42.61 -4.83
CA LYS J 76 -16.18 43.63 -5.78
C LYS J 76 -15.66 43.38 -7.19
N THR J 77 -15.03 42.22 -7.41
CA THR J 77 -14.49 41.81 -8.70
C THR J 77 -13.76 42.94 -9.43
N SER J 78 -12.79 43.54 -8.75
CA SER J 78 -12.10 44.71 -9.27
C SER J 78 -10.59 44.54 -9.08
N LEU J 79 -9.83 44.90 -10.11
CA LEU J 79 -8.38 44.86 -10.10
C LEU J 79 -7.84 46.29 -10.02
N PHE J 80 -6.83 46.50 -9.18
CA PHE J 80 -6.30 47.82 -8.94
C PHE J 80 -4.79 47.84 -9.15
N LEU J 81 -4.30 48.97 -9.66
CA LEU J 81 -2.87 49.27 -9.75
C LEU J 81 -2.62 50.66 -9.18
N GLN J 82 -2.03 50.72 -7.98
CA GLN J 82 -1.43 51.95 -7.52
C GLN J 82 -0.11 52.20 -8.25
N MET J 83 0.04 53.39 -8.82
CA MET J 83 1.30 53.84 -9.40
C MET J 83 1.81 55.04 -8.63
N ASN J 84 3.04 54.95 -8.12
CA ASN J 84 3.73 56.04 -7.46
C ASN J 84 5.00 56.40 -8.23
N SER J 85 5.42 57.65 -8.11
CA SER J 85 6.61 58.16 -8.78
C SER J 85 6.55 57.92 -10.29
N LEU J 86 5.42 58.31 -10.88
CA LEU J 86 5.23 58.21 -12.32
C LEU J 86 6.20 59.13 -13.06
N ARG J 87 6.52 58.73 -14.30
CA ARG J 87 7.49 59.42 -15.12
C ARG J 87 6.92 59.55 -16.52
N ALA J 88 7.55 60.42 -17.33
CA ALA J 88 7.14 60.57 -18.72
C ALA J 88 7.18 59.25 -19.47
N GLU J 89 8.19 58.42 -19.18
CA GLU J 89 8.28 57.08 -19.76
C GLU J 89 7.14 56.16 -19.36
N ASP J 90 6.35 56.51 -18.34
CA ASP J 90 5.16 55.75 -17.99
C ASP J 90 3.90 56.16 -18.76
N THR J 91 3.98 57.17 -19.62
CA THR J 91 2.86 57.50 -20.51
C THR J 91 2.52 56.34 -21.44
N ALA J 92 1.37 55.71 -21.22
CA ALA J 92 0.96 54.54 -21.99
C ALA J 92 -0.53 54.33 -21.81
N ILE J 93 -1.11 53.54 -22.71
CA ILE J 93 -2.40 52.89 -22.46
C ILE J 93 -2.16 51.65 -21.62
N TYR J 94 -2.89 51.54 -20.50
CA TYR J 94 -2.78 50.38 -19.61
C TYR J 94 -3.99 49.47 -19.79
N PHE J 95 -3.73 48.21 -20.13
CA PHE J 95 -4.77 47.19 -20.29
C PHE J 95 -4.72 46.21 -19.13
N CYS J 96 -5.88 45.96 -18.50
CA CYS J 96 -6.00 44.78 -17.67
C CYS J 96 -6.29 43.59 -18.57
N ALA J 97 -5.66 42.45 -18.27
CA ALA J 97 -5.91 41.24 -19.03
C ALA J 97 -5.97 40.02 -18.13
N ARG J 98 -6.95 39.16 -18.40
CA ARG J 98 -7.13 37.91 -17.67
C ARG J 98 -6.08 36.90 -18.10
N ALA J 99 -5.36 36.34 -17.13
CA ALA J 99 -4.23 35.47 -17.40
C ALA J 99 -4.61 34.02 -17.19
N ARG J 100 -4.25 33.17 -18.14
CA ARG J 100 -4.65 31.79 -18.17
C ARG J 100 -3.44 30.97 -18.61
N ALA J 101 -3.24 29.79 -18.02
CA ALA J 101 -2.13 28.94 -18.40
C ALA J 101 -2.58 27.50 -18.60
N THR J 102 -2.09 26.88 -19.68
CA THR J 102 -2.33 25.46 -19.94
C THR J 102 -1.55 24.59 -18.96
N GLY J 103 -0.32 24.95 -18.66
CA GLY J 103 0.49 24.29 -17.67
C GLY J 103 0.99 22.90 -18.00
N TYR J 104 0.79 22.41 -19.23
CA TYR J 104 1.22 21.05 -19.55
C TYR J 104 2.71 20.97 -19.83
N SER J 105 3.21 21.79 -20.74
CA SER J 105 4.62 21.84 -21.10
C SER J 105 5.38 22.82 -20.24
N SER J 106 4.76 23.94 -19.90
CA SER J 106 5.39 24.99 -19.11
C SER J 106 4.29 25.85 -18.52
N ILE J 107 4.68 26.70 -17.57
CA ILE J 107 3.78 27.73 -17.04
C ILE J 107 4.22 29.06 -17.63
N THR J 108 3.63 29.42 -18.77
CA THR J 108 3.64 30.80 -19.24
C THR J 108 2.20 31.20 -19.53
N PRO J 109 1.67 32.25 -18.91
CA PRO J 109 0.26 32.60 -19.14
C PRO J 109 0.07 33.26 -20.49
N TYR J 110 -0.99 32.86 -21.17
CA TYR J 110 -1.56 33.74 -22.19
C TYR J 110 -2.60 34.66 -21.54
N PHE J 111 -2.87 35.76 -22.21
CA PHE J 111 -3.88 36.72 -21.78
C PHE J 111 -5.07 36.61 -22.73
N ASP J 112 -6.21 36.14 -22.22
CA ASP J 112 -7.31 35.74 -23.09
C ASP J 112 -8.37 36.82 -23.24
N ILE J 113 -8.88 37.36 -22.15
CA ILE J 113 -9.82 38.48 -22.16
C ILE J 113 -9.04 39.75 -21.84
N TRP J 114 -9.14 40.74 -22.72
CA TRP J 114 -8.45 42.01 -22.54
C TRP J 114 -9.46 43.12 -22.35
N GLY J 115 -9.16 44.03 -21.44
CA GLY J 115 -9.99 45.21 -21.22
C GLY J 115 -9.91 46.20 -22.36
N GLN J 116 -10.62 47.31 -22.16
CA GLN J 116 -10.71 48.35 -23.18
C GLN J 116 -9.45 49.21 -23.26
N GLY J 117 -8.64 49.23 -22.20
CA GLY J 117 -7.55 50.16 -22.02
C GLY J 117 -7.97 51.53 -21.50
N THR J 118 -7.20 52.07 -20.55
CA THR J 118 -7.27 53.46 -20.15
C THR J 118 -5.96 54.16 -20.47
N LEU J 119 -6.05 55.34 -21.07
CA LEU J 119 -4.85 56.15 -21.31
C LEU J 119 -4.34 56.77 -20.01
N VAL J 120 -3.02 56.83 -19.87
CA VAL J 120 -2.37 57.59 -18.81
C VAL J 120 -1.34 58.50 -19.46
N THR J 121 -1.46 59.81 -19.24
CA THR J 121 -0.51 60.78 -19.74
C THR J 121 0.26 61.38 -18.58
N VAL J 122 1.58 61.29 -18.64
CA VAL J 122 2.47 61.84 -17.61
C VAL J 122 3.31 62.94 -18.25
N SER J 123 2.94 64.19 -18.02
CA SER J 123 3.70 65.30 -18.57
C SER J 123 3.47 66.54 -17.71
N SER J 124 4.50 67.37 -17.63
CA SER J 124 4.41 68.66 -16.94
C SER J 124 3.77 69.71 -17.84
N VAL K 1 15.74 40.20 -24.88
CA VAL K 1 14.54 40.82 -25.47
C VAL K 1 14.12 40.06 -26.70
N VAL K 2 12.90 39.51 -26.65
CA VAL K 2 12.32 38.84 -27.80
C VAL K 2 12.12 39.84 -28.93
N THR K 3 12.52 39.46 -30.14
CA THR K 3 12.69 40.37 -31.27
C THR K 3 11.85 39.91 -32.46
N GLN K 4 11.27 40.85 -33.19
CA GLN K 4 10.40 40.57 -34.32
C GLN K 4 10.73 41.53 -35.46
N PRO K 5 10.43 41.15 -36.70
CA PRO K 5 10.58 42.09 -37.81
C PRO K 5 9.58 43.23 -37.70
N PRO K 6 10.01 44.46 -37.96
CA PRO K 6 9.11 45.60 -37.78
C PRO K 6 7.86 45.59 -38.65
N SER K 7 7.98 45.20 -39.92
CA SER K 7 6.80 45.04 -40.75
C SER K 7 7.01 43.94 -41.77
N VAL K 8 5.89 43.37 -42.22
CA VAL K 8 5.85 42.41 -43.32
C VAL K 8 4.70 42.84 -44.23
N SER K 9 4.80 42.44 -45.50
CA SER K 9 3.76 42.75 -46.46
C SER K 9 3.56 41.59 -47.41
N GLY K 10 2.38 41.55 -48.01
CA GLY K 10 2.05 40.58 -49.03
C GLY K 10 0.79 40.94 -49.77
N ALA K 11 0.66 40.48 -51.01
CA ALA K 11 -0.60 40.65 -51.73
C ALA K 11 -1.67 39.80 -51.07
N PRO K 12 -2.95 40.17 -51.23
CA PRO K 12 -4.03 39.32 -50.77
C PRO K 12 -3.92 37.89 -51.31
N GLY K 13 -4.14 36.92 -50.42
CA GLY K 13 -4.01 35.52 -50.74
C GLY K 13 -2.60 34.96 -50.62
N GLN K 14 -1.60 35.81 -50.48
CA GLN K 14 -0.25 35.30 -50.25
C GLN K 14 -0.09 34.79 -48.83
N ARG K 15 1.02 34.11 -48.59
CA ARG K 15 1.42 33.64 -47.27
C ARG K 15 2.53 34.54 -46.73
N VAL K 16 2.27 35.17 -45.58
CA VAL K 16 3.26 35.95 -44.86
C VAL K 16 3.60 35.26 -43.56
N THR K 17 4.89 35.18 -43.25
CA THR K 17 5.39 34.60 -42.01
C THR K 17 6.06 35.66 -41.15
N ILE K 18 5.66 35.73 -39.88
CA ILE K 18 6.24 36.62 -38.88
C ILE K 18 7.18 35.79 -38.01
N SER K 19 8.45 36.17 -37.96
CA SER K 19 9.41 35.49 -37.11
C SER K 19 9.41 36.09 -35.70
N CYS K 20 9.70 35.24 -34.72
CA CYS K 20 9.89 35.64 -33.34
C CYS K 20 11.13 34.94 -32.81
N THR K 21 12.02 35.68 -32.17
CA THR K 21 13.33 35.16 -31.79
C THR K 21 13.65 35.54 -30.36
N GLY K 22 14.26 34.60 -29.63
CA GLY K 22 14.50 34.77 -28.21
C GLY K 22 15.83 34.21 -27.72
N SER K 23 15.92 33.92 -26.44
CA SER K 23 17.19 33.59 -25.81
C SER K 23 16.98 32.46 -24.81
N SER K 24 18.10 31.97 -24.28
CA SER K 24 18.11 30.84 -23.35
C SER K 24 17.32 31.09 -22.08
N SER K 25 16.84 32.31 -21.85
CA SER K 25 16.05 32.62 -20.67
C SER K 25 14.56 32.67 -20.92
N ASN K 26 14.11 32.78 -22.17
CA ASN K 26 12.69 32.79 -22.47
C ASN K 26 12.37 31.59 -23.36
N ILE K 27 12.30 31.78 -24.67
CA ILE K 27 11.89 30.71 -25.59
C ILE K 27 12.82 29.51 -25.45
N GLY K 28 14.13 29.76 -25.29
CA GLY K 28 15.08 28.67 -25.10
C GLY K 28 15.08 28.05 -23.73
N ALA K 29 14.48 28.70 -22.74
CA ALA K 29 14.30 28.10 -21.43
C ALA K 29 13.16 27.09 -21.38
N GLY K 30 12.40 26.96 -22.46
CA GLY K 30 11.27 26.06 -22.53
C GLY K 30 9.93 26.72 -22.35
N TYR K 31 9.90 28.02 -22.14
CA TYR K 31 8.64 28.75 -22.05
C TYR K 31 7.99 28.83 -23.43
N ASP K 32 6.72 28.49 -23.50
CA ASP K 32 6.01 28.48 -24.77
C ASP K 32 5.81 29.91 -25.29
N VAL K 33 5.42 30.01 -26.55
CA VAL K 33 5.23 31.29 -27.22
C VAL K 33 3.78 31.45 -27.64
N HIS K 34 3.15 32.52 -27.17
CA HIS K 34 1.80 32.92 -27.51
C HIS K 34 1.85 34.05 -28.54
N TRP K 35 0.77 34.20 -29.31
CA TRP K 35 0.70 35.27 -30.30
C TRP K 35 -0.59 36.07 -30.16
N TYR K 36 -0.46 37.38 -30.33
CA TYR K 36 -1.52 38.35 -30.20
C TYR K 36 -1.64 39.19 -31.46
N GLN K 37 -2.84 39.64 -31.75
CA GLN K 37 -3.12 40.55 -32.84
C GLN K 37 -3.74 41.82 -32.30
N GLN K 38 -3.44 42.96 -32.92
CA GLN K 38 -4.00 44.24 -32.51
C GLN K 38 -4.29 45.12 -33.73
N LEU K 39 -5.57 45.29 -34.05
CA LEU K 39 -5.97 46.32 -34.98
C LEU K 39 -5.79 47.71 -34.36
N PRO K 40 -5.57 48.73 -35.18
CA PRO K 40 -5.27 50.07 -34.65
C PRO K 40 -6.27 50.56 -33.61
N GLY K 41 -5.75 50.99 -32.46
CA GLY K 41 -6.53 51.50 -31.36
C GLY K 41 -7.37 50.48 -30.62
N THR K 42 -7.42 49.24 -31.08
CA THR K 42 -8.13 48.18 -30.39
C THR K 42 -7.27 47.58 -29.30
N ALA K 43 -7.92 46.89 -28.37
CA ALA K 43 -7.18 46.01 -27.47
C ALA K 43 -6.67 44.80 -28.25
N PRO K 44 -5.54 44.22 -27.84
CA PRO K 44 -5.06 43.01 -28.49
C PRO K 44 -6.05 41.86 -28.40
N LYS K 45 -6.14 41.10 -29.49
CA LYS K 45 -6.88 39.85 -29.56
C LYS K 45 -5.91 38.68 -29.54
N LEU K 46 -6.22 37.66 -28.73
CA LEU K 46 -5.40 36.46 -28.71
C LEU K 46 -5.65 35.62 -29.96
N LEU K 47 -4.59 35.35 -30.72
CA LEU K 47 -4.67 34.47 -31.89
C LEU K 47 -4.15 33.06 -31.64
N ILE K 48 -3.07 32.90 -30.91
CA ILE K 48 -2.51 31.57 -30.63
C ILE K 48 -2.26 31.48 -29.13
N TYR K 49 -3.04 30.65 -28.43
CA TYR K 49 -3.04 30.66 -26.98
C TYR K 49 -1.90 29.85 -26.38
N ASP K 50 -1.21 29.07 -27.20
CA ASP K 50 -0.02 28.33 -26.78
C ASP K 50 0.86 28.23 -28.03
N ASN K 51 1.86 27.37 -28.01
CA ASN K 51 2.35 26.93 -29.31
C ASN K 51 1.20 26.28 -30.08
N ASN K 52 1.09 26.62 -31.36
CA ASN K 52 0.19 25.97 -32.30
C ASN K 52 -1.30 26.21 -32.05
N ASN K 53 -1.72 26.28 -30.79
CA ASN K 53 -3.15 26.18 -30.47
C ASN K 53 -3.89 27.45 -30.83
N ARG K 54 -4.97 27.32 -31.58
CA ARG K 54 -5.83 28.47 -31.88
C ARG K 54 -7.08 28.45 -31.01
N PRO K 55 -7.46 29.57 -30.41
CA PRO K 55 -8.79 29.68 -29.80
C PRO K 55 -9.87 29.78 -30.86
N SER K 56 -11.11 29.67 -30.40
CA SER K 56 -12.27 29.89 -31.26
C SER K 56 -12.28 31.32 -31.78
N GLY K 57 -12.76 31.48 -33.01
CA GLY K 57 -12.77 32.78 -33.66
C GLY K 57 -11.47 33.16 -34.31
N VAL K 58 -10.60 32.19 -34.58
CA VAL K 58 -9.33 32.40 -35.28
C VAL K 58 -9.26 31.43 -36.45
N PRO K 59 -9.51 31.90 -37.68
CA PRO K 59 -9.62 30.98 -38.80
C PRO K 59 -8.37 30.14 -39.03
N ASP K 60 -8.59 28.97 -39.63
CA ASP K 60 -7.59 27.92 -39.77
C ASP K 60 -6.39 28.36 -40.60
N ARG K 61 -6.48 29.50 -41.27
CA ARG K 61 -5.38 30.06 -42.05
C ARG K 61 -4.29 30.70 -41.19
N PHE K 62 -4.58 31.05 -39.95
CA PHE K 62 -3.52 31.35 -38.99
C PHE K 62 -2.87 30.07 -38.50
N SER K 63 -1.54 30.10 -38.36
CA SER K 63 -0.77 28.96 -37.89
C SER K 63 0.47 29.49 -37.18
N ALA K 64 0.98 28.70 -36.24
CA ALA K 64 2.15 29.11 -35.49
C ALA K 64 2.98 27.90 -35.10
N SER K 65 4.25 28.14 -34.77
CA SER K 65 5.13 27.07 -34.36
C SER K 65 6.20 27.64 -33.43
N LYS K 66 6.82 26.74 -32.67
CA LYS K 66 7.95 27.03 -31.82
C LYS K 66 9.08 26.07 -32.15
N SER K 67 10.32 26.55 -32.12
CA SER K 67 11.44 25.72 -32.56
C SER K 67 12.70 26.21 -31.85
N GLY K 68 12.96 25.64 -30.68
CA GLY K 68 14.09 26.05 -29.88
C GLY K 68 13.98 27.46 -29.36
N THR K 69 14.95 28.30 -29.72
CA THR K 69 14.99 29.69 -29.30
C THR K 69 14.09 30.61 -30.11
N SER K 70 13.37 30.08 -31.11
CA SER K 70 12.60 30.94 -32.00
C SER K 70 11.22 30.36 -32.23
N ALA K 71 10.33 31.20 -32.75
CA ALA K 71 8.95 30.85 -33.03
C ALA K 71 8.50 31.60 -34.27
N SER K 72 7.37 31.17 -34.84
CA SER K 72 6.88 31.82 -36.05
C SER K 72 5.36 31.81 -36.09
N LEU K 73 4.81 32.80 -36.79
CA LEU K 73 3.39 32.86 -37.14
C LEU K 73 3.28 33.04 -38.65
N ALA K 74 2.48 32.20 -39.31
CA ALA K 74 2.23 32.34 -40.74
C ALA K 74 0.76 32.57 -41.01
N ILE K 75 0.44 33.69 -41.65
CA ILE K 75 -0.90 33.99 -42.13
C ILE K 75 -1.00 33.54 -43.59
N THR K 76 -1.61 32.37 -43.82
CA THR K 76 -1.96 31.99 -45.18
C THR K 76 -3.25 32.71 -45.60
N GLY K 77 -3.41 32.85 -46.91
CA GLY K 77 -4.58 33.51 -47.45
C GLY K 77 -4.80 34.90 -46.91
N LEU K 78 -3.72 35.69 -46.90
CA LEU K 78 -3.72 37.02 -46.32
C LEU K 78 -4.85 37.88 -46.87
N GLN K 79 -5.56 38.55 -45.96
CA GLN K 79 -6.80 39.26 -46.30
C GLN K 79 -6.80 40.61 -45.60
N ALA K 80 -7.64 41.51 -46.11
CA ALA K 80 -7.61 42.90 -45.66
C ALA K 80 -7.89 43.07 -44.17
N GLU K 81 -8.66 42.16 -43.58
CA GLU K 81 -8.90 42.16 -42.14
C GLU K 81 -7.66 41.80 -41.31
N ASP K 82 -6.61 41.27 -41.93
CA ASP K 82 -5.39 40.90 -41.23
C ASP K 82 -4.41 42.05 -41.04
N GLU K 83 -4.69 43.23 -41.58
CA GLU K 83 -3.71 44.32 -41.58
C GLU K 83 -3.57 44.94 -40.18
N ALA K 84 -2.88 44.23 -39.29
CA ALA K 84 -2.88 44.54 -37.86
C ALA K 84 -1.44 44.43 -37.35
N ASP K 85 -1.20 44.93 -36.15
CA ASP K 85 -0.01 44.52 -35.41
C ASP K 85 -0.14 43.08 -34.92
N TYR K 86 1.01 42.41 -34.81
CA TYR K 86 1.09 41.10 -34.19
C TYR K 86 2.26 41.05 -33.22
N TYR K 87 2.04 40.47 -32.05
CA TYR K 87 3.07 40.36 -31.01
C TYR K 87 3.19 38.91 -30.55
N CYS K 88 4.41 38.39 -30.53
CA CYS K 88 4.67 37.16 -29.78
C CYS K 88 4.88 37.49 -28.31
N GLN K 89 4.57 36.52 -27.47
CA GLN K 89 4.77 36.63 -26.03
C GLN K 89 5.32 35.32 -25.49
N SER K 90 6.24 35.44 -24.53
CA SER K 90 6.69 34.29 -23.77
C SER K 90 6.93 34.75 -22.33
N TYR K 91 7.75 34.00 -21.61
CA TYR K 91 8.13 34.32 -20.25
C TYR K 91 9.64 34.20 -20.17
N ASP K 92 10.28 35.13 -19.46
CA ASP K 92 11.72 35.12 -19.28
C ASP K 92 12.06 34.78 -17.83
N ARG K 93 12.99 33.84 -17.67
CA ARG K 93 13.35 33.36 -16.34
C ARG K 93 13.77 34.48 -15.40
N SER K 94 14.28 35.58 -15.95
CA SER K 94 14.63 36.75 -15.16
C SER K 94 13.67 37.91 -15.33
N LEU K 95 13.29 38.24 -16.57
CA LEU K 95 12.47 39.40 -16.86
C LEU K 95 10.97 39.14 -16.76
N SER K 96 10.57 37.92 -16.39
CA SER K 96 9.16 37.50 -16.32
C SER K 96 8.54 37.66 -17.71
N GLY K 97 7.27 38.04 -17.81
CA GLY K 97 6.59 38.15 -19.09
C GLY K 97 7.24 39.07 -20.10
N VAL K 98 7.61 38.53 -21.26
CA VAL K 98 8.29 39.28 -22.31
C VAL K 98 7.43 39.25 -23.57
N PHE K 99 7.10 40.43 -24.08
CA PHE K 99 6.53 40.55 -25.42
C PHE K 99 7.63 40.83 -26.44
N GLY K 100 7.39 40.38 -27.66
CA GLY K 100 8.24 40.78 -28.77
C GLY K 100 8.05 42.23 -29.17
N THR K 101 8.93 42.68 -30.07
CA THR K 101 8.93 44.05 -30.57
C THR K 101 7.76 44.36 -31.50
N GLY K 102 6.95 43.37 -31.88
CA GLY K 102 5.77 43.61 -32.70
C GLY K 102 5.98 43.76 -34.19
N THR K 103 5.00 43.34 -34.98
CA THR K 103 5.09 43.37 -36.44
C THR K 103 3.79 43.90 -37.03
N LYS K 104 3.88 44.91 -37.89
CA LYS K 104 2.75 45.37 -38.68
C LYS K 104 2.67 44.56 -39.97
N VAL K 105 1.61 43.77 -40.12
CA VAL K 105 1.28 43.18 -41.42
C VAL K 105 0.62 44.23 -42.29
N THR K 106 1.16 44.42 -43.50
CA THR K 106 0.69 45.43 -44.42
C THR K 106 0.17 44.75 -45.68
N VAL K 107 -1.06 45.09 -46.06
CA VAL K 107 -1.74 44.40 -47.15
C VAL K 107 -2.11 45.40 -48.23
N ASP L 1 -1.17 -52.16 -4.46
CA ASP L 1 -0.60 -52.82 -3.29
C ASP L 1 0.74 -53.46 -3.64
N ILE L 2 1.78 -53.12 -2.88
CA ILE L 2 3.07 -53.81 -2.99
C ILE L 2 2.97 -55.13 -2.23
N GLN L 3 2.91 -56.24 -2.96
CA GLN L 3 3.00 -57.55 -2.34
C GLN L 3 4.40 -57.76 -1.77
N MET L 4 4.48 -58.15 -0.50
CA MET L 4 5.75 -58.37 0.18
C MET L 4 5.94 -59.84 0.49
N THR L 5 7.15 -60.35 0.25
CA THR L 5 7.44 -61.77 0.40
C THR L 5 8.77 -61.94 1.12
N GLN L 6 8.82 -62.91 2.02
CA GLN L 6 9.92 -63.03 2.97
C GLN L 6 10.29 -64.50 3.13
N SER L 7 11.60 -64.77 3.22
CA SER L 7 12.09 -66.15 3.27
C SER L 7 13.35 -66.21 4.11
N PRO L 8 13.65 -67.35 4.75
CA PRO L 8 12.75 -68.49 4.95
C PRO L 8 11.66 -68.20 5.97
N SER L 9 10.67 -69.09 6.10
CA SER L 9 9.62 -68.88 7.08
C SER L 9 10.12 -69.06 8.51
N THR L 10 11.02 -70.01 8.74
CA THR L 10 11.78 -70.10 9.98
C THR L 10 13.22 -70.50 9.67
N LEU L 11 14.11 -70.22 10.64
CA LEU L 11 15.55 -70.29 10.40
C LEU L 11 16.22 -70.77 11.69
N SER L 12 16.63 -72.04 11.70
CA SER L 12 17.34 -72.60 12.84
C SER L 12 18.75 -72.03 12.94
N ALA L 13 19.16 -71.71 14.16
CA ALA L 13 20.44 -71.05 14.38
C ALA L 13 20.97 -71.38 15.76
N SER L 14 22.25 -71.09 15.96
CA SER L 14 22.91 -71.27 17.26
C SER L 14 23.75 -70.03 17.55
N VAL L 15 24.02 -69.82 18.84
CA VAL L 15 24.78 -68.65 19.28
C VAL L 15 26.13 -68.61 18.59
N GLY L 16 26.40 -67.51 17.88
CA GLY L 16 27.59 -67.33 17.08
C GLY L 16 27.39 -67.53 15.59
N ASP L 17 26.36 -68.25 15.18
CA ASP L 17 26.12 -68.49 13.76
C ASP L 17 25.66 -67.21 13.05
N ARG L 18 25.86 -67.18 11.74
CA ARG L 18 25.51 -66.03 10.90
C ARG L 18 24.12 -66.22 10.29
N VAL L 19 23.11 -65.66 10.94
CA VAL L 19 21.76 -65.59 10.37
C VAL L 19 21.73 -64.57 9.25
N THR L 20 21.09 -64.94 8.13
CA THR L 20 20.75 -63.98 7.08
C THR L 20 19.38 -64.27 6.49
N ILE L 21 18.62 -63.19 6.26
CA ILE L 21 17.18 -63.23 6.04
C ILE L 21 16.87 -62.36 4.82
N THR L 22 15.92 -62.79 3.99
CA THR L 22 15.63 -62.12 2.72
C THR L 22 14.18 -61.65 2.66
N CYS L 23 13.97 -60.48 2.03
CA CYS L 23 12.65 -59.94 1.73
C CYS L 23 12.63 -59.41 0.30
N ARG L 24 11.53 -59.66 -0.42
CA ARG L 24 11.39 -59.23 -1.81
C ARG L 24 9.99 -58.69 -2.06
N ALA L 25 9.88 -57.75 -3.00
CA ALA L 25 8.68 -56.99 -3.24
C ALA L 25 8.28 -57.04 -4.70
N SER L 26 7.06 -56.60 -5.00
CA SER L 26 6.54 -56.57 -6.36
C SER L 26 6.99 -55.36 -7.18
N GLN L 27 7.59 -54.35 -6.56
CA GLN L 27 8.15 -53.23 -7.30
C GLN L 27 9.45 -52.79 -6.64
N SER L 28 10.23 -52.02 -7.40
CA SER L 28 11.43 -51.41 -6.84
C SER L 28 11.03 -50.33 -5.84
N ILE L 29 11.23 -50.63 -4.55
CA ILE L 29 10.89 -49.70 -3.49
C ILE L 29 12.11 -48.89 -3.06
N ASN L 30 13.12 -48.80 -3.92
CA ASN L 30 14.41 -48.15 -3.64
C ASN L 30 14.97 -48.69 -2.32
N THR L 31 15.41 -47.83 -1.40
CA THR L 31 15.82 -48.24 -0.07
C THR L 31 14.74 -48.09 0.99
N TRP L 32 13.50 -47.79 0.59
CA TRP L 32 12.44 -47.50 1.53
C TRP L 32 11.90 -48.79 2.17
N LEU L 33 12.79 -49.57 2.78
CA LEU L 33 12.42 -50.78 3.50
C LEU L 33 13.01 -50.78 4.90
N ALA L 34 12.14 -50.89 5.90
CA ALA L 34 12.52 -51.06 7.30
C ALA L 34 12.47 -52.54 7.71
N TRP L 35 13.27 -52.87 8.73
CA TRP L 35 13.25 -54.17 9.38
C TRP L 35 12.92 -54.02 10.86
N TYR L 36 12.01 -54.88 11.34
CA TYR L 36 11.57 -54.88 12.73
C TYR L 36 11.83 -56.26 13.35
N GLN L 37 12.14 -56.25 14.64
CA GLN L 37 12.24 -57.46 15.43
C GLN L 37 11.06 -57.53 16.40
N GLN L 38 10.39 -58.67 16.45
CA GLN L 38 9.37 -58.92 17.46
C GLN L 38 9.70 -60.16 18.27
N LYS L 39 9.88 -59.97 19.58
CA LYS L 39 9.79 -61.04 20.55
C LYS L 39 8.32 -61.38 20.81
N PRO L 40 8.01 -62.65 21.07
CA PRO L 40 6.60 -63.08 21.10
C PRO L 40 5.75 -62.29 22.08
N GLY L 41 4.64 -61.76 21.59
CA GLY L 41 3.71 -60.96 22.37
C GLY L 41 4.18 -59.55 22.69
N LYS L 42 5.48 -59.28 22.56
CA LYS L 42 6.00 -57.95 22.78
C LYS L 42 5.76 -57.07 21.56
N ALA L 43 5.83 -55.76 21.77
CA ALA L 43 5.76 -54.82 20.65
C ALA L 43 7.00 -54.93 19.78
N PRO L 44 6.84 -54.83 18.46
CA PRO L 44 8.00 -54.83 17.56
C PRO L 44 8.96 -53.68 17.84
N LYS L 45 10.20 -53.87 17.41
CA LYS L 45 11.28 -52.92 17.64
C LYS L 45 12.04 -52.71 16.33
N LEU L 46 12.27 -51.44 15.98
CA LEU L 46 12.90 -51.09 14.72
C LEU L 46 14.40 -51.36 14.76
N LEU L 47 14.87 -52.24 13.89
CA LEU L 47 16.31 -52.48 13.76
C LEU L 47 16.94 -51.58 12.71
N ILE L 48 16.45 -51.63 11.49
CA ILE L 48 17.11 -50.96 10.36
C ILE L 48 16.07 -50.14 9.62
N TYR L 49 16.37 -48.86 9.38
CA TYR L 49 15.32 -47.91 9.02
C TYR L 49 15.24 -47.68 7.52
N GLU L 50 16.23 -47.04 6.91
CA GLU L 50 16.47 -47.33 5.50
C GLU L 50 17.25 -48.63 5.39
N ALA L 51 17.19 -49.23 4.19
CA ALA L 51 17.53 -50.63 4.02
C ALA L 51 18.87 -51.05 4.63
N SER L 52 19.79 -50.11 4.86
CA SER L 52 21.06 -50.43 5.49
C SER L 52 21.37 -49.64 6.75
N SER L 53 20.63 -48.59 7.07
CA SER L 53 20.97 -47.68 8.16
C SER L 53 20.46 -48.22 9.49
N LEU L 54 21.39 -48.67 10.33
CA LEU L 54 21.07 -49.23 11.63
C LEU L 54 20.54 -48.18 12.59
N GLU L 55 19.48 -48.52 13.31
CA GLU L 55 18.93 -47.64 14.33
C GLU L 55 19.95 -47.36 15.43
N ARG L 56 19.85 -46.15 16.01
CA ARG L 56 20.79 -45.70 17.03
C ARG L 56 20.83 -46.64 18.23
N GLY L 57 19.68 -47.12 18.65
CA GLY L 57 19.51 -47.87 19.87
C GLY L 57 19.61 -49.38 19.80
N VAL L 58 20.11 -49.96 18.72
CA VAL L 58 20.05 -51.42 18.55
C VAL L 58 21.46 -51.97 18.33
N PRO L 59 21.66 -53.25 18.63
CA PRO L 59 23.00 -53.85 18.59
C PRO L 59 23.62 -53.83 17.20
N SER L 60 24.89 -53.42 17.14
CA SER L 60 25.64 -53.27 15.89
C SER L 60 25.90 -54.59 15.16
N ARG L 61 25.61 -55.73 15.77
CA ARG L 61 25.75 -57.01 15.06
C ARG L 61 24.74 -57.18 13.94
N PHE L 62 23.60 -56.50 14.01
CA PHE L 62 22.66 -56.52 12.90
C PHE L 62 23.15 -55.67 11.74
N SER L 63 22.82 -56.11 10.53
CA SER L 63 23.17 -55.37 9.31
C SER L 63 22.10 -55.60 8.25
N GLY L 64 21.95 -54.62 7.37
CA GLY L 64 20.98 -54.72 6.29
C GLY L 64 21.62 -54.38 4.96
N SER L 65 21.20 -55.10 3.93
CA SER L 65 21.79 -54.92 2.61
C SER L 65 20.79 -55.24 1.51
N GLY L 66 20.94 -54.57 0.38
CA GLY L 66 20.08 -54.69 -0.78
C GLY L 66 19.31 -53.42 -1.07
N SER L 67 18.86 -53.32 -2.32
CA SER L 67 18.12 -52.17 -2.81
C SER L 67 17.17 -52.61 -3.91
N GLY L 68 16.08 -51.85 -4.07
CA GLY L 68 15.15 -52.08 -5.15
C GLY L 68 14.12 -53.15 -4.89
N THR L 69 14.26 -54.29 -5.57
CA THR L 69 13.28 -55.36 -5.50
C THR L 69 13.54 -56.34 -4.37
N GLY L 70 14.79 -56.50 -3.97
CA GLY L 70 15.16 -57.51 -3.01
C GLY L 70 16.14 -56.97 -1.97
N PHE L 71 16.01 -57.49 -0.75
CA PHE L 71 16.67 -56.94 0.42
C PHE L 71 17.06 -58.10 1.33
N THR L 72 17.98 -57.82 2.25
CA THR L 72 18.39 -58.82 3.23
C THR L 72 18.62 -58.17 4.59
N LEU L 73 18.41 -58.96 5.64
CA LEU L 73 18.90 -58.67 6.98
C LEU L 73 19.88 -59.75 7.41
N THR L 74 20.94 -59.33 8.09
CA THR L 74 21.99 -60.25 8.53
C THR L 74 22.35 -59.97 9.99
N ILE L 75 22.60 -61.03 10.74
CA ILE L 75 23.13 -60.95 12.10
C ILE L 75 24.54 -61.55 12.07
N SER L 76 25.56 -60.69 12.20
CA SER L 76 26.92 -61.12 11.95
C SER L 76 27.45 -62.08 13.01
N SER L 77 26.86 -62.10 14.20
CA SER L 77 27.10 -63.16 15.17
C SER L 77 25.89 -63.23 16.08
N LEU L 78 25.06 -64.26 15.89
CA LEU L 78 23.83 -64.37 16.66
C LEU L 78 24.12 -64.59 18.14
N GLN L 79 23.40 -63.87 18.98
CA GLN L 79 23.44 -63.97 20.43
C GLN L 79 22.09 -64.46 20.94
N PRO L 80 22.04 -65.02 22.14
CA PRO L 80 20.77 -65.59 22.64
C PRO L 80 19.66 -64.56 22.79
N ASP L 81 19.99 -63.26 22.81
CA ASP L 81 18.99 -62.20 22.77
C ASP L 81 18.24 -62.11 21.46
N ASP L 82 18.82 -62.59 20.36
CA ASP L 82 18.34 -62.31 19.01
C ASP L 82 17.27 -63.27 18.50
N PHE L 83 17.01 -64.40 19.16
CA PHE L 83 15.99 -65.33 18.70
C PHE L 83 14.60 -64.70 18.79
N ALA L 84 14.01 -64.39 17.62
CA ALA L 84 12.82 -63.55 17.56
C ALA L 84 12.17 -63.73 16.19
N THR L 85 10.97 -63.19 16.05
CA THR L 85 10.35 -62.96 14.75
C THR L 85 10.87 -61.66 14.14
N TYR L 86 10.97 -61.64 12.80
CA TYR L 86 11.42 -60.45 12.09
C TYR L 86 10.50 -60.12 10.93
N PHE L 87 10.26 -58.83 10.71
CA PHE L 87 9.41 -58.33 9.64
C PHE L 87 10.16 -57.28 8.84
N CYS L 88 10.05 -57.35 7.52
CA CYS L 88 10.32 -56.19 6.67
C CYS L 88 9.06 -55.37 6.48
N GLN L 89 9.24 -54.06 6.28
CA GLN L 89 8.18 -53.15 5.89
C GLN L 89 8.62 -52.30 4.71
N GLN L 90 7.81 -52.26 3.66
CA GLN L 90 7.99 -51.22 2.66
C GLN L 90 7.26 -49.96 3.11
N TYR L 91 7.81 -48.81 2.76
CA TYR L 91 7.11 -47.54 2.95
C TYR L 91 7.18 -46.66 1.72
N ASN L 92 7.17 -47.25 0.52
CA ASN L 92 7.04 -46.46 -0.70
C ASN L 92 5.60 -46.16 -1.08
N THR L 93 4.64 -46.87 -0.49
CA THR L 93 3.24 -46.76 -0.86
C THR L 93 2.39 -46.77 0.40
N TYR L 94 1.16 -46.35 0.26
CA TYR L 94 0.11 -46.73 1.19
C TYR L 94 -0.85 -47.70 0.54
N PRO L 95 -1.21 -48.81 1.21
CA PRO L 95 -0.88 -49.14 2.60
C PRO L 95 0.57 -49.54 2.87
N ARG L 96 1.00 -49.35 4.11
CA ARG L 96 2.28 -49.86 4.59
C ARG L 96 2.20 -51.39 4.74
N THR L 97 2.54 -52.12 3.69
CA THR L 97 2.54 -53.57 3.75
C THR L 97 3.77 -54.11 4.46
N PHE L 98 3.58 -55.23 5.17
CA PHE L 98 4.64 -55.87 5.92
C PHE L 98 4.88 -57.27 5.37
N GLY L 99 6.12 -57.75 5.48
CA GLY L 99 6.38 -59.15 5.24
C GLY L 99 5.65 -60.05 6.21
N GLN L 100 5.38 -61.28 5.77
CA GLN L 100 4.67 -62.24 6.61
C GLN L 100 5.44 -62.63 7.87
N GLY L 101 6.72 -62.34 7.94
CA GLY L 101 7.55 -62.62 9.10
C GLY L 101 8.42 -63.86 8.91
N THR L 102 9.53 -63.90 9.65
CA THR L 102 10.36 -65.08 9.80
C THR L 102 10.75 -65.25 11.25
N LYS L 103 10.73 -66.49 11.75
CA LYS L 103 11.12 -66.77 13.13
C LYS L 103 12.49 -67.42 13.15
N VAL L 104 13.45 -66.76 13.79
CA VAL L 104 14.75 -67.36 14.08
C VAL L 104 14.63 -68.21 15.34
N GLU L 105 15.07 -69.46 15.26
CA GLU L 105 14.81 -70.46 16.28
C GLU L 105 16.09 -71.21 16.59
N ILE L 106 16.15 -71.77 17.81
CA ILE L 106 17.34 -72.46 18.27
C ILE L 106 17.49 -73.80 17.55
N LYS L 107 18.68 -74.01 17.00
CA LYS L 107 19.07 -75.31 16.43
C LYS L 107 19.22 -76.35 17.54
N VAL M 1 10.38 -44.35 -19.90
CA VAL M 1 9.17 -44.86 -20.54
C VAL M 1 8.23 -45.42 -19.50
N VAL M 2 7.08 -44.77 -19.34
CA VAL M 2 6.05 -45.26 -18.44
C VAL M 2 5.59 -46.65 -18.87
N THR M 3 5.44 -47.53 -17.90
CA THR M 3 5.37 -48.97 -18.12
C THR M 3 4.17 -49.57 -17.38
N GLN M 4 3.56 -50.60 -17.96
CA GLN M 4 2.36 -51.21 -17.40
C GLN M 4 2.39 -52.70 -17.66
N PRO M 5 1.71 -53.50 -16.84
CA PRO M 5 1.57 -54.93 -17.13
C PRO M 5 0.71 -55.18 -18.35
N PRO M 6 1.13 -56.09 -19.23
CA PRO M 6 0.38 -56.31 -20.48
C PRO M 6 -1.07 -56.71 -20.29
N SER M 7 -1.37 -57.54 -19.29
CA SER M 7 -2.76 -57.89 -19.04
C SER M 7 -2.96 -58.26 -17.57
N VAL M 8 -4.22 -58.20 -17.14
CA VAL M 8 -4.66 -58.67 -15.84
C VAL M 8 -5.99 -59.37 -16.03
N SER M 9 -6.34 -60.25 -15.09
CA SER M 9 -7.64 -60.90 -15.15
C SER M 9 -8.16 -61.15 -13.74
N GLY M 10 -9.47 -61.31 -13.65
CA GLY M 10 -10.13 -61.66 -12.40
C GLY M 10 -11.54 -62.13 -12.67
N ALA M 11 -12.08 -62.88 -11.72
CA ALA M 11 -13.47 -63.26 -11.81
C ALA M 11 -14.37 -62.04 -11.66
N PRO M 12 -15.58 -62.08 -12.21
CA PRO M 12 -16.55 -61.01 -11.94
C PRO M 12 -16.71 -60.75 -10.45
N GLY M 13 -16.78 -59.46 -10.09
CA GLY M 13 -16.89 -59.04 -8.72
C GLY M 13 -15.59 -59.03 -7.94
N GLN M 14 -14.52 -59.59 -8.48
CA GLN M 14 -13.21 -59.44 -7.84
C GLN M 14 -12.66 -58.03 -8.06
N ARG M 15 -11.57 -57.75 -7.36
CA ARG M 15 -10.80 -56.52 -7.51
C ARG M 15 -9.53 -56.82 -8.31
N VAL M 16 -9.35 -56.11 -9.42
CA VAL M 16 -8.13 -56.15 -10.22
C VAL M 16 -7.45 -54.79 -10.19
N THR M 17 -6.15 -54.79 -9.87
CA THR M 17 -5.36 -53.56 -9.80
C THR M 17 -4.34 -53.54 -10.93
N ILE M 18 -4.29 -52.42 -11.64
CA ILE M 18 -3.34 -52.18 -12.74
C ILE M 18 -2.25 -51.26 -12.22
N SER M 19 -1.01 -51.73 -12.24
CA SER M 19 0.12 -50.88 -11.86
C SER M 19 0.59 -50.03 -13.04
N CYS M 20 1.15 -48.88 -12.70
CA CYS M 20 1.80 -47.97 -13.65
C CYS M 20 3.08 -47.48 -13.01
N THR M 21 4.20 -47.53 -13.73
CA THR M 21 5.49 -47.15 -13.19
C THR M 21 6.17 -46.14 -14.11
N GLY M 22 6.96 -45.26 -13.49
CA GLY M 22 7.59 -44.16 -14.20
C GLY M 22 9.02 -43.90 -13.79
N SER M 23 9.45 -42.65 -13.93
CA SER M 23 10.84 -42.29 -13.71
C SER M 23 10.92 -40.86 -13.16
N SER M 24 12.12 -40.51 -12.72
CA SER M 24 12.40 -39.17 -12.22
C SER M 24 11.86 -38.05 -13.10
N SER M 25 11.74 -38.28 -14.41
CA SER M 25 11.32 -37.22 -15.33
C SER M 25 9.81 -37.11 -15.52
N ASN M 26 9.01 -38.09 -15.11
CA ASN M 26 7.58 -37.98 -15.30
C ASN M 26 6.88 -38.06 -13.94
N ILE M 27 6.41 -39.24 -13.53
CA ILE M 27 5.65 -39.37 -12.29
C ILE M 27 6.49 -38.97 -11.09
N GLY M 28 7.80 -39.24 -11.12
CA GLY M 28 8.70 -38.78 -10.08
C GLY M 28 8.96 -37.30 -10.08
N ALA M 29 8.76 -36.63 -11.22
CA ALA M 29 8.81 -35.17 -11.29
C ALA M 29 7.52 -34.51 -10.82
N GLY M 30 6.60 -35.28 -10.25
CA GLY M 30 5.36 -34.72 -9.74
C GLY M 30 4.30 -34.45 -10.78
N TYR M 31 4.53 -34.85 -12.03
CA TYR M 31 3.47 -34.81 -13.02
C TYR M 31 2.40 -35.83 -12.65
N ASP M 32 1.16 -35.40 -12.59
CA ASP M 32 0.07 -36.28 -12.20
C ASP M 32 -0.15 -37.37 -13.23
N VAL M 33 -0.87 -38.41 -12.83
CA VAL M 33 -1.21 -39.54 -13.69
C VAL M 33 -2.68 -39.51 -14.02
N HIS M 34 -3.00 -39.75 -15.29
CA HIS M 34 -4.36 -39.85 -15.79
C HIS M 34 -4.56 -41.25 -16.36
N TRP M 35 -5.78 -41.76 -16.27
CA TRP M 35 -6.10 -43.09 -16.75
C TRP M 35 -7.19 -43.05 -17.80
N TYR M 36 -7.00 -43.84 -18.84
CA TYR M 36 -7.91 -43.96 -19.97
C TYR M 36 -8.35 -45.40 -20.14
N GLN M 37 -9.56 -45.57 -20.67
CA GLN M 37 -10.10 -46.87 -21.03
C GLN M 37 -10.38 -46.89 -22.52
N GLN M 38 -10.12 -48.03 -23.16
CA GLN M 38 -10.43 -48.21 -24.58
C GLN M 38 -11.07 -49.58 -24.79
N LEU M 39 -12.35 -49.58 -25.12
CA LEU M 39 -12.98 -50.79 -25.64
C LEU M 39 -12.49 -51.06 -27.07
N PRO M 40 -12.49 -52.33 -27.49
CA PRO M 40 -11.94 -52.67 -28.82
C PRO M 40 -12.45 -51.80 -29.95
N GLY M 41 -11.53 -51.19 -30.68
CA GLY M 41 -11.82 -50.34 -31.82
C GLY M 41 -12.46 -49.01 -31.48
N THR M 42 -12.80 -48.76 -30.23
CA THR M 42 -13.42 -47.50 -29.82
C THR M 42 -12.35 -46.44 -29.56
N ALA M 43 -12.78 -45.18 -29.58
CA ALA M 43 -11.93 -44.12 -29.08
C ALA M 43 -11.76 -44.25 -27.57
N PRO M 44 -10.59 -43.91 -27.04
CA PRO M 44 -10.39 -43.95 -25.59
C PRO M 44 -11.36 -43.05 -24.82
N LYS M 45 -11.75 -43.53 -23.65
CA LYS M 45 -12.58 -42.81 -22.69
C LYS M 45 -11.74 -42.44 -21.48
N LEU M 46 -11.79 -41.18 -21.07
CA LEU M 46 -11.14 -40.77 -19.83
C LEU M 46 -11.86 -41.38 -18.64
N LEU M 47 -11.11 -42.13 -17.81
CA LEU M 47 -11.64 -42.64 -16.55
C LEU M 47 -11.16 -41.90 -15.31
N ILE M 48 -9.91 -41.45 -15.28
CA ILE M 48 -9.39 -40.69 -14.16
C ILE M 48 -8.57 -39.53 -14.67
N TYR M 49 -8.78 -38.35 -14.09
CA TYR M 49 -7.85 -37.25 -14.22
C TYR M 49 -7.20 -36.92 -12.88
N ASP M 50 -5.96 -36.48 -12.94
CA ASP M 50 -5.18 -35.93 -11.83
C ASP M 50 -5.18 -36.86 -10.61
N ASN M 51 -4.55 -38.01 -10.86
CA ASN M 51 -4.32 -39.11 -9.93
C ASN M 51 -5.56 -39.90 -9.52
N ASN M 52 -6.68 -39.24 -9.25
CA ASN M 52 -7.75 -39.97 -8.58
C ASN M 52 -9.16 -39.45 -8.80
N ASN M 53 -9.35 -38.41 -9.61
CA ASN M 53 -10.68 -37.85 -9.83
C ASN M 53 -11.41 -38.59 -10.95
N ARG M 54 -12.58 -39.12 -10.65
CA ARG M 54 -13.47 -39.60 -11.69
C ARG M 54 -14.19 -38.45 -12.39
N PRO M 55 -14.30 -38.50 -13.71
CA PRO M 55 -15.35 -37.73 -14.40
C PRO M 55 -16.73 -38.20 -14.00
N SER M 56 -17.73 -37.46 -14.47
CA SER M 56 -19.09 -37.96 -14.48
C SER M 56 -19.23 -39.09 -15.49
N GLY M 57 -20.10 -40.05 -15.18
CA GLY M 57 -20.29 -41.19 -16.04
C GLY M 57 -19.21 -42.24 -15.96
N VAL M 58 -18.42 -42.23 -14.89
CA VAL M 58 -17.45 -43.28 -14.59
C VAL M 58 -17.84 -43.90 -13.25
N PRO M 59 -18.17 -45.20 -13.21
CA PRO M 59 -18.63 -45.80 -11.96
C PRO M 59 -17.63 -45.67 -10.83
N ASP M 60 -18.18 -45.54 -9.62
CA ASP M 60 -17.40 -45.27 -8.41
C ASP M 60 -16.51 -46.45 -8.02
N ARG M 61 -16.69 -47.59 -8.67
CA ARG M 61 -15.85 -48.77 -8.48
C ARG M 61 -14.50 -48.67 -9.17
N PHE M 62 -14.34 -47.77 -10.13
CA PHE M 62 -13.02 -47.36 -10.60
C PHE M 62 -12.36 -46.43 -9.61
N SER M 63 -11.10 -46.71 -9.28
CA SER M 63 -10.37 -45.96 -8.27
C SER M 63 -8.90 -45.96 -8.64
N ALA M 64 -8.20 -44.88 -8.27
CA ALA M 64 -6.82 -44.72 -8.70
C ALA M 64 -6.03 -43.99 -7.63
N SER M 65 -4.70 -44.05 -7.76
CA SER M 65 -3.79 -43.41 -6.82
C SER M 65 -2.46 -43.15 -7.51
N LYS M 66 -1.69 -42.24 -6.92
CA LYS M 66 -0.32 -41.97 -7.31
C LYS M 66 0.57 -42.03 -6.07
N SER M 67 1.77 -42.61 -6.22
CA SER M 67 2.65 -42.80 -5.07
C SER M 67 4.11 -42.78 -5.52
N GLY M 68 4.68 -41.59 -5.52
CA GLY M 68 6.04 -41.42 -6.01
C GLY M 68 6.17 -41.70 -7.49
N THR M 69 7.11 -42.57 -7.83
CA THR M 69 7.40 -42.93 -9.21
C THR M 69 6.36 -43.85 -9.82
N SER M 70 5.31 -44.22 -9.09
CA SER M 70 4.34 -45.20 -9.56
C SER M 70 2.92 -44.70 -9.30
N ALA M 71 1.97 -45.34 -9.99
CA ALA M 71 0.55 -45.08 -9.82
C ALA M 71 -0.19 -46.39 -9.97
N SER M 72 -1.47 -46.40 -9.58
CA SER M 72 -2.26 -47.60 -9.71
C SER M 72 -3.71 -47.28 -10.02
N LEU M 73 -4.39 -48.22 -10.69
CA LEU M 73 -5.82 -48.19 -10.92
C LEU M 73 -6.40 -49.51 -10.45
N ALA M 74 -7.41 -49.45 -9.57
CA ALA M 74 -8.11 -50.64 -9.11
C ALA M 74 -9.54 -50.64 -9.60
N ILE M 75 -9.90 -51.65 -10.40
CA ILE M 75 -11.28 -51.89 -10.81
C ILE M 75 -11.90 -52.85 -9.81
N THR M 76 -12.61 -52.31 -8.82
CA THR M 76 -13.39 -53.13 -7.91
C THR M 76 -14.68 -53.56 -8.59
N GLY M 77 -15.24 -54.68 -8.12
CA GLY M 77 -16.48 -55.19 -8.67
C GLY M 77 -16.42 -55.44 -10.16
N LEU M 78 -15.33 -56.04 -10.63
CA LEU M 78 -15.05 -56.23 -12.05
C LEU M 78 -16.24 -56.83 -12.78
N GLN M 79 -16.60 -56.23 -13.91
CA GLN M 79 -17.81 -56.58 -14.65
C GLN M 79 -17.49 -56.63 -16.13
N ALA M 80 -18.39 -57.26 -16.89
CA ALA M 80 -18.12 -57.58 -18.28
C ALA M 80 -17.82 -56.36 -19.15
N GLU M 81 -18.43 -55.21 -18.83
CA GLU M 81 -18.13 -53.96 -19.53
C GLU M 81 -16.73 -53.43 -19.28
N ASP M 82 -16.01 -53.95 -18.30
CA ASP M 82 -14.64 -53.52 -18.00
C ASP M 82 -13.58 -54.21 -18.84
N GLU M 83 -13.96 -55.14 -19.72
CA GLU M 83 -12.99 -55.90 -20.52
C GLU M 83 -12.42 -55.02 -21.62
N ALA M 84 -11.46 -54.17 -21.25
CA ALA M 84 -10.98 -53.08 -22.09
C ALA M 84 -9.47 -52.94 -21.90
N ASP M 85 -8.84 -52.22 -22.81
CA ASP M 85 -7.50 -51.71 -22.56
C ASP M 85 -7.54 -50.48 -21.65
N TYR M 86 -6.56 -50.40 -20.75
CA TYR M 86 -6.40 -49.27 -19.85
C TYR M 86 -4.98 -48.72 -19.95
N TYR M 87 -4.86 -47.39 -20.10
CA TYR M 87 -3.57 -46.73 -20.22
C TYR M 87 -3.44 -45.65 -19.15
N CYS M 88 -2.32 -45.65 -18.44
CA CYS M 88 -1.92 -44.48 -17.68
C CYS M 88 -1.21 -43.48 -18.58
N GLN M 89 -1.41 -42.21 -18.27
CA GLN M 89 -0.76 -41.10 -18.97
C GLN M 89 -0.14 -40.16 -17.94
N SER M 90 1.01 -39.59 -18.30
CA SER M 90 1.54 -38.46 -17.57
C SER M 90 2.31 -37.57 -18.53
N TYR M 91 3.18 -36.73 -17.99
CA TYR M 91 4.04 -35.84 -18.77
C TYR M 91 5.48 -36.08 -18.34
N ASP M 92 6.38 -36.14 -19.32
CA ASP M 92 7.81 -36.33 -19.08
C ASP M 92 8.54 -35.03 -19.35
N ARG M 93 9.43 -34.66 -18.41
CA ARG M 93 10.14 -33.39 -18.50
C ARG M 93 10.91 -33.24 -19.80
N SER M 94 11.28 -34.35 -20.43
CA SER M 94 12.06 -34.34 -21.67
C SER M 94 11.29 -34.86 -22.86
N LEU M 95 10.51 -35.93 -22.69
CA LEU M 95 9.71 -36.51 -23.76
C LEU M 95 8.32 -35.90 -23.87
N SER M 96 7.98 -34.97 -22.99
CA SER M 96 6.64 -34.35 -22.92
C SER M 96 5.59 -35.44 -22.72
N GLY M 97 4.50 -35.44 -23.48
CA GLY M 97 3.42 -36.39 -23.26
C GLY M 97 3.83 -37.85 -23.36
N VAL M 98 3.56 -38.61 -22.30
CA VAL M 98 3.95 -40.01 -22.23
C VAL M 98 2.76 -40.87 -21.85
N PHE M 99 2.65 -42.03 -22.48
CA PHE M 99 1.63 -43.02 -22.19
C PHE M 99 2.29 -44.33 -21.78
N GLY M 100 1.61 -45.07 -20.92
CA GLY M 100 2.02 -46.43 -20.61
C GLY M 100 1.76 -47.41 -21.73
N THR M 101 2.32 -48.61 -21.54
CA THR M 101 2.21 -49.69 -22.51
C THR M 101 0.82 -50.31 -22.60
N GLY M 102 -0.10 -49.95 -21.70
CA GLY M 102 -1.49 -50.40 -21.79
C GLY M 102 -1.77 -51.81 -21.28
N THR M 103 -2.86 -51.96 -20.53
CA THR M 103 -3.22 -53.22 -19.89
C THR M 103 -4.59 -53.69 -20.37
N LYS M 104 -4.64 -54.90 -20.94
CA LYS M 104 -5.92 -55.51 -21.30
C LYS M 104 -6.50 -56.23 -20.08
N VAL M 105 -7.55 -55.66 -19.50
CA VAL M 105 -8.30 -56.35 -18.45
C VAL M 105 -9.20 -57.40 -19.08
N THR M 106 -9.17 -58.61 -18.52
CA THR M 106 -9.83 -59.77 -19.11
C THR M 106 -10.67 -60.43 -18.03
N VAL M 107 -11.91 -60.78 -18.37
CA VAL M 107 -12.89 -61.21 -17.38
C VAL M 107 -13.46 -62.58 -17.75
N GLU N 1 -34.76 -2.13 35.73
CA GLU N 1 -33.63 -1.65 36.52
C GLU N 1 -32.47 -2.63 36.43
N VAL N 2 -31.27 -2.09 36.19
CA VAL N 2 -30.04 -2.89 36.23
C VAL N 2 -29.72 -3.22 37.68
N GLN N 3 -29.58 -4.51 37.99
CA GLN N 3 -29.39 -4.94 39.37
C GLN N 3 -28.31 -6.02 39.45
N LEU N 4 -27.46 -5.89 40.46
CA LEU N 4 -26.59 -6.95 40.96
C LEU N 4 -27.09 -7.36 42.35
N VAL N 5 -27.21 -8.67 42.60
CA VAL N 5 -27.82 -9.15 43.84
C VAL N 5 -26.98 -10.30 44.39
N GLU N 6 -26.26 -10.03 45.48
CA GLU N 6 -25.40 -11.00 46.14
C GLU N 6 -26.21 -12.02 46.95
N SER N 7 -25.60 -13.19 47.15
CA SER N 7 -26.20 -14.24 47.95
C SER N 7 -25.09 -15.15 48.43
N GLY N 8 -25.41 -15.96 49.44
CA GLY N 8 -24.46 -16.90 50.00
C GLY N 8 -23.62 -16.39 51.15
N GLY N 9 -23.76 -15.12 51.52
CA GLY N 9 -23.14 -14.63 52.74
C GLY N 9 -23.78 -15.21 53.98
N GLY N 10 -22.98 -15.31 55.05
CA GLY N 10 -23.47 -15.91 56.27
C GLY N 10 -22.37 -16.05 57.30
N LEU N 11 -22.60 -16.96 58.26
CA LEU N 11 -21.69 -17.21 59.35
C LEU N 11 -20.87 -18.47 59.09
N VAL N 12 -19.55 -18.36 59.24
CA VAL N 12 -18.64 -19.48 59.19
C VAL N 12 -17.59 -19.33 60.29
N LYS N 13 -16.99 -20.44 60.65
CA LYS N 13 -15.89 -20.49 61.60
C LYS N 13 -14.57 -20.23 60.88
N PRO N 14 -13.55 -19.79 61.62
CA PRO N 14 -12.20 -19.71 61.03
C PRO N 14 -11.79 -21.02 60.39
N GLY N 15 -11.00 -20.92 59.33
CA GLY N 15 -10.70 -22.05 58.48
C GLY N 15 -11.82 -22.45 57.55
N GLY N 16 -13.00 -21.87 57.72
CA GLY N 16 -14.15 -22.28 56.95
C GLY N 16 -14.05 -21.91 55.48
N SER N 17 -14.99 -22.45 54.72
CA SER N 17 -15.16 -22.10 53.32
C SER N 17 -16.58 -21.66 53.06
N LEU N 18 -16.73 -20.73 52.11
CA LEU N 18 -18.02 -20.17 51.76
C LEU N 18 -17.99 -19.80 50.30
N ARG N 19 -19.15 -19.77 49.66
CA ARG N 19 -19.24 -19.43 48.24
C ARG N 19 -20.31 -18.36 48.00
N LEU N 20 -19.84 -17.13 47.77
CA LEU N 20 -20.72 -16.04 47.37
C LEU N 20 -21.16 -16.19 45.93
N SER N 21 -22.37 -15.71 45.65
CA SER N 21 -22.99 -15.84 44.34
C SER N 21 -23.81 -14.59 44.09
N CYS N 22 -23.32 -13.74 43.18
CA CYS N 22 -24.01 -12.52 42.79
C CYS N 22 -24.69 -12.75 41.44
N ALA N 23 -26.02 -12.79 41.46
CA ALA N 23 -26.80 -12.81 40.24
C ALA N 23 -26.80 -11.43 39.60
N ALA N 24 -26.37 -11.36 38.34
CA ALA N 24 -26.52 -10.16 37.53
C ALA N 24 -27.79 -10.22 36.70
N SER N 25 -28.42 -9.06 36.52
CA SER N 25 -29.65 -8.97 35.75
C SER N 25 -29.75 -7.60 35.11
N GLY N 26 -30.46 -7.54 33.99
CA GLY N 26 -30.74 -6.30 33.30
C GLY N 26 -29.69 -5.78 32.33
N PHE N 27 -28.52 -6.41 32.25
CA PHE N 27 -27.47 -5.96 31.35
C PHE N 27 -26.80 -7.15 30.68
N THR N 28 -26.15 -6.87 29.55
CA THR N 28 -25.41 -7.86 28.76
C THR N 28 -24.12 -8.26 29.48
N PHE N 29 -24.30 -9.18 30.43
CA PHE N 29 -23.28 -9.56 31.40
C PHE N 29 -21.95 -9.96 30.77
N SER N 30 -21.99 -10.69 29.66
CA SER N 30 -20.76 -11.08 28.94
C SER N 30 -19.92 -9.91 28.45
N SER N 31 -20.46 -8.69 28.40
CA SER N 31 -19.68 -7.53 27.97
C SER N 31 -18.76 -6.96 29.02
N TYR N 32 -18.97 -7.26 30.29
CA TYR N 32 -18.37 -6.47 31.37
C TYR N 32 -17.43 -7.30 32.22
N SER N 33 -16.34 -6.69 32.65
CA SER N 33 -15.55 -7.22 33.76
C SER N 33 -16.31 -7.07 35.07
N MET N 34 -16.09 -8.01 35.97
CA MET N 34 -16.80 -8.05 37.24
C MET N 34 -15.80 -8.18 38.38
N ASN N 35 -16.10 -7.51 39.48
CA ASN N 35 -15.21 -7.43 40.64
C ASN N 35 -15.98 -7.71 41.92
N TRP N 36 -15.28 -8.26 42.90
CA TRP N 36 -15.73 -8.31 44.28
C TRP N 36 -14.98 -7.30 45.13
N VAL N 37 -15.71 -6.51 45.90
CA VAL N 37 -15.14 -5.52 46.82
C VAL N 37 -15.72 -5.77 48.19
N ARG N 38 -14.90 -5.63 49.23
CA ARG N 38 -15.36 -5.94 50.57
C ARG N 38 -15.14 -4.75 51.50
N GLN N 39 -15.95 -4.70 52.55
CA GLN N 39 -15.92 -3.64 53.54
C GLN N 39 -15.99 -4.25 54.94
N ALA N 40 -14.86 -4.26 55.64
CA ALA N 40 -14.88 -4.67 57.04
C ALA N 40 -15.74 -3.70 57.84
N PRO N 41 -16.43 -4.18 58.88
CA PRO N 41 -17.34 -3.31 59.64
C PRO N 41 -16.61 -2.08 60.18
N GLY N 42 -17.15 -0.90 59.89
CA GLY N 42 -16.52 0.33 60.28
C GLY N 42 -15.26 0.70 59.52
N LYS N 43 -14.89 -0.07 58.50
CA LYS N 43 -13.68 0.18 57.72
C LYS N 43 -14.04 0.56 56.29
N GLY N 44 -13.00 0.86 55.50
CA GLY N 44 -13.15 1.20 54.11
C GLY N 44 -13.24 0.01 53.18
N LEU N 45 -13.40 0.32 51.90
CA LEU N 45 -13.50 -0.67 50.82
C LEU N 45 -12.13 -1.28 50.52
N GLU N 46 -12.05 -2.60 50.60
CA GLU N 46 -10.92 -3.37 50.07
C GLU N 46 -11.33 -4.06 48.79
N TRP N 47 -10.56 -3.88 47.73
CA TRP N 47 -10.74 -4.69 46.53
C TRP N 47 -10.32 -6.13 46.78
N VAL N 48 -11.14 -7.08 46.34
CA VAL N 48 -10.90 -8.50 46.58
C VAL N 48 -10.42 -9.24 45.33
N SER N 49 -11.17 -9.16 44.24
CA SER N 49 -10.81 -9.91 43.04
C SER N 49 -11.52 -9.35 41.82
N SER N 50 -11.01 -9.73 40.65
CA SER N 50 -11.48 -9.26 39.35
C SER N 50 -11.49 -10.43 38.38
N ILE N 51 -12.51 -10.48 37.53
CA ILE N 51 -12.59 -11.47 36.45
C ILE N 51 -12.95 -10.76 35.15
N SER N 52 -12.23 -11.07 34.08
CA SER N 52 -12.48 -10.45 32.79
C SER N 52 -13.75 -10.99 32.13
N ALA N 53 -14.18 -10.27 31.10
CA ALA N 53 -15.49 -10.45 30.48
C ALA N 53 -15.76 -11.89 30.05
N SER N 54 -14.76 -12.56 29.46
CA SER N 54 -14.87 -13.98 29.12
C SER N 54 -13.99 -14.88 29.97
N SER N 55 -13.67 -14.43 31.18
CA SER N 55 -12.94 -15.19 32.20
C SER N 55 -11.50 -15.51 31.81
N SER N 56 -10.97 -14.92 30.76
CA SER N 56 -9.61 -15.26 30.34
C SER N 56 -8.55 -14.69 31.28
N TYR N 57 -8.92 -13.76 32.15
CA TYR N 57 -7.97 -13.15 33.09
C TYR N 57 -8.63 -13.00 34.44
N SER N 58 -7.84 -13.13 35.50
CA SER N 58 -8.31 -12.87 36.84
C SER N 58 -7.15 -12.41 37.72
N ASP N 59 -7.48 -11.62 38.74
CA ASP N 59 -6.52 -11.09 39.68
C ASP N 59 -7.15 -11.09 41.06
N TYR N 60 -6.29 -11.09 42.08
CA TYR N 60 -6.72 -11.16 43.46
C TYR N 60 -5.85 -10.22 44.29
N ALA N 61 -6.42 -9.70 45.38
CA ALA N 61 -5.60 -9.06 46.40
C ALA N 61 -4.68 -10.08 47.06
N ASP N 62 -3.60 -9.58 47.66
CA ASP N 62 -2.65 -10.45 48.35
C ASP N 62 -3.30 -11.20 49.51
N SER N 63 -4.34 -10.62 50.13
CA SER N 63 -5.10 -11.36 51.13
C SER N 63 -5.93 -12.48 50.53
N ALA N 64 -6.43 -12.31 49.32
CA ALA N 64 -7.27 -13.29 48.65
C ALA N 64 -6.48 -14.32 47.86
N LYS N 65 -5.31 -13.96 47.36
CA LYS N 65 -4.58 -14.79 46.42
C LYS N 65 -4.31 -16.18 46.97
N GLY N 66 -4.57 -17.20 46.16
CA GLY N 66 -4.48 -18.59 46.54
C GLY N 66 -5.63 -19.07 47.40
N ARG N 67 -6.05 -18.26 48.37
CA ARG N 67 -7.16 -18.64 49.24
C ARG N 67 -8.49 -18.63 48.50
N PHE N 68 -8.80 -17.52 47.83
CA PHE N 68 -10.09 -17.34 47.17
C PHE N 68 -9.99 -17.73 45.69
N THR N 69 -11.16 -17.84 45.06
CA THR N 69 -11.22 -18.09 43.62
C THR N 69 -12.48 -17.44 43.07
N ILE N 70 -12.31 -16.51 42.14
CA ILE N 70 -13.41 -15.87 41.42
C ILE N 70 -13.75 -16.68 40.18
N SER N 71 -15.04 -16.79 39.88
CA SER N 71 -15.50 -17.42 38.66
C SER N 71 -16.81 -16.79 38.24
N ARG N 72 -17.19 -17.01 36.99
CA ARG N 72 -18.45 -16.48 36.49
C ARG N 72 -19.08 -17.46 35.51
N ASP N 73 -20.40 -17.43 35.46
CA ASP N 73 -21.19 -18.11 34.44
C ASP N 73 -21.91 -17.06 33.62
N ASN N 74 -21.57 -16.97 32.33
CA ASN N 74 -22.17 -15.94 31.48
C ASN N 74 -23.55 -16.32 30.96
N ALA N 75 -23.94 -17.60 31.05
CA ALA N 75 -25.25 -18.03 30.60
C ALA N 75 -26.32 -17.87 31.67
N LYS N 76 -26.03 -18.27 32.90
CA LYS N 76 -26.88 -17.97 34.04
C LYS N 76 -26.59 -16.60 34.64
N THR N 77 -25.76 -15.81 33.97
CA THR N 77 -25.41 -14.44 34.35
C THR N 77 -25.17 -14.30 35.86
N SER N 78 -24.23 -15.09 36.36
CA SER N 78 -23.95 -15.13 37.79
C SER N 78 -22.45 -15.06 38.02
N LEU N 79 -22.07 -14.29 39.04
CA LEU N 79 -20.68 -14.16 39.49
C LEU N 79 -20.51 -14.88 40.80
N PHE N 80 -19.44 -15.65 40.93
CA PHE N 80 -19.19 -16.45 42.13
C PHE N 80 -17.83 -16.12 42.72
N LEU N 81 -17.73 -16.23 44.05
CA LEU N 81 -16.47 -16.17 44.78
C LEU N 81 -16.41 -17.34 45.75
N GLN N 82 -15.63 -18.37 45.42
CA GLN N 82 -15.21 -19.33 46.42
C GLN N 82 -14.21 -18.70 47.37
N MET N 83 -14.42 -18.90 48.67
CA MET N 83 -13.48 -18.48 49.70
C MET N 83 -13.08 -19.68 50.54
N ASN N 84 -11.78 -19.79 50.82
CA ASN N 84 -11.24 -20.87 51.64
C ASN N 84 -10.26 -20.28 52.64
N SER N 85 -10.02 -21.04 53.71
CA SER N 85 -9.16 -20.60 54.82
C SER N 85 -9.57 -19.22 55.32
N LEU N 86 -10.89 -19.03 55.45
CA LEU N 86 -11.44 -17.77 55.92
C LEU N 86 -10.95 -17.46 57.34
N ARG N 87 -10.81 -16.17 57.62
CA ARG N 87 -10.22 -15.68 58.85
C ARG N 87 -11.12 -14.60 59.44
N ALA N 88 -10.89 -14.29 60.72
CA ALA N 88 -11.57 -13.15 61.33
C ALA N 88 -11.38 -11.87 60.54
N GLU N 89 -10.17 -11.65 60.00
CA GLU N 89 -9.88 -10.50 59.15
C GLU N 89 -10.66 -10.54 57.84
N ASP N 90 -11.28 -11.65 57.47
CA ASP N 90 -12.15 -11.72 56.31
C ASP N 90 -13.61 -11.38 56.60
N THR N 91 -13.97 -11.11 57.86
CA THR N 91 -15.30 -10.61 58.18
C THR N 91 -15.57 -9.26 57.53
N ALA N 92 -16.48 -9.23 56.56
CA ALA N 92 -16.76 -8.01 55.81
C ALA N 92 -18.09 -8.18 55.08
N ILE N 93 -18.67 -7.04 54.68
CA ILE N 93 -19.64 -7.05 53.58
C ILE N 93 -18.88 -7.23 52.27
N TYR N 94 -19.38 -8.08 51.39
CA TYR N 94 -18.83 -8.24 50.05
C TYR N 94 -19.82 -7.72 49.01
N PHE N 95 -19.36 -6.75 48.21
CA PHE N 95 -20.15 -6.19 47.11
C PHE N 95 -19.62 -6.74 45.79
N CYS N 96 -20.51 -7.20 44.92
CA CYS N 96 -20.16 -7.35 43.52
C CYS N 96 -20.35 -6.00 42.83
N ALA N 97 -19.41 -5.65 41.97
CA ALA N 97 -19.48 -4.39 41.25
C ALA N 97 -19.07 -4.57 39.79
N ARG N 98 -19.86 -3.99 38.90
CA ARG N 98 -19.58 -4.04 37.46
C ARG N 98 -18.45 -3.07 37.14
N ALA N 99 -17.39 -3.58 36.54
CA ALA N 99 -16.19 -2.80 36.28
C ALA N 99 -16.19 -2.33 34.84
N ARG N 100 -15.78 -1.08 34.64
CA ARG N 100 -15.84 -0.44 33.34
C ARG N 100 -14.63 0.46 33.20
N ALA N 101 -14.04 0.51 32.00
CA ALA N 101 -12.88 1.36 31.77
C ALA N 101 -13.01 2.11 30.46
N THR N 102 -12.69 3.40 30.50
CA THR N 102 -12.35 4.19 29.32
C THR N 102 -10.83 4.23 29.19
N GLY N 103 -10.28 3.37 28.34
CA GLY N 103 -8.85 3.24 28.19
C GLY N 103 -8.20 4.33 27.37
N TYR N 104 -8.67 5.58 27.52
CA TYR N 104 -8.08 6.70 26.79
C TYR N 104 -6.73 7.08 27.37
N SER N 105 -6.69 7.37 28.67
CA SER N 105 -5.46 7.78 29.34
C SER N 105 -4.74 6.61 29.97
N SER N 106 -5.49 5.70 30.58
CA SER N 106 -4.96 4.54 31.28
C SER N 106 -6.07 3.51 31.39
N ILE N 107 -5.69 2.29 31.74
CA ILE N 107 -6.67 1.25 32.05
C ILE N 107 -6.73 1.11 33.56
N THR N 108 -7.64 1.85 34.18
CA THR N 108 -8.06 1.58 35.54
C THR N 108 -9.59 1.54 35.55
N PRO N 109 -10.21 0.46 36.01
CA PRO N 109 -11.68 0.38 35.96
C PRO N 109 -12.31 1.25 37.03
N TYR N 110 -13.34 1.99 36.64
CA TYR N 110 -14.32 2.39 37.64
C TYR N 110 -15.37 1.29 37.81
N PHE N 111 -16.01 1.28 38.98
CA PHE N 111 -17.07 0.34 39.30
C PHE N 111 -18.40 1.09 39.26
N ASP N 112 -19.17 0.88 38.20
CA ASP N 112 -20.30 1.76 37.93
C ASP N 112 -21.57 1.31 38.64
N ILE N 113 -21.98 0.05 38.47
CA ILE N 113 -23.14 -0.52 39.13
C ILE N 113 -22.66 -1.41 40.27
N TRP N 114 -23.26 -1.23 41.46
CA TRP N 114 -22.89 -2.01 42.63
C TRP N 114 -24.08 -2.80 43.15
N GLY N 115 -23.82 -4.01 43.62
CA GLY N 115 -24.83 -4.85 44.22
C GLY N 115 -25.27 -4.36 45.59
N GLN N 116 -26.11 -5.18 46.21
CA GLN N 116 -26.68 -4.87 47.51
C GLN N 116 -25.68 -5.08 48.65
N GLY N 117 -24.66 -5.91 48.43
CA GLY N 117 -23.81 -6.43 49.48
C GLY N 117 -24.42 -7.58 50.27
N THR N 118 -23.61 -8.60 50.53
CA THR N 118 -23.93 -9.66 51.47
C THR N 118 -22.87 -9.71 52.56
N LEU N 119 -23.31 -10.02 53.78
CA LEU N 119 -22.44 -9.94 54.95
C LEU N 119 -21.87 -11.31 55.28
N VAL N 120 -20.55 -11.38 55.46
CA VAL N 120 -19.85 -12.60 55.86
C VAL N 120 -19.27 -12.38 57.25
N THR N 121 -19.65 -13.24 58.19
CA THR N 121 -19.09 -13.22 59.54
C THR N 121 -18.25 -14.46 59.77
N VAL N 122 -17.00 -14.25 60.20
CA VAL N 122 -16.08 -15.33 60.53
C VAL N 122 -15.73 -15.22 62.00
N SER N 123 -16.23 -16.16 62.81
CA SER N 123 -15.97 -16.13 64.24
C SER N 123 -16.16 -17.54 64.80
N SER N 124 -15.38 -17.86 65.82
CA SER N 124 -15.52 -19.12 66.54
C SER N 124 -16.67 -19.04 67.54
N VAL O 1 -0.08 2.81 49.83
CA VAL O 1 -1.46 2.92 50.26
C VAL O 1 -1.96 4.34 50.06
N VAL O 2 -2.97 4.48 49.20
CA VAL O 2 -3.63 5.77 49.01
C VAL O 2 -4.28 6.21 50.32
N THR O 3 -4.12 7.49 50.65
CA THR O 3 -4.48 8.03 51.95
C THR O 3 -5.44 9.21 51.78
N GLN O 4 -6.36 9.37 52.73
CA GLN O 4 -7.34 10.45 52.73
C GLN O 4 -7.55 10.92 54.16
N PRO O 5 -7.97 12.18 54.35
CA PRO O 5 -8.34 12.64 55.69
C PRO O 5 -9.54 11.89 56.23
N PRO O 6 -9.49 11.49 57.51
CA PRO O 6 -10.59 10.67 58.05
C PRO O 6 -11.94 11.36 58.03
N SER O 7 -12.00 12.67 58.26
CA SER O 7 -13.25 13.40 58.13
C SER O 7 -12.97 14.84 57.71
N VAL O 8 -14.02 15.46 57.15
CA VAL O 8 -14.05 16.88 56.86
C VAL O 8 -15.42 17.39 57.27
N SER O 9 -15.52 18.69 57.53
CA SER O 9 -16.80 19.28 57.89
C SER O 9 -16.93 20.67 57.28
N GLY O 10 -18.17 21.11 57.15
CA GLY O 10 -18.49 22.43 56.65
C GLY O 10 -19.95 22.76 56.88
N ALA O 11 -20.27 24.05 57.00
CA ALA O 11 -21.65 24.45 57.14
C ALA O 11 -22.39 24.28 55.82
N PRO O 12 -23.71 24.14 55.85
CA PRO O 12 -24.48 24.06 54.61
C PRO O 12 -24.20 25.23 53.67
N GLY O 13 -23.92 24.90 52.41
CA GLY O 13 -23.56 25.88 51.42
C GLY O 13 -22.08 26.23 51.35
N GLN O 14 -21.29 25.79 52.31
CA GLN O 14 -19.85 25.98 52.21
C GLN O 14 -19.25 25.04 51.17
N ARG O 15 -17.97 25.24 50.89
CA ARG O 15 -17.17 24.36 50.06
C ARG O 15 -16.26 23.50 50.94
N VAL O 16 -16.24 22.20 50.67
CA VAL O 16 -15.30 21.27 51.30
C VAL O 16 -14.53 20.52 50.23
N THR O 17 -13.25 20.26 50.49
CA THR O 17 -12.40 19.50 49.58
C THR O 17 -11.78 18.30 50.28
N ILE O 18 -11.89 17.13 49.65
CA ILE O 18 -11.28 15.90 50.12
C ILE O 18 -10.00 15.66 49.31
N SER O 19 -8.86 15.58 50.00
CA SER O 19 -7.62 15.22 49.33
C SER O 19 -7.47 13.71 49.25
N CYS O 20 -6.75 13.26 48.21
CA CYS O 20 -6.42 11.86 47.99
C CYS O 20 -4.94 11.76 47.62
N THR O 21 -4.07 11.63 48.60
CA THR O 21 -2.64 11.48 48.35
C THR O 21 -2.36 10.04 47.98
N GLY O 22 -2.16 9.78 46.69
CA GLY O 22 -1.63 8.51 46.22
C GLY O 22 -0.13 8.40 46.38
N SER O 23 0.48 7.58 45.53
CA SER O 23 1.92 7.36 45.55
C SER O 23 2.38 6.99 44.14
N SER O 24 3.70 6.79 44.01
CA SER O 24 4.31 6.55 42.71
C SER O 24 3.68 5.37 41.97
N SER O 25 3.39 4.28 42.68
CA SER O 25 2.95 3.06 42.02
C SER O 25 1.50 3.11 41.56
N ASN O 26 0.72 4.13 41.95
CA ASN O 26 -0.65 4.24 41.49
C ASN O 26 -0.80 5.54 40.72
N ILE O 27 -1.20 6.63 41.39
CA ILE O 27 -1.53 7.87 40.68
C ILE O 27 -0.30 8.43 39.99
N GLY O 28 0.88 8.26 40.59
CA GLY O 28 2.11 8.66 39.92
C GLY O 28 2.46 7.81 38.72
N ALA O 29 2.02 6.56 38.70
CA ALA O 29 2.20 5.70 37.54
C ALA O 29 1.21 5.99 36.43
N GLY O 30 0.39 7.01 36.58
CA GLY O 30 -0.52 7.47 35.55
C GLY O 30 -1.91 6.89 35.61
N TYR O 31 -2.19 6.05 36.58
CA TYR O 31 -3.52 5.47 36.71
C TYR O 31 -4.49 6.56 37.16
N ASP O 32 -5.58 6.72 36.42
CA ASP O 32 -6.57 7.73 36.75
C ASP O 32 -7.20 7.45 38.12
N VAL O 33 -7.87 8.47 38.65
CA VAL O 33 -8.51 8.42 39.95
C VAL O 33 -10.03 8.48 39.79
N HIS O 34 -10.72 7.67 40.57
CA HIS O 34 -12.17 7.61 40.61
C HIS O 34 -12.64 7.91 42.03
N TRP O 35 -13.85 8.43 42.16
CA TRP O 35 -14.40 8.73 43.48
C TRP O 35 -15.77 8.13 43.66
N TYR O 36 -15.98 7.55 44.83
CA TYR O 36 -17.20 6.88 45.23
C TYR O 36 -17.77 7.54 46.48
N GLN O 37 -19.08 7.50 46.60
CA GLN O 37 -19.80 7.98 47.77
C GLN O 37 -20.55 6.81 48.40
N GLN O 38 -20.61 6.78 49.73
CA GLN O 38 -21.36 5.75 50.44
C GLN O 38 -22.11 6.37 51.61
N LEU O 39 -23.43 6.45 51.50
CA LEU O 39 -24.25 6.80 52.65
C LEU O 39 -24.29 5.61 53.62
N PRO O 40 -24.55 5.85 54.91
CA PRO O 40 -24.48 4.79 55.91
C PRO O 40 -25.26 3.52 55.54
N GLY O 41 -24.55 2.39 55.54
CA GLY O 41 -25.12 1.09 55.22
C GLY O 41 -25.47 0.85 53.77
N THR O 42 -25.47 1.89 52.94
CA THR O 42 -25.79 1.74 51.53
C THR O 42 -24.60 1.17 50.76
N ALA O 43 -24.88 0.63 49.58
CA ALA O 43 -23.82 0.36 48.64
C ALA O 43 -23.21 1.66 48.13
N PRO O 44 -21.93 1.65 47.75
CA PRO O 44 -21.32 2.86 47.20
C PRO O 44 -21.95 3.30 45.89
N LYS O 45 -21.96 4.61 45.68
CA LYS O 45 -22.38 5.26 44.45
C LYS O 45 -21.17 5.84 43.76
N LEU O 46 -21.03 5.60 42.46
CA LEU O 46 -19.99 6.27 41.68
C LEU O 46 -20.33 7.75 41.53
N LEU O 47 -19.42 8.62 41.96
CA LEU O 47 -19.54 10.05 41.71
C LEU O 47 -18.61 10.59 40.62
N ILE O 48 -17.38 10.10 40.55
CA ILE O 48 -16.43 10.55 39.55
C ILE O 48 -15.74 9.35 38.93
N TYR O 49 -15.59 9.37 37.61
CA TYR O 49 -14.68 8.49 36.91
C TYR O 49 -13.66 9.29 36.11
N ASP O 50 -12.48 8.69 35.95
CA ASP O 50 -11.39 9.19 35.11
C ASP O 50 -11.05 10.64 35.40
N ASN O 51 -10.64 10.84 36.66
CA ASN O 51 -10.22 12.10 37.28
C ASN O 51 -11.33 13.12 37.51
N ASN O 52 -12.27 13.26 36.57
CA ASN O 52 -13.14 14.43 36.67
C ASN O 52 -14.53 14.27 36.07
N ASN O 53 -14.86 13.14 35.46
CA ASN O 53 -16.15 13.00 34.80
C ASN O 53 -17.24 12.58 35.78
N ARG O 54 -18.43 13.14 35.59
CA ARG O 54 -19.55 12.79 36.44
C ARG O 54 -20.54 11.91 35.71
N PRO O 55 -21.00 10.82 36.32
CA PRO O 55 -22.17 10.11 35.79
C PRO O 55 -23.40 11.01 35.73
N SER O 56 -24.41 10.51 35.03
CA SER O 56 -25.72 11.14 35.08
C SER O 56 -26.27 11.09 36.50
N GLY O 57 -27.01 12.13 36.87
CA GLY O 57 -27.58 12.20 38.20
C GLY O 57 -26.60 12.46 39.32
N VAL O 58 -25.38 12.87 39.02
CA VAL O 58 -24.45 13.37 40.01
C VAL O 58 -24.37 14.89 39.87
N PRO O 59 -24.81 15.65 40.87
CA PRO O 59 -24.90 17.11 40.73
C PRO O 59 -23.60 17.77 40.32
N ASP O 60 -23.73 18.93 39.66
CA ASP O 60 -22.60 19.76 39.26
C ASP O 60 -21.83 20.31 40.44
N ARG O 61 -22.37 20.15 41.65
CA ARG O 61 -21.69 20.52 42.89
C ARG O 61 -20.44 19.70 43.14
N PHE O 62 -20.43 18.44 42.71
CA PHE O 62 -19.24 17.60 42.82
C PHE O 62 -18.26 17.88 41.69
N SER O 63 -16.99 18.00 42.05
CA SER O 63 -15.92 18.26 41.09
C SER O 63 -14.64 17.63 41.62
N ALA O 64 -13.79 17.18 40.70
CA ALA O 64 -12.59 16.47 41.09
C ALA O 64 -11.46 16.78 40.12
N SER O 65 -10.25 16.48 40.56
CA SER O 65 -9.06 16.73 39.74
C SER O 65 -7.96 15.76 40.12
N LYS O 66 -7.02 15.58 39.20
CA LYS O 66 -5.81 14.80 39.42
C LYS O 66 -4.61 15.69 39.13
N SER O 67 -3.55 15.54 39.94
CA SER O 67 -2.38 16.40 39.79
C SER O 67 -1.17 15.65 40.34
N GLY O 68 -0.52 14.90 39.45
CA GLY O 68 0.57 14.04 39.89
C GLY O 68 0.09 12.95 40.81
N THR O 69 0.83 12.75 41.90
CA THR O 69 0.54 11.71 42.87
C THR O 69 -0.70 11.99 43.73
N SER O 70 -1.31 13.16 43.62
CA SER O 70 -2.46 13.52 44.43
C SER O 70 -3.68 13.81 43.57
N ALA O 71 -4.85 13.61 44.15
CA ALA O 71 -6.12 13.99 43.55
C ALA O 71 -6.98 14.67 44.61
N SER O 72 -8.08 15.28 44.17
CA SER O 72 -8.95 15.99 45.09
C SER O 72 -10.40 15.85 44.65
N LEU O 73 -11.31 15.94 45.61
CA LEU O 73 -12.75 16.04 45.36
C LEU O 73 -13.30 17.22 46.13
N ALA O 74 -13.80 18.23 45.42
CA ALA O 74 -14.44 19.38 46.05
C ALA O 74 -15.94 19.31 45.92
N ILE O 75 -16.64 19.42 47.04
CA ILE O 75 -18.09 19.57 47.08
C ILE O 75 -18.41 21.03 47.35
N THR O 76 -18.99 21.69 46.36
CA THR O 76 -19.52 23.04 46.56
C THR O 76 -20.98 22.96 47.00
N GLY O 77 -21.45 24.04 47.60
CA GLY O 77 -22.84 24.11 48.02
C GLY O 77 -23.24 22.95 48.91
N LEU O 78 -22.39 22.61 49.87
CA LEU O 78 -22.54 21.38 50.66
C LEU O 78 -23.92 21.32 51.31
N GLN O 79 -24.55 20.15 51.24
CA GLN O 79 -25.94 19.98 51.63
C GLN O 79 -26.09 18.69 52.42
N ALA O 80 -27.21 18.60 53.14
CA ALA O 80 -27.42 17.51 54.10
C ALA O 80 -27.36 16.12 53.48
N GLU O 81 -27.74 15.99 52.21
CA GLU O 81 -27.61 14.72 51.49
C GLU O 81 -26.17 14.31 51.21
N ASP O 82 -25.22 15.24 51.31
CA ASP O 82 -23.81 14.94 51.07
C ASP O 82 -23.08 14.34 52.28
N GLU O 83 -23.75 14.17 53.41
CA GLU O 83 -23.10 13.71 54.64
C GLU O 83 -22.82 12.20 54.58
N ALA O 84 -21.83 11.85 53.76
CA ALA O 84 -21.57 10.46 53.38
C ALA O 84 -20.07 10.18 53.51
N ASP O 85 -19.71 8.90 53.45
CA ASP O 85 -18.34 8.54 53.16
C ASP O 85 -17.99 8.79 51.70
N TYR O 86 -16.73 9.16 51.45
CA TYR O 86 -16.20 9.33 50.10
C TYR O 86 -14.86 8.61 49.98
N TYR O 87 -14.67 7.86 48.90
CA TYR O 87 -13.45 7.10 48.68
C TYR O 87 -12.91 7.41 47.30
N CYS O 88 -11.61 7.74 47.23
CA CYS O 88 -10.91 7.72 45.97
C CYS O 88 -10.44 6.30 45.65
N GLN O 89 -10.38 6.00 44.37
CA GLN O 89 -9.89 4.72 43.86
C GLN O 89 -8.90 4.96 42.74
N SER O 90 -7.89 4.11 42.67
CA SER O 90 -7.04 4.04 41.48
C SER O 90 -6.59 2.59 41.30
N TYR O 91 -5.50 2.40 40.57
CA TYR O 91 -4.89 1.10 40.35
C TYR O 91 -3.41 1.21 40.65
N ASP O 92 -2.87 0.20 41.31
CA ASP O 92 -1.47 0.16 41.70
C ASP O 92 -0.75 -0.92 40.91
N ARG O 93 0.41 -0.55 40.33
CA ARG O 93 1.16 -1.48 39.49
C ARG O 93 1.48 -2.78 40.20
N SER O 94 1.61 -2.76 41.53
CA SER O 94 1.93 -3.94 42.30
C SER O 94 0.77 -4.47 43.13
N LEU O 95 -0.11 -3.59 43.62
CA LEU O 95 -1.21 -3.98 44.49
C LEU O 95 -2.54 -4.06 43.76
N SER O 96 -2.55 -3.89 42.45
CA SER O 96 -3.77 -3.89 41.62
C SER O 96 -4.70 -2.78 42.14
N GLY O 97 -6.01 -2.98 42.13
CA GLY O 97 -6.95 -1.97 42.59
C GLY O 97 -6.74 -1.52 44.02
N VAL O 98 -6.71 -0.20 44.21
CA VAL O 98 -6.43 0.41 45.50
C VAL O 98 -7.50 1.45 45.83
N PHE O 99 -7.92 1.48 47.09
CA PHE O 99 -8.85 2.49 47.59
C PHE O 99 -8.16 3.28 48.70
N GLY O 100 -8.57 4.54 48.83
CA GLY O 100 -8.15 5.34 49.96
C GLY O 100 -8.78 4.93 51.27
N THR O 101 -8.29 5.55 52.34
CA THR O 101 -8.78 5.33 53.69
C THR O 101 -10.19 5.86 53.93
N GLY O 102 -10.76 6.61 52.99
CA GLY O 102 -12.12 7.12 53.11
C GLY O 102 -12.29 8.36 53.97
N THR O 103 -13.23 9.22 53.58
CA THR O 103 -13.49 10.48 54.27
C THR O 103 -14.97 10.62 54.57
N LYS O 104 -15.32 10.79 55.84
CA LYS O 104 -16.69 11.11 56.24
C LYS O 104 -16.89 12.61 56.19
N VAL O 105 -17.64 13.09 55.19
CA VAL O 105 -18.08 14.48 55.18
C VAL O 105 -19.18 14.68 56.22
N THR O 106 -18.99 15.64 57.11
CA THR O 106 -19.89 15.88 58.23
C THR O 106 -20.49 17.27 58.09
N VAL O 107 -21.81 17.34 58.18
CA VAL O 107 -22.53 18.57 57.84
C VAL O 107 -23.38 19.00 59.04
C1 NAG P . 25.92 10.09 -34.95
C2 NAG P . 27.07 9.17 -35.32
C3 NAG P . 28.11 9.13 -34.20
C4 NAG P . 28.51 10.53 -33.78
C5 NAG P . 27.27 11.34 -33.45
C6 NAG P . 27.58 12.78 -33.11
C7 NAG P . 26.10 6.96 -34.78
C8 NAG P . 25.70 5.62 -35.33
N2 NAG P . 26.63 7.82 -35.66
O3 NAG P . 29.25 8.40 -34.64
O4 NAG P . 29.28 10.46 -32.57
O5 NAG P . 26.42 11.37 -34.59
O6 NAG P . 26.44 13.46 -32.62
O7 NAG P . 25.95 7.25 -33.59
C1 NAG P . 30.68 10.57 -32.82
C2 NAG P . 31.31 11.26 -31.62
C3 NAG P . 32.83 11.30 -31.74
C4 NAG P . 33.39 9.90 -31.97
C5 NAG P . 32.71 9.22 -33.16
C6 NAG P . 33.08 7.77 -33.29
C7 NAG P . 30.37 13.09 -30.26
C8 NAG P . 29.87 14.50 -30.28
N2 NAG P . 30.79 12.60 -31.44
O3 NAG P . 33.39 11.85 -30.55
O4 NAG P . 34.78 9.98 -32.21
O5 NAG P . 31.28 9.28 -33.01
O6 NAG P . 32.55 6.99 -32.21
O7 NAG P . 30.40 12.41 -29.24
C1 NAG Q . 40.63 7.30 -6.80
C2 NAG Q . 41.16 7.52 -5.40
C3 NAG Q . 41.55 8.98 -5.25
C4 NAG Q . 42.53 9.41 -6.33
C5 NAG Q . 42.05 8.97 -7.73
C6 NAG Q . 43.12 9.03 -8.81
C7 NAG Q . 38.97 7.65 -4.26
C8 NAG Q . 38.14 7.11 -3.13
N2 NAG Q . 40.19 7.13 -4.38
O3 NAG Q . 42.12 9.18 -3.97
O4 NAG Q . 42.59 10.83 -6.22
O5 NAG Q . 41.63 7.59 -7.72
O6 NAG Q . 44.31 8.37 -8.41
O7 NAG Q . 38.54 8.52 -5.01
C1 NAG Q . 43.54 11.62 -7.01
C2 NAG Q . 43.61 13.04 -6.42
C3 NAG Q . 44.60 13.87 -7.22
C4 NAG Q . 45.97 13.19 -7.25
C5 NAG Q . 45.82 11.78 -7.81
C6 NAG Q . 47.13 11.00 -7.76
C7 NAG Q . 41.74 14.17 -5.31
C8 NAG Q . 40.39 14.79 -5.47
N2 NAG Q . 42.30 13.67 -6.42
O3 NAG Q . 44.72 15.17 -6.64
O4 NAG Q . 46.85 13.93 -8.08
O5 NAG Q . 44.87 11.04 -7.03
O6 NAG Q . 46.95 9.69 -8.31
O7 NAG Q . 42.31 14.11 -4.21
C1 NAG R . 14.32 27.27 32.30
C2 NAG R . 15.55 28.17 32.11
C3 NAG R . 16.83 27.35 31.93
C4 NAG R . 16.96 26.27 32.99
C5 NAG R . 15.69 25.46 33.08
C6 NAG R . 15.70 24.44 34.20
C7 NAG R . 15.32 28.73 29.70
C8 NAG R . 15.13 29.84 28.72
N2 NAG R . 15.36 29.10 31.00
O3 NAG R . 17.95 28.22 31.96
O4 NAG R . 17.99 25.36 32.62
O5 NAG R . 14.58 26.33 33.34
O6 NAG R . 14.62 23.53 34.10
O7 NAG R . 15.41 27.56 29.35
C1 NAG R . 19.25 25.68 33.21
C2 NAG R . 20.03 24.37 33.39
C3 NAG R . 21.46 24.65 33.87
C4 NAG R . 22.16 25.63 32.95
C5 NAG R . 21.33 26.91 32.80
C6 NAG R . 21.90 27.86 31.77
C7 NAG R . 19.12 22.18 34.02
C8 NAG R . 18.41 21.40 35.09
N2 NAG R . 19.35 23.47 34.30
O3 NAG R . 22.18 23.43 33.92
O4 NAG R . 23.43 25.97 33.49
O5 NAG R . 19.99 26.59 32.39
O6 NAG R . 21.76 27.33 30.46
O7 NAG R . 19.46 21.67 32.95
C1 NAG S . 37.03 -18.38 5.66
C2 NAG S . 37.94 -17.25 5.17
C3 NAG S . 38.57 -17.64 3.84
C4 NAG S . 39.26 -19.00 3.93
C5 NAG S . 38.36 -20.05 4.58
C6 NAG S . 39.10 -21.33 4.92
C7 NAG S . 36.21 -15.74 4.25
C8 NAG S . 35.63 -14.37 4.31
N2 NAG S . 37.24 -15.98 5.07
O3 NAG S . 39.51 -16.64 3.46
O4 NAG S . 39.56 -19.45 2.62
O5 NAG S . 37.78 -19.57 5.81
O6 NAG S . 40.04 -21.13 5.96
O7 NAG S . 35.75 -16.61 3.50
C1 NAG S . 40.95 -19.27 2.28
C2 NAG S . 41.28 -20.33 1.24
C3 NAG S . 42.74 -20.21 0.85
C4 NAG S . 43.00 -18.82 0.29
C5 NAG S . 42.57 -17.76 1.31
C6 NAG S . 42.64 -16.35 0.75
C7 NAG S . 39.86 -22.32 1.48
C8 NAG S . 39.74 -23.68 2.10
N2 NAG S . 41.00 -21.66 1.76
O3 NAG S . 43.03 -21.19 -0.15
O4 NAG S . 44.38 -18.67 0.01
O5 NAG S . 41.22 -17.97 1.73
O6 NAG S . 42.47 -15.38 1.78
O7 NAG S . 38.98 -21.84 0.78
C1 NAG T . 35.36 5.22 21.60
C2 NAG T . 36.08 3.99 21.07
C3 NAG T . 36.23 2.95 22.18
C4 NAG T . 36.83 3.55 23.44
C5 NAG T . 36.18 4.89 23.82
C6 NAG T . 36.93 5.63 24.89
C7 NAG T . 34.18 2.89 19.91
C8 NAG T . 33.69 2.36 18.60
N2 NAG T . 35.42 3.42 19.91
O3 NAG T . 37.03 1.88 21.71
O4 NAG T . 36.60 2.67 24.53
O5 NAG T . 36.09 5.77 22.69
O6 NAG T . 38.20 6.09 24.43
O7 NAG T . 33.49 2.86 20.93
C1 NAG T . 37.73 1.81 24.81
C2 NAG T . 37.59 1.37 26.26
C3 NAG T . 38.74 0.45 26.62
C4 NAG T . 38.75 -0.75 25.68
C5 NAG T . 38.82 -0.27 24.23
C6 NAG T . 38.70 -1.41 23.24
C7 NAG T . 36.43 3.02 27.65
C8 NAG T . 36.58 4.22 28.55
N2 NAG T . 37.56 2.53 27.15
O3 NAG T . 38.57 0.01 27.97
O4 NAG T . 39.88 -1.57 25.96
O5 NAG T . 37.75 0.66 23.96
O6 NAG T . 38.95 -0.95 21.92
O7 NAG T . 35.33 2.54 27.40
C1 NAG U . 14.32 -40.24 12.82
C2 NAG U . 15.24 -40.38 14.05
C3 NAG U . 16.59 -39.70 13.81
C4 NAG U . 17.21 -40.18 12.51
C5 NAG U . 16.23 -39.98 11.37
C6 NAG U . 16.74 -40.50 10.05
C7 NAG U . 14.35 -38.57 15.50
C8 NAG U . 13.72 -38.27 16.82
N2 NAG U . 14.61 -39.86 15.26
O3 NAG U . 17.44 -39.99 14.91
O4 NAG U . 18.36 -39.37 12.22
O5 NAG U . 15.02 -40.69 11.65
O6 NAG U . 15.89 -40.15 8.98
O7 NAG U . 14.62 -37.69 14.68
C1 NAG U . 19.58 -39.99 12.64
C2 NAG U . 20.69 -39.44 11.76
C3 NAG U . 22.02 -40.02 12.21
C4 NAG U . 22.28 -39.66 13.66
C5 NAG U . 21.13 -40.14 14.54
C6 NAG U . 21.23 -39.64 15.96
C7 NAG U . 20.70 -38.92 9.36
C8 NAG U . 20.38 -39.42 7.98
N2 NAG U . 20.43 -39.76 10.37
O3 NAG U . 23.06 -39.49 11.38
O4 NAG U . 23.49 -40.27 14.08
O5 NAG U . 19.86 -39.68 14.02
O6 NAG U . 21.15 -38.22 16.01
O7 NAG U . 21.18 -37.80 9.54
#